data_6SSP
#
_entry.id   6SSP
#
_cell.length_a   121.804
_cell.length_b   122.354
_cell.length_c   128.221
_cell.angle_alpha   71.020
_cell.angle_beta   64.190
_cell.angle_gamma   61.660
#
_symmetry.space_group_name_H-M   'P 1'
#
loop_
_entity.id
_entity.type
_entity.pdbx_description
1 polymer 'Cys-loop ligand-gated ion channel'
2 polymer 'NANOBODY 21'
3 non-polymer 'CALCIUM ION'
4 non-polymer UNDECYL-MALTOSIDE
#
loop_
_entity_poly.entity_id
_entity_poly.type
_entity_poly.pdbx_seq_one_letter_code
_entity_poly.pdbx_strand_id
1 'polypeptide(L)'
;GPVDARPVDVSVSIFINKIYGVNTLEQTYKVDGYIVAQWTGKPRKTPGDKPLIVENTQIERWINNGLWVPALEFINVVGS
PDTGNKRLMLFPDGRVIYNARFLGSFSNDMDFRLFPFDRQQFVLELEPFSYNNQQLRFSDIQVYTENIDNEEIDEWWIRG
KASTHISDIRYDHLSSVQPNQNEFSRITVRIDAVRNPSYYLWSFILPLGLIIAASWSVFWLESFSERLQTSFTLMLTVVA
YAFYTSNILPRLPYTTVIDQMIIAGYGSIFAAILLIIFAHHRQANGVEDDLLIQRCRLAFPLGFLAIGCVLVIRGITG
;
A,B,C,D,E,F,G,H,I,J
2 'polypeptide(L)'
;QVQLQESGGGLVQAGGSLRLSCAASGFTFDDYTIGWFRQAPGKEREGVSLISSSLGSTYYADSVKGRITISRDNAKNTVY
LQMNSLKPEDTAVYYCAAGRDADPTIFAILRSEYPFDYWGQGTQVTVSSHHHHHHEPEA
;
K,L
#
loop_
_chem_comp.id
_chem_comp.type
_chem_comp.name
_chem_comp.formula
CA non-polymer 'CALCIUM ION' 'Ca 2'
UMQ non-polymer UNDECYL-MALTOSIDE 'C23 H44 O11'
#
# COMPACT_ATOMS: atom_id res chain seq x y z
N ALA A 5 -32.28 -39.92 -35.17
CA ALA A 5 -31.38 -38.79 -34.92
C ALA A 5 -32.15 -37.49 -34.75
N ARG A 6 -31.51 -36.52 -34.09
CA ARG A 6 -32.06 -35.20 -33.82
C ARG A 6 -30.93 -34.19 -33.60
N PRO A 7 -31.19 -32.89 -33.84
CA PRO A 7 -30.12 -31.89 -33.67
C PRO A 7 -29.63 -31.76 -32.24
N VAL A 8 -28.33 -31.50 -32.10
CA VAL A 8 -27.70 -31.33 -30.79
C VAL A 8 -28.01 -29.91 -30.33
N ASP A 9 -28.71 -29.77 -29.21
CA ASP A 9 -29.06 -28.45 -28.70
C ASP A 9 -27.89 -27.89 -27.92
N VAL A 10 -27.48 -26.68 -28.29
CA VAL A 10 -26.35 -26.00 -27.69
C VAL A 10 -26.82 -24.71 -27.01
N SER A 11 -26.60 -24.61 -25.69
CA SER A 11 -26.94 -23.42 -24.92
C SER A 11 -25.68 -22.57 -24.81
N VAL A 12 -25.74 -21.34 -25.35
CA VAL A 12 -24.60 -20.41 -25.37
C VAL A 12 -24.79 -19.25 -24.40
N SER A 13 -23.68 -18.79 -23.80
CA SER A 13 -23.65 -17.65 -22.89
C SER A 13 -22.39 -16.84 -23.18
N ILE A 14 -22.55 -15.56 -23.52
CA ILE A 14 -21.44 -14.67 -23.85
C ILE A 14 -21.32 -13.57 -22.79
N PHE A 15 -20.12 -13.39 -22.25
CA PHE A 15 -19.83 -12.36 -21.25
C PHE A 15 -18.93 -11.33 -21.90
N ILE A 16 -19.40 -10.08 -21.98
CA ILE A 16 -18.64 -8.99 -22.61
C ILE A 16 -17.92 -8.20 -21.54
N ASN A 17 -16.59 -8.19 -21.61
CA ASN A 17 -15.76 -7.47 -20.65
C ASN A 17 -15.36 -6.08 -21.12
N LYS A 18 -15.06 -5.93 -22.41
CA LYS A 18 -14.57 -4.68 -22.96
C LYS A 18 -14.85 -4.55 -24.45
N ILE A 19 -15.23 -3.35 -24.88
CA ILE A 19 -15.44 -3.01 -26.29
C ILE A 19 -14.64 -1.75 -26.50
N TYR A 20 -13.64 -1.83 -27.37
CA TYR A 20 -12.69 -0.73 -27.60
C TYR A 20 -12.04 -0.90 -28.99
N GLY A 21 -11.06 -0.04 -29.28
CA GLY A 21 -10.28 -0.08 -30.52
C GLY A 21 -11.12 0.02 -31.78
N VAL A 22 -12.04 1.00 -31.82
CA VAL A 22 -12.90 1.24 -32.97
C VAL A 22 -12.03 1.78 -34.10
N ASN A 23 -12.05 1.09 -35.24
CA ASN A 23 -11.31 1.54 -36.41
C ASN A 23 -12.38 2.03 -37.37
N THR A 24 -12.47 3.36 -37.51
CA THR A 24 -13.45 4.05 -38.34
C THR A 24 -13.41 3.63 -39.80
N LEU A 25 -12.24 3.71 -40.43
CA LEU A 25 -12.06 3.37 -41.82
C LEU A 25 -12.35 1.90 -42.15
N GLU A 26 -11.88 0.99 -41.28
CA GLU A 26 -12.07 -0.44 -41.45
C GLU A 26 -13.45 -0.90 -40.99
N GLN A 27 -14.17 -0.08 -40.20
CA GLN A 27 -15.47 -0.40 -39.61
C GLN A 27 -15.33 -1.67 -38.75
N THR A 28 -14.34 -1.65 -37.86
CA THR A 28 -14.01 -2.75 -36.96
C THR A 28 -13.95 -2.28 -35.53
N TYR A 29 -14.05 -3.21 -34.59
CA TYR A 29 -13.97 -2.93 -33.16
C TYR A 29 -13.53 -4.19 -32.44
N LYS A 30 -12.78 -4.02 -31.35
CA LYS A 30 -12.25 -5.11 -30.55
C LYS A 30 -13.19 -5.44 -29.40
N VAL A 31 -13.37 -6.74 -29.13
CA VAL A 31 -14.27 -7.23 -28.08
C VAL A 31 -13.55 -8.30 -27.26
N ASP A 32 -13.45 -8.08 -25.94
CA ASP A 32 -12.87 -9.04 -25.00
C ASP A 32 -13.99 -9.61 -24.15
N GLY A 33 -13.98 -10.92 -23.97
CA GLY A 33 -15.00 -11.59 -23.18
C GLY A 33 -14.84 -13.09 -23.10
N TYR A 34 -15.86 -13.76 -22.59
CA TYR A 34 -15.90 -15.21 -22.46
C TYR A 34 -17.04 -15.75 -23.29
N ILE A 35 -16.90 -17.00 -23.71
CA ILE A 35 -17.91 -17.74 -24.47
C ILE A 35 -18.12 -19.08 -23.80
N VAL A 36 -19.36 -19.37 -23.43
CA VAL A 36 -19.71 -20.61 -22.77
C VAL A 36 -20.70 -21.35 -23.66
N ALA A 37 -20.43 -22.62 -23.95
CA ALA A 37 -21.31 -23.45 -24.77
C ALA A 37 -21.56 -24.78 -24.07
N GLN A 38 -22.83 -25.14 -23.92
CA GLN A 38 -23.23 -26.37 -23.25
C GLN A 38 -24.10 -27.24 -24.14
N TRP A 39 -23.78 -28.53 -24.23
CA TRP A 39 -24.55 -29.51 -24.97
C TRP A 39 -24.42 -30.87 -24.29
N THR A 40 -25.29 -31.82 -24.65
CA THR A 40 -25.28 -33.18 -24.09
C THR A 40 -24.83 -34.17 -25.17
N GLY A 41 -23.78 -34.92 -24.89
CA GLY A 41 -23.25 -35.92 -25.82
C GLY A 41 -23.40 -37.30 -25.26
N LYS A 42 -22.56 -38.25 -25.73
CA LYS A 42 -22.53 -39.64 -25.25
C LYS A 42 -21.96 -39.66 -23.81
N PRO A 43 -22.66 -40.32 -22.85
CA PRO A 43 -22.18 -40.41 -21.46
C PRO A 43 -20.76 -40.96 -21.37
N ARG A 44 -20.08 -40.64 -20.28
CA ARG A 44 -18.73 -41.09 -20.04
C ARG A 44 -18.65 -41.66 -18.63
N LYS A 45 -17.53 -42.31 -18.33
CA LYS A 45 -17.27 -42.87 -17.01
C LYS A 45 -16.20 -42.00 -16.36
N THR A 46 -16.59 -40.77 -15.97
CA THR A 46 -15.69 -39.79 -15.35
C THR A 46 -15.12 -40.32 -14.03
N PRO A 47 -13.87 -39.95 -13.66
CA PRO A 47 -13.31 -40.45 -12.39
C PRO A 47 -14.20 -40.10 -11.20
N GLY A 48 -14.65 -41.14 -10.51
CA GLY A 48 -15.55 -41.07 -9.35
C GLY A 48 -16.93 -40.53 -9.67
N ASP A 49 -17.35 -40.68 -10.94
CA ASP A 49 -18.65 -40.22 -11.46
C ASP A 49 -18.94 -38.74 -11.10
N LYS A 50 -17.88 -37.90 -11.07
CA LYS A 50 -17.93 -36.48 -10.77
C LYS A 50 -17.44 -35.70 -12.00
N PRO A 51 -17.94 -34.46 -12.23
CA PRO A 51 -17.52 -33.72 -13.43
C PRO A 51 -16.00 -33.61 -13.57
N LEU A 52 -15.52 -33.85 -14.79
CA LEU A 52 -14.10 -33.83 -15.12
C LEU A 52 -13.72 -32.53 -15.84
N ILE A 53 -12.66 -31.87 -15.35
CA ILE A 53 -12.18 -30.61 -15.94
C ILE A 53 -11.00 -30.90 -16.84
N VAL A 54 -11.06 -30.38 -18.07
CA VAL A 54 -10.00 -30.52 -19.07
C VAL A 54 -9.61 -29.13 -19.53
N GLU A 55 -8.38 -28.71 -19.25
CA GLU A 55 -7.91 -27.37 -19.56
C GLU A 55 -6.92 -27.29 -20.69
N ASN A 56 -7.06 -26.23 -21.50
CA ASN A 56 -6.17 -25.82 -22.57
C ASN A 56 -5.63 -26.94 -23.47
N THR A 57 -4.31 -27.22 -23.39
CA THR A 57 -3.59 -28.22 -24.20
C THR A 57 -4.26 -29.57 -24.18
N GLN A 58 -4.84 -29.98 -23.03
CA GLN A 58 -5.50 -31.25 -22.87
C GLN A 58 -6.77 -31.36 -23.67
N ILE A 59 -7.44 -30.25 -24.02
CA ILE A 59 -8.68 -30.27 -24.83
C ILE A 59 -8.43 -30.94 -26.17
N GLU A 60 -7.34 -30.56 -26.89
CA GLU A 60 -6.98 -31.15 -28.18
C GLU A 60 -6.73 -32.66 -28.08
N ARG A 61 -6.12 -33.10 -26.98
CA ARG A 61 -5.86 -34.52 -26.73
C ARG A 61 -7.15 -35.31 -26.63
N TRP A 62 -8.20 -34.74 -25.98
CA TRP A 62 -9.50 -35.39 -25.85
C TRP A 62 -10.21 -35.50 -27.18
N ILE A 63 -10.04 -34.48 -28.06
CA ILE A 63 -10.62 -34.45 -29.41
C ILE A 63 -10.01 -35.57 -30.24
N ASN A 64 -8.68 -35.75 -30.17
CA ASN A 64 -7.95 -36.80 -30.88
C ASN A 64 -8.45 -38.18 -30.47
N ASN A 65 -8.88 -38.33 -29.20
CA ASN A 65 -9.39 -39.58 -28.65
C ASN A 65 -10.89 -39.79 -28.84
N GLY A 66 -11.55 -38.94 -29.62
CA GLY A 66 -12.96 -39.11 -29.97
C GLY A 66 -13.98 -38.14 -29.42
N LEU A 67 -13.58 -37.23 -28.51
CA LEU A 67 -14.52 -36.26 -27.95
C LEU A 67 -15.01 -35.31 -29.03
N TRP A 68 -16.34 -35.16 -29.12
CA TRP A 68 -16.92 -34.31 -30.13
C TRP A 68 -17.07 -32.90 -29.60
N VAL A 69 -16.23 -31.99 -30.11
CA VAL A 69 -16.22 -30.57 -29.75
C VAL A 69 -16.39 -29.80 -31.07
N PRO A 70 -17.62 -29.40 -31.41
CA PRO A 70 -17.83 -28.69 -32.68
C PRO A 70 -17.22 -27.29 -32.69
N ALA A 71 -16.74 -26.89 -33.86
CA ALA A 71 -16.12 -25.59 -34.04
C ALA A 71 -17.20 -24.55 -34.25
N LEU A 72 -17.25 -23.56 -33.37
CA LEU A 72 -18.19 -22.45 -33.46
C LEU A 72 -17.44 -21.24 -33.97
N GLU A 73 -17.83 -20.75 -35.13
CA GLU A 73 -17.17 -19.63 -35.78
C GLU A 73 -17.86 -18.29 -35.56
N PHE A 74 -17.05 -17.24 -35.34
CA PHE A 74 -17.55 -15.88 -35.26
C PHE A 74 -17.61 -15.41 -36.71
N ILE A 75 -18.83 -15.30 -37.24
CA ILE A 75 -19.07 -14.94 -38.63
C ILE A 75 -18.44 -13.60 -39.02
N ASN A 76 -18.60 -12.58 -38.16
CA ASN A 76 -18.16 -11.23 -38.41
C ASN A 76 -16.80 -10.86 -37.78
N VAL A 77 -15.98 -11.85 -37.43
CA VAL A 77 -14.66 -11.59 -36.87
C VAL A 77 -13.67 -11.35 -38.03
N VAL A 78 -12.79 -10.36 -37.88
CA VAL A 78 -11.76 -10.04 -38.86
C VAL A 78 -10.46 -10.73 -38.40
N GLY A 79 -10.16 -11.88 -39.00
CA GLY A 79 -9.01 -12.70 -38.63
C GLY A 79 -9.29 -13.52 -37.40
N SER A 80 -8.57 -14.65 -37.24
CA SER A 80 -8.72 -15.57 -36.10
C SER A 80 -8.57 -14.85 -34.74
N PRO A 81 -9.55 -14.99 -33.83
CA PRO A 81 -9.46 -14.30 -32.53
C PRO A 81 -8.42 -14.90 -31.60
N ASP A 82 -8.00 -14.10 -30.61
CA ASP A 82 -7.03 -14.51 -29.60
C ASP A 82 -7.75 -15.23 -28.48
N THR A 83 -7.64 -16.56 -28.46
CA THR A 83 -8.25 -17.39 -27.43
C THR A 83 -7.30 -17.55 -26.22
N GLY A 84 -7.76 -17.11 -25.05
CA GLY A 84 -7.03 -17.22 -23.78
C GLY A 84 -7.18 -18.62 -23.22
N ASN A 85 -7.49 -18.75 -21.92
CA ASN A 85 -7.67 -20.06 -21.31
C ASN A 85 -8.91 -20.74 -21.86
N LYS A 86 -8.83 -22.04 -22.07
CA LYS A 86 -9.93 -22.86 -22.57
C LYS A 86 -10.19 -23.93 -21.53
N ARG A 87 -11.42 -24.44 -21.46
CA ARG A 87 -11.83 -25.44 -20.49
C ARG A 87 -13.00 -26.26 -21.00
N LEU A 88 -12.99 -27.56 -20.70
CA LEU A 88 -14.07 -28.50 -20.98
C LEU A 88 -14.47 -29.16 -19.67
N MET A 89 -15.76 -29.06 -19.30
CA MET A 89 -16.30 -29.70 -18.12
C MET A 89 -17.15 -30.86 -18.60
N LEU A 90 -16.64 -32.08 -18.42
CA LEU A 90 -17.29 -33.29 -18.88
C LEU A 90 -18.02 -33.98 -17.74
N PHE A 91 -19.34 -34.09 -17.89
CA PHE A 91 -20.20 -34.71 -16.90
C PHE A 91 -20.42 -36.19 -17.22
N PRO A 92 -20.71 -37.03 -16.20
CA PRO A 92 -20.91 -38.48 -16.49
C PRO A 92 -22.13 -38.79 -17.33
N ASP A 93 -23.20 -37.98 -17.21
CA ASP A 93 -24.43 -38.17 -17.99
C ASP A 93 -24.27 -37.85 -19.47
N GLY A 94 -23.30 -37.02 -19.80
CA GLY A 94 -23.10 -36.64 -21.19
C GLY A 94 -22.98 -35.16 -21.42
N ARG A 95 -23.29 -34.32 -20.40
CA ARG A 95 -23.17 -32.87 -20.53
C ARG A 95 -21.73 -32.44 -20.76
N VAL A 96 -21.53 -31.48 -21.67
CA VAL A 96 -20.23 -30.90 -22.01
C VAL A 96 -20.38 -29.39 -21.94
N ILE A 97 -19.54 -28.75 -21.14
CA ILE A 97 -19.53 -27.30 -21.01
C ILE A 97 -18.17 -26.80 -21.46
N TYR A 98 -18.16 -26.08 -22.58
CA TYR A 98 -16.95 -25.47 -23.13
C TYR A 98 -16.93 -24.02 -22.72
N ASN A 99 -15.81 -23.60 -22.12
CA ASN A 99 -15.63 -22.22 -21.67
C ASN A 99 -14.28 -21.74 -22.10
N ALA A 100 -14.25 -20.55 -22.71
CA ALA A 100 -13.02 -19.96 -23.19
C ALA A 100 -13.04 -18.44 -23.18
N ARG A 101 -11.89 -17.85 -22.88
CA ARG A 101 -11.71 -16.40 -22.94
C ARG A 101 -11.33 -16.07 -24.38
N PHE A 102 -11.79 -14.94 -24.91
CA PHE A 102 -11.49 -14.54 -26.28
C PHE A 102 -11.33 -13.04 -26.41
N LEU A 103 -10.52 -12.62 -27.38
CA LEU A 103 -10.34 -11.23 -27.77
C LEU A 103 -10.29 -11.24 -29.29
N GLY A 104 -11.25 -10.59 -29.92
CA GLY A 104 -11.35 -10.56 -31.38
C GLY A 104 -11.71 -9.20 -31.92
N SER A 105 -11.33 -8.96 -33.19
CA SER A 105 -11.66 -7.73 -33.92
C SER A 105 -12.85 -8.06 -34.79
N PHE A 106 -13.99 -7.43 -34.52
CA PHE A 106 -15.24 -7.70 -35.23
C PHE A 106 -15.59 -6.57 -36.18
N SER A 107 -16.35 -6.91 -37.22
CA SER A 107 -16.80 -5.97 -38.24
C SER A 107 -18.32 -5.83 -38.22
N ASN A 108 -18.77 -4.61 -38.57
CA ASN A 108 -20.17 -4.23 -38.69
C ASN A 108 -20.28 -2.94 -39.45
N ASP A 109 -21.41 -2.75 -40.15
CA ASP A 109 -21.69 -1.52 -40.88
C ASP A 109 -21.88 -0.39 -39.89
N MET A 110 -20.97 0.59 -39.96
CA MET A 110 -20.93 1.73 -39.05
C MET A 110 -20.98 3.03 -39.79
N ASP A 111 -21.88 3.90 -39.34
CA ASP A 111 -22.08 5.22 -39.93
C ASP A 111 -21.62 6.30 -38.96
N PHE A 112 -20.54 7.00 -39.31
CA PHE A 112 -19.97 8.06 -38.49
C PHE A 112 -20.27 9.46 -39.01
N ARG A 113 -21.30 9.62 -39.87
CA ARG A 113 -21.68 10.91 -40.44
C ARG A 113 -22.09 11.93 -39.39
N LEU A 114 -22.72 11.47 -38.31
CA LEU A 114 -23.17 12.32 -37.20
C LEU A 114 -22.11 12.60 -36.15
N PHE A 115 -20.84 12.23 -36.43
CA PHE A 115 -19.72 12.44 -35.52
C PHE A 115 -19.66 13.92 -35.08
N PRO A 116 -19.43 14.22 -33.78
CA PRO A 116 -19.16 13.32 -32.65
C PRO A 116 -20.39 12.83 -31.89
N PHE A 117 -21.58 12.95 -32.51
CA PHE A 117 -22.85 12.57 -31.90
C PHE A 117 -23.45 11.32 -32.54
N ASP A 118 -22.60 10.45 -33.09
CA ASP A 118 -23.00 9.20 -33.73
C ASP A 118 -23.34 8.13 -32.72
N ARG A 119 -24.28 7.24 -33.10
CA ARG A 119 -24.73 6.12 -32.29
C ARG A 119 -24.47 4.86 -33.09
N GLN A 120 -23.81 3.89 -32.46
CA GLN A 120 -23.44 2.62 -33.10
C GLN A 120 -23.96 1.42 -32.33
N GLN A 121 -23.95 0.27 -32.98
CA GLN A 121 -24.32 -0.98 -32.35
C GLN A 121 -23.26 -2.01 -32.66
N PHE A 122 -22.59 -2.48 -31.62
CA PHE A 122 -21.54 -3.49 -31.76
C PHE A 122 -22.20 -4.85 -31.82
N VAL A 123 -21.98 -5.58 -32.92
CA VAL A 123 -22.59 -6.86 -33.18
C VAL A 123 -21.64 -8.06 -33.12
N LEU A 124 -22.16 -9.20 -32.65
CA LEU A 124 -21.43 -10.45 -32.62
C LEU A 124 -22.31 -11.47 -33.29
N GLU A 125 -21.76 -12.16 -34.29
CA GLU A 125 -22.50 -13.20 -35.01
C GLU A 125 -21.79 -14.52 -34.83
N LEU A 126 -22.47 -15.47 -34.19
CA LEU A 126 -21.92 -16.79 -33.91
C LEU A 126 -22.69 -17.83 -34.72
N GLU A 127 -21.98 -18.89 -35.15
CA GLU A 127 -22.57 -19.94 -35.97
C GLU A 127 -21.66 -21.17 -36.03
N PRO A 128 -22.20 -22.41 -36.02
CA PRO A 128 -21.34 -23.59 -36.18
C PRO A 128 -20.66 -23.57 -37.55
N PHE A 129 -19.40 -23.99 -37.61
CA PHE A 129 -18.62 -23.96 -38.83
C PHE A 129 -18.95 -25.08 -39.81
N SER A 130 -19.39 -26.25 -39.33
CA SER A 130 -19.61 -27.38 -40.22
C SER A 130 -20.93 -28.11 -40.06
N TYR A 131 -21.63 -27.85 -38.94
CA TYR A 131 -22.87 -28.54 -38.65
C TYR A 131 -24.09 -27.67 -38.83
N ASN A 132 -25.00 -28.11 -39.71
CA ASN A 132 -26.24 -27.40 -40.00
C ASN A 132 -27.24 -27.54 -38.84
N ASN A 133 -28.40 -26.87 -38.93
CA ASN A 133 -29.44 -26.89 -37.91
C ASN A 133 -30.09 -28.26 -37.72
N GLN A 134 -29.89 -29.19 -38.66
CA GLN A 134 -30.41 -30.54 -38.54
C GLN A 134 -29.46 -31.37 -37.68
N GLN A 135 -28.20 -30.93 -37.55
CA GLN A 135 -27.15 -31.60 -36.77
C GLN A 135 -26.86 -30.90 -35.45
N LEU A 136 -26.78 -29.56 -35.46
CA LEU A 136 -26.50 -28.71 -34.31
C LEU A 136 -27.37 -27.46 -34.36
N ARG A 137 -28.11 -27.22 -33.27
CA ARG A 137 -29.00 -26.08 -33.15
C ARG A 137 -28.71 -25.29 -31.88
N PHE A 138 -28.83 -23.96 -31.94
CA PHE A 138 -28.67 -23.11 -30.77
C PHE A 138 -30.01 -23.02 -30.06
N SER A 139 -30.07 -23.53 -28.82
CA SER A 139 -31.31 -23.57 -28.04
C SER A 139 -31.64 -22.22 -27.41
N ASP A 140 -30.63 -21.55 -26.84
CA ASP A 140 -30.78 -20.25 -26.20
C ASP A 140 -29.46 -19.49 -26.13
N ILE A 141 -29.57 -18.18 -25.92
CA ILE A 141 -28.46 -17.24 -25.80
C ILE A 141 -28.70 -16.28 -24.65
N GLN A 142 -27.69 -16.08 -23.82
CA GLN A 142 -27.76 -15.11 -22.73
C GLN A 142 -26.46 -14.33 -22.69
N VAL A 143 -26.58 -13.01 -22.82
CA VAL A 143 -25.47 -12.06 -22.88
C VAL A 143 -25.43 -11.28 -21.58
N TYR A 144 -24.24 -11.17 -21.00
CA TYR A 144 -24.03 -10.45 -19.74
C TYR A 144 -23.03 -9.31 -19.92
N THR A 145 -23.59 -8.10 -20.00
CA THR A 145 -22.83 -6.85 -20.10
C THR A 145 -22.71 -6.34 -18.68
N GLU A 146 -21.59 -5.67 -18.40
CA GLU A 146 -21.34 -5.13 -17.08
C GLU A 146 -21.77 -3.68 -17.04
N ASN A 147 -22.48 -3.27 -15.96
CA ASN A 147 -22.96 -1.90 -15.75
C ASN A 147 -21.79 -0.96 -15.46
N ILE A 148 -21.61 0.06 -16.32
CA ILE A 148 -20.55 1.04 -16.18
C ILE A 148 -21.09 2.27 -15.46
N ASP A 149 -20.78 2.38 -14.16
CA ASP A 149 -21.19 3.53 -13.34
C ASP A 149 -20.28 4.73 -13.60
N ASN A 150 -18.97 4.48 -13.81
CA ASN A 150 -17.99 5.53 -14.14
C ASN A 150 -18.02 5.76 -15.67
N GLU A 151 -19.24 5.98 -16.22
CA GLU A 151 -19.46 6.17 -17.66
C GLU A 151 -18.87 7.48 -18.18
N GLU A 152 -18.62 8.47 -17.31
CA GLU A 152 -18.06 9.78 -17.65
C GLU A 152 -16.66 9.70 -18.30
N ILE A 153 -15.83 8.76 -17.84
CA ILE A 153 -14.45 8.55 -18.28
C ILE A 153 -14.32 7.61 -19.50
N ASP A 154 -15.38 6.86 -19.87
CA ASP A 154 -15.36 5.94 -21.02
C ASP A 154 -15.62 6.68 -22.33
N GLU A 155 -15.01 6.21 -23.43
CA GLU A 155 -15.17 6.83 -24.74
C GLU A 155 -16.55 6.58 -25.31
N TRP A 156 -17.06 5.38 -25.08
CA TRP A 156 -18.38 4.97 -25.53
C TRP A 156 -19.27 4.67 -24.35
N TRP A 157 -20.56 4.99 -24.49
CA TRP A 157 -21.53 4.74 -23.45
C TRP A 157 -22.46 3.65 -23.92
N ILE A 158 -22.37 2.46 -23.30
CA ILE A 158 -23.21 1.32 -23.64
C ILE A 158 -24.59 1.63 -23.09
N ARG A 159 -25.54 1.87 -24.01
CA ARG A 159 -26.91 2.25 -23.70
C ARG A 159 -27.87 1.12 -23.96
N GLY A 160 -28.08 0.33 -22.93
CA GLY A 160 -29.00 -0.79 -22.96
C GLY A 160 -28.36 -2.15 -22.93
N LYS A 161 -29.01 -3.09 -22.21
CA LYS A 161 -28.60 -4.49 -22.12
C LYS A 161 -28.68 -5.07 -23.51
N ALA A 162 -27.78 -6.00 -23.80
CA ALA A 162 -27.65 -6.59 -25.11
C ALA A 162 -28.91 -7.19 -25.66
N SER A 163 -29.11 -7.03 -26.98
CA SER A 163 -30.20 -7.61 -27.74
C SER A 163 -29.68 -8.93 -28.28
N THR A 164 -30.55 -9.94 -28.33
CA THR A 164 -30.17 -11.27 -28.77
C THR A 164 -31.20 -11.84 -29.73
N HIS A 165 -30.73 -12.62 -30.71
CA HIS A 165 -31.57 -13.28 -31.70
C HIS A 165 -30.97 -14.63 -32.00
N ILE A 166 -31.83 -15.61 -32.32
CA ILE A 166 -31.41 -16.91 -32.81
C ILE A 166 -32.19 -17.13 -34.11
N SER A 167 -31.49 -17.01 -35.25
CA SER A 167 -32.10 -17.16 -36.56
C SER A 167 -31.57 -18.41 -37.29
N ASP A 168 -32.04 -18.63 -38.53
CA ASP A 168 -31.61 -19.73 -39.37
C ASP A 168 -31.19 -19.17 -40.71
N ILE A 169 -29.91 -19.37 -41.04
CA ILE A 169 -29.30 -18.85 -42.25
C ILE A 169 -29.32 -19.90 -43.32
N ARG A 170 -29.98 -19.56 -44.41
CA ARG A 170 -30.10 -20.43 -45.56
C ARG A 170 -29.04 -20.08 -46.58
N TYR A 171 -28.25 -21.08 -46.97
CA TYR A 171 -27.19 -20.91 -47.95
C TYR A 171 -27.62 -21.49 -49.27
N ASP A 172 -27.73 -20.62 -50.30
CA ASP A 172 -28.14 -20.98 -51.65
C ASP A 172 -27.04 -21.74 -52.34
N HIS A 173 -25.87 -21.11 -52.50
CA HIS A 173 -24.72 -21.73 -53.14
C HIS A 173 -23.98 -22.60 -52.13
N LEU A 174 -24.46 -23.83 -51.98
CA LEU A 174 -23.87 -24.81 -51.07
C LEU A 174 -22.61 -25.43 -51.67
N ASN A 180 -31.61 -31.18 -48.45
CA ASN A 180 -32.10 -30.03 -47.70
C ASN A 180 -31.34 -29.83 -46.36
N GLN A 181 -30.00 -29.75 -46.44
CA GLN A 181 -29.16 -29.55 -45.27
C GLN A 181 -28.34 -28.28 -45.46
N ASN A 182 -29.03 -27.16 -45.78
CA ASN A 182 -28.44 -25.87 -46.15
C ASN A 182 -28.61 -24.75 -45.13
N GLU A 183 -29.30 -25.02 -44.00
CA GLU A 183 -29.63 -24.03 -42.99
C GLU A 183 -28.81 -24.18 -41.73
N PHE A 184 -28.25 -23.08 -41.26
CA PHE A 184 -27.41 -23.07 -40.05
C PHE A 184 -27.98 -22.16 -39.00
N SER A 185 -27.85 -22.57 -37.74
CA SER A 185 -28.32 -21.83 -36.59
C SER A 185 -27.35 -20.69 -36.28
N ARG A 186 -27.81 -19.43 -36.24
CA ARG A 186 -26.93 -18.31 -35.98
C ARG A 186 -27.39 -17.47 -34.80
N ILE A 187 -26.47 -17.21 -33.86
CA ILE A 187 -26.74 -16.32 -32.75
C ILE A 187 -26.29 -14.92 -33.19
N THR A 188 -27.12 -13.91 -32.90
CA THR A 188 -26.81 -12.51 -33.22
C THR A 188 -26.98 -11.67 -31.97
N VAL A 189 -25.89 -11.04 -31.53
CA VAL A 189 -25.84 -10.18 -30.36
C VAL A 189 -25.66 -8.74 -30.85
N ARG A 190 -26.37 -7.78 -30.25
CA ARG A 190 -26.26 -6.37 -30.61
C ARG A 190 -26.15 -5.58 -29.32
N ILE A 191 -25.13 -4.72 -29.23
CA ILE A 191 -24.90 -3.86 -28.08
C ILE A 191 -24.95 -2.42 -28.59
N ASP A 192 -25.97 -1.66 -28.19
CA ASP A 192 -26.11 -0.28 -28.61
C ASP A 192 -25.21 0.63 -27.78
N ALA A 193 -24.60 1.63 -28.41
CA ALA A 193 -23.69 2.59 -27.74
C ALA A 193 -23.75 3.97 -28.33
N VAL A 194 -23.43 4.99 -27.52
CA VAL A 194 -23.41 6.39 -27.94
C VAL A 194 -22.02 6.95 -27.61
N ARG A 195 -21.44 7.73 -28.53
CA ARG A 195 -20.12 8.33 -28.33
C ARG A 195 -20.18 9.41 -27.26
N ASN A 196 -19.11 9.56 -26.47
CA ASN A 196 -18.99 10.61 -25.46
C ASN A 196 -18.52 11.89 -26.20
N PRO A 197 -19.41 12.88 -26.43
CA PRO A 197 -19.00 14.06 -27.22
C PRO A 197 -18.37 15.23 -26.46
N SER A 198 -18.17 15.08 -25.14
CA SER A 198 -17.63 16.13 -24.28
C SER A 198 -16.36 16.77 -24.84
N TYR A 199 -15.32 15.96 -25.12
CA TYR A 199 -14.05 16.46 -25.63
C TYR A 199 -14.19 17.22 -26.93
N TYR A 200 -14.93 16.67 -27.89
CA TYR A 200 -15.12 17.28 -29.20
C TYR A 200 -15.93 18.56 -29.16
N LEU A 201 -16.87 18.66 -28.20
CA LEU A 201 -17.69 19.86 -28.06
C LEU A 201 -16.88 21.03 -27.56
N TRP A 202 -16.11 20.83 -26.48
CA TRP A 202 -15.33 21.88 -25.84
C TRP A 202 -14.01 22.22 -26.53
N SER A 203 -13.34 21.24 -27.15
CA SER A 203 -12.03 21.46 -27.77
C SER A 203 -12.03 21.55 -29.30
N PHE A 204 -13.14 21.16 -29.96
CA PHE A 204 -13.19 21.16 -31.42
C PHE A 204 -14.36 21.96 -32.03
N ILE A 205 -15.57 21.91 -31.43
CA ILE A 205 -16.78 22.62 -31.88
C ILE A 205 -16.77 24.06 -31.36
N LEU A 206 -16.63 24.22 -30.03
CA LEU A 206 -16.60 25.52 -29.37
C LEU A 206 -15.50 26.44 -29.93
N PRO A 207 -14.18 26.07 -29.96
CA PRO A 207 -13.18 27.01 -30.51
C PRO A 207 -13.48 27.38 -31.95
N LEU A 208 -13.92 26.42 -32.77
CA LEU A 208 -14.27 26.66 -34.17
C LEU A 208 -15.34 27.71 -34.30
N GLY A 209 -16.37 27.65 -33.44
CA GLY A 209 -17.45 28.62 -33.37
C GLY A 209 -16.92 30.03 -33.16
N LEU A 210 -15.94 30.16 -32.23
CA LEU A 210 -15.27 31.44 -31.92
C LEU A 210 -14.44 31.94 -33.08
N ILE A 211 -13.77 31.04 -33.84
CA ILE A 211 -12.96 31.39 -35.01
C ILE A 211 -13.87 31.89 -36.14
N ILE A 212 -14.99 31.17 -36.41
CA ILE A 212 -15.97 31.53 -37.44
C ILE A 212 -16.68 32.84 -37.11
N ALA A 213 -17.00 33.08 -35.82
CA ALA A 213 -17.63 34.31 -35.35
C ALA A 213 -16.65 35.49 -35.45
N ALA A 214 -15.39 35.30 -34.99
CA ALA A 214 -14.34 36.33 -35.04
C ALA A 214 -14.01 36.73 -36.47
N SER A 215 -14.26 35.85 -37.46
CA SER A 215 -14.01 36.17 -38.86
C SER A 215 -14.96 37.24 -39.37
N TRP A 216 -16.15 37.36 -38.76
CA TRP A 216 -17.15 38.36 -39.12
C TRP A 216 -16.75 39.78 -38.74
N SER A 217 -15.71 39.94 -37.89
CA SER A 217 -15.26 41.27 -37.48
C SER A 217 -14.37 41.95 -38.51
N VAL A 218 -14.31 41.36 -39.69
CA VAL A 218 -13.60 42.00 -40.78
C VAL A 218 -14.34 43.24 -41.21
N PHE A 219 -15.70 43.24 -41.17
CA PHE A 219 -16.54 44.36 -41.60
C PHE A 219 -16.43 45.55 -40.65
N TRP A 220 -16.01 45.30 -39.38
CA TRP A 220 -15.82 46.34 -38.38
C TRP A 220 -14.53 47.15 -38.58
N LEU A 221 -13.69 46.73 -39.54
CA LEU A 221 -12.46 47.45 -39.88
C LEU A 221 -12.81 48.63 -40.75
N GLU A 222 -12.04 49.72 -40.60
CA GLU A 222 -12.25 50.99 -41.27
C GLU A 222 -11.83 51.02 -42.74
N SER A 223 -10.58 50.64 -43.02
CA SER A 223 -9.98 50.69 -44.35
C SER A 223 -10.18 49.42 -45.16
N PHE A 224 -10.37 49.57 -46.48
CA PHE A 224 -10.52 48.46 -47.43
C PHE A 224 -9.27 47.58 -47.40
N SER A 225 -8.08 48.20 -47.36
CA SER A 225 -6.81 47.47 -47.27
C SER A 225 -6.74 46.64 -45.99
N GLU A 226 -7.28 47.16 -44.88
CA GLU A 226 -7.34 46.44 -43.61
C GLU A 226 -8.33 45.29 -43.69
N ARG A 227 -9.50 45.51 -44.32
CA ARG A 227 -10.54 44.49 -44.47
C ARG A 227 -10.08 43.31 -45.33
N LEU A 228 -9.38 43.60 -46.44
CA LEU A 228 -8.91 42.54 -47.34
C LEU A 228 -7.71 41.79 -46.79
N GLN A 229 -6.70 42.50 -46.25
CA GLN A 229 -5.50 41.85 -45.71
C GLN A 229 -5.79 40.97 -44.50
N THR A 230 -6.73 41.41 -43.63
CA THR A 230 -7.14 40.66 -42.46
C THR A 230 -7.82 39.36 -42.89
N SER A 231 -8.59 39.39 -44.00
CA SER A 231 -9.30 38.22 -44.55
C SER A 231 -8.35 37.09 -44.91
N PHE A 232 -7.09 37.42 -45.25
CA PHE A 232 -6.09 36.40 -45.57
C PHE A 232 -5.53 35.77 -44.32
N THR A 233 -5.43 36.54 -43.21
CA THR A 233 -5.04 36.02 -41.91
C THR A 233 -6.16 35.11 -41.39
N LEU A 234 -7.42 35.44 -41.76
CA LEU A 234 -8.61 34.66 -41.38
C LEU A 234 -8.62 33.34 -42.11
N MET A 235 -8.46 33.39 -43.45
CA MET A 235 -8.40 32.22 -44.32
C MET A 235 -7.27 31.29 -43.85
N LEU A 236 -6.10 31.84 -43.43
CA LEU A 236 -4.99 31.05 -42.90
C LEU A 236 -5.35 30.41 -41.55
N THR A 237 -6.20 31.08 -40.73
CA THR A 237 -6.62 30.57 -39.42
C THR A 237 -7.49 29.34 -39.58
N VAL A 238 -8.37 29.33 -40.59
CA VAL A 238 -9.26 28.21 -40.87
C VAL A 238 -8.46 27.01 -41.35
N VAL A 239 -7.45 27.24 -42.22
CA VAL A 239 -6.55 26.20 -42.74
C VAL A 239 -5.80 25.57 -41.56
N ALA A 240 -5.28 26.42 -40.66
CA ALA A 240 -4.57 25.97 -39.46
C ALA A 240 -5.49 25.14 -38.56
N TYR A 241 -6.78 25.51 -38.50
CA TYR A 241 -7.76 24.78 -37.69
C TYR A 241 -8.19 23.49 -38.36
N ALA A 242 -8.31 23.51 -39.70
CA ALA A 242 -8.67 22.35 -40.53
C ALA A 242 -7.62 21.25 -40.36
N PHE A 243 -6.39 21.67 -40.08
CA PHE A 243 -5.24 20.81 -39.83
C PHE A 243 -5.21 20.25 -38.39
N TYR A 244 -5.53 21.07 -37.36
CA TYR A 244 -5.61 20.68 -35.94
C TYR A 244 -6.73 19.66 -35.77
N THR A 245 -7.75 19.77 -36.61
CA THR A 245 -8.88 18.86 -36.60
C THR A 245 -8.52 17.55 -37.27
N SER A 246 -8.04 17.59 -38.53
CA SER A 246 -7.71 16.40 -39.32
C SER A 246 -6.71 15.48 -38.64
N ASN A 247 -5.68 16.03 -37.97
CA ASN A 247 -4.65 15.25 -37.28
C ASN A 247 -5.18 14.43 -36.10
N ILE A 248 -6.32 14.84 -35.51
CA ILE A 248 -6.89 14.17 -34.33
C ILE A 248 -8.11 13.37 -34.65
N LEU A 249 -9.04 13.97 -35.40
CA LEU A 249 -10.30 13.36 -35.76
C LEU A 249 -10.10 12.12 -36.61
N PRO A 250 -11.02 11.13 -36.50
CA PRO A 250 -10.82 9.87 -37.24
C PRO A 250 -10.95 10.06 -38.74
N ARG A 251 -10.17 9.26 -39.50
CA ARG A 251 -10.20 9.28 -40.95
C ARG A 251 -11.40 8.52 -41.43
N LEU A 252 -12.15 9.13 -42.35
CA LEU A 252 -13.39 8.60 -42.89
C LEU A 252 -13.50 8.88 -44.39
N PRO A 253 -14.36 8.14 -45.13
CA PRO A 253 -14.54 8.42 -46.56
C PRO A 253 -15.61 9.48 -46.82
N TYR A 254 -16.11 10.15 -45.77
CA TYR A 254 -17.15 11.17 -45.85
C TYR A 254 -16.94 12.27 -44.83
N THR A 255 -17.67 13.37 -44.99
CA THR A 255 -17.59 14.51 -44.09
C THR A 255 -18.48 14.33 -42.88
N THR A 256 -18.02 14.84 -41.73
CA THR A 256 -18.73 14.79 -40.46
C THR A 256 -19.35 16.18 -40.23
N VAL A 257 -19.85 16.42 -39.01
CA VAL A 257 -20.44 17.70 -38.62
C VAL A 257 -19.33 18.76 -38.54
N ILE A 258 -18.20 18.41 -37.88
CA ILE A 258 -17.03 19.29 -37.72
C ILE A 258 -16.46 19.66 -39.09
N ASP A 259 -16.36 18.67 -40.00
CA ASP A 259 -15.84 18.89 -41.35
C ASP A 259 -16.67 19.92 -42.09
N GLN A 260 -18.02 19.83 -42.00
CA GLN A 260 -18.94 20.76 -42.64
C GLN A 260 -18.82 22.16 -42.09
N MET A 261 -18.56 22.28 -40.76
CA MET A 261 -18.33 23.56 -40.10
C MET A 261 -17.08 24.21 -40.68
N ILE A 262 -16.02 23.41 -40.90
CA ILE A 262 -14.75 23.86 -41.50
C ILE A 262 -15.00 24.38 -42.92
N ILE A 263 -15.83 23.66 -43.70
CA ILE A 263 -16.20 24.05 -45.06
C ILE A 263 -16.98 25.35 -45.04
N ALA A 264 -17.91 25.49 -44.07
CA ALA A 264 -18.71 26.71 -43.86
C ALA A 264 -17.82 27.90 -43.55
N GLY A 265 -16.77 27.67 -42.75
CA GLY A 265 -15.76 28.66 -42.39
C GLY A 265 -15.05 29.20 -43.62
N TYR A 266 -14.66 28.28 -44.55
CA TYR A 266 -14.03 28.62 -45.81
C TYR A 266 -14.95 29.48 -46.66
N GLY A 267 -16.22 29.08 -46.74
CA GLY A 267 -17.27 29.78 -47.48
C GLY A 267 -17.51 31.18 -46.97
N SER A 268 -17.69 31.34 -45.64
CA SER A 268 -17.91 32.62 -44.97
C SER A 268 -16.79 33.61 -45.27
N ILE A 269 -15.52 33.21 -45.07
CA ILE A 269 -14.33 34.02 -45.33
C ILE A 269 -14.22 34.37 -46.80
N PHE A 270 -14.43 33.38 -47.68
CA PHE A 270 -14.36 33.60 -49.12
C PHE A 270 -15.44 34.56 -49.60
N ALA A 271 -16.69 34.42 -49.08
CA ALA A 271 -17.82 35.29 -49.41
C ALA A 271 -17.53 36.70 -48.94
N ALA A 272 -16.94 36.85 -47.73
CA ALA A 272 -16.57 38.16 -47.16
C ALA A 272 -15.53 38.85 -48.04
N ILE A 273 -14.53 38.08 -48.56
CA ILE A 273 -13.50 38.61 -49.46
C ILE A 273 -14.14 39.20 -50.71
N LEU A 274 -15.14 38.51 -51.26
CA LEU A 274 -15.79 38.96 -52.46
C LEU A 274 -16.69 40.16 -52.19
N LEU A 275 -17.32 40.21 -51.02
CA LEU A 275 -18.13 41.37 -50.61
C LEU A 275 -17.27 42.60 -50.34
N ILE A 276 -16.09 42.43 -49.73
CA ILE A 276 -15.13 43.52 -49.44
C ILE A 276 -14.62 44.14 -50.72
N ILE A 277 -14.37 43.32 -51.75
CA ILE A 277 -13.91 43.79 -53.06
C ILE A 277 -15.08 44.42 -53.83
N PHE A 278 -16.27 43.78 -53.80
CA PHE A 278 -17.47 44.27 -54.49
C PHE A 278 -17.87 45.66 -54.01
N ALA A 279 -17.85 45.88 -52.67
CA ALA A 279 -18.19 47.15 -52.05
C ALA A 279 -17.23 48.27 -52.42
N HIS A 280 -15.94 47.98 -52.59
CA HIS A 280 -14.91 48.98 -52.88
C HIS A 280 -14.68 49.28 -54.38
N HIS A 281 -15.16 48.41 -55.28
CA HIS A 281 -14.93 48.62 -56.71
C HIS A 281 -16.19 48.78 -57.56
N ARG A 282 -17.38 48.57 -56.97
CA ARG A 282 -18.63 48.73 -57.68
C ARG A 282 -19.41 49.87 -57.05
N GLN A 283 -19.28 51.06 -57.64
CA GLN A 283 -19.93 52.29 -57.16
C GLN A 283 -20.01 53.31 -58.29
N ALA A 284 -20.51 54.52 -57.99
CA ALA A 284 -20.63 55.58 -58.99
C ALA A 284 -19.27 56.22 -59.24
N VAL A 287 -13.71 55.18 -55.08
CA VAL A 287 -13.72 54.70 -53.70
C VAL A 287 -14.97 55.18 -52.97
N GLU A 288 -16.03 54.39 -53.04
CA GLU A 288 -17.28 54.70 -52.36
C GLU A 288 -17.89 53.40 -51.88
N ASP A 289 -17.58 53.03 -50.61
CA ASP A 289 -18.07 51.80 -49.97
C ASP A 289 -19.56 51.92 -49.76
N ASP A 290 -20.31 50.97 -50.35
CA ASP A 290 -21.77 50.90 -50.28
C ASP A 290 -22.18 50.89 -48.81
N LEU A 291 -23.07 51.82 -48.41
CA LEU A 291 -23.52 51.99 -47.03
C LEU A 291 -24.03 50.69 -46.39
N LEU A 292 -24.91 49.96 -47.10
CA LEU A 292 -25.50 48.69 -46.64
C LEU A 292 -24.50 47.54 -46.60
N ILE A 293 -23.72 47.37 -47.69
CA ILE A 293 -22.74 46.30 -47.87
C ILE A 293 -21.67 46.35 -46.79
N GLN A 294 -21.05 47.50 -46.55
CA GLN A 294 -20.02 47.53 -45.52
C GLN A 294 -20.58 47.49 -44.10
N ARG A 295 -21.89 47.76 -43.95
CA ARG A 295 -22.56 47.70 -42.66
C ARG A 295 -23.34 46.39 -42.54
N CYS A 296 -22.83 45.36 -43.24
CA CYS A 296 -23.42 44.04 -43.20
C CYS A 296 -22.94 43.31 -41.94
N ARG A 297 -22.36 44.05 -40.98
CA ARG A 297 -21.84 43.53 -39.70
C ARG A 297 -22.89 42.70 -38.99
N LEU A 298 -24.18 43.00 -39.22
CA LEU A 298 -25.30 42.27 -38.65
C LEU A 298 -25.93 41.30 -39.66
N ALA A 299 -25.93 41.65 -40.96
CA ALA A 299 -26.52 40.83 -42.02
C ALA A 299 -25.73 39.56 -42.31
N PHE A 300 -24.38 39.65 -42.30
CA PHE A 300 -23.49 38.53 -42.56
C PHE A 300 -23.63 37.43 -41.50
N PRO A 301 -23.54 37.73 -40.17
CA PRO A 301 -23.71 36.66 -39.16
C PRO A 301 -25.09 36.02 -39.20
N LEU A 302 -26.18 36.83 -39.37
CA LEU A 302 -27.54 36.30 -39.44
C LEU A 302 -27.78 35.43 -40.68
N GLY A 303 -27.18 35.83 -41.80
CA GLY A 303 -27.23 35.09 -43.06
C GLY A 303 -26.52 33.76 -42.94
N PHE A 304 -25.43 33.74 -42.16
CA PHE A 304 -24.65 32.54 -41.90
C PHE A 304 -25.43 31.61 -40.99
N LEU A 305 -26.03 32.15 -39.91
CA LEU A 305 -26.85 31.38 -38.96
C LEU A 305 -28.06 30.77 -39.65
N ALA A 306 -28.67 31.51 -40.60
CA ALA A 306 -29.80 31.03 -41.39
C ALA A 306 -29.40 29.81 -42.23
N ILE A 307 -28.25 29.88 -42.92
CA ILE A 307 -27.70 28.76 -43.71
C ILE A 307 -27.26 27.61 -42.78
N GLY A 308 -26.85 27.97 -41.56
CA GLY A 308 -26.44 27.03 -40.52
C GLY A 308 -27.59 26.16 -40.05
N CYS A 309 -28.82 26.74 -40.01
CA CYS A 309 -30.04 26.02 -39.61
C CYS A 309 -30.44 24.97 -40.64
N VAL A 310 -30.11 25.21 -41.93
CA VAL A 310 -30.39 24.28 -43.04
C VAL A 310 -29.39 23.11 -42.96
N ARG B 6 -12.39 -30.12 1.11
CA ARG B 6 -11.05 -29.64 1.47
C ARG B 6 -10.31 -28.91 0.31
N PRO B 7 -10.50 -27.58 0.17
CA PRO B 7 -9.85 -26.82 -0.90
C PRO B 7 -8.33 -26.88 -0.86
N VAL B 8 -7.72 -26.90 -2.05
CA VAL B 8 -6.26 -26.92 -2.22
C VAL B 8 -5.75 -25.51 -1.98
N ASP B 9 -4.90 -25.33 -0.97
CA ASP B 9 -4.34 -24.01 -0.66
C ASP B 9 -3.18 -23.69 -1.59
N VAL B 10 -3.21 -22.51 -2.23
CA VAL B 10 -2.21 -22.05 -3.19
C VAL B 10 -1.60 -20.74 -2.71
N SER B 11 -0.27 -20.74 -2.55
CA SER B 11 0.49 -19.56 -2.16
C SER B 11 1.03 -18.94 -3.43
N VAL B 12 0.76 -17.65 -3.63
CA VAL B 12 1.15 -16.91 -4.81
C VAL B 12 2.16 -15.83 -4.50
N SER B 13 3.12 -15.67 -5.39
CA SER B 13 4.11 -14.63 -5.29
C SER B 13 4.30 -14.03 -6.68
N ILE B 14 4.11 -12.72 -6.81
CA ILE B 14 4.23 -12.02 -8.08
C ILE B 14 5.36 -11.03 -8.01
N PHE B 15 6.28 -11.08 -8.98
CA PHE B 15 7.42 -10.19 -9.06
C PHE B 15 7.22 -9.26 -10.25
N ILE B 16 7.10 -7.95 -9.99
CA ILE B 16 6.90 -6.96 -11.03
C ILE B 16 8.24 -6.36 -11.43
N ASN B 17 8.62 -6.57 -12.70
CA ASN B 17 9.89 -6.06 -13.23
C ASN B 17 9.72 -4.72 -13.90
N LYS B 18 8.62 -4.50 -14.64
CA LYS B 18 8.42 -3.28 -15.39
C LYS B 18 6.94 -3.00 -15.61
N ILE B 19 6.55 -1.72 -15.49
CA ILE B 19 5.20 -1.24 -15.78
C ILE B 19 5.41 -0.10 -16.75
N TYR B 20 4.89 -0.26 -17.96
CA TYR B 20 5.08 0.71 -19.03
C TYR B 20 3.94 0.59 -20.05
N GLY B 21 4.06 1.31 -21.14
CA GLY B 21 3.14 1.28 -22.27
C GLY B 21 1.70 1.57 -21.92
N VAL B 22 1.48 2.66 -21.16
CA VAL B 22 0.11 3.07 -20.79
C VAL B 22 -0.59 3.55 -22.05
N ASN B 23 -1.75 2.96 -22.35
CA ASN B 23 -2.55 3.36 -23.50
C ASN B 23 -3.76 4.06 -22.91
N THR B 24 -3.77 5.39 -23.02
CA THR B 24 -4.81 6.25 -22.46
C THR B 24 -6.20 5.92 -22.95
N LEU B 25 -6.39 5.85 -24.27
CA LEU B 25 -7.69 5.59 -24.86
C LEU B 25 -8.23 4.21 -24.55
N GLU B 26 -7.35 3.20 -24.55
CA GLU B 26 -7.74 1.82 -24.25
C GLU B 26 -7.79 1.51 -22.78
N GLN B 27 -7.21 2.39 -21.92
CA GLN B 27 -7.13 2.22 -20.47
C GLN B 27 -6.42 0.90 -20.16
N THR B 28 -5.24 0.74 -20.77
CA THR B 28 -4.39 -0.43 -20.63
C THR B 28 -2.98 -0.05 -20.19
N TYR B 29 -2.20 -1.03 -19.72
CA TYR B 29 -0.83 -0.85 -19.25
C TYR B 29 -0.14 -2.20 -19.28
N LYS B 30 1.09 -2.21 -19.77
CA LYS B 30 1.88 -3.42 -19.91
C LYS B 30 2.64 -3.69 -18.63
N VAL B 31 2.71 -4.98 -18.26
CA VAL B 31 3.37 -5.42 -17.03
C VAL B 31 4.23 -6.65 -17.34
N ASP B 32 5.53 -6.54 -17.04
CA ASP B 32 6.48 -7.65 -17.21
C ASP B 32 6.86 -8.13 -15.81
N GLY B 33 6.87 -9.44 -15.62
CA GLY B 33 7.22 -10.02 -14.33
C GLY B 33 7.16 -11.52 -14.29
N TYR B 34 7.24 -12.06 -13.07
CA TYR B 34 7.18 -13.50 -12.81
C TYR B 34 5.98 -13.79 -11.93
N ILE B 35 5.48 -15.03 -12.02
CA ILE B 35 4.37 -15.53 -11.22
C ILE B 35 4.77 -16.85 -10.62
N VAL B 36 4.68 -16.96 -9.30
CA VAL B 36 5.04 -18.17 -8.59
C VAL B 36 3.81 -18.67 -7.84
N ALA B 37 3.44 -19.94 -8.05
CA ALA B 37 2.31 -20.55 -7.36
C ALA B 37 2.78 -21.84 -6.71
N GLN B 38 2.47 -22.02 -5.43
CA GLN B 38 2.88 -23.18 -4.67
C GLN B 38 1.70 -23.85 -3.96
N TRP B 39 1.58 -25.15 -4.12
CA TRP B 39 0.55 -25.96 -3.46
C TRP B 39 1.14 -27.31 -3.11
N THR B 40 0.47 -28.07 -2.25
CA THR B 40 0.94 -29.38 -1.82
C THR B 40 0.02 -30.45 -2.34
N GLY B 41 0.62 -31.42 -3.03
CA GLY B 41 -0.09 -32.56 -3.57
C GLY B 41 0.37 -33.85 -2.94
N LYS B 42 0.13 -34.97 -3.64
CA LYS B 42 0.54 -36.29 -3.17
C LYS B 42 2.05 -36.44 -3.28
N PRO B 43 2.73 -36.97 -2.24
CA PRO B 43 4.19 -37.15 -2.32
C PRO B 43 4.62 -37.92 -3.56
N ARG B 44 5.84 -37.63 -4.01
CA ARG B 44 6.41 -38.23 -5.21
C ARG B 44 7.80 -38.80 -4.94
N LYS B 45 8.26 -39.68 -5.85
CA LYS B 45 9.56 -40.32 -5.80
C LYS B 45 10.46 -39.59 -6.79
N THR B 46 11.08 -38.52 -6.32
CA THR B 46 11.95 -37.71 -7.14
C THR B 46 13.34 -38.36 -7.23
N PRO B 47 14.04 -38.18 -8.39
CA PRO B 47 15.41 -38.70 -8.53
C PRO B 47 16.33 -38.22 -7.42
N GLY B 48 16.86 -39.17 -6.65
CA GLY B 48 17.75 -38.93 -5.52
C GLY B 48 17.13 -38.18 -4.37
N ASP B 49 15.77 -38.25 -4.25
CA ASP B 49 14.95 -37.57 -3.23
C ASP B 49 15.23 -36.06 -3.13
N LYS B 50 15.66 -35.47 -4.25
CA LYS B 50 15.97 -34.06 -4.35
C LYS B 50 14.92 -33.39 -5.23
N PRO B 51 14.60 -32.10 -5.01
CA PRO B 51 13.60 -31.43 -5.87
C PRO B 51 13.90 -31.58 -7.36
N LEU B 52 12.86 -31.91 -8.13
CA LEU B 52 12.96 -32.14 -9.56
C LEU B 52 12.47 -30.95 -10.35
N ILE B 53 13.31 -30.48 -11.27
CA ILE B 53 13.02 -29.35 -12.15
C ILE B 53 12.48 -29.85 -13.48
N VAL B 54 11.30 -29.33 -13.86
CA VAL B 54 10.65 -29.63 -15.13
C VAL B 54 10.44 -28.31 -15.85
N GLU B 55 11.14 -28.12 -16.97
CA GLU B 55 11.09 -26.86 -17.70
C GLU B 55 10.33 -26.94 -18.99
N ASN B 56 9.58 -25.86 -19.29
CA ASN B 56 8.84 -25.60 -20.51
C ASN B 56 8.11 -26.81 -21.10
N THR B 57 8.56 -27.31 -22.29
CA THR B 57 7.98 -28.43 -23.05
C THR B 57 7.74 -29.67 -22.22
N GLN B 58 8.61 -29.94 -21.24
CA GLN B 58 8.49 -31.11 -20.38
C GLN B 58 7.31 -31.03 -19.43
N ILE B 59 6.80 -29.81 -19.13
CA ILE B 59 5.67 -29.66 -18.24
C ILE B 59 4.44 -30.37 -18.80
N GLU B 60 4.16 -30.14 -20.10
CA GLU B 60 3.05 -30.75 -20.81
C GLU B 60 3.09 -32.26 -20.73
N ARG B 61 4.30 -32.86 -20.81
CA ARG B 61 4.49 -34.30 -20.71
C ARG B 61 4.06 -34.83 -19.35
N TRP B 62 4.36 -34.09 -18.27
CA TRP B 62 3.96 -34.45 -16.90
C TRP B 62 2.46 -34.35 -16.71
N ILE B 63 1.83 -33.34 -17.34
CA ILE B 63 0.38 -33.12 -17.29
C ILE B 63 -0.35 -34.29 -17.95
N ASN B 64 0.16 -34.73 -19.12
CA ASN B 64 -0.38 -35.87 -19.87
C ASN B 64 -0.34 -37.15 -19.05
N ASN B 65 0.67 -37.27 -18.17
CA ASN B 65 0.87 -38.43 -17.30
C ASN B 65 0.11 -38.35 -15.96
N GLY B 66 -0.66 -37.29 -15.73
CA GLY B 66 -1.48 -37.17 -14.53
C GLY B 66 -1.19 -36.05 -13.55
N LEU B 67 -0.13 -35.26 -13.78
CA LEU B 67 0.19 -34.16 -12.88
C LEU B 67 -0.87 -33.05 -12.96
N TRP B 68 -1.38 -32.64 -11.81
CA TRP B 68 -2.40 -31.61 -11.72
C TRP B 68 -1.76 -30.24 -11.62
N VAL B 69 -1.89 -29.45 -12.71
CA VAL B 69 -1.34 -28.09 -12.80
C VAL B 69 -2.52 -27.16 -13.15
N PRO B 70 -3.16 -26.52 -12.15
CA PRO B 70 -4.32 -25.68 -12.46
C PRO B 70 -3.97 -24.42 -13.22
N ALA B 71 -4.88 -24.01 -14.13
CA ALA B 71 -4.72 -22.80 -14.93
C ALA B 71 -5.17 -21.62 -14.12
N LEU B 72 -4.25 -20.68 -13.90
CA LEU B 72 -4.53 -19.44 -13.18
C LEU B 72 -4.63 -18.33 -14.19
N GLU B 73 -5.80 -17.71 -14.29
CA GLU B 73 -6.06 -16.68 -15.29
C GLU B 73 -5.94 -15.28 -14.74
N PHE B 74 -5.37 -14.37 -15.55
CA PHE B 74 -5.34 -12.95 -15.25
C PHE B 74 -6.66 -12.41 -15.74
N ILE B 75 -7.55 -12.09 -14.80
CA ILE B 75 -8.90 -11.62 -15.08
C ILE B 75 -8.92 -10.38 -15.96
N ASN B 76 -8.05 -9.41 -15.66
CA ASN B 76 -7.98 -8.12 -16.32
C ASN B 76 -6.92 -8.02 -17.42
N VAL B 77 -6.46 -9.14 -17.95
CA VAL B 77 -5.49 -9.11 -19.05
C VAL B 77 -6.25 -8.92 -20.37
N VAL B 78 -5.73 -8.09 -21.26
CA VAL B 78 -6.33 -7.84 -22.58
C VAL B 78 -5.58 -8.74 -23.57
N GLY B 79 -6.20 -9.88 -23.89
CA GLY B 79 -5.62 -10.90 -24.77
C GLY B 79 -4.61 -11.76 -24.04
N SER B 80 -4.31 -12.94 -24.60
CA SER B 80 -3.35 -13.91 -24.04
C SER B 80 -1.99 -13.27 -23.75
N PRO B 81 -1.48 -13.36 -22.50
CA PRO B 81 -0.18 -12.76 -22.23
C PRO B 81 0.97 -13.57 -22.83
N ASP B 82 2.12 -12.92 -23.02
CA ASP B 82 3.31 -13.57 -23.53
C ASP B 82 4.00 -14.28 -22.38
N THR B 83 3.88 -15.62 -22.35
CA THR B 83 4.51 -16.45 -21.32
C THR B 83 5.87 -16.89 -21.81
N GLY B 84 6.90 -16.51 -21.05
CA GLY B 84 8.27 -16.87 -21.34
C GLY B 84 8.56 -18.26 -20.85
N ASN B 85 9.68 -18.41 -20.14
CA ASN B 85 10.09 -19.69 -19.59
C ASN B 85 9.14 -20.12 -18.49
N LYS B 86 8.80 -21.41 -18.48
CA LYS B 86 7.93 -22.02 -17.48
C LYS B 86 8.76 -23.06 -16.77
N ARG B 87 8.42 -23.34 -15.52
CA ARG B 87 9.15 -24.27 -14.67
C ARG B 87 8.25 -24.84 -13.58
N LEU B 88 8.41 -26.14 -13.32
CA LEU B 88 7.76 -26.85 -12.24
C LEU B 88 8.85 -27.44 -11.35
N MET B 89 8.78 -27.14 -10.08
CA MET B 89 9.73 -27.68 -9.12
C MET B 89 8.95 -28.64 -8.26
N LEU B 90 9.16 -29.93 -8.49
CA LEU B 90 8.45 -31.00 -7.82
C LEU B 90 9.27 -31.53 -6.67
N PHE B 91 8.74 -31.39 -5.47
CA PHE B 91 9.40 -31.86 -4.27
C PHE B 91 8.95 -33.28 -3.92
N PRO B 92 9.80 -34.07 -3.22
CA PRO B 92 9.39 -35.45 -2.87
C PRO B 92 8.23 -35.53 -1.88
N ASP B 93 8.14 -34.54 -0.97
CA ASP B 93 7.08 -34.46 0.04
C ASP B 93 5.68 -34.17 -0.57
N GLY B 94 5.65 -33.79 -1.86
CA GLY B 94 4.42 -33.55 -2.60
C GLY B 94 4.17 -32.13 -3.02
N ARG B 95 4.92 -31.16 -2.43
CA ARG B 95 4.71 -29.76 -2.76
C ARG B 95 5.24 -29.42 -4.16
N VAL B 96 4.44 -28.67 -4.91
CA VAL B 96 4.69 -28.26 -6.29
C VAL B 96 4.81 -26.75 -6.37
N ILE B 97 5.85 -26.28 -7.07
CA ILE B 97 6.09 -24.85 -7.28
C ILE B 97 6.14 -24.55 -8.76
N TYR B 98 5.16 -23.77 -9.23
CA TYR B 98 5.07 -23.34 -10.63
C TYR B 98 5.62 -21.94 -10.73
N ASN B 99 6.60 -21.76 -11.62
CA ASN B 99 7.23 -20.46 -11.87
C ASN B 99 7.25 -20.19 -13.37
N ALA B 100 6.80 -18.99 -13.74
CA ALA B 100 6.76 -18.58 -15.14
C ALA B 100 6.94 -17.09 -15.31
N ARG B 101 7.63 -16.71 -16.39
CA ARG B 101 7.81 -15.31 -16.74
C ARG B 101 6.62 -14.92 -17.61
N PHE B 102 6.11 -13.70 -17.46
CA PHE B 102 4.99 -13.23 -18.24
C PHE B 102 5.14 -11.74 -18.62
N LEU B 103 4.52 -11.38 -19.73
CA LEU B 103 4.40 -10.01 -20.20
C LEU B 103 2.99 -9.90 -20.72
N GLY B 104 2.18 -9.06 -20.08
CA GLY B 104 0.80 -8.90 -20.48
C GLY B 104 0.32 -7.46 -20.47
N SER B 105 -0.69 -7.19 -21.29
CA SER B 105 -1.35 -5.90 -21.37
C SER B 105 -2.58 -6.01 -20.50
N PHE B 106 -2.63 -5.24 -19.41
CA PHE B 106 -3.71 -5.28 -18.44
C PHE B 106 -4.61 -4.07 -18.54
N SER B 107 -5.86 -4.23 -18.12
CA SER B 107 -6.87 -3.18 -18.14
C SER B 107 -7.31 -2.81 -16.73
N ASN B 108 -7.71 -1.54 -16.58
CA ASN B 108 -8.24 -0.97 -15.34
C ASN B 108 -8.87 0.37 -15.66
N ASP B 109 -9.88 0.78 -14.88
CA ASP B 109 -10.53 2.07 -15.02
C ASP B 109 -9.53 3.14 -14.64
N MET B 110 -9.17 3.97 -15.63
CA MET B 110 -8.17 5.01 -15.45
C MET B 110 -8.76 6.37 -15.83
N ASP B 111 -8.58 7.34 -14.92
CA ASP B 111 -9.05 8.70 -15.10
C ASP B 111 -7.88 9.65 -15.31
N PHE B 112 -7.81 10.23 -16.51
CA PHE B 112 -6.74 11.15 -16.91
C PHE B 112 -7.20 12.61 -16.96
N ARG B 113 -8.32 12.95 -16.29
CA ARG B 113 -8.86 14.31 -16.27
C ARG B 113 -7.90 15.31 -15.64
N LEU B 114 -7.10 14.87 -14.65
CA LEU B 114 -6.12 15.71 -13.98
C LEU B 114 -4.77 15.75 -14.68
N PHE B 115 -4.68 15.24 -15.91
CA PHE B 115 -3.44 15.23 -16.70
C PHE B 115 -2.87 16.65 -16.80
N PRO B 116 -1.54 16.87 -16.63
CA PRO B 116 -0.47 15.89 -16.40
C PRO B 116 -0.17 15.56 -14.94
N PHE B 117 -1.12 15.84 -14.05
CA PHE B 117 -0.98 15.63 -12.61
C PHE B 117 -1.85 14.50 -12.10
N ASP B 118 -2.18 13.57 -12.99
CA ASP B 118 -3.03 12.42 -12.67
C ASP B 118 -2.26 11.35 -11.91
N ARG B 119 -3.00 10.64 -11.06
CA ARG B 119 -2.48 9.56 -10.23
C ARG B 119 -3.27 8.31 -10.58
N GLN B 120 -2.57 7.24 -10.97
CA GLN B 120 -3.19 5.97 -11.35
C GLN B 120 -2.73 4.83 -10.46
N GLN B 121 -3.49 3.74 -10.49
CA GLN B 121 -3.13 2.53 -9.77
C GLN B 121 -3.19 1.36 -10.74
N PHE B 122 -2.05 0.70 -10.91
CA PHE B 122 -1.94 -0.45 -11.79
C PHE B 122 -2.37 -1.69 -11.02
N VAL B 123 -3.42 -2.36 -11.53
CA VAL B 123 -4.01 -3.52 -10.91
C VAL B 123 -3.76 -4.83 -11.67
N LEU B 124 -3.63 -5.92 -10.90
CA LEU B 124 -3.48 -7.27 -11.44
C LEU B 124 -4.51 -8.11 -10.73
N GLU B 125 -5.38 -8.78 -11.48
CA GLU B 125 -6.42 -9.61 -10.87
C GLU B 125 -6.18 -11.05 -11.29
N LEU B 126 -5.91 -11.92 -10.32
CA LEU B 126 -5.64 -13.33 -10.59
C LEU B 126 -6.75 -14.18 -10.02
N GLU B 127 -7.05 -15.30 -10.69
CA GLU B 127 -8.13 -16.19 -10.27
C GLU B 127 -8.01 -17.52 -11.01
N PRO B 128 -8.32 -18.66 -10.34
CA PRO B 128 -8.29 -19.94 -11.06
C PRO B 128 -9.35 -19.94 -12.15
N PHE B 129 -9.00 -20.54 -13.28
CA PHE B 129 -9.88 -20.54 -14.43
C PHE B 129 -11.04 -21.52 -14.32
N SER B 130 -10.87 -22.63 -13.59
CA SER B 130 -11.88 -23.67 -13.58
C SER B 130 -12.28 -24.22 -12.20
N TYR B 131 -11.49 -23.91 -11.19
CA TYR B 131 -11.71 -24.43 -9.84
C TYR B 131 -12.21 -23.37 -8.88
N ASN B 132 -13.38 -23.62 -8.27
CA ASN B 132 -14.01 -22.71 -7.30
C ASN B 132 -13.25 -22.74 -5.96
N ASN B 133 -13.65 -21.87 -5.00
CA ASN B 133 -13.03 -21.79 -3.67
C ASN B 133 -13.22 -23.05 -2.82
N GLN B 134 -14.13 -23.95 -3.23
CA GLN B 134 -14.34 -25.21 -2.54
C GLN B 134 -13.31 -26.24 -3.02
N GLN B 135 -12.71 -25.98 -4.19
CA GLN B 135 -11.69 -26.86 -4.78
C GLN B 135 -10.29 -26.29 -4.68
N LEU B 136 -10.13 -24.99 -4.94
CA LEU B 136 -8.86 -24.27 -4.92
C LEU B 136 -9.04 -22.90 -4.31
N ARG B 137 -8.24 -22.59 -3.28
CA ARG B 137 -8.25 -21.32 -2.56
C ARG B 137 -6.86 -20.72 -2.54
N PHE B 138 -6.79 -19.41 -2.55
CA PHE B 138 -5.53 -18.68 -2.43
C PHE B 138 -5.29 -18.42 -0.95
N SER B 139 -4.20 -18.97 -0.40
CA SER B 139 -3.88 -18.84 1.01
C SER B 139 -3.22 -17.51 1.34
N ASP B 140 -2.29 -17.05 0.49
CA ASP B 140 -1.56 -15.80 0.68
C ASP B 140 -0.99 -15.30 -0.63
N ILE B 141 -0.67 -14.00 -0.66
CA ILE B 141 -0.11 -13.33 -1.81
C ILE B 141 1.02 -12.42 -1.38
N GLN B 142 2.13 -12.49 -2.13
CA GLN B 142 3.29 -11.64 -1.88
C GLN B 142 3.67 -10.96 -3.18
N VAL B 143 3.74 -9.63 -3.15
CA VAL B 143 4.09 -8.84 -4.31
C VAL B 143 5.41 -8.15 -4.08
N TYR B 144 6.33 -8.33 -5.02
CA TYR B 144 7.67 -7.81 -4.90
C TYR B 144 8.00 -6.83 -6.02
N THR B 145 7.90 -5.54 -5.72
CA THR B 145 8.26 -4.48 -6.64
C THR B 145 9.66 -4.08 -6.27
N GLU B 146 10.29 -3.28 -7.13
CA GLU B 146 11.64 -2.82 -6.89
C GLU B 146 11.60 -1.51 -6.09
N ASN B 147 12.77 -0.87 -5.92
CA ASN B 147 12.89 0.39 -5.22
C ASN B 147 13.58 1.35 -6.18
N ILE B 148 12.78 2.10 -6.97
CA ILE B 148 13.29 3.04 -7.96
C ILE B 148 13.90 4.27 -7.27
N ASP B 149 15.23 4.34 -7.31
CA ASP B 149 16.03 5.43 -6.74
C ASP B 149 16.19 6.56 -7.76
N ASN B 150 16.27 6.21 -9.05
CA ASN B 150 16.42 7.14 -10.18
C ASN B 150 15.05 7.46 -10.82
N GLU B 151 14.02 7.71 -10.00
CA GLU B 151 12.66 8.00 -10.47
C GLU B 151 12.58 9.12 -11.52
N GLU B 152 13.50 10.12 -11.46
CA GLU B 152 13.57 11.29 -12.36
C GLU B 152 13.60 10.90 -13.83
N ILE B 153 14.23 9.77 -14.15
CA ILE B 153 14.32 9.25 -15.53
C ILE B 153 13.01 8.57 -15.94
N ASP B 154 12.28 8.02 -14.97
CA ASP B 154 11.04 7.31 -15.23
C ASP B 154 9.85 8.22 -15.48
N GLU B 155 8.97 7.78 -16.39
CA GLU B 155 7.74 8.46 -16.76
C GLU B 155 6.74 8.42 -15.62
N TRP B 156 6.72 7.30 -14.89
CA TRP B 156 5.83 7.10 -13.74
C TRP B 156 6.62 6.91 -12.48
N TRP B 157 6.08 7.43 -11.38
CA TRP B 157 6.71 7.31 -10.08
C TRP B 157 5.87 6.42 -9.20
N ILE B 158 6.37 5.21 -8.90
CA ILE B 158 5.70 4.26 -8.02
C ILE B 158 5.82 4.81 -6.62
N ARG B 159 4.69 5.03 -5.95
CA ARG B 159 4.71 5.57 -4.59
C ARG B 159 4.09 4.55 -3.66
N GLY B 160 4.94 3.98 -2.80
CA GLY B 160 4.54 2.97 -1.85
C GLY B 160 4.48 1.57 -2.43
N LYS B 161 4.82 0.57 -1.58
CA LYS B 161 4.84 -0.84 -1.90
C LYS B 161 3.43 -1.32 -2.31
N ALA B 162 3.37 -2.45 -3.00
CA ALA B 162 2.12 -3.00 -3.50
C ALA B 162 1.09 -3.31 -2.42
N SER B 163 -0.17 -3.16 -2.78
CA SER B 163 -1.29 -3.50 -1.94
C SER B 163 -1.80 -4.84 -2.44
N THR B 164 -2.31 -5.67 -1.54
CA THR B 164 -2.85 -6.97 -1.95
C THR B 164 -4.24 -7.22 -1.31
N HIS B 165 -5.09 -8.01 -1.99
CA HIS B 165 -6.43 -8.37 -1.50
C HIS B 165 -6.84 -9.77 -1.97
N ILE B 166 -7.13 -10.71 -1.03
CA ILE B 166 -7.65 -12.03 -1.39
C ILE B 166 -9.13 -12.05 -1.01
N SER B 167 -10.01 -12.17 -2.00
CA SER B 167 -11.43 -12.21 -1.74
C SER B 167 -12.12 -13.36 -2.42
N ASP B 168 -13.47 -13.37 -2.42
CA ASP B 168 -14.31 -14.39 -3.02
C ASP B 168 -15.30 -13.75 -3.96
N ILE B 169 -15.23 -14.12 -5.23
CA ILE B 169 -16.10 -13.60 -6.29
C ILE B 169 -17.26 -14.56 -6.51
N ARG B 170 -18.48 -14.06 -6.30
CA ARG B 170 -19.69 -14.83 -6.47
C ARG B 170 -20.35 -14.49 -7.79
N TYR B 171 -20.48 -15.47 -8.69
CA TYR B 171 -21.14 -15.29 -9.99
C TYR B 171 -22.55 -15.79 -9.85
N ASP B 172 -23.52 -14.95 -10.22
CA ASP B 172 -24.94 -15.28 -10.09
C ASP B 172 -25.37 -16.29 -11.15
N HIS B 173 -25.00 -16.03 -12.42
CA HIS B 173 -25.35 -16.87 -13.57
C HIS B 173 -24.22 -17.88 -13.78
N LEU B 174 -24.26 -18.98 -13.04
CA LEU B 174 -23.26 -20.05 -13.14
C LEU B 174 -23.87 -21.32 -13.74
N SER B 175 -23.01 -22.26 -14.18
CA SER B 175 -23.40 -23.52 -14.80
C SER B 175 -24.13 -24.45 -13.82
N SER B 176 -23.35 -25.18 -12.99
CA SER B 176 -23.88 -26.12 -12.01
C SER B 176 -24.69 -25.44 -10.92
N VAL B 177 -25.56 -26.23 -10.25
CA VAL B 177 -26.46 -25.78 -9.21
C VAL B 177 -26.08 -26.38 -7.81
N GLN B 178 -24.93 -27.11 -7.71
CA GLN B 178 -24.44 -27.66 -6.44
C GLN B 178 -24.45 -26.50 -5.43
N PRO B 179 -25.34 -26.54 -4.39
CA PRO B 179 -25.48 -25.38 -3.49
C PRO B 179 -24.18 -24.93 -2.88
N ASN B 180 -23.86 -23.64 -3.11
CA ASN B 180 -22.67 -22.95 -2.62
C ASN B 180 -21.36 -23.51 -3.22
N GLN B 181 -21.23 -23.38 -4.55
CA GLN B 181 -20.03 -23.75 -5.31
C GLN B 181 -19.82 -22.77 -6.48
N ASN B 182 -20.35 -21.53 -6.33
CA ASN B 182 -20.32 -20.43 -7.33
C ASN B 182 -19.31 -19.31 -7.03
N GLU B 183 -18.47 -19.55 -6.05
CA GLU B 183 -17.50 -18.59 -5.56
C GLU B 183 -16.08 -18.99 -5.91
N PHE B 184 -15.30 -18.02 -6.39
CA PHE B 184 -13.92 -18.24 -6.77
C PHE B 184 -13.01 -17.33 -5.97
N SER B 185 -11.84 -17.83 -5.57
CA SER B 185 -10.83 -17.06 -4.84
C SER B 185 -10.09 -16.16 -5.82
N ARG B 186 -10.02 -14.86 -5.52
CA ARG B 186 -9.37 -13.89 -6.39
C ARG B 186 -8.33 -13.07 -5.68
N ILE B 187 -7.12 -13.03 -6.26
CA ILE B 187 -6.04 -12.18 -5.78
C ILE B 187 -6.15 -10.85 -6.53
N THR B 188 -6.02 -9.74 -5.82
CA THR B 188 -6.06 -8.41 -6.40
C THR B 188 -4.84 -7.63 -5.91
N VAL B 189 -4.00 -7.19 -6.83
CA VAL B 189 -2.79 -6.41 -6.54
C VAL B 189 -3.00 -5.01 -7.05
N ARG B 190 -2.59 -4.01 -6.27
CA ARG B 190 -2.72 -2.60 -6.65
C ARG B 190 -1.40 -1.88 -6.41
N ILE B 191 -0.89 -1.20 -7.44
CA ILE B 191 0.35 -0.45 -7.37
C ILE B 191 0.05 1.00 -7.72
N ASP B 192 0.16 1.89 -6.74
CA ASP B 192 -0.09 3.32 -6.95
C ASP B 192 1.11 3.99 -7.61
N ALA B 193 0.82 4.90 -8.55
CA ALA B 193 1.83 5.65 -9.27
C ALA B 193 1.35 7.03 -9.65
N VAL B 194 2.30 7.95 -9.78
CA VAL B 194 2.02 9.34 -10.14
C VAL B 194 2.83 9.66 -11.38
N ARG B 195 2.23 10.38 -12.34
CA ARG B 195 2.89 10.78 -13.57
C ARG B 195 3.98 11.80 -13.25
N ASN B 196 5.08 11.76 -14.01
CA ASN B 196 6.15 12.74 -13.86
C ASN B 196 5.71 13.97 -14.70
N PRO B 197 5.28 15.08 -14.05
CA PRO B 197 4.77 16.23 -14.82
C PRO B 197 5.81 17.27 -15.25
N SER B 198 7.11 17.01 -14.98
CA SER B 198 8.19 17.93 -15.30
C SER B 198 8.15 18.41 -16.75
N TYR B 199 8.11 17.47 -17.70
CA TYR B 199 8.07 17.77 -19.12
C TYR B 199 6.88 18.62 -19.53
N TYR B 200 5.68 18.27 -19.07
CA TYR B 200 4.46 18.98 -19.41
C TYR B 200 4.37 20.36 -18.76
N LEU B 201 4.99 20.54 -17.59
CA LEU B 201 5.01 21.84 -16.91
C LEU B 201 5.87 22.85 -17.63
N TRP B 202 7.10 22.47 -17.99
CA TRP B 202 8.06 23.34 -18.63
C TRP B 202 7.88 23.52 -20.14
N SER B 203 7.37 22.50 -20.86
CA SER B 203 7.22 22.56 -22.32
C SER B 203 5.79 22.80 -22.82
N PHE B 204 4.79 22.70 -21.93
CA PHE B 204 3.39 22.90 -22.33
C PHE B 204 2.68 23.95 -21.50
N ILE B 205 2.67 23.81 -20.16
CA ILE B 205 1.99 24.74 -19.26
C ILE B 205 2.66 26.12 -19.28
N LEU B 206 3.99 26.15 -19.04
CA LEU B 206 4.79 27.38 -19.02
C LEU B 206 4.68 28.18 -20.33
N PRO B 207 5.00 27.61 -21.53
CA PRO B 207 4.86 28.42 -22.75
C PRO B 207 3.44 28.91 -23.00
N LEU B 208 2.42 28.06 -22.70
CA LEU B 208 1.02 28.43 -22.87
C LEU B 208 0.65 29.64 -22.02
N GLY B 209 1.18 29.69 -20.79
CA GLY B 209 1.01 30.80 -19.87
C GLY B 209 1.53 32.11 -20.46
N LEU B 210 2.72 32.03 -21.10
CA LEU B 210 3.36 33.17 -21.76
C LEU B 210 2.57 33.64 -22.98
N ILE B 211 1.95 32.69 -23.72
CA ILE B 211 1.15 33.00 -24.90
C ILE B 211 -0.11 33.74 -24.47
N ILE B 212 -0.80 33.23 -23.43
CA ILE B 212 -2.02 33.83 -22.91
C ILE B 212 -1.73 35.19 -22.32
N ALA B 213 -0.64 35.32 -21.55
CA ALA B 213 -0.25 36.59 -20.96
C ALA B 213 0.07 37.63 -22.03
N ALA B 214 0.88 37.24 -23.03
CA ALA B 214 1.25 38.11 -24.15
C ALA B 214 0.04 38.55 -24.98
N SER B 215 -1.04 37.77 -24.93
CA SER B 215 -2.28 38.07 -25.64
C SER B 215 -3.00 39.29 -25.04
N TRP B 216 -2.73 39.58 -23.76
CA TRP B 216 -3.32 40.72 -23.06
C TRP B 216 -2.71 42.04 -23.46
N SER B 217 -1.52 41.99 -24.12
CA SER B 217 -0.78 43.16 -24.60
C SER B 217 -1.48 43.90 -25.73
N VAL B 218 -2.59 43.34 -26.29
CA VAL B 218 -3.40 43.95 -27.36
C VAL B 218 -3.89 45.34 -26.91
N PHE B 219 -4.22 45.49 -25.61
CA PHE B 219 -4.75 46.70 -25.01
C PHE B 219 -3.72 47.82 -24.92
N TRP B 220 -2.42 47.47 -25.03
CA TRP B 220 -1.32 48.44 -25.00
C TRP B 220 -1.06 49.09 -26.35
N LEU B 221 -1.73 48.60 -27.41
CA LEU B 221 -1.60 49.17 -28.74
C LEU B 221 -2.39 50.47 -28.83
N GLU B 222 -1.92 51.39 -29.66
CA GLU B 222 -2.50 52.73 -29.80
C GLU B 222 -3.74 52.79 -30.66
N SER B 223 -3.65 52.26 -31.88
CA SER B 223 -4.72 52.30 -32.87
C SER B 223 -5.66 51.11 -32.81
N PHE B 224 -6.96 51.37 -33.05
CA PHE B 224 -7.99 50.34 -33.11
C PHE B 224 -7.66 49.30 -34.17
N SER B 225 -7.20 49.74 -35.37
CA SER B 225 -6.80 48.84 -36.45
C SER B 225 -5.64 47.94 -36.01
N GLU B 226 -4.74 48.46 -35.17
CA GLU B 226 -3.63 47.67 -34.64
C GLU B 226 -4.13 46.67 -33.60
N ARG B 227 -5.08 47.09 -32.73
CA ARG B 227 -5.65 46.22 -31.69
C ARG B 227 -6.42 45.04 -32.28
N LEU B 228 -7.21 45.29 -33.33
CA LEU B 228 -8.02 44.25 -33.94
C LEU B 228 -7.22 43.30 -34.83
N GLN B 229 -6.32 43.83 -35.68
CA GLN B 229 -5.51 42.98 -36.56
C GLN B 229 -4.56 42.07 -35.80
N THR B 230 -3.98 42.59 -34.69
CA THR B 230 -3.06 41.83 -33.84
C THR B 230 -3.79 40.67 -33.17
N SER B 231 -5.04 40.88 -32.72
CA SER B 231 -5.83 39.83 -32.08
C SER B 231 -6.04 38.60 -32.98
N PHE B 232 -6.03 38.79 -34.32
CA PHE B 232 -6.14 37.68 -35.26
C PHE B 232 -4.86 36.88 -35.31
N THR B 233 -3.70 37.55 -35.17
CA THR B 233 -2.39 36.89 -35.10
C THR B 233 -2.34 36.12 -33.77
N LEU B 234 -2.99 36.65 -32.71
CA LEU B 234 -3.08 36.01 -31.40
C LEU B 234 -3.92 34.77 -31.50
N MET B 235 -5.12 34.89 -32.13
CA MET B 235 -6.03 33.79 -32.38
C MET B 235 -5.32 32.66 -33.12
N LEU B 236 -4.54 33.01 -34.16
CA LEU B 236 -3.74 32.05 -34.94
C LEU B 236 -2.64 31.40 -34.09
N THR B 237 -2.09 32.12 -33.10
CA THR B 237 -1.04 31.59 -32.22
C THR B 237 -1.60 30.48 -31.32
N VAL B 238 -2.84 30.66 -30.84
CA VAL B 238 -3.50 29.68 -29.98
C VAL B 238 -3.84 28.42 -30.77
N VAL B 239 -4.30 28.58 -32.02
CA VAL B 239 -4.60 27.47 -32.92
C VAL B 239 -3.31 26.67 -33.18
N ALA B 240 -2.18 27.39 -33.44
CA ALA B 240 -0.85 26.80 -33.67
C ALA B 240 -0.38 26.06 -32.45
N TYR B 241 -0.78 26.53 -31.26
CA TYR B 241 -0.42 25.89 -29.99
C TYR B 241 -1.32 24.70 -29.69
N ALA B 242 -2.63 24.78 -30.02
CA ALA B 242 -3.59 23.70 -29.78
C ALA B 242 -3.17 22.50 -30.60
N PHE B 243 -2.63 22.78 -31.79
CA PHE B 243 -2.15 21.77 -32.70
C PHE B 243 -0.86 21.14 -32.17
N TYR B 244 0.07 21.95 -31.68
CA TYR B 244 1.32 21.48 -31.08
C TYR B 244 1.02 20.60 -29.86
N THR B 245 -0.01 20.96 -29.09
CA THR B 245 -0.47 20.22 -27.91
C THR B 245 -1.08 18.88 -28.33
N SER B 246 -2.10 18.91 -29.21
CA SER B 246 -2.83 17.72 -29.63
C SER B 246 -1.96 16.65 -30.24
N ASN B 247 -0.97 17.04 -31.06
CA ASN B 247 -0.06 16.10 -31.73
C ASN B 247 0.85 15.33 -30.76
N ILE B 248 1.06 15.86 -29.55
CA ILE B 248 1.96 15.22 -28.57
C ILE B 248 1.21 14.61 -27.41
N LEU B 249 0.24 15.35 -26.85
CA LEU B 249 -0.57 14.89 -25.73
C LEU B 249 -1.35 13.61 -26.07
N PRO B 250 -1.62 12.75 -25.07
CA PRO B 250 -2.35 11.52 -25.34
C PRO B 250 -3.79 11.78 -25.71
N ARG B 251 -4.33 10.92 -26.56
CA ARG B 251 -5.71 11.00 -26.99
C ARG B 251 -6.61 10.56 -25.88
N LEU B 252 -7.68 11.32 -25.65
CA LEU B 252 -8.65 11.05 -24.60
C LEU B 252 -10.08 11.40 -25.03
N PRO B 253 -11.11 10.80 -24.39
CA PRO B 253 -12.48 11.16 -24.73
C PRO B 253 -13.00 12.36 -23.93
N TYR B 254 -12.12 13.04 -23.16
CA TYR B 254 -12.46 14.20 -22.36
C TYR B 254 -11.32 15.21 -22.35
N THR B 255 -11.60 16.42 -21.85
CA THR B 255 -10.60 17.49 -21.79
C THR B 255 -9.76 17.36 -20.53
N THR B 256 -8.49 17.74 -20.65
CA THR B 256 -7.54 17.73 -19.55
C THR B 256 -7.37 19.16 -19.04
N VAL B 257 -6.38 19.39 -18.16
CA VAL B 257 -6.06 20.72 -17.63
C VAL B 257 -5.53 21.59 -18.77
N ILE B 258 -4.59 21.05 -19.58
CA ILE B 258 -3.99 21.74 -20.73
C ILE B 258 -5.05 22.12 -21.76
N ASP B 259 -5.99 21.19 -22.05
CA ASP B 259 -7.07 21.44 -22.99
C ASP B 259 -7.92 22.61 -22.56
N GLN B 260 -8.26 22.69 -21.26
CA GLN B 260 -9.05 23.79 -20.68
C GLN B 260 -8.32 25.12 -20.77
N MET B 261 -6.98 25.11 -20.60
CA MET B 261 -6.15 26.30 -20.73
C MET B 261 -6.22 26.83 -22.15
N ILE B 262 -6.15 25.91 -23.15
CA ILE B 262 -6.24 26.26 -24.57
C ILE B 262 -7.63 26.86 -24.87
N ILE B 263 -8.71 26.31 -24.24
CA ILE B 263 -10.08 26.81 -24.38
C ILE B 263 -10.17 28.21 -23.76
N ALA B 264 -9.52 28.40 -22.60
CA ALA B 264 -9.46 29.70 -21.91
C ALA B 264 -8.75 30.74 -22.77
N GLY B 265 -7.71 30.32 -23.48
CA GLY B 265 -6.96 31.14 -24.42
C GLY B 265 -7.83 31.66 -25.54
N TYR B 266 -8.68 30.77 -26.10
CA TYR B 266 -9.64 31.12 -27.15
C TYR B 266 -10.64 32.14 -26.64
N GLY B 267 -11.17 31.92 -25.44
CA GLY B 267 -12.12 32.80 -24.77
C GLY B 267 -11.57 34.18 -24.50
N SER B 268 -10.33 34.25 -23.95
CA SER B 268 -9.65 35.51 -23.64
C SER B 268 -9.48 36.37 -24.89
N ILE B 269 -8.95 35.78 -25.98
CA ILE B 269 -8.74 36.46 -27.26
C ILE B 269 -10.06 36.89 -27.85
N PHE B 270 -11.07 36.01 -27.84
CA PHE B 270 -12.39 36.31 -28.38
C PHE B 270 -13.08 37.42 -27.61
N ALA B 271 -12.96 37.40 -26.26
CA ALA B 271 -13.53 38.43 -25.38
C ALA B 271 -12.86 39.76 -25.64
N ALA B 272 -11.52 39.77 -25.87
CA ALA B 272 -10.75 40.97 -26.17
C ALA B 272 -11.20 41.57 -27.50
N ILE B 273 -11.48 40.72 -28.52
CA ILE B 273 -11.96 41.16 -29.84
C ILE B 273 -13.27 41.92 -29.67
N LEU B 274 -14.17 41.41 -28.81
CA LEU B 274 -15.45 42.04 -28.55
C LEU B 274 -15.28 43.38 -27.85
N LEU B 275 -14.37 43.43 -26.86
CA LEU B 275 -14.05 44.65 -26.13
C LEU B 275 -13.41 45.70 -27.03
N ILE B 276 -12.47 45.30 -27.92
CA ILE B 276 -11.79 46.19 -28.87
C ILE B 276 -12.81 46.86 -29.81
N ILE B 277 -13.80 46.09 -30.30
CA ILE B 277 -14.84 46.60 -31.19
C ILE B 277 -15.84 47.46 -30.42
N PHE B 278 -16.25 46.99 -29.23
CA PHE B 278 -17.20 47.70 -28.37
C PHE B 278 -16.70 49.08 -27.98
N ALA B 279 -15.41 49.19 -27.60
CA ALA B 279 -14.79 50.45 -27.20
C ALA B 279 -14.73 51.46 -28.34
N HIS B 280 -14.48 51.00 -29.57
CA HIS B 280 -14.33 51.86 -30.74
C HIS B 280 -15.64 52.24 -31.45
N HIS B 281 -16.74 51.52 -31.21
CA HIS B 281 -18.00 51.80 -31.90
C HIS B 281 -19.16 52.23 -31.00
N ARG B 282 -19.00 52.08 -29.67
CA ARG B 282 -20.03 52.47 -28.70
C ARG B 282 -19.54 53.66 -27.88
N GLN B 283 -19.91 54.86 -28.32
CA GLN B 283 -19.53 56.13 -27.71
C GLN B 283 -20.51 57.22 -28.11
N ALA B 284 -20.23 58.47 -27.67
CA ALA B 284 -21.08 59.60 -27.99
C ALA B 284 -20.87 60.02 -29.45
N ASN B 285 -19.60 60.04 -29.91
CA ASN B 285 -19.28 60.42 -31.28
C ASN B 285 -19.00 59.20 -32.12
N GLU B 288 -14.79 57.74 -30.32
CA GLU B 288 -14.54 58.04 -28.91
C GLU B 288 -14.26 56.77 -28.10
N ASP B 289 -13.02 56.28 -28.21
CA ASP B 289 -12.50 55.11 -27.50
C ASP B 289 -12.65 55.33 -25.97
N ASP B 290 -13.42 54.45 -25.28
CA ASP B 290 -13.66 54.48 -23.82
C ASP B 290 -12.35 54.48 -23.09
N LEU B 291 -12.24 55.35 -22.09
CA LEU B 291 -11.03 55.53 -21.33
C LEU B 291 -10.71 54.31 -20.49
N LEU B 292 -11.70 53.86 -19.68
CA LEU B 292 -11.43 52.78 -18.74
C LEU B 292 -11.40 51.42 -19.40
N ILE B 293 -12.21 51.20 -20.42
CA ILE B 293 -12.26 49.91 -21.08
C ILE B 293 -11.01 49.63 -21.90
N GLN B 294 -10.41 50.66 -22.52
CA GLN B 294 -9.19 50.49 -23.29
C GLN B 294 -8.01 50.41 -22.36
N ARG B 295 -8.13 51.04 -21.18
CA ARG B 295 -7.10 50.93 -20.15
C ARG B 295 -7.43 49.77 -19.20
N CYS B 296 -8.04 48.71 -19.74
CA CYS B 296 -8.34 47.50 -19.01
C CYS B 296 -7.10 46.58 -19.05
N ARG B 297 -5.92 47.16 -19.35
CA ARG B 297 -4.63 46.47 -19.41
C ARG B 297 -4.34 45.74 -18.11
N LEU B 298 -4.94 46.19 -17.00
CA LEU B 298 -4.84 45.58 -15.68
C LEU B 298 -6.11 44.81 -15.30
N ALA B 299 -7.29 45.27 -15.76
CA ALA B 299 -8.58 44.63 -15.46
C ALA B 299 -8.79 43.31 -16.21
N PHE B 300 -8.34 43.22 -17.47
CA PHE B 300 -8.46 42.02 -18.29
C PHE B 300 -7.64 40.86 -17.72
N PRO B 301 -6.32 41.03 -17.39
CA PRO B 301 -5.57 39.92 -16.79
C PRO B 301 -6.14 39.49 -15.44
N LEU B 302 -6.57 40.44 -14.58
CA LEU B 302 -7.13 40.10 -13.26
C LEU B 302 -8.46 39.39 -13.38
N GLY B 303 -9.28 39.78 -14.36
CA GLY B 303 -10.56 39.15 -14.68
C GLY B 303 -10.37 37.73 -15.14
N PHE B 304 -9.30 37.50 -15.94
CA PHE B 304 -8.92 36.19 -16.44
C PHE B 304 -8.42 35.33 -15.29
N LEU B 305 -7.51 35.86 -14.43
CA LEU B 305 -6.94 35.15 -13.29
C LEU B 305 -8.03 34.77 -12.32
N ALA B 306 -9.05 35.64 -12.12
CA ALA B 306 -10.21 35.39 -11.25
C ALA B 306 -10.96 34.18 -11.76
N ILE B 307 -11.31 34.15 -13.07
CA ILE B 307 -12.00 33.04 -13.74
C ILE B 307 -11.12 31.77 -13.73
N GLY B 308 -9.81 31.95 -13.83
CA GLY B 308 -8.85 30.85 -13.79
C GLY B 308 -8.85 30.10 -12.47
N CYS B 309 -8.95 30.87 -11.38
CA CYS B 309 -8.94 30.36 -10.02
C CYS B 309 -10.23 29.63 -9.66
N VAL B 310 -11.35 30.06 -10.26
CA VAL B 310 -12.71 29.54 -10.09
C VAL B 310 -12.77 28.18 -10.77
N LEU B 311 -12.08 28.03 -11.92
CA LEU B 311 -12.04 26.81 -12.71
C LEU B 311 -11.32 25.68 -11.99
N ARG C 6 28.58 -30.81 -7.70
CA ARG C 6 29.51 -30.36 -8.73
C ARG C 6 28.79 -29.47 -9.77
N PRO C 7 28.86 -28.13 -9.67
CA PRO C 7 28.17 -27.27 -10.66
C PRO C 7 28.64 -27.49 -12.09
N VAL C 8 27.70 -27.48 -13.04
CA VAL C 8 27.98 -27.69 -14.47
C VAL C 8 28.49 -26.38 -15.04
N ASP C 9 29.73 -26.40 -15.54
CA ASP C 9 30.34 -25.23 -16.12
C ASP C 9 29.84 -24.99 -17.53
N VAL C 10 29.31 -23.79 -17.79
CA VAL C 10 28.76 -23.41 -19.08
C VAL C 10 29.54 -22.24 -19.66
N SER C 11 30.10 -22.43 -20.86
CA SER C 11 30.83 -21.40 -21.58
C SER C 11 29.88 -20.78 -22.60
N VAL C 12 29.68 -19.46 -22.50
CA VAL C 12 28.78 -18.72 -23.38
C VAL C 12 29.54 -17.82 -24.33
N SER C 13 28.99 -17.67 -25.56
CA SER C 13 29.50 -16.79 -26.61
C SER C 13 28.32 -16.11 -27.29
N ILE C 14 28.28 -14.78 -27.25
CA ILE C 14 27.20 -13.99 -27.84
C ILE C 14 27.73 -13.19 -29.00
N PHE C 15 27.06 -13.28 -30.16
CA PHE C 15 27.43 -12.53 -31.34
C PHE C 15 26.33 -11.52 -31.61
N ILE C 16 26.69 -10.23 -31.54
CA ILE C 16 25.76 -9.15 -31.76
C ILE C 16 25.86 -8.72 -33.22
N ASN C 17 24.74 -8.87 -33.95
CA ASN C 17 24.68 -8.52 -35.37
C ASN C 17 24.14 -7.13 -35.57
N LYS C 18 23.16 -6.70 -34.76
CA LYS C 18 22.52 -5.41 -34.90
C LYS C 18 21.90 -4.92 -33.60
N ILE C 19 22.04 -3.63 -33.31
CA ILE C 19 21.39 -2.95 -32.18
C ILE C 19 20.67 -1.79 -32.80
N TYR C 20 19.35 -1.77 -32.64
CA TYR C 20 18.48 -0.75 -33.25
C TYR C 20 17.15 -0.67 -32.51
N GLY C 21 16.22 0.11 -33.06
CA GLY C 21 14.86 0.25 -32.55
C GLY C 21 14.77 0.71 -31.11
N VAL C 22 15.51 1.78 -30.79
CA VAL C 22 15.52 2.36 -29.45
C VAL C 22 14.18 3.03 -29.23
N ASN C 23 13.48 2.63 -28.16
CA ASN C 23 12.23 3.24 -27.77
C ASN C 23 12.53 4.03 -26.51
N THR C 24 12.57 5.36 -26.65
CA THR C 24 12.90 6.31 -25.58
C THR C 24 12.00 6.20 -24.38
N LEU C 25 10.67 6.28 -24.58
CA LEU C 25 9.72 6.22 -23.47
C LEU C 25 9.70 4.90 -22.75
N GLU C 26 9.81 3.79 -23.49
CA GLU C 26 9.82 2.45 -22.92
C GLU C 26 11.18 2.05 -22.39
N GLN C 27 12.26 2.77 -22.77
CA GLN C 27 13.65 2.48 -22.40
C GLN C 27 14.00 1.06 -22.86
N THR C 28 13.71 0.78 -24.13
CA THR C 28 13.92 -0.52 -24.76
C THR C 28 14.73 -0.38 -26.02
N TYR C 29 15.32 -1.48 -26.48
CA TYR C 29 16.13 -1.52 -27.70
C TYR C 29 16.16 -2.95 -28.21
N LYS C 30 16.20 -3.11 -29.53
CA LYS C 30 16.21 -4.40 -30.18
C LYS C 30 17.63 -4.86 -30.46
N VAL C 31 17.87 -6.16 -30.27
CA VAL C 31 19.18 -6.77 -30.48
C VAL C 31 19.02 -8.07 -31.28
N ASP C 32 19.72 -8.16 -32.41
CA ASP C 32 19.72 -9.36 -33.24
C ASP C 32 21.11 -9.97 -33.12
N GLY C 33 21.15 -11.28 -32.95
CA GLY C 33 22.41 -11.98 -32.83
C GLY C 33 22.29 -13.45 -32.58
N TYR C 34 23.41 -14.08 -32.23
CA TYR C 34 23.48 -15.50 -31.93
C TYR C 34 23.91 -15.71 -30.50
N ILE C 35 23.52 -16.84 -29.92
CA ILE C 35 23.89 -17.26 -28.56
C ILE C 35 24.43 -18.68 -28.64
N VAL C 36 25.64 -18.87 -28.14
CA VAL C 36 26.30 -20.17 -28.14
C VAL C 36 26.57 -20.55 -26.68
N ALA C 37 26.14 -21.74 -26.28
CA ALA C 37 26.37 -22.24 -24.92
C ALA C 37 26.97 -23.61 -25.00
N GLN C 38 28.07 -23.83 -24.26
CA GLN C 38 28.79 -25.10 -24.26
C GLN C 38 28.99 -25.63 -22.86
N TRP C 39 28.67 -26.90 -22.65
CA TRP C 39 28.89 -27.59 -21.38
C TRP C 39 29.26 -29.04 -21.69
N THR C 40 29.79 -29.76 -20.69
CA THR C 40 30.19 -31.13 -20.86
C THR C 40 29.31 -32.05 -20.03
N GLY C 41 28.73 -33.03 -20.71
CA GLY C 41 27.90 -34.05 -20.10
C GLY C 41 28.53 -35.44 -20.20
N LYS C 42 27.69 -36.46 -20.10
CA LYS C 42 28.13 -37.86 -20.18
C LYS C 42 28.48 -38.22 -21.63
N PRO C 43 29.62 -38.91 -21.88
CA PRO C 43 29.97 -39.31 -23.26
C PRO C 43 28.87 -40.09 -23.98
N ARG C 44 28.85 -39.98 -25.31
CA ARG C 44 27.85 -40.65 -26.14
C ARG C 44 28.48 -41.31 -27.37
N LYS C 45 27.78 -42.24 -28.03
CA LYS C 45 28.34 -42.87 -29.23
C LYS C 45 27.57 -42.35 -30.46
N THR C 46 28.10 -41.29 -31.06
CA THR C 46 27.56 -40.58 -32.21
C THR C 46 27.82 -41.35 -33.53
N PRO C 47 27.01 -41.16 -34.62
CA PRO C 47 27.30 -41.85 -35.90
C PRO C 47 28.70 -41.55 -36.42
N GLY C 48 29.52 -42.60 -36.53
CA GLY C 48 30.91 -42.54 -36.99
C GLY C 48 31.86 -41.79 -36.08
N ASP C 49 31.50 -41.70 -34.78
CA ASP C 49 32.29 -41.00 -33.75
C ASP C 49 32.60 -39.55 -34.11
N LYS C 50 31.72 -38.95 -34.91
CA LYS C 50 31.88 -37.58 -35.36
C LYS C 50 30.78 -36.75 -34.71
N PRO C 51 31.01 -35.44 -34.44
CA PRO C 51 29.96 -34.61 -33.84
C PRO C 51 28.64 -34.70 -34.59
N LEU C 52 27.55 -34.86 -33.82
CA LEU C 52 26.21 -35.01 -34.35
C LEU C 52 25.46 -33.70 -34.25
N ILE C 53 24.93 -33.28 -35.40
CA ILE C 53 24.15 -32.04 -35.53
C ILE C 53 22.66 -32.38 -35.41
N VAL C 54 22.00 -31.68 -34.50
CA VAL C 54 20.57 -31.81 -34.25
C VAL C 54 19.99 -30.41 -34.44
N GLU C 55 19.19 -30.23 -35.49
CA GLU C 55 18.65 -28.92 -35.82
C GLU C 55 17.20 -28.78 -35.47
N ASN C 56 16.85 -27.58 -34.98
CA ASN C 56 15.51 -27.09 -34.73
C ASN C 56 14.56 -28.11 -34.06
N THR C 57 13.54 -28.54 -34.80
CA THR C 57 12.48 -29.45 -34.37
C THR C 57 13.01 -30.72 -33.63
N GLN C 58 14.14 -31.25 -34.11
CA GLN C 58 14.76 -32.46 -33.57
C GLN C 58 15.32 -32.28 -32.16
N ILE C 59 15.65 -31.04 -31.77
CA ILE C 59 16.18 -30.74 -30.44
C ILE C 59 15.20 -31.19 -29.35
N GLU C 60 13.91 -30.88 -29.53
CA GLU C 60 12.84 -31.22 -28.59
C GLU C 60 12.69 -32.72 -28.42
N ARG C 61 12.90 -33.50 -29.51
CA ARG C 61 12.84 -34.96 -29.49
C ARG C 61 13.90 -35.55 -28.55
N TRP C 62 15.13 -34.99 -28.58
CA TRP C 62 16.24 -35.41 -27.73
C TRP C 62 15.98 -35.10 -26.26
N ILE C 63 15.35 -33.94 -25.99
CA ILE C 63 15.00 -33.50 -24.62
C ILE C 63 13.99 -34.46 -24.02
N ASN C 64 12.97 -34.88 -24.82
CA ASN C 64 11.94 -35.84 -24.42
C ASN C 64 12.54 -37.16 -24.04
N ASN C 65 13.67 -37.53 -24.67
CA ASN C 65 14.35 -38.79 -24.43
C ASN C 65 15.35 -38.72 -23.25
N GLY C 66 15.55 -37.56 -22.64
CA GLY C 66 16.44 -37.44 -21.49
C GLY C 66 17.63 -36.50 -21.63
N LEU C 67 17.82 -35.84 -22.78
CA LEU C 67 18.94 -34.90 -22.92
C LEU C 67 18.69 -33.64 -22.08
N TRP C 68 19.67 -33.29 -21.26
CA TRP C 68 19.59 -32.13 -20.37
C TRP C 68 20.02 -30.87 -21.11
N VAL C 69 19.05 -30.01 -21.42
CA VAL C 69 19.26 -28.73 -22.10
C VAL C 69 18.67 -27.66 -21.18
N PRO C 70 19.50 -27.01 -20.34
CA PRO C 70 18.94 -26.02 -19.40
C PRO C 70 18.44 -24.75 -20.07
N ALA C 71 17.40 -24.16 -19.50
CA ALA C 71 16.82 -22.94 -20.05
C ALA C 71 17.57 -21.74 -19.52
N LEU C 72 18.16 -20.96 -20.43
CA LEU C 72 18.90 -19.75 -20.10
C LEU C 72 18.02 -18.57 -20.45
N GLU C 73 17.65 -17.79 -19.44
CA GLU C 73 16.76 -16.67 -19.62
C GLU C 73 17.49 -15.33 -19.75
N PHE C 74 17.00 -14.48 -20.65
CA PHE C 74 17.49 -13.13 -20.78
C PHE C 74 16.69 -12.35 -19.74
N ILE C 75 17.35 -11.98 -18.63
CA ILE C 75 16.72 -11.28 -17.49
C ILE C 75 16.02 -10.01 -17.90
N ASN C 76 16.68 -9.21 -18.75
CA ASN C 76 16.19 -7.91 -19.18
C ASN C 76 15.48 -7.87 -20.53
N VAL C 77 15.03 -9.03 -21.04
CA VAL C 77 14.29 -9.06 -22.30
C VAL C 77 12.82 -8.72 -22.01
N VAL C 78 12.22 -7.91 -22.87
CA VAL C 78 10.82 -7.53 -22.75
C VAL C 78 10.03 -8.42 -23.68
N GLY C 79 9.43 -9.48 -23.13
CA GLY C 79 8.68 -10.46 -23.91
C GLY C 79 9.62 -11.49 -24.52
N SER C 80 9.10 -12.69 -24.78
CA SER C 80 9.86 -13.82 -25.34
C SER C 80 10.56 -13.41 -26.65
N PRO C 81 11.89 -13.61 -26.75
CA PRO C 81 12.58 -13.23 -27.99
C PRO C 81 12.24 -14.15 -29.17
N ASP C 82 12.44 -13.64 -30.38
CA ASP C 82 12.18 -14.37 -31.61
C ASP C 82 13.38 -15.22 -31.91
N THR C 83 13.26 -16.53 -31.66
CA THR C 83 14.31 -17.50 -31.92
C THR C 83 14.23 -18.03 -33.34
N GLY C 84 15.31 -17.83 -34.09
CA GLY C 84 15.45 -18.33 -35.45
C GLY C 84 15.88 -19.78 -35.43
N ASN C 85 16.88 -20.14 -36.24
CA ASN C 85 17.41 -21.48 -36.29
C ASN C 85 18.08 -21.86 -34.98
N LYS C 86 17.87 -23.09 -34.53
CA LYS C 86 18.46 -23.65 -33.33
C LYS C 86 19.28 -24.86 -33.73
N ARG C 87 20.27 -25.22 -32.92
CA ARG C 87 21.07 -26.40 -33.20
C ARG C 87 21.75 -26.90 -31.94
N LEU C 88 21.98 -28.20 -31.90
CA LEU C 88 22.69 -28.88 -30.84
C LEU C 88 23.78 -29.68 -31.51
N MET C 89 25.01 -29.46 -31.06
CA MET C 89 26.15 -30.19 -31.60
C MET C 89 26.60 -31.10 -30.48
N LEU C 90 26.30 -32.38 -30.64
CA LEU C 90 26.61 -33.40 -29.64
C LEU C 90 27.89 -34.12 -30.01
N PHE C 91 28.89 -33.99 -29.14
CA PHE C 91 30.17 -34.63 -29.34
C PHE C 91 30.22 -35.99 -28.66
N PRO C 92 31.05 -36.94 -29.15
CA PRO C 92 31.11 -38.25 -28.49
C PRO C 92 31.74 -38.22 -27.09
N ASP C 93 32.70 -37.30 -26.83
CA ASP C 93 33.35 -37.17 -25.52
C ASP C 93 32.41 -36.66 -24.42
N GLY C 94 31.23 -36.19 -24.81
CA GLY C 94 30.21 -35.71 -23.88
C GLY C 94 29.86 -34.24 -23.94
N ARG C 95 30.66 -33.44 -24.61
CA ARG C 95 30.40 -32.00 -24.67
C ARG C 95 29.27 -31.64 -25.65
N VAL C 96 28.40 -30.73 -25.20
CA VAL C 96 27.22 -30.26 -25.92
C VAL C 96 27.37 -28.77 -26.22
N ILE C 97 27.07 -28.38 -27.47
CA ILE C 97 27.11 -27.00 -27.91
C ILE C 97 25.74 -26.61 -28.46
N TYR C 98 25.08 -25.67 -27.79
CA TYR C 98 23.79 -25.15 -28.21
C TYR C 98 24.02 -23.84 -28.93
N ASN C 99 23.49 -23.71 -30.15
CA ASN C 99 23.62 -22.50 -30.94
C ASN C 99 22.26 -22.09 -31.46
N ALA C 100 21.90 -20.80 -31.30
CA ALA C 100 20.61 -20.29 -31.74
C ALA C 100 20.66 -18.83 -32.14
N ARG C 101 19.92 -18.47 -33.19
CA ARG C 101 19.78 -17.10 -33.63
C ARG C 101 18.63 -16.51 -32.82
N PHE C 102 18.74 -15.24 -32.43
CA PHE C 102 17.71 -14.58 -31.64
C PHE C 102 17.55 -13.12 -32.02
N LEU C 103 16.33 -12.60 -31.88
CA LEU C 103 15.99 -11.19 -32.02
C LEU C 103 15.09 -10.86 -30.85
N GLY C 104 15.55 -9.98 -29.96
CA GLY C 104 14.81 -9.62 -28.76
C GLY C 104 14.81 -8.14 -28.44
N SER C 105 13.78 -7.69 -27.74
CA SER C 105 13.64 -6.30 -27.27
C SER C 105 14.09 -6.30 -25.82
N PHE C 106 15.17 -5.58 -25.52
CA PHE C 106 15.76 -5.54 -24.18
C PHE C 106 15.53 -4.20 -23.50
N SER C 107 15.51 -4.23 -22.18
CA SER C 107 15.30 -3.04 -21.35
C SER C 107 16.52 -2.74 -20.51
N ASN C 108 16.71 -1.46 -20.22
CA ASN C 108 17.78 -0.93 -19.36
C ASN C 108 17.47 0.51 -19.03
N ASP C 109 17.94 0.99 -17.87
CA ASP C 109 17.79 2.37 -17.44
C ASP C 109 18.58 3.26 -18.39
N MET C 110 17.85 4.09 -19.14
CA MET C 110 18.42 5.00 -20.14
C MET C 110 18.05 6.44 -19.84
N ASP C 111 19.06 7.31 -19.84
CA ASP C 111 18.88 8.74 -19.58
C ASP C 111 19.16 9.54 -20.85
N PHE C 112 18.10 10.19 -21.36
CA PHE C 112 18.17 10.99 -22.59
C PHE C 112 18.14 12.49 -22.33
N ARG C 113 18.45 12.93 -21.10
CA ARG C 113 18.44 14.37 -20.75
C ARG C 113 19.44 15.18 -21.57
N LEU C 114 20.57 14.55 -21.93
CA LEU C 114 21.64 15.19 -22.71
C LEU C 114 21.41 15.11 -24.22
N PHE C 115 20.19 14.68 -24.66
CA PHE C 115 19.84 14.57 -26.08
C PHE C 115 20.07 15.91 -26.79
N PRO C 116 20.65 15.92 -28.01
CA PRO C 116 21.08 14.79 -28.87
C PRO C 116 22.52 14.31 -28.65
N PHE C 117 23.11 14.66 -27.50
CA PHE C 117 24.50 14.33 -27.15
C PHE C 117 24.58 13.30 -26.00
N ASP C 118 23.55 12.47 -25.91
CA ASP C 118 23.43 11.42 -24.90
C ASP C 118 24.28 10.21 -25.26
N ARG C 119 24.81 9.56 -24.22
CA ARG C 119 25.62 8.34 -24.33
C ARG C 119 24.88 7.26 -23.57
N GLN C 120 24.61 6.14 -24.25
CA GLN C 120 23.86 5.01 -23.69
C GLN C 120 24.68 3.74 -23.70
N GLN C 121 24.29 2.79 -22.85
CA GLN C 121 24.93 1.49 -22.83
C GLN C 121 23.86 0.42 -22.94
N PHE C 122 23.95 -0.35 -24.03
CA PHE C 122 23.03 -1.44 -24.29
C PHE C 122 23.51 -2.66 -23.52
N VAL C 123 22.66 -3.15 -22.61
CA VAL C 123 22.97 -4.25 -21.71
C VAL C 123 22.21 -5.54 -22.06
N LEU C 124 22.87 -6.68 -21.86
CA LEU C 124 22.27 -8.00 -22.01
C LEU C 124 22.55 -8.73 -20.72
N GLU C 125 21.52 -9.22 -20.05
CA GLU C 125 21.67 -9.94 -18.80
C GLU C 125 21.18 -11.35 -19.00
N LEU C 126 22.09 -12.32 -18.86
CA LEU C 126 21.77 -13.72 -19.05
C LEU C 126 21.88 -14.44 -17.72
N GLU C 127 21.04 -15.46 -17.51
CA GLU C 127 21.01 -16.21 -16.25
C GLU C 127 20.20 -17.49 -16.43
N PRO C 128 20.62 -18.62 -15.80
CA PRO C 128 19.80 -19.83 -15.88
C PRO C 128 18.45 -19.60 -15.20
N PHE C 129 17.39 -20.15 -15.79
CA PHE C 129 16.04 -19.96 -15.30
C PHE C 129 15.69 -20.81 -14.07
N SER C 130 16.32 -21.99 -13.93
CA SER C 130 15.95 -22.91 -12.86
C SER C 130 17.09 -23.46 -12.03
N TYR C 131 18.33 -23.31 -12.50
CA TYR C 131 19.49 -23.87 -11.83
C TYR C 131 20.38 -22.81 -11.21
N ASN C 132 20.60 -22.89 -9.89
CA ASN C 132 21.47 -21.97 -9.16
C ASN C 132 22.95 -22.23 -9.51
N ASN C 133 23.86 -21.47 -8.90
CA ASN C 133 25.31 -21.59 -9.10
C ASN C 133 25.90 -22.89 -8.52
N GLN C 134 25.13 -23.62 -7.69
CA GLN C 134 25.58 -24.89 -7.13
CA GLN C 134 25.60 -24.89 -7.14
C GLN C 134 25.29 -26.00 -8.11
N GLN C 135 24.36 -25.75 -9.06
CA GLN C 135 23.97 -26.71 -10.09
C GLN C 135 24.53 -26.34 -11.46
N LEU C 136 24.49 -25.06 -11.82
CA LEU C 136 24.97 -24.54 -13.10
C LEU C 136 25.69 -23.21 -12.89
N ARG C 137 26.93 -23.12 -13.36
CA ARG C 137 27.77 -21.94 -13.24
C ARG C 137 28.29 -21.50 -14.60
N PHE C 138 28.39 -20.18 -14.82
CA PHE C 138 28.95 -19.66 -16.05
C PHE C 138 30.46 -19.56 -15.88
N SER C 139 31.20 -20.29 -16.72
CA SER C 139 32.65 -20.33 -16.65
C SER C 139 33.31 -19.12 -17.30
N ASP C 140 32.81 -18.71 -18.49
CA ASP C 140 33.34 -17.57 -19.23
C ASP C 140 32.32 -17.04 -20.23
N ILE C 141 32.55 -15.80 -20.68
CA ILE C 141 31.71 -15.11 -21.64
C ILE C 141 32.55 -14.42 -22.70
N GLN C 142 32.16 -14.59 -23.96
CA GLN C 142 32.82 -13.96 -25.09
C GLN C 142 31.79 -13.23 -25.93
N VAL C 143 31.99 -11.94 -26.14
CA VAL C 143 31.09 -11.11 -26.94
C VAL C 143 31.82 -10.63 -28.18
N TYR C 144 31.17 -10.80 -29.35
CA TYR C 144 31.75 -10.39 -30.63
C TYR C 144 30.85 -9.41 -31.31
N THR C 145 31.42 -8.31 -31.80
CA THR C 145 30.67 -7.26 -32.44
C THR C 145 31.25 -6.96 -33.82
N GLU C 146 30.37 -6.82 -34.84
CA GLU C 146 30.80 -6.46 -36.19
C GLU C 146 31.13 -4.98 -36.17
N ASN C 147 32.29 -4.62 -36.73
CA ASN C 147 32.76 -3.23 -36.76
C ASN C 147 31.95 -2.42 -37.74
N ILE C 148 31.39 -1.31 -37.26
CA ILE C 148 30.63 -0.39 -38.09
C ILE C 148 31.60 0.61 -38.70
N ASP C 149 32.32 0.17 -39.77
CA ASP C 149 33.30 0.99 -40.48
C ASP C 149 32.64 2.27 -41.00
N ASN C 150 31.50 2.13 -41.68
CA ASN C 150 30.72 3.27 -42.20
C ASN C 150 29.80 3.80 -41.08
N GLU C 151 30.40 4.31 -39.99
CA GLU C 151 29.66 4.85 -38.85
C GLU C 151 28.91 6.13 -39.15
N GLU C 152 29.30 6.89 -40.20
CA GLU C 152 28.61 8.10 -40.63
C GLU C 152 27.14 7.81 -40.98
N ILE C 153 26.86 6.59 -41.51
CA ILE C 153 25.52 6.13 -41.93
C ILE C 153 24.70 5.66 -40.73
N ASP C 154 25.37 5.14 -39.70
CA ASP C 154 24.69 4.58 -38.53
C ASP C 154 24.20 5.66 -37.58
N GLU C 155 23.03 5.41 -36.99
CA GLU C 155 22.41 6.33 -36.04
C GLU C 155 23.16 6.33 -34.73
N TRP C 156 23.72 5.17 -34.35
CA TRP C 156 24.50 5.01 -33.13
C TRP C 156 25.93 4.64 -33.43
N TRP C 157 26.85 5.16 -32.62
CA TRP C 157 28.26 4.87 -32.76
C TRP C 157 28.72 4.04 -31.58
N ILE C 158 29.04 2.77 -31.83
CA ILE C 158 29.49 1.85 -30.80
C ILE C 158 30.94 2.23 -30.48
N ARG C 159 31.20 2.66 -29.23
CA ARG C 159 32.54 3.06 -28.82
C ARG C 159 33.33 1.88 -28.27
N GLY C 160 33.04 1.51 -27.02
CA GLY C 160 33.67 0.40 -26.32
C GLY C 160 33.51 -0.89 -27.10
N LYS C 161 34.62 -1.64 -27.26
CA LYS C 161 34.65 -2.92 -27.98
C LYS C 161 33.59 -3.84 -27.41
N ALA C 162 33.52 -3.93 -26.05
CA ALA C 162 32.54 -4.70 -25.26
C ALA C 162 32.90 -4.74 -23.79
N SER C 163 31.91 -4.92 -22.92
CA SER C 163 32.26 -5.17 -21.52
C SER C 163 31.49 -6.39 -21.11
N THR C 164 32.13 -7.25 -20.32
CA THR C 164 31.50 -8.47 -19.82
C THR C 164 31.84 -8.66 -18.36
N HIS C 165 30.94 -9.31 -17.60
CA HIS C 165 31.14 -9.62 -16.20
C HIS C 165 30.24 -10.76 -15.77
N ILE C 166 30.80 -11.69 -15.01
CA ILE C 166 30.08 -12.84 -14.47
C ILE C 166 29.98 -12.62 -12.97
N SER C 167 28.75 -12.42 -12.48
CA SER C 167 28.50 -12.17 -11.07
C SER C 167 27.62 -13.27 -10.48
N ASP C 168 27.25 -13.12 -9.19
CA ASP C 168 26.36 -14.05 -8.51
C ASP C 168 25.24 -13.27 -7.86
N ILE C 169 24.00 -13.55 -8.29
CA ILE C 169 22.81 -12.86 -7.82
C ILE C 169 22.19 -13.66 -6.69
N ARG C 170 22.06 -13.01 -5.54
CA ARG C 170 21.47 -13.63 -4.36
C ARG C 170 20.02 -13.19 -4.25
N TYR C 171 19.12 -14.16 -4.15
CA TYR C 171 17.69 -13.93 -4.00
C TYR C 171 17.29 -14.19 -2.56
N ASP C 172 16.71 -13.16 -1.88
CA ASP C 172 16.29 -13.21 -0.46
C ASP C 172 14.85 -13.73 -0.27
N HIS C 173 14.40 -14.61 -1.17
CA HIS C 173 13.04 -15.15 -1.18
C HIS C 173 12.99 -16.37 -2.11
N LEU C 174 13.06 -17.57 -1.55
CA LEU C 174 13.04 -18.72 -2.45
C LEU C 174 12.22 -19.89 -1.94
N SER C 175 11.93 -20.84 -2.87
CA SER C 175 11.18 -22.06 -2.64
C SER C 175 11.83 -22.95 -1.57
N SER C 176 13.12 -23.35 -1.78
CA SER C 176 13.92 -24.17 -0.87
C SER C 176 14.09 -23.41 0.45
N VAL C 177 13.14 -23.62 1.38
CA VAL C 177 13.07 -23.00 2.71
C VAL C 177 14.43 -22.95 3.40
N ASN C 180 18.12 -24.10 0.21
CA ASN C 180 18.88 -22.96 0.70
C ASN C 180 19.61 -22.21 -0.41
N GLN C 181 20.25 -22.95 -1.37
CA GLN C 181 21.01 -22.42 -2.51
C GLN C 181 20.23 -21.33 -3.25
N ASN C 182 20.58 -20.08 -2.94
CA ASN C 182 19.88 -18.92 -3.47
C ASN C 182 20.80 -17.96 -4.14
N GLU C 183 21.67 -18.50 -4.96
CA GLU C 183 22.60 -17.71 -5.74
C GLU C 183 22.63 -18.23 -7.16
N PHE C 184 22.48 -17.33 -8.13
CA PHE C 184 22.47 -17.69 -9.55
C PHE C 184 23.59 -16.96 -10.27
N SER C 185 24.24 -17.66 -11.21
CA SER C 185 25.31 -17.07 -11.99
C SER C 185 24.69 -16.23 -13.10
N ARG C 186 25.13 -14.98 -13.21
CA ARG C 186 24.59 -14.07 -14.20
C ARG C 186 25.67 -13.47 -15.07
N ILE C 187 25.48 -13.55 -16.39
CA ILE C 187 26.38 -12.91 -17.34
C ILE C 187 25.77 -11.53 -17.62
N THR C 188 26.63 -10.50 -17.63
CA THR C 188 26.21 -9.15 -17.92
C THR C 188 27.11 -8.59 -19.00
N VAL C 189 26.50 -8.17 -20.12
CA VAL C 189 27.19 -7.58 -21.25
C VAL C 189 26.77 -6.12 -21.35
N ARG C 190 27.73 -5.23 -21.62
CA ARG C 190 27.46 -3.80 -21.76
C ARG C 190 28.16 -3.28 -23.00
N ILE C 191 27.39 -2.63 -23.88
CA ILE C 191 27.91 -2.07 -25.12
C ILE C 191 27.64 -0.58 -25.09
N ASP C 192 28.72 0.21 -24.98
CA ASP C 192 28.59 1.66 -24.96
C ASP C 192 28.39 2.19 -26.37
N ALA C 193 27.51 3.18 -26.49
CA ALA C 193 27.20 3.83 -27.75
C ALA C 193 26.88 5.30 -27.55
N VAL C 194 27.15 6.07 -28.58
CA VAL C 194 26.91 7.51 -28.57
C VAL C 194 26.03 7.77 -29.77
N ARG C 195 25.00 8.60 -29.57
CA ARG C 195 24.11 9.00 -30.64
C ARG C 195 24.86 9.88 -31.66
N ASN C 196 24.48 9.77 -32.95
CA ASN C 196 25.03 10.59 -34.03
C ASN C 196 24.25 11.92 -33.99
N PRO C 197 24.87 13.03 -33.49
CA PRO C 197 24.14 14.31 -33.38
C PRO C 197 24.13 15.20 -34.62
N SER C 198 24.77 14.76 -35.73
CA SER C 198 24.88 15.54 -36.97
C SER C 198 23.56 16.11 -37.43
N TYR C 199 22.54 15.27 -37.60
CA TYR C 199 21.22 15.68 -38.05
C TYR C 199 20.57 16.72 -37.16
N TYR C 200 20.59 16.50 -35.84
CA TYR C 200 19.98 17.40 -34.86
C TYR C 200 20.71 18.72 -34.74
N LEU C 201 22.04 18.74 -34.98
CA LEU C 201 22.82 19.96 -34.91
C LEU C 201 22.52 20.89 -36.06
N TRP C 202 22.52 20.37 -37.29
CA TRP C 202 22.31 21.15 -38.50
C TRP C 202 20.85 21.48 -38.83
N SER C 203 19.90 20.58 -38.50
CA SER C 203 18.47 20.76 -38.81
C SER C 203 17.60 21.22 -37.65
N PHE C 204 18.11 21.20 -36.42
CA PHE C 204 17.34 21.61 -35.26
C PHE C 204 18.01 22.69 -34.43
N ILE C 205 19.25 22.44 -33.98
CA ILE C 205 19.99 23.40 -33.15
C ILE C 205 20.33 24.67 -33.93
N LEU C 206 20.98 24.50 -35.09
CA LEU C 206 21.40 25.62 -35.93
C LEU C 206 20.22 26.52 -36.36
N PRO C 207 19.12 26.01 -37.01
CA PRO C 207 18.03 26.92 -37.39
C PRO C 207 17.41 27.61 -36.18
N LEU C 208 17.28 26.88 -35.04
CA LEU C 208 16.72 27.44 -33.81
C LEU C 208 17.53 28.64 -33.33
N GLY C 209 18.85 28.54 -33.43
CA GLY C 209 19.79 29.61 -33.09
C GLY C 209 19.51 30.86 -33.90
N LEU C 210 19.32 30.68 -35.23
CA LEU C 210 18.99 31.76 -36.16
C LEU C 210 17.66 32.40 -35.84
N ILE C 211 16.64 31.61 -35.43
CA ILE C 211 15.31 32.08 -35.05
C ILE C 211 15.40 32.96 -33.81
N ILE C 212 16.09 32.47 -32.77
CA ILE C 212 16.27 33.20 -31.51
C ILE C 212 17.07 34.47 -31.74
N ALA C 213 18.17 34.39 -32.53
CA ALA C 213 18.99 35.55 -32.85
C ALA C 213 18.17 36.59 -33.61
N ALA C 214 17.42 36.16 -34.65
CA ALA C 214 16.55 37.04 -35.45
C ALA C 214 15.46 37.70 -34.60
N SER C 215 15.05 37.07 -33.49
CA SER C 215 14.05 37.64 -32.59
C SER C 215 14.57 38.89 -31.87
N TRP C 216 15.90 39.00 -31.70
CA TRP C 216 16.55 40.16 -31.06
C TRP C 216 16.53 41.39 -31.94
N SER C 217 16.28 41.22 -33.24
CA SER C 217 16.25 42.33 -34.19
C SER C 217 14.99 43.21 -34.06
N VAL C 218 14.07 42.86 -33.14
CA VAL C 218 12.87 43.65 -32.87
C VAL C 218 13.23 45.04 -32.30
N PHE C 219 14.37 45.11 -31.60
CA PHE C 219 14.88 46.34 -31.01
C PHE C 219 15.42 47.32 -32.04
N TRP C 220 15.70 46.83 -33.26
CA TRP C 220 16.17 47.65 -34.37
C TRP C 220 15.04 48.35 -35.12
N LEU C 221 13.78 48.05 -34.76
CA LEU C 221 12.63 48.70 -35.36
C LEU C 221 12.44 50.08 -34.76
N GLU C 222 11.92 51.01 -35.57
CA GLU C 222 11.75 52.41 -35.21
C GLU C 222 10.54 52.70 -34.32
N SER C 223 9.37 52.25 -34.75
CA SER C 223 8.11 52.50 -34.07
C SER C 223 7.75 51.45 -33.04
N PHE C 224 7.12 51.90 -31.94
CA PHE C 224 6.64 51.03 -30.86
C PHE C 224 5.63 50.03 -31.41
N SER C 225 4.70 50.48 -32.28
CA SER C 225 3.70 49.63 -32.92
C SER C 225 4.38 48.54 -33.75
N GLU C 226 5.52 48.87 -34.41
CA GLU C 226 6.28 47.91 -35.19
C GLU C 226 6.99 46.91 -34.28
N ARG C 227 7.55 47.38 -33.15
CA ARG C 227 8.26 46.53 -32.19
C ARG C 227 7.35 45.51 -31.52
N LEU C 228 6.14 45.95 -31.12
CA LEU C 228 5.20 45.07 -30.45
C LEU C 228 4.50 44.09 -31.38
N GLN C 229 4.05 44.55 -32.56
CA GLN C 229 3.37 43.67 -33.52
C GLN C 229 4.28 42.59 -34.08
N THR C 230 5.56 42.93 -34.34
CA THR C 230 6.56 41.99 -34.85
C THR C 230 6.84 40.90 -33.83
N SER C 231 6.89 41.25 -32.53
CA SER C 231 7.16 40.28 -31.48
C SER C 231 6.12 39.15 -31.43
N PHE C 232 4.87 39.42 -31.91
CA PHE C 232 3.81 38.41 -31.98
C PHE C 232 4.07 37.44 -33.11
N THR C 233 4.65 37.93 -34.23
CA THR C 233 5.04 37.09 -35.36
C THR C 233 6.22 36.22 -34.92
N LEU C 234 7.07 36.77 -34.02
CA LEU C 234 8.22 36.05 -33.47
C LEU C 234 7.73 34.94 -32.56
N MET C 235 6.80 35.27 -31.65
CA MET C 235 6.17 34.33 -30.74
C MET C 235 5.56 33.17 -31.52
N LEU C 236 4.84 33.49 -32.63
CA LEU C 236 4.24 32.49 -33.50
C LEU C 236 5.29 31.61 -34.19
N THR C 237 6.47 32.18 -34.50
CA THR C 237 7.56 31.43 -35.15
C THR C 237 8.13 30.36 -34.21
N VAL C 238 8.23 30.69 -32.92
CA VAL C 238 8.74 29.76 -31.92
C VAL C 238 7.77 28.61 -31.72
N VAL C 239 6.45 28.91 -31.69
CA VAL C 239 5.39 27.92 -31.56
C VAL C 239 5.44 26.97 -32.75
N ALA C 240 5.58 27.52 -33.97
CA ALA C 240 5.69 26.73 -35.20
C ALA C 240 6.94 25.85 -35.17
N TYR C 241 8.01 26.33 -34.54
CA TYR C 241 9.26 25.59 -34.41
C TYR C 241 9.18 24.50 -33.36
N ALA C 242 8.51 24.79 -32.22
CA ALA C 242 8.30 23.83 -31.13
C ALA C 242 7.50 22.64 -31.64
N PHE C 243 6.61 22.91 -32.60
CA PHE C 243 5.78 21.89 -33.23
C PHE C 243 6.59 21.06 -34.22
N TYR C 244 7.44 21.72 -35.03
CA TYR C 244 8.33 21.05 -35.97
C TYR C 244 9.30 20.13 -35.22
N THR C 245 9.75 20.57 -34.02
CA THR C 245 10.65 19.81 -33.14
C THR C 245 9.94 18.61 -32.54
N SER C 246 8.80 18.84 -31.86
CA SER C 246 8.04 17.81 -31.17
C SER C 246 7.60 16.66 -32.07
N ASN C 247 7.19 16.97 -33.32
CA ASN C 247 6.76 15.96 -34.28
C ASN C 247 7.87 14.98 -34.70
N ILE C 248 9.15 15.40 -34.57
CA ILE C 248 10.29 14.57 -34.99
C ILE C 248 11.07 14.01 -33.81
N LEU C 249 11.38 14.85 -32.83
CA LEU C 249 12.12 14.46 -31.64
C LEU C 249 11.41 13.37 -30.83
N PRO C 250 12.17 12.51 -30.12
CA PRO C 250 11.55 11.41 -29.38
C PRO C 250 10.78 11.91 -28.17
N ARG C 251 9.68 11.20 -27.83
CA ARG C 251 8.86 11.54 -26.69
C ARG C 251 9.52 11.05 -25.42
N LEU C 252 9.60 11.94 -24.42
CA LEU C 252 10.26 11.68 -23.14
C LEU C 252 9.46 12.25 -21.97
N PRO C 253 9.72 11.78 -20.72
CA PRO C 253 9.04 12.38 -19.57
C PRO C 253 9.76 13.59 -18.99
N TYR C 254 10.81 14.08 -19.68
CA TYR C 254 11.62 15.22 -19.24
C TYR C 254 12.08 16.06 -20.42
N THR C 255 12.61 17.24 -20.14
CA THR C 255 13.09 18.14 -21.18
C THR C 255 14.52 17.80 -21.57
N THR C 256 14.85 18.03 -22.85
CA THR C 256 16.18 17.80 -23.40
C THR C 256 16.86 19.17 -23.56
N VAL C 257 18.00 19.20 -24.25
CA VAL C 257 18.74 20.42 -24.53
C VAL C 257 17.93 21.30 -25.50
N ILE C 258 17.40 20.67 -26.58
CA ILE C 258 16.57 21.35 -27.60
C ILE C 258 15.31 21.93 -26.98
N ASP C 259 14.66 21.16 -26.09
CA ASP C 259 13.44 21.60 -25.40
C ASP C 259 13.70 22.88 -24.63
N GLN C 260 14.82 22.94 -23.89
CA GLN C 260 15.22 24.10 -23.10
C GLN C 260 15.48 25.31 -23.98
N MET C 261 16.09 25.11 -25.16
CA MET C 261 16.34 26.17 -26.13
C MET C 261 15.01 26.79 -26.59
N ILE C 262 13.99 25.95 -26.89
CA ILE C 262 12.66 26.40 -27.29
C ILE C 262 12.03 27.23 -26.16
N ILE C 263 12.20 26.77 -24.89
CA ILE C 263 11.69 27.47 -23.69
C ILE C 263 12.39 28.82 -23.54
N ALA C 264 13.71 28.84 -23.80
CA ALA C 264 14.52 30.06 -23.77
C ALA C 264 14.03 31.05 -24.84
N GLY C 265 13.62 30.52 -25.99
CA GLY C 265 13.06 31.32 -27.08
C GLY C 265 11.79 32.02 -26.65
N TYR C 266 10.91 31.30 -25.93
CA TYR C 266 9.66 31.85 -25.40
C TYR C 266 9.94 32.95 -24.40
N GLY C 267 10.90 32.70 -23.50
CA GLY C 267 11.34 33.64 -22.47
C GLY C 267 11.93 34.92 -23.04
N SER C 268 12.82 34.79 -24.04
CA SER C 268 13.46 35.93 -24.72
C SER C 268 12.44 36.85 -25.36
N ILE C 269 11.53 36.27 -26.17
CA ILE C 269 10.48 37.02 -26.86
C ILE C 269 9.56 37.70 -25.86
N PHE C 270 9.14 36.94 -24.81
CA PHE C 270 8.27 37.46 -23.76
C PHE C 270 8.91 38.59 -22.97
N ALA C 271 10.22 38.46 -22.65
CA ALA C 271 11.02 39.47 -21.94
C ALA C 271 11.14 40.74 -22.78
N ALA C 272 11.30 40.58 -24.12
CA ALA C 272 11.37 41.69 -25.07
C ALA C 272 10.04 42.44 -25.13
N ILE C 273 8.90 41.71 -25.09
CA ILE C 273 7.55 42.30 -25.09
C ILE C 273 7.38 43.21 -23.89
N LEU C 274 7.86 42.77 -22.72
CA LEU C 274 7.79 43.55 -21.48
C LEU C 274 8.64 44.81 -21.58
N LEU C 275 9.84 44.69 -22.17
CA LEU C 275 10.78 45.80 -22.37
C LEU C 275 10.25 46.81 -23.36
N ILE C 276 9.62 46.33 -24.46
CA ILE C 276 9.03 47.19 -25.50
C ILE C 276 7.90 48.05 -24.91
N ILE C 277 7.07 47.46 -24.04
CA ILE C 277 5.95 48.17 -23.41
C ILE C 277 6.47 49.11 -22.33
N PHE C 278 7.44 48.63 -21.52
CA PHE C 278 8.03 49.41 -20.44
C PHE C 278 8.69 50.68 -20.95
N ALA C 279 9.46 50.59 -22.05
CA ALA C 279 10.16 51.73 -22.65
C ALA C 279 9.20 52.79 -23.19
N HIS C 280 8.05 52.38 -23.75
CA HIS C 280 7.07 53.28 -24.36
C HIS C 280 6.04 53.88 -23.39
N HIS C 281 5.85 53.29 -22.20
CA HIS C 281 4.85 53.77 -21.25
C HIS C 281 5.41 54.28 -19.92
N ARG C 282 6.70 54.07 -19.64
CA ARG C 282 7.35 54.55 -18.43
C ARG C 282 8.38 55.61 -18.78
N GLN C 283 7.96 56.87 -18.73
CA GLN C 283 8.77 58.04 -19.05
C GLN C 283 8.12 59.30 -18.49
N ALA C 284 8.80 60.44 -18.69
CA ALA C 284 8.31 61.74 -18.26
C ALA C 284 7.23 62.23 -19.21
N ASN C 285 7.41 62.01 -20.54
CA ASN C 285 6.45 62.40 -21.57
C ASN C 285 5.40 61.29 -21.81
N GLY C 286 4.60 61.45 -22.87
CA GLY C 286 3.58 60.48 -23.25
C GLY C 286 4.19 59.38 -24.10
N VAL C 287 5.12 59.78 -25.00
CA VAL C 287 5.84 58.88 -25.89
C VAL C 287 7.31 59.30 -25.95
N GLU C 288 8.11 58.72 -25.05
CA GLU C 288 9.55 58.98 -24.97
C GLU C 288 10.26 57.68 -24.66
N ASP C 289 10.75 57.00 -25.71
CA ASP C 289 11.46 55.74 -25.61
C ASP C 289 12.80 55.93 -24.96
N ASP C 290 13.04 55.19 -23.87
CA ASP C 290 14.27 55.26 -23.10
C ASP C 290 15.43 54.96 -24.02
N LEU C 291 16.42 55.87 -24.05
CA LEU C 291 17.61 55.77 -24.90
C LEU C 291 18.36 54.47 -24.71
N LEU C 292 18.61 54.03 -23.46
CA LEU C 292 19.32 52.79 -23.17
C LEU C 292 18.50 51.55 -23.45
N ILE C 293 17.22 51.54 -23.01
CA ILE C 293 16.29 50.42 -23.18
C ILE C 293 16.06 50.11 -24.64
N GLN C 294 15.78 51.10 -25.47
CA GLN C 294 15.57 50.82 -26.88
C GLN C 294 16.87 50.47 -27.60
N ARG C 295 18.00 50.93 -27.05
CA ARG C 295 19.30 50.59 -27.61
C ARG C 295 19.92 49.42 -26.87
N CYS C 296 19.07 48.49 -26.39
CA CYS C 296 19.50 47.25 -25.74
C CYS C 296 19.77 46.18 -26.81
N ARG C 297 19.91 46.62 -28.08
CA ARG C 297 20.18 45.78 -29.23
C ARG C 297 21.43 44.91 -29.00
N LEU C 298 22.34 45.37 -28.11
CA LEU C 298 23.54 44.65 -27.71
C LEU C 298 23.41 44.03 -26.31
N ALA C 299 22.66 44.67 -25.40
CA ALA C 299 22.49 44.18 -24.04
C ALA C 299 21.60 42.94 -23.93
N PHE C 300 20.54 42.88 -24.76
CA PHE C 300 19.63 41.76 -24.80
C PHE C 300 20.30 40.46 -25.26
N PRO C 301 21.04 40.43 -26.41
CA PRO C 301 21.72 39.19 -26.81
C PRO C 301 22.74 38.73 -25.78
N LEU C 302 23.54 39.65 -25.19
CA LEU C 302 24.54 39.29 -24.17
C LEU C 302 23.89 38.74 -22.88
N GLY C 303 22.74 39.30 -22.51
CA GLY C 303 21.97 38.86 -21.34
C GLY C 303 21.42 37.46 -21.54
N PHE C 304 21.01 37.17 -22.79
CA PHE C 304 20.50 35.86 -23.17
C PHE C 304 21.65 34.84 -23.18
N LEU C 305 22.79 35.22 -23.80
CA LEU C 305 23.97 34.38 -23.88
C LEU C 305 24.50 34.08 -22.52
N ALA C 306 24.45 35.05 -21.56
CA ALA C 306 24.87 34.87 -20.17
C ALA C 306 24.06 33.78 -19.52
N ILE C 307 22.70 33.84 -19.62
CA ILE C 307 21.79 32.82 -19.08
C ILE C 307 22.06 31.47 -19.77
N GLY C 308 22.34 31.53 -21.08
CA GLY C 308 22.60 30.38 -21.91
C GLY C 308 23.83 29.61 -21.49
N CYS C 309 24.88 30.34 -21.11
CA CYS C 309 26.17 29.79 -20.73
C CYS C 309 26.12 29.05 -19.44
N VAL C 310 25.29 29.54 -18.50
CA VAL C 310 25.25 28.85 -17.22
C VAL C 310 24.39 27.59 -17.31
N LEU C 311 23.41 27.60 -18.22
CA LEU C 311 22.54 26.47 -18.41
C LEU C 311 23.26 25.41 -19.27
N ALA D 5 34.45 -38.36 -48.17
CA ALA D 5 33.08 -37.88 -48.30
C ALA D 5 33.06 -36.44 -48.76
N ARG D 6 32.80 -36.26 -50.05
CA ARG D 6 32.74 -34.95 -50.67
C ARG D 6 31.53 -34.15 -50.12
N PRO D 7 31.62 -32.81 -50.13
CA PRO D 7 30.49 -32.00 -49.67
C PRO D 7 29.24 -32.23 -50.52
N VAL D 8 28.07 -32.07 -49.90
CA VAL D 8 26.79 -32.21 -50.59
C VAL D 8 26.58 -30.96 -51.43
N ASP D 9 26.50 -31.14 -52.76
CA ASP D 9 26.30 -30.01 -53.66
C ASP D 9 24.85 -29.62 -53.67
N VAL D 10 24.59 -28.35 -53.36
CA VAL D 10 23.24 -27.81 -53.28
C VAL D 10 23.06 -26.74 -54.35
N SER D 11 22.10 -26.95 -55.25
CA SER D 11 21.78 -25.98 -56.31
C SER D 11 20.60 -25.16 -55.81
N VAL D 12 20.78 -23.84 -55.75
CA VAL D 12 19.77 -22.92 -55.24
C VAL D 12 19.20 -22.05 -56.36
N SER D 13 17.90 -21.75 -56.26
CA SER D 13 17.19 -20.87 -57.18
C SER D 13 16.24 -20.00 -56.35
N ILE D 14 16.40 -18.67 -56.42
CA ILE D 14 15.59 -17.71 -55.69
C ILE D 14 14.74 -16.89 -56.65
N PHE D 15 13.45 -16.83 -56.41
CA PHE D 15 12.51 -16.06 -57.23
C PHE D 15 12.00 -14.91 -56.41
N ILE D 16 12.29 -13.68 -56.84
CA ILE D 16 11.88 -12.46 -56.16
C ILE D 16 10.58 -11.96 -56.74
N ASN D 17 9.53 -11.91 -55.92
CA ASN D 17 8.22 -11.46 -56.34
C ASN D 17 7.99 -9.99 -56.03
N LYS D 18 8.51 -9.52 -54.89
CA LYS D 18 8.28 -8.16 -54.43
C LYS D 18 9.36 -7.69 -53.46
N ILE D 19 9.79 -6.44 -53.62
CA ILE D 19 10.73 -5.77 -52.72
C ILE D 19 10.04 -4.48 -52.34
N TYR D 20 9.74 -4.33 -51.05
CA TYR D 20 8.99 -3.19 -50.54
C TYR D 20 9.28 -2.98 -49.06
N GLY D 21 8.54 -2.07 -48.43
CA GLY D 21 8.63 -1.77 -47.01
C GLY D 21 10.00 -1.36 -46.54
N VAL D 22 10.64 -0.42 -47.28
CA VAL D 22 11.96 0.10 -46.90
C VAL D 22 11.82 0.93 -45.65
N ASN D 23 12.57 0.56 -44.61
CA ASN D 23 12.58 1.31 -43.35
C ASN D 23 13.93 1.96 -43.29
N THR D 24 13.94 3.27 -43.51
CA THR D 24 15.14 4.11 -43.53
C THR D 24 15.98 4.03 -42.28
N LEU D 25 15.37 4.28 -41.10
CA LEU D 25 16.10 4.26 -39.83
C LEU D 25 16.63 2.89 -39.44
N GLU D 26 15.85 1.83 -39.71
CA GLU D 26 16.28 0.46 -39.40
C GLU D 26 17.19 -0.12 -40.47
N GLN D 27 17.23 0.50 -41.68
CA GLN D 27 18.00 0.03 -42.84
C GLN D 27 17.55 -1.38 -43.18
N THR D 28 16.22 -1.57 -43.31
CA THR D 28 15.57 -2.85 -43.57
C THR D 28 14.67 -2.71 -44.79
N TYR D 29 14.34 -3.85 -45.39
CA TYR D 29 13.47 -3.94 -46.55
C TYR D 29 12.87 -5.34 -46.58
N LYS D 30 11.62 -5.43 -47.01
CA LYS D 30 10.89 -6.69 -47.09
C LYS D 30 11.04 -7.30 -48.46
N VAL D 31 11.17 -8.63 -48.50
CA VAL D 31 11.33 -9.39 -49.73
C VAL D 31 10.39 -10.60 -49.72
N ASP D 32 9.51 -10.70 -50.73
CA ASP D 32 8.61 -11.84 -50.89
C ASP D 32 9.11 -12.62 -52.09
N GLY D 33 9.17 -13.92 -51.94
CA GLY D 33 9.63 -14.78 -53.02
C GLY D 33 9.63 -16.24 -52.68
N TYR D 34 10.23 -17.03 -53.57
CA TYR D 34 10.36 -18.46 -53.39
C TYR D 34 11.84 -18.82 -53.32
N ILE D 35 12.14 -19.92 -52.62
CA ILE D 35 13.48 -20.46 -52.49
C ILE D 35 13.43 -21.93 -52.88
N VAL D 36 14.27 -22.31 -53.83
CA VAL D 36 14.35 -23.69 -54.30
C VAL D 36 15.75 -24.20 -54.04
N ALA D 37 15.87 -25.35 -53.38
CA ALA D 37 17.16 -25.97 -53.08
C ALA D 37 17.12 -27.42 -53.51
N GLN D 38 18.11 -27.83 -54.31
CA GLN D 38 18.20 -29.19 -54.83
C GLN D 38 19.53 -29.82 -54.49
N TRP D 39 19.49 -31.05 -53.97
CA TRP D 39 20.68 -31.84 -53.67
C TRP D 39 20.36 -33.30 -53.92
N THR D 40 21.40 -34.13 -54.02
CA THR D 40 21.24 -35.55 -54.26
C THR D 40 21.65 -36.32 -53.02
N GLY D 41 20.74 -37.15 -52.53
CA GLY D 41 20.98 -37.99 -51.38
C GLY D 41 20.96 -39.45 -51.76
N LYS D 42 20.71 -40.32 -50.77
CA LYS D 42 20.65 -41.75 -51.01
C LYS D 42 19.37 -42.11 -51.77
N PRO D 43 19.45 -42.96 -52.84
CA PRO D 43 18.23 -43.35 -53.58
C PRO D 43 17.12 -43.88 -52.68
N ARG D 44 15.89 -43.72 -53.15
CA ARG D 44 14.73 -44.16 -52.41
C ARG D 44 13.79 -44.94 -53.30
N LYS D 45 12.83 -45.63 -52.69
CA LYS D 45 11.87 -46.37 -53.48
C LYS D 45 10.57 -45.60 -53.41
N THR D 46 10.45 -44.53 -54.18
CA THR D 46 9.25 -43.69 -54.20
C THR D 46 8.05 -44.50 -54.65
N PRO D 47 6.86 -44.26 -54.10
CA PRO D 47 5.74 -45.13 -54.46
C PRO D 47 5.39 -45.04 -55.94
N GLY D 48 5.55 -46.16 -56.63
CA GLY D 48 5.28 -46.23 -58.06
C GLY D 48 6.42 -45.71 -58.90
N ASP D 49 7.65 -45.61 -58.30
CA ASP D 49 8.89 -45.16 -58.92
C ASP D 49 8.74 -43.81 -59.66
N LYS D 50 7.86 -42.94 -59.12
CA LYS D 50 7.61 -41.63 -59.71
C LYS D 50 7.95 -40.59 -58.65
N PRO D 51 8.39 -39.34 -58.98
CA PRO D 51 8.66 -38.36 -57.91
C PRO D 51 7.53 -38.20 -56.91
N LEU D 52 7.88 -38.17 -55.62
CA LEU D 52 6.93 -38.05 -54.54
C LEU D 52 6.90 -36.63 -53.99
N ILE D 53 5.71 -36.04 -53.91
CA ILE D 53 5.49 -34.71 -53.39
C ILE D 53 5.08 -34.79 -51.92
N VAL D 54 5.81 -34.09 -51.05
CA VAL D 54 5.56 -34.02 -49.61
C VAL D 54 5.33 -32.55 -49.29
N GLU D 55 4.11 -32.21 -48.88
CA GLU D 55 3.74 -30.83 -48.63
C GLU D 55 3.58 -30.51 -47.16
N ASN D 56 4.03 -29.30 -46.81
CA ASN D 56 3.90 -28.63 -45.52
C ASN D 56 4.09 -29.54 -44.31
N THR D 57 3.02 -29.80 -43.52
CA THR D 57 3.01 -30.60 -42.29
C THR D 57 3.78 -31.93 -42.42
N GLN D 58 3.66 -32.59 -43.57
CA GLN D 58 4.30 -33.88 -43.84
C GLN D 58 5.82 -33.81 -43.91
N ILE D 59 6.38 -32.64 -44.22
CA ILE D 59 7.84 -32.49 -44.31
C ILE D 59 8.51 -32.83 -42.97
N GLU D 60 7.95 -32.32 -41.86
CA GLU D 60 8.46 -32.54 -40.51
C GLU D 60 8.42 -34.01 -40.12
N ARG D 61 7.38 -34.75 -40.59
CA ARG D 61 7.23 -36.18 -40.33
C ARG D 61 8.36 -36.99 -40.95
N TRP D 62 8.79 -36.63 -42.18
CA TRP D 62 9.91 -37.27 -42.88
C TRP D 62 11.23 -37.01 -42.19
N ILE D 63 11.42 -35.79 -41.63
CA ILE D 63 12.62 -35.40 -40.88
C ILE D 63 12.74 -36.25 -39.61
N ASN D 64 11.61 -36.46 -38.89
CA ASN D 64 11.53 -37.29 -37.68
C ASN D 64 11.92 -38.73 -37.97
N ASN D 65 11.68 -39.18 -39.21
CA ASN D 65 12.02 -40.53 -39.65
C ASN D 65 13.48 -40.66 -40.17
N GLY D 66 14.23 -39.57 -40.24
CA GLY D 66 15.63 -39.62 -40.68
C GLY D 66 15.99 -38.86 -41.93
N LEU D 67 15.02 -38.24 -42.63
CA LEU D 67 15.32 -37.47 -43.84
C LEU D 67 16.16 -36.26 -43.51
N TRP D 68 17.27 -36.12 -44.21
CA TRP D 68 18.22 -35.04 -44.02
C TRP D 68 17.78 -33.81 -44.83
N VAL D 69 17.29 -32.79 -44.12
CA VAL D 69 16.85 -31.52 -44.70
C VAL D 69 17.65 -30.44 -43.95
N PRO D 70 18.78 -29.98 -44.52
CA PRO D 70 19.60 -28.99 -43.80
C PRO D 70 18.93 -27.63 -43.68
N ALA D 71 19.20 -26.94 -42.56
CA ALA D 71 18.65 -25.63 -42.32
C ALA D 71 19.51 -24.59 -42.99
N LEU D 72 18.92 -23.83 -43.91
CA LEU D 72 19.60 -22.76 -44.63
C LEU D 72 19.13 -21.45 -44.04
N GLU D 73 20.07 -20.69 -43.47
CA GLU D 73 19.76 -19.45 -42.80
C GLU D 73 20.01 -18.22 -43.67
N PHE D 74 19.10 -17.24 -43.58
CA PHE D 74 19.28 -15.96 -44.23
C PHE D 74 20.08 -15.16 -43.23
N ILE D 75 21.37 -14.95 -43.53
CA ILE D 75 22.31 -14.25 -42.65
C ILE D 75 21.82 -12.86 -42.25
N ASN D 76 21.32 -12.09 -43.23
CA ASN D 76 20.89 -10.71 -43.07
C ASN D 76 19.38 -10.51 -42.84
N VAL D 77 18.67 -11.55 -42.41
CA VAL D 77 17.23 -11.42 -42.12
C VAL D 77 17.05 -10.88 -40.70
N VAL D 78 16.09 -9.97 -40.51
CA VAL D 78 15.74 -9.39 -39.22
C VAL D 78 14.53 -10.19 -38.69
N GLY D 79 14.84 -11.12 -37.79
CA GLY D 79 13.90 -12.07 -37.19
C GLY D 79 13.55 -13.20 -38.12
N SER D 80 12.92 -14.26 -37.59
CA SER D 80 12.50 -15.44 -38.36
C SER D 80 11.58 -15.03 -39.53
N PRO D 81 11.89 -15.41 -40.80
CA PRO D 81 11.01 -15.03 -41.91
C PRO D 81 9.69 -15.80 -41.90
N ASP D 82 8.69 -15.24 -42.58
CA ASP D 82 7.38 -15.85 -42.67
C ASP D 82 7.38 -16.84 -43.82
N THR D 83 7.39 -18.13 -43.48
CA THR D 83 7.38 -19.19 -44.48
C THR D 83 5.96 -19.61 -44.80
N GLY D 84 5.60 -19.51 -46.09
CA GLY D 84 4.30 -19.92 -46.59
C GLY D 84 4.27 -21.42 -46.83
N ASN D 85 3.76 -21.84 -47.99
CA ASN D 85 3.70 -23.24 -48.36
C ASN D 85 5.08 -23.83 -48.56
N LYS D 86 5.27 -25.05 -48.09
CA LYS D 86 6.53 -25.76 -48.21
C LYS D 86 6.28 -27.03 -48.99
N ARG D 87 7.32 -27.56 -49.66
CA ARG D 87 7.22 -28.76 -50.47
C ARG D 87 8.57 -29.45 -50.62
N LEU D 88 8.56 -30.79 -50.61
CA LEU D 88 9.71 -31.65 -50.84
C LEU D 88 9.36 -32.58 -51.99
N MET D 89 10.19 -32.57 -53.05
CA MET D 89 10.00 -33.45 -54.18
C MET D 89 11.09 -34.49 -54.10
N LEU D 90 10.72 -35.71 -53.69
CA LEU D 90 11.65 -36.82 -53.51
C LEU D 90 11.65 -37.73 -54.72
N PHE D 91 12.79 -37.81 -55.40
CA PHE D 91 12.97 -38.61 -56.59
C PHE D 91 13.53 -39.98 -56.24
N PRO D 92 13.28 -41.04 -57.06
CA PRO D 92 13.81 -42.38 -56.73
C PRO D 92 15.32 -42.49 -56.75
N ASP D 93 15.97 -41.72 -57.64
CA ASP D 93 17.43 -41.71 -57.79
C ASP D 93 18.15 -41.09 -56.57
N GLY D 94 17.39 -40.47 -55.67
CA GLY D 94 17.90 -39.87 -54.43
C GLY D 94 17.88 -38.36 -54.37
N ARG D 95 17.66 -37.70 -55.52
CA ARG D 95 17.66 -36.24 -55.53
C ARG D 95 16.41 -35.69 -54.88
N VAL D 96 16.63 -34.65 -54.05
CA VAL D 96 15.64 -33.95 -53.25
C VAL D 96 15.55 -32.50 -53.69
N ILE D 97 14.33 -31.99 -53.86
CA ILE D 97 14.06 -30.61 -54.22
C ILE D 97 13.15 -29.98 -53.16
N TYR D 98 13.67 -28.98 -52.45
CA TYR D 98 12.93 -28.26 -51.43
C TYR D 98 12.47 -26.95 -52.03
N ASN D 99 11.17 -26.68 -51.96
CA ASN D 99 10.58 -25.45 -52.46
C ASN D 99 9.68 -24.85 -51.39
N ALA D 100 9.87 -23.55 -51.13
CA ALA D 100 9.10 -22.85 -50.12
C ALA D 100 8.92 -21.38 -50.44
N ARG D 101 7.75 -20.85 -50.11
CA ARG D 101 7.44 -19.44 -50.27
C ARG D 101 7.91 -18.76 -48.99
N PHE D 102 8.46 -17.54 -49.10
CA PHE D 102 8.95 -16.82 -47.93
C PHE D 102 8.70 -15.34 -48.06
N LEU D 103 8.58 -14.68 -46.90
CA LEU D 103 8.48 -13.24 -46.78
C LEU D 103 9.35 -12.88 -45.57
N GLY D 104 10.42 -12.14 -45.81
CA GLY D 104 11.34 -11.76 -44.75
C GLY D 104 11.74 -10.30 -44.81
N SER D 105 12.11 -9.76 -43.65
CA SER D 105 12.60 -8.40 -43.54
C SER D 105 14.11 -8.51 -43.48
N PHE D 106 14.80 -7.99 -44.49
CA PHE D 106 16.25 -8.08 -44.60
C PHE D 106 16.93 -6.76 -44.31
N SER D 107 18.18 -6.85 -43.85
CA SER D 107 18.98 -5.69 -43.51
C SER D 107 20.21 -5.59 -44.42
N ASN D 108 20.68 -4.37 -44.63
CA ASN D 108 21.85 -4.03 -45.43
C ASN D 108 22.21 -2.58 -45.17
N ASP D 109 23.50 -2.24 -45.32
CA ASP D 109 23.95 -0.87 -45.15
C ASP D 109 23.38 -0.03 -46.27
N MET D 110 22.53 0.94 -45.90
CA MET D 110 21.85 1.81 -46.84
C MET D 110 22.16 3.26 -46.54
N ASP D 111 22.58 3.98 -47.58
CA ASP D 111 22.92 5.39 -47.48
C ASP D 111 21.89 6.22 -48.23
N PHE D 112 21.14 7.04 -47.48
CA PHE D 112 20.08 7.89 -48.01
C PHE D 112 20.47 9.36 -48.06
N ARG D 113 21.78 9.66 -48.02
CA ARG D 113 22.26 11.05 -48.07
C ARG D 113 21.90 11.78 -49.35
N LEU D 114 21.81 11.03 -50.46
CA LEU D 114 21.46 11.59 -51.77
C LEU D 114 19.96 11.65 -52.03
N PHE D 115 19.13 11.41 -50.99
CA PHE D 115 17.66 11.44 -51.10
C PHE D 115 17.22 12.77 -51.69
N PRO D 116 16.23 12.80 -52.63
CA PRO D 116 15.44 11.69 -53.19
C PRO D 116 16.04 11.01 -54.42
N PHE D 117 17.36 11.19 -54.64
CA PHE D 117 18.10 10.67 -55.80
C PHE D 117 19.09 9.58 -55.42
N ASP D 118 18.81 8.89 -54.31
CA ASP D 118 19.64 7.81 -53.79
C ASP D 118 19.44 6.53 -54.60
N ARG D 119 20.51 5.73 -54.68
CA ARG D 119 20.53 4.44 -55.36
C ARG D 119 20.92 3.40 -54.33
N GLN D 120 20.08 2.37 -54.18
CA GLN D 120 20.29 1.31 -53.20
C GLN D 120 20.40 -0.04 -53.87
N GLN D 121 20.96 -1.00 -53.14
CA GLN D 121 21.07 -2.36 -53.59
C GLN D 121 20.51 -3.30 -52.52
N PHE D 122 19.46 -4.03 -52.88
CA PHE D 122 18.83 -4.98 -51.98
C PHE D 122 19.58 -6.29 -52.04
N VAL D 123 20.11 -6.71 -50.89
CA VAL D 123 20.96 -7.90 -50.75
C VAL D 123 20.28 -9.05 -49.99
N LEU D 124 20.57 -10.28 -50.40
CA LEU D 124 20.12 -11.48 -49.73
C LEU D 124 21.36 -12.32 -49.49
N GLU D 125 21.61 -12.71 -48.23
CA GLU D 125 22.76 -13.52 -47.90
C GLU D 125 22.27 -14.84 -47.34
N LEU D 126 22.55 -15.93 -48.05
CA LEU D 126 22.13 -17.27 -47.66
C LEU D 126 23.33 -18.09 -47.26
N GLU D 127 23.16 -18.99 -46.30
CA GLU D 127 24.25 -19.82 -45.80
C GLU D 127 23.70 -20.96 -44.95
N PRO D 128 24.30 -22.17 -45.01
CA PRO D 128 23.86 -23.26 -44.13
C PRO D 128 24.10 -22.88 -42.68
N PHE D 129 23.16 -23.26 -41.80
CA PHE D 129 23.23 -22.93 -40.40
C PHE D 129 24.21 -23.78 -39.59
N SER D 130 24.44 -25.03 -40.01
CA SER D 130 25.25 -25.95 -39.22
C SER D 130 26.31 -26.71 -39.99
N TYR D 131 26.21 -26.74 -41.31
CA TYR D 131 27.13 -27.50 -42.14
C TYR D 131 28.10 -26.62 -42.90
N ASN D 132 29.39 -26.86 -42.68
CA ASN D 132 30.47 -26.12 -43.34
C ASN D 132 30.58 -26.55 -44.81
N ASN D 133 31.46 -25.89 -45.58
CA ASN D 133 31.68 -26.18 -47.00
C ASN D 133 32.30 -27.56 -47.25
N GLN D 134 32.81 -28.24 -46.21
CA GLN D 134 33.36 -29.59 -46.35
C GLN D 134 32.20 -30.60 -46.28
N GLN D 135 31.05 -30.17 -45.72
CA GLN D 135 29.86 -31.00 -45.55
C GLN D 135 28.76 -30.64 -46.55
N LEU D 136 28.53 -29.32 -46.76
CA LEU D 136 27.51 -28.78 -47.67
C LEU D 136 28.08 -27.57 -48.42
N ARG D 137 28.03 -27.63 -49.76
CA ARG D 137 28.55 -26.59 -50.64
C ARG D 137 27.51 -26.15 -51.63
N PHE D 138 27.46 -24.84 -51.91
CA PHE D 138 26.53 -24.30 -52.90
C PHE D 138 27.18 -24.43 -54.28
N SER D 139 26.57 -25.22 -55.17
CA SER D 139 27.12 -25.49 -56.50
C SER D 139 26.84 -24.35 -57.47
N ASP D 140 25.62 -23.81 -57.44
CA ASP D 140 25.21 -22.71 -58.31
C ASP D 140 24.01 -21.97 -57.73
N ILE D 141 23.82 -20.74 -58.20
CA ILE D 141 22.72 -19.87 -57.79
C ILE D 141 22.08 -19.23 -59.01
N GLN D 142 20.75 -19.23 -59.03
CA GLN D 142 19.98 -18.60 -60.09
C GLN D 142 18.93 -17.70 -59.48
N VAL D 143 18.94 -16.42 -59.86
CA VAL D 143 17.96 -15.44 -59.35
C VAL D 143 17.07 -14.96 -60.48
N TYR D 144 15.76 -14.95 -60.24
CA TYR D 144 14.78 -14.54 -61.23
C TYR D 144 13.92 -13.39 -60.72
N THR D 145 14.07 -12.21 -61.34
CA THR D 145 13.33 -10.98 -60.99
C THR D 145 12.40 -10.59 -62.16
N ASN D 150 5.65 -1.22 -66.69
CA ASN D 150 4.90 -0.28 -65.85
C ASN D 150 5.74 0.22 -64.65
N GLU D 151 6.96 0.73 -64.90
CA GLU D 151 7.88 1.22 -63.85
C GLU D 151 7.50 2.58 -63.23
N GLU D 152 6.69 3.39 -63.96
CA GLU D 152 6.22 4.70 -63.53
C GLU D 152 5.39 4.67 -62.24
N ILE D 153 4.68 3.55 -62.00
CA ILE D 153 3.82 3.35 -60.83
C ILE D 153 4.61 2.91 -59.59
N ASP D 154 5.76 2.27 -59.80
CA ASP D 154 6.57 1.75 -58.70
C ASP D 154 7.39 2.82 -57.99
N GLU D 155 7.56 2.65 -56.67
CA GLU D 155 8.35 3.56 -55.84
C GLU D 155 9.84 3.41 -56.14
N TRP D 156 10.26 2.17 -56.42
CA TRP D 156 11.64 1.85 -56.75
C TRP D 156 11.75 1.30 -58.16
N TRP D 157 12.83 1.65 -58.86
CA TRP D 157 13.07 1.19 -60.21
C TRP D 157 14.23 0.23 -60.19
N ILE D 158 13.96 -1.05 -60.45
CA ILE D 158 14.98 -2.10 -60.47
C ILE D 158 15.75 -1.91 -61.76
N ARG D 159 17.07 -1.75 -61.64
CA ARG D 159 17.90 -1.49 -62.81
C ARG D 159 18.20 -2.74 -63.67
N GLY D 160 19.14 -3.56 -63.24
CA GLY D 160 19.54 -4.75 -63.99
C GLY D 160 19.18 -6.04 -63.29
N LYS D 161 19.43 -7.18 -63.99
CA LYS D 161 19.21 -8.53 -63.49
C LYS D 161 20.05 -8.71 -62.25
N ALA D 162 19.54 -9.46 -61.27
CA ALA D 162 20.24 -9.65 -60.01
C ALA D 162 21.66 -10.19 -60.20
N SER D 163 22.57 -9.67 -59.37
CA SER D 163 23.95 -10.09 -59.31
C SER D 163 24.01 -11.22 -58.31
N THR D 164 24.85 -12.21 -58.57
CA THR D 164 25.00 -13.38 -57.72
C THR D 164 26.46 -13.71 -57.55
N HIS D 165 26.80 -14.27 -56.39
CA HIS D 165 28.16 -14.69 -56.09
C HIS D 165 28.15 -15.72 -54.97
N ILE D 166 28.94 -16.77 -55.15
CA ILE D 166 29.11 -17.84 -54.17
C ILE D 166 30.51 -17.68 -53.63
N SER D 167 30.61 -17.38 -52.33
CA SER D 167 31.88 -17.17 -51.66
C SER D 167 32.03 -18.16 -50.51
N ASP D 168 33.14 -18.06 -49.78
CA ASP D 168 33.41 -18.88 -48.63
C ASP D 168 33.75 -17.98 -47.45
N ILE D 169 32.95 -18.08 -46.38
CA ILE D 169 33.10 -17.27 -45.18
C ILE D 169 33.90 -18.02 -44.16
N ARG D 170 35.03 -17.44 -43.76
CA ARG D 170 35.93 -18.00 -42.77
C ARG D 170 35.63 -17.35 -41.42
N TYR D 171 35.22 -18.18 -40.47
CA TYR D 171 34.89 -17.74 -39.11
C TYR D 171 36.15 -17.89 -38.30
N ASP D 172 36.76 -16.76 -37.91
CA ASP D 172 38.02 -16.72 -37.17
C ASP D 172 37.84 -17.12 -35.73
N HIS D 173 36.83 -16.54 -35.05
CA HIS D 173 36.56 -16.80 -33.63
C HIS D 173 35.58 -17.95 -33.45
N LEU D 174 36.05 -19.17 -33.74
CA LEU D 174 35.26 -20.39 -33.61
C LEU D 174 35.15 -20.80 -32.14
N PRO D 179 41.30 -28.34 -37.11
CA PRO D 179 41.25 -28.65 -38.54
C PRO D 179 41.01 -27.40 -39.40
N ASN D 180 40.56 -27.60 -40.65
CA ASN D 180 40.16 -26.51 -41.54
C ASN D 180 38.71 -26.73 -42.01
N GLN D 181 37.80 -26.73 -41.03
CA GLN D 181 36.37 -26.88 -41.28
C GLN D 181 35.61 -25.65 -40.78
N ASN D 182 36.23 -24.47 -40.90
CA ASN D 182 35.73 -23.16 -40.44
C ASN D 182 35.17 -22.27 -41.56
N GLU D 183 35.04 -22.85 -42.75
CA GLU D 183 34.54 -22.14 -43.90
C GLU D 183 33.13 -22.59 -44.24
N PHE D 184 32.24 -21.63 -44.51
CA PHE D 184 30.87 -21.91 -44.89
C PHE D 184 30.60 -21.29 -46.25
N SER D 185 29.84 -22.02 -47.09
CA SER D 185 29.50 -21.51 -48.41
C SER D 185 28.36 -20.53 -48.27
N ARG D 186 28.52 -19.34 -48.85
CA ARG D 186 27.52 -18.29 -48.75
C ARG D 186 27.11 -17.80 -50.11
N ILE D 187 25.80 -17.78 -50.36
CA ILE D 187 25.24 -17.20 -51.57
C ILE D 187 24.95 -15.74 -51.24
N THR D 188 25.29 -14.85 -52.17
CA THR D 188 25.03 -13.43 -52.02
C THR D 188 24.36 -12.93 -53.28
N VAL D 189 23.17 -12.35 -53.12
CA VAL D 189 22.38 -11.78 -54.20
C VAL D 189 22.31 -10.27 -54.00
N ARG D 190 22.46 -9.48 -55.07
CA ARG D 190 22.40 -8.02 -55.03
C ARG D 190 21.53 -7.50 -56.15
N ILE D 191 20.50 -6.72 -55.80
CA ILE D 191 19.55 -6.14 -56.75
C ILE D 191 19.65 -4.63 -56.66
N ASP D 192 20.18 -4.00 -57.71
CA ASP D 192 20.30 -2.54 -57.75
C ASP D 192 18.96 -1.90 -58.10
N ALA D 193 18.67 -0.79 -57.44
CA ALA D 193 17.44 -0.02 -57.62
C ALA D 193 17.67 1.45 -57.41
N VAL D 194 16.85 2.28 -58.07
CA VAL D 194 16.90 3.73 -57.96
C VAL D 194 15.53 4.22 -57.53
N ARG D 195 15.49 5.18 -56.61
CA ARG D 195 14.24 5.75 -56.12
C ARG D 195 13.56 6.56 -57.21
N ASN D 196 12.23 6.54 -57.25
CA ASN D 196 11.42 7.34 -58.17
C ASN D 196 11.31 8.75 -57.54
N PRO D 197 12.05 9.76 -58.07
CA PRO D 197 12.06 11.09 -57.46
C PRO D 197 10.97 12.06 -57.93
N SER D 198 10.08 11.62 -58.85
CA SER D 198 9.01 12.45 -59.44
C SER D 198 8.24 13.24 -58.40
N TYR D 199 7.66 12.55 -57.40
CA TYR D 199 6.87 13.20 -56.35
C TYR D 199 7.66 14.24 -55.57
N TYR D 200 8.87 13.89 -55.13
CA TYR D 200 9.71 14.79 -54.33
C TYR D 200 10.21 15.99 -55.12
N LEU D 201 10.39 15.84 -56.43
CA LEU D 201 10.84 16.94 -57.28
C LEU D 201 9.77 17.99 -57.45
N TRP D 202 8.55 17.57 -57.81
CA TRP D 202 7.43 18.46 -58.09
C TRP D 202 6.72 19.01 -56.84
N SER D 203 6.64 18.23 -55.74
CA SER D 203 5.93 18.63 -54.52
C SER D 203 6.81 19.10 -53.35
N PHE D 204 8.13 18.92 -53.45
CA PHE D 204 9.03 19.34 -52.39
C PHE D 204 10.14 20.26 -52.87
N ILE D 205 10.91 19.82 -53.89
CA ILE D 205 12.03 20.60 -54.41
C ILE D 205 11.55 21.86 -55.11
N LEU D 206 10.62 21.70 -56.08
CA LEU D 206 10.05 22.80 -56.85
C LEU D 206 9.40 23.86 -55.97
N PRO D 207 8.40 23.56 -55.08
CA PRO D 207 7.82 24.62 -54.25
C PRO D 207 8.85 25.30 -53.36
N LEU D 208 9.82 24.53 -52.80
CA LEU D 208 10.89 25.07 -51.96
C LEU D 208 11.71 26.10 -52.70
N GLY D 209 12.02 25.82 -53.97
CA GLY D 209 12.74 26.72 -54.86
C GLY D 209 12.02 28.04 -55.01
N LEU D 210 10.68 27.98 -55.20
CA LEU D 210 9.82 29.16 -55.30
C LEU D 210 9.77 29.95 -54.01
N ILE D 211 9.79 29.26 -52.84
CA ILE D 211 9.79 29.91 -51.52
C ILE D 211 11.08 30.67 -51.32
N ILE D 212 12.22 30.03 -51.61
CA ILE D 212 13.55 30.62 -51.46
C ILE D 212 13.71 31.78 -52.43
N ALA D 213 13.29 31.60 -53.69
CA ALA D 213 13.37 32.66 -54.69
C ALA D 213 12.51 33.85 -54.28
N ALA D 214 11.25 33.61 -53.87
CA ALA D 214 10.32 34.65 -53.42
C ALA D 214 10.83 35.39 -52.19
N SER D 215 11.70 34.76 -51.37
CA SER D 215 12.28 35.40 -50.19
C SER D 215 13.24 36.53 -50.59
N TRP D 216 13.83 36.46 -51.81
CA TRP D 216 14.74 37.48 -52.32
C TRP D 216 14.03 38.75 -52.74
N SER D 217 12.70 38.69 -52.92
CA SER D 217 11.89 39.84 -53.31
C SER D 217 11.70 40.87 -52.18
N VAL D 218 12.24 40.58 -50.97
CA VAL D 218 12.20 41.50 -49.82
C VAL D 218 13.00 42.78 -50.13
N PHE D 219 14.04 42.64 -50.98
CA PHE D 219 14.89 43.76 -51.39
C PHE D 219 14.18 44.72 -52.34
N TRP D 220 13.06 44.28 -52.95
CA TRP D 220 12.26 45.11 -53.84
C TRP D 220 11.26 45.98 -53.10
N LEU D 221 11.18 45.84 -51.76
CA LEU D 221 10.29 46.65 -50.93
C LEU D 221 10.93 48.00 -50.71
N GLU D 222 10.11 49.04 -50.60
CA GLU D 222 10.54 50.42 -50.48
C GLU D 222 11.04 50.82 -49.10
N SER D 223 10.23 50.56 -48.07
CA SER D 223 10.52 50.96 -46.69
C SER D 223 11.29 49.92 -45.90
N PHE D 224 12.19 50.38 -45.01
CA PHE D 224 12.98 49.52 -44.11
C PHE D 224 12.06 48.71 -43.23
N SER D 225 10.98 49.34 -42.69
CA SER D 225 9.97 48.67 -41.86
C SER D 225 9.28 47.56 -42.64
N GLU D 226 9.04 47.76 -43.95
CA GLU D 226 8.44 46.74 -44.81
C GLU D 226 9.42 45.62 -45.08
N ARG D 227 10.71 45.94 -45.31
CA ARG D 227 11.76 44.95 -45.59
C ARG D 227 12.01 44.02 -44.39
N LEU D 228 12.07 44.60 -43.18
CA LEU D 228 12.32 43.82 -41.98
C LEU D 228 11.13 43.00 -41.51
N GLN D 229 9.92 43.60 -41.49
CA GLN D 229 8.72 42.89 -41.05
C GLN D 229 8.37 41.72 -41.98
N THR D 230 8.55 41.90 -43.30
CA THR D 230 8.27 40.86 -44.30
C THR D 230 9.21 39.68 -44.12
N SER D 231 10.49 39.93 -43.79
CA SER D 231 11.48 38.86 -43.59
C SER D 231 11.08 37.89 -42.48
N PHE D 232 10.27 38.36 -41.50
CA PHE D 232 9.77 37.51 -40.42
C PHE D 232 8.67 36.59 -40.92
N THR D 233 7.84 37.07 -41.87
CA THR D 233 6.80 36.26 -42.52
C THR D 233 7.50 35.21 -43.36
N LEU D 234 8.67 35.56 -43.94
CA LEU D 234 9.49 34.66 -44.75
C LEU D 234 10.09 33.59 -43.88
N MET D 235 10.69 34.00 -42.74
CA MET D 235 11.27 33.10 -41.75
C MET D 235 10.23 32.08 -41.30
N LEU D 236 8.99 32.56 -41.01
CA LEU D 236 7.88 31.71 -40.60
C LEU D 236 7.45 30.74 -41.72
N THR D 237 7.59 31.15 -43.00
CA THR D 237 7.23 30.30 -44.14
C THR D 237 8.19 29.14 -44.25
N VAL D 238 9.50 29.36 -43.98
CA VAL D 238 10.52 28.32 -44.03
C VAL D 238 10.29 27.31 -42.92
N VAL D 239 9.92 27.79 -41.72
CA VAL D 239 9.61 26.93 -40.56
C VAL D 239 8.41 26.05 -40.90
N ALA D 240 7.35 26.65 -41.48
CA ALA D 240 6.14 25.93 -41.91
C ALA D 240 6.48 24.88 -42.97
N TYR D 241 7.45 25.20 -43.84
CA TYR D 241 7.89 24.28 -44.89
C TYR D 241 8.77 23.16 -44.37
N ALA D 242 9.66 23.47 -43.40
CA ALA D 242 10.56 22.50 -42.77
C ALA D 242 9.72 21.44 -42.05
N PHE D 243 8.57 21.87 -41.52
CA PHE D 243 7.63 21.03 -40.83
C PHE D 243 6.86 20.15 -41.82
N TYR D 244 6.42 20.74 -42.94
CA TYR D 244 5.73 20.01 -43.99
C TYR D 244 6.65 18.93 -44.58
N THR D 245 7.95 19.23 -44.68
CA THR D 245 8.97 18.32 -45.19
C THR D 245 9.20 17.18 -44.19
N SER D 246 9.52 17.53 -42.92
CA SER D 246 9.84 16.56 -41.88
C SER D 246 8.74 15.53 -41.64
N ASN D 247 7.46 15.96 -41.65
CA ASN D 247 6.31 15.10 -41.43
C ASN D 247 6.11 14.04 -42.52
N ILE D 248 6.65 14.27 -43.73
CA ILE D 248 6.47 13.34 -44.85
C ILE D 248 7.74 12.58 -45.18
N LEU D 249 8.87 13.30 -45.26
CA LEU D 249 10.17 12.70 -45.56
C LEU D 249 10.56 11.64 -44.53
N PRO D 250 11.32 10.61 -44.94
CA PRO D 250 11.67 9.55 -44.00
C PRO D 250 12.63 10.05 -42.92
N ARG D 251 12.52 9.46 -41.72
CA ARG D 251 13.38 9.82 -40.59
C ARG D 251 14.74 9.20 -40.76
N LEU D 252 15.77 10.03 -40.61
CA LEU D 252 17.17 9.61 -40.80
C LEU D 252 18.08 10.22 -39.74
N PRO D 253 19.29 9.65 -39.51
CA PRO D 253 20.21 10.25 -38.54
C PRO D 253 21.13 11.30 -39.17
N TYR D 254 20.87 11.68 -40.43
CA TYR D 254 21.67 12.66 -41.16
C TYR D 254 20.78 13.51 -42.07
N THR D 255 21.35 14.58 -42.62
CA THR D 255 20.62 15.49 -43.50
C THR D 255 20.67 15.01 -44.93
N THR D 256 19.59 15.25 -45.66
CA THR D 256 19.46 14.89 -47.07
C THR D 256 19.65 16.16 -47.89
N VAL D 257 19.37 16.09 -49.21
CA VAL D 257 19.47 17.23 -50.12
C VAL D 257 18.41 18.26 -49.73
N ILE D 258 17.14 17.81 -49.54
CA ILE D 258 16.01 18.66 -49.17
C ILE D 258 16.26 19.35 -47.84
N ASP D 259 16.81 18.61 -46.85
CA ASP D 259 17.13 19.16 -45.53
C ASP D 259 18.12 20.31 -45.64
N GLN D 260 19.19 20.15 -46.46
CA GLN D 260 20.20 21.17 -46.71
C GLN D 260 19.61 22.41 -47.36
N MET D 261 18.66 22.23 -48.30
CA MET D 261 17.93 23.32 -48.95
C MET D 261 17.17 24.14 -47.90
N ILE D 262 16.54 23.45 -46.93
CA ILE D 262 15.82 24.06 -45.81
C ILE D 262 16.77 24.89 -44.95
N ILE D 263 17.97 24.35 -44.69
CA ILE D 263 19.00 25.03 -43.90
C ILE D 263 19.48 26.26 -44.66
N ALA D 264 19.66 26.13 -45.99
CA ALA D 264 20.06 27.24 -46.88
C ALA D 264 19.01 28.35 -46.88
N GLY D 265 17.73 27.95 -46.81
CA GLY D 265 16.60 28.87 -46.71
C GLY D 265 16.67 29.72 -45.47
N TYR D 266 17.00 29.08 -44.32
CA TYR D 266 17.16 29.76 -43.03
C TYR D 266 18.29 30.77 -43.10
N GLY D 267 19.42 30.36 -43.69
CA GLY D 267 20.60 31.19 -43.88
C GLY D 267 20.34 32.40 -44.75
N SER D 268 19.70 32.19 -45.93
CA SER D 268 19.36 33.26 -46.87
C SER D 268 18.52 34.36 -46.20
N ILE D 269 17.43 33.95 -45.52
CA ILE D 269 16.53 34.89 -44.81
C ILE D 269 17.26 35.60 -43.68
N PHE D 270 18.05 34.86 -42.90
CA PHE D 270 18.81 35.43 -41.79
C PHE D 270 19.86 36.42 -42.29
N ALA D 271 20.55 36.09 -43.40
CA ALA D 271 21.56 36.95 -44.02
C ALA D 271 20.92 38.25 -44.52
N ALA D 272 19.70 38.14 -45.12
CA ALA D 272 18.94 39.27 -45.62
C ALA D 272 18.56 40.20 -44.47
N ILE D 273 18.16 39.65 -43.30
CA ILE D 273 17.81 40.42 -42.10
C ILE D 273 19.00 41.28 -41.67
N LEU D 274 20.21 40.70 -41.69
CA LEU D 274 21.43 41.40 -41.32
C LEU D 274 21.74 42.52 -42.28
N LEU D 275 21.54 42.27 -43.59
CA LEU D 275 21.76 43.24 -44.67
C LEU D 275 20.78 44.39 -44.59
N ILE D 276 19.49 44.09 -44.32
CA ILE D 276 18.42 45.08 -44.18
C ILE D 276 18.72 46.04 -43.05
N ILE D 277 19.21 45.53 -41.90
CA ILE D 277 19.56 46.33 -40.74
C ILE D 277 20.84 47.09 -40.97
N PHE D 278 21.85 46.42 -41.56
CA PHE D 278 23.15 47.02 -41.85
C PHE D 278 23.03 48.22 -42.77
N ALA D 279 22.22 48.11 -43.84
CA ALA D 279 22.01 49.19 -44.81
C ALA D 279 21.32 50.41 -44.21
N HIS D 280 20.39 50.20 -43.28
CA HIS D 280 19.60 51.26 -42.65
C HIS D 280 20.26 51.93 -41.43
N HIS D 281 21.28 51.31 -40.81
CA HIS D 281 21.89 51.86 -39.60
C HIS D 281 23.39 52.18 -39.73
N ARG D 282 24.04 51.75 -40.82
CA ARG D 282 25.46 52.04 -41.06
C ARG D 282 25.59 52.97 -42.26
N GLN D 283 25.69 54.27 -41.98
CA GLN D 283 25.78 55.35 -42.97
C GLN D 283 26.34 56.61 -42.34
N ALA D 284 26.28 57.76 -43.04
CA ALA D 284 26.74 59.06 -42.53
C ALA D 284 25.90 59.49 -41.32
N ASN D 285 24.55 59.33 -41.41
CA ASN D 285 23.60 59.64 -40.34
C ASN D 285 23.85 58.73 -39.11
N GLU D 288 20.12 56.79 -44.36
CA GLU D 288 20.70 56.69 -45.70
C GLU D 288 20.97 55.23 -46.07
N ASP D 289 20.11 54.65 -46.93
CA ASP D 289 20.24 53.28 -47.38
C ASP D 289 21.32 53.21 -48.43
N ASP D 290 22.32 52.34 -48.21
CA ASP D 290 23.45 52.15 -49.14
C ASP D 290 22.89 51.75 -50.50
N LEU D 291 23.29 52.50 -51.53
CA LEU D 291 22.79 52.31 -52.89
C LEU D 291 22.98 50.88 -53.41
N LEU D 292 24.18 50.31 -53.23
CA LEU D 292 24.52 48.96 -53.68
C LEU D 292 23.84 47.87 -52.85
N ILE D 293 23.90 48.01 -51.50
CA ILE D 293 23.31 47.05 -50.56
C ILE D 293 21.81 46.92 -50.76
N GLN D 294 21.09 48.05 -50.85
CA GLN D 294 19.65 48.03 -51.06
C GLN D 294 19.26 47.50 -52.43
N ARG D 295 20.17 47.66 -53.39
CA ARG D 295 19.94 47.16 -54.73
C ARG D 295 20.70 45.86 -54.98
N CYS D 296 20.78 45.02 -53.94
CA CYS D 296 21.41 43.70 -54.05
C CYS D 296 20.39 42.70 -54.57
N ARG D 297 19.28 43.20 -55.15
CA ARG D 297 18.19 42.40 -55.72
C ARG D 297 18.71 41.38 -56.73
N LEU D 298 19.88 41.66 -57.33
CA LEU D 298 20.54 40.77 -58.27
C LEU D 298 21.77 40.08 -57.65
N ALA D 299 22.46 40.73 -56.71
CA ALA D 299 23.64 40.17 -56.05
C ALA D 299 23.31 39.05 -55.07
N PHE D 300 22.22 39.19 -54.30
CA PHE D 300 21.78 38.20 -53.33
C PHE D 300 21.41 36.87 -54.01
N PRO D 301 20.55 36.84 -55.07
CA PRO D 301 20.24 35.57 -55.73
C PRO D 301 21.47 34.90 -56.33
N LEU D 302 22.36 35.68 -56.99
CA LEU D 302 23.59 35.14 -57.61
C LEU D 302 24.57 34.59 -56.57
N GLY D 303 24.66 35.27 -55.43
CA GLY D 303 25.49 34.85 -54.30
C GLY D 303 25.00 33.53 -53.72
N PHE D 304 23.67 33.37 -53.65
CA PHE D 304 23.03 32.16 -53.16
C PHE D 304 23.25 31.02 -54.14
N LEU D 305 23.03 31.26 -55.44
CA LEU D 305 23.22 30.27 -56.50
C LEU D 305 24.66 29.79 -56.56
N ALA D 306 25.63 30.71 -56.34
CA ALA D 306 27.06 30.40 -56.32
C ALA D 306 27.36 29.41 -55.20
N ILE D 307 26.86 29.68 -53.98
CA ILE D 307 27.02 28.80 -52.81
C ILE D 307 26.25 27.48 -53.02
N GLY D 308 25.14 27.56 -53.76
CA GLY D 308 24.31 26.41 -54.10
C GLY D 308 25.03 25.41 -54.98
N CYS D 309 25.86 25.90 -55.92
CA CYS D 309 26.67 25.07 -56.83
C CYS D 309 27.75 24.30 -56.08
N VAL D 310 28.30 24.90 -55.00
CA VAL D 310 29.32 24.28 -54.14
C VAL D 310 28.68 23.13 -53.33
N LEU D 311 27.38 23.26 -53.00
CA LEU D 311 26.63 22.23 -52.27
C LEU D 311 26.55 20.93 -53.08
N VAL D 312 26.55 21.03 -54.43
CA VAL D 312 26.48 19.88 -55.34
C VAL D 312 27.88 19.26 -55.51
N ILE D 313 28.88 20.11 -55.81
CA ILE D 313 30.26 19.69 -56.02
C ILE D 313 30.96 19.49 -54.67
N ARG E 6 -5.14 -39.47 -64.62
CA ARG E 6 -5.72 -38.36 -65.40
C ARG E 6 -5.84 -37.13 -64.52
N PRO E 7 -5.88 -35.87 -65.06
CA PRO E 7 -5.90 -34.69 -64.17
C PRO E 7 -7.11 -34.62 -63.27
N VAL E 8 -6.86 -34.31 -61.99
CA VAL E 8 -7.90 -34.24 -60.98
C VAL E 8 -8.62 -32.93 -61.15
N ASP E 9 -9.93 -33.00 -61.44
CA ASP E 9 -10.76 -31.81 -61.59
C ASP E 9 -11.13 -31.25 -60.23
N VAL E 10 -10.82 -29.98 -60.02
CA VAL E 10 -11.09 -29.28 -58.76
C VAL E 10 -12.05 -28.13 -59.01
N SER E 11 -13.21 -28.14 -58.33
CA SER E 11 -14.19 -27.07 -58.41
C SER E 11 -13.97 -26.14 -57.22
N VAL E 12 -13.69 -24.87 -57.50
CA VAL E 12 -13.42 -23.87 -56.48
C VAL E 12 -14.56 -22.87 -56.34
N SER E 13 -14.81 -22.41 -55.11
CA SER E 13 -15.79 -21.39 -54.78
C SER E 13 -15.19 -20.46 -53.72
N ILE E 14 -15.11 -19.17 -54.03
CA ILE E 14 -14.54 -18.17 -53.14
C ILE E 14 -15.63 -17.19 -52.71
N PHE E 15 -15.74 -16.96 -51.42
CA PHE E 15 -16.71 -16.03 -50.86
C PHE E 15 -15.95 -14.87 -50.28
N ILE E 16 -16.19 -13.68 -50.83
CA ILE E 16 -15.52 -12.46 -50.38
C ILE E 16 -16.43 -11.77 -49.38
N ASN E 17 -15.95 -11.64 -48.15
CA ASN E 17 -16.70 -10.99 -47.08
C ASN E 17 -16.36 -9.53 -46.96
N LYS E 18 -15.08 -9.18 -47.16
CA LYS E 18 -14.61 -7.82 -46.97
C LYS E 18 -13.32 -7.55 -47.73
N ILE E 19 -13.25 -6.37 -48.35
CA ILE E 19 -12.06 -5.86 -49.02
C ILE E 19 -11.79 -4.51 -48.38
N TYR E 20 -10.64 -4.40 -47.72
CA TYR E 20 -10.25 -3.21 -46.96
C TYR E 20 -8.72 -3.17 -46.80
N GLY E 21 -8.24 -2.21 -46.00
CA GLY E 21 -6.83 -2.06 -45.65
C GLY E 21 -5.89 -1.87 -46.83
N VAL E 22 -6.26 -0.98 -47.76
CA VAL E 22 -5.47 -0.67 -48.94
C VAL E 22 -4.20 0.06 -48.48
N ASN E 23 -3.04 -0.47 -48.86
CA ASN E 23 -1.77 0.17 -48.57
C ASN E 23 -1.27 0.68 -49.91
N THR E 24 -1.37 2.00 -50.11
CA THR E 24 -0.99 2.67 -51.37
C THR E 24 0.46 2.46 -51.74
N LEU E 25 1.40 2.72 -50.82
CA LEU E 25 2.83 2.56 -51.08
C LEU E 25 3.26 1.12 -51.30
N GLU E 26 2.64 0.17 -50.63
CA GLU E 26 2.98 -1.23 -50.83
C GLU E 26 2.19 -1.85 -51.99
N GLN E 27 1.11 -1.20 -52.44
CA GLN E 27 0.17 -1.70 -53.47
C GLN E 27 -0.39 -3.06 -53.01
N THR E 28 -0.91 -3.08 -51.77
CA THR E 28 -1.47 -4.26 -51.12
C THR E 28 -2.87 -3.93 -50.59
N TYR E 29 -3.69 -4.94 -50.39
CA TYR E 29 -5.05 -4.81 -49.86
C TYR E 29 -5.43 -6.09 -49.17
N LYS E 30 -6.24 -5.96 -48.10
CA LYS E 30 -6.70 -7.07 -47.27
C LYS E 30 -8.03 -7.62 -47.77
N VAL E 31 -8.13 -8.96 -47.80
CA VAL E 31 -9.33 -9.66 -48.26
C VAL E 31 -9.68 -10.74 -47.25
N ASP E 32 -10.91 -10.69 -46.72
CA ASP E 32 -11.42 -11.68 -45.80
C ASP E 32 -12.49 -12.45 -46.52
N GLY E 33 -12.44 -13.76 -46.39
CA GLY E 33 -13.43 -14.61 -47.01
C GLY E 33 -13.21 -16.09 -46.78
N TYR E 34 -13.94 -16.90 -47.54
CA TYR E 34 -13.85 -18.35 -47.47
C TYR E 34 -13.39 -18.90 -48.80
N ILE E 35 -12.76 -20.08 -48.77
CA ILE E 35 -12.29 -20.80 -49.94
C ILE E 35 -12.80 -22.23 -49.86
N VAL E 36 -13.50 -22.67 -50.91
CA VAL E 36 -14.07 -24.00 -50.98
C VAL E 36 -13.49 -24.69 -52.19
N ALA E 37 -12.96 -25.90 -52.00
CA ALA E 37 -12.41 -26.70 -53.08
C ALA E 37 -13.01 -28.10 -53.02
N GLN E 38 -13.53 -28.57 -54.17
CA GLN E 38 -14.15 -29.89 -54.28
C GLN E 38 -13.52 -30.72 -55.39
N TRP E 39 -13.19 -31.98 -55.09
CA TRP E 39 -12.66 -32.93 -56.06
C TRP E 39 -13.15 -34.32 -55.69
N THR E 40 -13.06 -35.26 -56.62
CA THR E 40 -13.50 -36.63 -56.39
C THR E 40 -12.29 -37.56 -56.33
N GLY E 41 -12.21 -38.31 -55.25
CA GLY E 41 -11.16 -39.30 -55.03
C GLY E 41 -11.72 -40.71 -55.00
N LYS E 42 -10.96 -41.63 -54.42
CA LYS E 42 -11.38 -43.02 -54.28
C LYS E 42 -12.48 -43.11 -53.22
N PRO E 43 -13.57 -43.86 -53.48
CA PRO E 43 -14.66 -43.98 -52.48
C PRO E 43 -14.16 -44.41 -51.10
N ARG E 44 -14.87 -43.95 -50.08
CA ARG E 44 -14.51 -44.19 -48.69
C ARG E 44 -15.66 -44.80 -47.92
N LYS E 45 -15.33 -45.41 -46.78
CA LYS E 45 -16.26 -46.05 -45.88
C LYS E 45 -16.48 -45.09 -44.71
N THR E 46 -17.43 -44.19 -44.90
CA THR E 46 -17.76 -43.20 -43.89
C THR E 46 -18.69 -43.81 -42.84
N PRO E 47 -18.59 -43.37 -41.55
CA PRO E 47 -19.50 -43.86 -40.51
C PRO E 47 -20.95 -43.67 -40.89
N GLY E 48 -21.69 -44.77 -40.99
CA GLY E 48 -23.11 -44.80 -41.36
C GLY E 48 -23.42 -44.32 -42.76
N ASP E 49 -22.40 -44.34 -43.66
CA ASP E 49 -22.48 -43.91 -45.06
C ASP E 49 -22.93 -42.48 -45.24
N LYS E 50 -22.75 -41.69 -44.21
CA LYS E 50 -23.13 -40.30 -44.22
C LYS E 50 -21.85 -39.49 -44.36
N PRO E 51 -21.91 -38.30 -45.01
CA PRO E 51 -20.69 -37.48 -45.14
C PRO E 51 -20.01 -37.24 -43.80
N LEU E 52 -18.69 -37.40 -43.78
CA LEU E 52 -17.92 -37.23 -42.57
C LEU E 52 -17.24 -35.88 -42.52
N ILE E 53 -17.44 -35.18 -41.40
CA ILE E 53 -16.87 -33.87 -41.15
C ILE E 53 -15.61 -34.01 -40.31
N VAL E 54 -14.53 -33.41 -40.81
CA VAL E 54 -13.23 -33.40 -40.15
C VAL E 54 -12.84 -31.94 -40.00
N GLU E 55 -12.75 -31.47 -38.76
CA GLU E 55 -12.44 -30.07 -38.51
C GLU E 55 -11.07 -29.82 -37.97
N ASN E 56 -10.47 -28.72 -38.46
CA ASN E 56 -9.20 -28.14 -38.03
C ASN E 56 -8.09 -29.17 -37.76
N THR E 57 -7.65 -29.30 -36.48
CA THR E 57 -6.58 -30.17 -35.99
C THR E 57 -6.65 -31.60 -36.56
N GLN E 58 -7.87 -32.14 -36.68
CA GLN E 58 -8.14 -33.49 -37.16
C GLN E 58 -7.83 -33.70 -38.64
N ILE E 59 -7.83 -32.62 -39.45
CA ILE E 59 -7.51 -32.67 -40.88
C ILE E 59 -6.11 -33.24 -41.11
N GLU E 60 -5.13 -32.77 -40.31
CA GLU E 60 -3.74 -33.21 -40.37
C GLU E 60 -3.62 -34.70 -40.09
N ARG E 61 -4.42 -35.24 -39.15
CA ARG E 61 -4.43 -36.67 -38.81
C ARG E 61 -4.82 -37.53 -40.03
N TRP E 62 -5.79 -37.06 -40.84
CA TRP E 62 -6.25 -37.77 -42.04
C TRP E 62 -5.19 -37.76 -43.13
N ILE E 63 -4.46 -36.64 -43.25
CA ILE E 63 -3.36 -36.46 -44.21
C ILE E 63 -2.23 -37.44 -43.88
N ASN E 64 -1.90 -37.56 -42.57
CA ASN E 64 -0.87 -38.47 -42.08
C ASN E 64 -1.22 -39.91 -42.42
N ASN E 65 -2.53 -40.24 -42.48
CA ASN E 65 -3.00 -41.57 -42.79
C ASN E 65 -3.19 -41.84 -44.29
N GLY E 66 -2.81 -40.90 -45.15
CA GLY E 66 -2.86 -41.11 -46.60
C GLY E 66 -3.85 -40.29 -47.40
N LEU E 67 -4.65 -39.42 -46.75
CA LEU E 67 -5.61 -38.60 -47.48
C LEU E 67 -4.89 -37.54 -48.29
N TRP E 68 -5.22 -37.45 -49.59
CA TRP E 68 -4.62 -36.50 -50.51
C TRP E 68 -5.36 -35.17 -50.46
N VAL E 69 -4.70 -34.15 -49.86
CA VAL E 69 -5.25 -32.80 -49.75
C VAL E 69 -4.20 -31.86 -50.39
N PRO E 70 -4.37 -31.49 -51.67
CA PRO E 70 -3.36 -30.64 -52.31
C PRO E 70 -3.32 -29.21 -51.77
N ALA E 71 -2.12 -28.63 -51.75
CA ALA E 71 -1.94 -27.27 -51.28
C ALA E 71 -2.21 -26.28 -52.39
N LEU E 72 -3.18 -25.41 -52.18
CA LEU E 72 -3.54 -24.38 -53.14
C LEU E 72 -3.01 -23.06 -52.62
N GLU E 73 -2.12 -22.46 -53.42
CA GLU E 73 -1.47 -21.22 -53.04
C GLU E 73 -2.07 -20.00 -53.70
N PHE E 74 -2.17 -18.92 -52.92
CA PHE E 74 -2.59 -17.63 -53.41
C PHE E 74 -1.31 -17.02 -53.96
N ILE E 75 -1.18 -16.98 -55.29
CA ILE E 75 0.01 -16.49 -55.99
C ILE E 75 0.39 -15.08 -55.55
N ASN E 76 -0.61 -14.20 -55.44
CA ASN E 76 -0.43 -12.80 -55.13
C ASN E 76 -0.63 -12.42 -53.65
N VAL E 77 -0.54 -13.39 -52.73
CA VAL E 77 -0.66 -13.09 -51.30
C VAL E 77 0.70 -12.64 -50.78
N VAL E 78 0.74 -11.60 -49.97
CA VAL E 78 1.96 -11.09 -49.35
C VAL E 78 2.04 -11.70 -47.94
N GLY E 79 2.82 -12.77 -47.83
CA GLY E 79 2.99 -13.53 -46.59
C GLY E 79 1.85 -14.48 -46.36
N SER E 80 2.09 -15.53 -45.53
CA SER E 80 1.10 -16.56 -45.19
C SER E 80 -0.17 -15.95 -44.63
N PRO E 81 -1.34 -16.26 -45.24
CA PRO E 81 -2.59 -15.66 -44.77
C PRO E 81 -3.03 -16.21 -43.41
N ASP E 82 -3.91 -15.47 -42.74
CA ASP E 82 -4.46 -15.89 -41.45
C ASP E 82 -5.65 -16.81 -41.73
N THR E 83 -5.43 -18.12 -41.51
CA THR E 83 -6.46 -19.13 -41.72
C THR E 83 -7.24 -19.36 -40.45
N GLY E 84 -8.54 -19.18 -40.54
CA GLY E 84 -9.46 -19.43 -39.45
C GLY E 84 -9.80 -20.92 -39.38
N ASN E 85 -11.10 -21.21 -39.25
CA ASN E 85 -11.55 -22.59 -39.18
C ASN E 85 -11.41 -23.29 -40.51
N LYS E 86 -11.02 -24.57 -40.45
CA LYS E 86 -10.84 -25.44 -41.62
C LYS E 86 -11.76 -26.64 -41.46
N ARG E 87 -12.14 -27.30 -42.57
CA ARG E 87 -12.94 -28.51 -42.55
C ARG E 87 -12.81 -29.28 -43.83
N LEU E 88 -12.95 -30.58 -43.68
CA LEU E 88 -12.95 -31.54 -44.76
C LEU E 88 -14.24 -32.31 -44.67
N MET E 89 -14.99 -32.33 -45.77
CA MET E 89 -16.23 -33.09 -45.84
C MET E 89 -15.96 -34.25 -46.76
N LEU E 90 -15.87 -35.44 -46.18
CA LEU E 90 -15.56 -36.64 -46.92
C LEU E 90 -16.83 -37.41 -47.18
N PHE E 91 -17.15 -37.57 -48.46
CA PHE E 91 -18.34 -38.29 -48.86
C PHE E 91 -17.99 -39.76 -49.13
N PRO E 92 -18.97 -40.68 -48.95
CA PRO E 92 -18.69 -42.10 -49.18
C PRO E 92 -18.35 -42.44 -50.62
N ASP E 93 -18.94 -41.71 -51.59
CA ASP E 93 -18.69 -41.90 -53.02
C ASP E 93 -17.26 -41.49 -53.46
N GLY E 94 -16.52 -40.82 -52.57
CA GLY E 94 -15.13 -40.41 -52.79
C GLY E 94 -14.89 -38.93 -52.93
N ARG E 95 -15.96 -38.13 -53.11
CA ARG E 95 -15.80 -36.69 -53.27
C ARG E 95 -15.44 -36.02 -51.96
N VAL E 96 -14.46 -35.12 -52.03
CA VAL E 96 -13.90 -34.39 -50.92
C VAL E 96 -14.16 -32.89 -51.10
N ILE E 97 -14.61 -32.23 -50.02
CA ILE E 97 -14.87 -30.79 -50.00
C ILE E 97 -14.05 -30.14 -48.89
N TYR E 98 -13.08 -29.30 -49.28
CA TYR E 98 -12.24 -28.57 -48.34
C TYR E 98 -12.80 -27.15 -48.21
N ASN E 99 -13.08 -26.74 -46.97
CA ASN E 99 -13.59 -25.39 -46.70
C ASN E 99 -12.79 -24.75 -45.61
N ALA E 100 -12.37 -23.49 -45.82
CA ALA E 100 -11.57 -22.73 -44.86
C ALA E 100 -11.77 -21.23 -44.92
N ARG E 101 -11.77 -20.58 -43.75
CA ARG E 101 -11.85 -19.13 -43.66
C ARG E 101 -10.42 -18.58 -43.78
N PHE E 102 -10.26 -17.43 -44.44
CA PHE E 102 -8.94 -16.83 -44.64
C PHE E 102 -9.00 -15.32 -44.61
N LEU E 103 -7.91 -14.71 -44.18
CA LEU E 103 -7.70 -13.27 -44.23
C LEU E 103 -6.26 -13.09 -44.67
N GLY E 104 -6.05 -12.52 -45.84
CA GLY E 104 -4.71 -12.33 -46.38
C GLY E 104 -4.54 -10.98 -47.02
N SER E 105 -3.29 -10.51 -47.06
CA SER E 105 -2.90 -9.26 -47.67
C SER E 105 -2.44 -9.62 -49.07
N PHE E 106 -3.15 -9.12 -50.09
CA PHE E 106 -2.86 -9.42 -51.49
C PHE E 106 -2.23 -8.26 -52.20
N SER E 107 -1.47 -8.54 -53.26
CA SER E 107 -0.79 -7.53 -54.05
C SER E 107 -1.33 -7.50 -55.48
N ASN E 108 -1.32 -6.29 -56.06
CA ASN E 108 -1.73 -6.00 -57.44
C ASN E 108 -1.22 -4.64 -57.84
N ASP E 109 -0.92 -4.49 -59.14
CA ASP E 109 -0.47 -3.22 -59.71
C ASP E 109 -1.63 -2.24 -59.64
N MET E 110 -1.43 -1.19 -58.84
CA MET E 110 -2.46 -0.20 -58.57
C MET E 110 -1.96 1.19 -58.93
N ASP E 111 -2.74 1.92 -59.71
CA ASP E 111 -2.45 3.27 -60.14
C ASP E 111 -3.36 4.26 -59.42
N PHE E 112 -2.78 5.10 -58.57
CA PHE E 112 -3.51 6.10 -57.79
C PHE E 112 -3.31 7.52 -58.33
N ARG E 113 -2.86 7.67 -59.60
CA ARG E 113 -2.62 8.98 -60.21
C ARG E 113 -3.87 9.83 -60.32
N LEU E 114 -5.04 9.18 -60.50
CA LEU E 114 -6.31 9.87 -60.62
C LEU E 114 -6.99 10.12 -59.28
N PHE E 115 -6.27 9.91 -58.16
CA PHE E 115 -6.80 10.13 -56.82
C PHE E 115 -7.37 11.55 -56.69
N PRO E 116 -8.55 11.75 -56.07
CA PRO E 116 -9.42 10.78 -55.39
C PRO E 116 -10.49 10.12 -56.28
N PHE E 117 -10.28 10.15 -57.60
CA PHE E 117 -11.21 9.60 -58.60
C PHE E 117 -10.65 8.36 -59.32
N ASP E 118 -9.77 7.64 -58.61
CA ASP E 118 -9.12 6.44 -59.12
C ASP E 118 -10.06 5.24 -59.02
N ARG E 119 -9.91 4.33 -59.98
CA ARG E 119 -10.67 3.09 -60.06
C ARG E 119 -9.65 1.95 -60.03
N GLN E 120 -9.83 1.02 -59.09
CA GLN E 120 -8.94 -0.12 -58.90
C GLN E 120 -9.69 -1.43 -59.05
N GLN E 121 -8.92 -2.49 -59.26
CA GLN E 121 -9.47 -3.84 -59.35
C GLN E 121 -8.69 -4.74 -58.40
N PHE E 122 -9.40 -5.30 -57.42
CA PHE E 122 -8.81 -6.19 -56.45
C PHE E 122 -8.81 -7.59 -57.02
N VAL E 123 -7.61 -8.16 -57.15
CA VAL E 123 -7.34 -9.46 -57.77
C VAL E 123 -6.97 -10.55 -56.76
N LEU E 124 -7.39 -11.78 -57.06
CA LEU E 124 -7.02 -12.96 -56.30
C LEU E 124 -6.53 -13.97 -57.32
N GLU E 125 -5.33 -14.49 -57.13
CA GLU E 125 -4.77 -15.45 -58.05
C GLU E 125 -4.53 -16.73 -57.31
N LEU E 126 -5.23 -17.79 -57.70
CA LEU E 126 -5.12 -19.09 -57.04
C LEU E 126 -4.46 -20.07 -57.99
N GLU E 127 -3.65 -21.00 -57.45
CA GLU E 127 -2.94 -21.99 -58.25
C GLU E 127 -2.41 -23.09 -57.35
N PRO E 128 -2.40 -24.38 -57.82
CA PRO E 128 -1.81 -25.45 -57.01
C PRO E 128 -0.31 -25.16 -56.81
N PHE E 129 0.19 -25.46 -55.61
CA PHE E 129 1.56 -25.23 -55.24
C PHE E 129 2.54 -26.25 -55.83
N SER E 130 2.07 -27.49 -56.09
CA SER E 130 2.97 -28.56 -56.52
C SER E 130 2.51 -29.40 -57.71
N TYR E 131 1.23 -29.30 -58.07
CA TYR E 131 0.67 -30.14 -59.13
C TYR E 131 0.36 -29.35 -60.39
N ASN E 132 0.93 -29.77 -61.53
CA ASN E 132 0.68 -29.16 -62.85
C ASN E 132 -0.72 -29.54 -63.36
N ASN E 133 -1.13 -28.99 -64.52
CA ASN E 133 -2.45 -29.27 -65.12
C ASN E 133 -2.63 -30.73 -65.63
N GLN E 134 -1.53 -31.52 -65.68
CA GLN E 134 -1.60 -32.94 -66.06
C GLN E 134 -1.98 -33.75 -64.81
N GLN E 135 -1.79 -33.16 -63.61
CA GLN E 135 -2.10 -33.79 -62.33
C GLN E 135 -3.34 -33.20 -61.68
N LEU E 136 -3.48 -31.87 -61.71
CA LEU E 136 -4.59 -31.15 -61.11
C LEU E 136 -5.00 -29.98 -61.99
N ARG E 137 -6.30 -29.94 -62.33
CA ARG E 137 -6.89 -28.91 -63.18
C ARG E 137 -8.11 -28.28 -62.49
N PHE E 138 -8.28 -26.97 -62.67
CA PHE E 138 -9.44 -26.26 -62.12
C PHE E 138 -10.57 -26.38 -63.13
N SER E 139 -11.67 -27.03 -62.72
CA SER E 139 -12.83 -27.26 -63.59
C SER E 139 -13.70 -26.01 -63.73
N ASP E 140 -13.97 -25.34 -62.61
CA ASP E 140 -14.80 -24.13 -62.58
C ASP E 140 -14.50 -23.28 -61.35
N ILE E 141 -14.88 -22.01 -61.41
CA ILE E 141 -14.72 -21.06 -60.33
C ILE E 141 -16.00 -20.26 -60.12
N GLN E 142 -16.40 -20.12 -58.86
CA GLN E 142 -17.57 -19.34 -58.49
C GLN E 142 -17.18 -18.35 -57.42
N VAL E 143 -17.44 -17.07 -57.66
CA VAL E 143 -17.13 -16.00 -56.70
C VAL E 143 -18.41 -15.34 -56.26
N TYR E 144 -18.58 -15.20 -54.94
CA TYR E 144 -19.77 -14.59 -54.37
C TYR E 144 -19.43 -13.38 -53.56
N THR E 145 -19.85 -12.21 -54.03
CA THR E 145 -19.63 -10.94 -53.35
C THR E 145 -20.95 -10.46 -52.78
N GLU E 146 -20.92 -9.99 -51.54
CA GLU E 146 -22.12 -9.48 -50.89
C GLU E 146 -22.44 -8.11 -51.46
N ASN E 147 -23.69 -7.69 -51.30
CA ASN E 147 -24.12 -6.38 -51.79
C ASN E 147 -23.66 -5.27 -50.85
N ILE E 148 -23.36 -4.09 -51.39
CA ILE E 148 -22.99 -2.95 -50.57
C ILE E 148 -24.32 -2.26 -50.20
N ASP E 149 -24.98 -2.77 -49.11
CA ASP E 149 -26.28 -2.29 -48.62
C ASP E 149 -26.23 -0.78 -48.39
N ASN E 150 -25.25 -0.32 -47.60
CA ASN E 150 -25.05 1.09 -47.36
C ASN E 150 -23.75 1.48 -48.07
N GLU E 151 -23.79 1.64 -49.43
CA GLU E 151 -22.60 1.99 -50.23
C GLU E 151 -22.03 3.37 -49.88
N GLU E 152 -22.89 4.33 -49.45
CA GLU E 152 -22.50 5.70 -49.06
C GLU E 152 -21.53 5.71 -47.86
N ILE E 153 -21.61 4.69 -46.99
CA ILE E 153 -20.77 4.56 -45.78
C ILE E 153 -19.40 3.93 -46.09
N ASP E 154 -19.33 3.12 -47.14
CA ASP E 154 -18.10 2.42 -47.51
C ASP E 154 -17.11 3.32 -48.23
N GLU E 155 -15.82 3.08 -47.98
CA GLU E 155 -14.70 3.81 -48.58
C GLU E 155 -14.59 3.47 -50.06
N TRP E 156 -14.83 2.20 -50.40
CA TRP E 156 -14.78 1.73 -51.78
C TRP E 156 -16.14 1.23 -52.22
N TRP E 157 -16.46 1.48 -53.50
CA TRP E 157 -17.72 1.05 -54.08
C TRP E 157 -17.47 -0.03 -55.07
N ILE E 158 -17.90 -1.26 -54.75
CA ILE E 158 -17.74 -2.41 -55.64
C ILE E 158 -18.71 -2.22 -56.79
N ARG E 159 -18.16 -2.09 -57.99
CA ARG E 159 -18.96 -1.84 -59.17
C ARG E 159 -19.33 -3.12 -59.87
N GLY E 160 -18.36 -3.77 -60.50
CA GLY E 160 -18.59 -4.99 -61.24
C GLY E 160 -18.65 -6.23 -60.37
N LYS E 161 -19.66 -7.11 -60.64
CA LYS E 161 -19.78 -8.43 -59.98
C LYS E 161 -18.50 -9.12 -60.35
N ALA E 162 -17.91 -9.88 -59.43
CA ALA E 162 -16.59 -10.45 -59.67
C ALA E 162 -16.43 -11.17 -60.99
N SER E 163 -15.32 -10.83 -61.66
CA SER E 163 -14.91 -11.42 -62.92
C SER E 163 -14.06 -12.59 -62.56
N THR E 164 -14.15 -13.65 -63.36
CA THR E 164 -13.39 -14.87 -63.12
C THR E 164 -12.83 -15.38 -64.43
N HIS E 165 -11.69 -16.06 -64.35
CA HIS E 165 -11.08 -16.65 -65.50
C HIS E 165 -10.13 -17.75 -65.08
N ILE E 166 -10.21 -18.89 -65.76
CA ILE E 166 -9.33 -20.03 -65.54
C ILE E 166 -8.40 -20.08 -66.72
N SER E 167 -7.13 -19.85 -66.46
CA SER E 167 -6.10 -19.83 -67.49
C SER E 167 -5.05 -20.88 -67.18
N ASP E 168 -4.06 -21.01 -68.04
CA ASP E 168 -2.98 -21.96 -67.86
C ASP E 168 -1.69 -21.19 -67.98
N ILE E 169 -0.91 -21.15 -66.88
CA ILE E 169 0.32 -20.40 -66.87
C ILE E 169 1.45 -21.31 -67.14
N ARG E 170 2.19 -21.03 -68.22
CA ARG E 170 3.33 -21.82 -68.64
C ARG E 170 4.57 -21.23 -67.98
N TYR E 171 5.00 -21.88 -66.87
CA TYR E 171 6.15 -21.48 -66.08
C TYR E 171 7.43 -21.90 -66.82
N ASP E 172 8.41 -20.99 -66.86
CA ASP E 172 9.64 -21.20 -67.61
C ASP E 172 10.61 -22.11 -66.87
N HIS E 173 11.32 -21.59 -65.86
CA HIS E 173 12.30 -22.32 -65.07
C HIS E 173 11.64 -23.31 -64.10
N LEU E 174 11.39 -24.52 -64.61
CA LEU E 174 10.78 -25.61 -63.87
C LEU E 174 11.85 -26.68 -63.63
N SER E 175 12.29 -26.80 -62.36
CA SER E 175 13.32 -27.76 -61.97
C SER E 175 12.81 -29.20 -62.08
N SER E 176 13.60 -30.05 -62.76
CA SER E 176 13.37 -31.50 -62.96
C SER E 176 11.92 -31.88 -63.34
N VAL E 177 11.26 -31.07 -64.17
CA VAL E 177 9.88 -31.32 -64.61
C VAL E 177 9.98 -32.08 -65.93
N GLN E 178 10.91 -31.62 -66.79
CA GLN E 178 11.34 -32.15 -68.08
C GLN E 178 10.27 -32.18 -69.22
N PRO E 179 9.44 -33.24 -69.54
CA PRO E 179 8.61 -33.15 -70.75
C PRO E 179 7.57 -32.04 -70.77
N ASN E 180 6.65 -32.05 -69.79
CA ASN E 180 5.56 -31.10 -69.68
C ASN E 180 4.96 -31.10 -68.28
N GLN E 181 5.71 -30.55 -67.33
CA GLN E 181 5.24 -30.37 -65.96
C GLN E 181 5.41 -28.90 -65.59
N ASN E 182 5.03 -28.03 -66.55
CA ASN E 182 5.16 -26.59 -66.48
C ASN E 182 3.93 -25.83 -66.91
N GLU E 183 2.82 -26.49 -67.16
CA GLU E 183 1.59 -25.76 -67.38
C GLU E 183 0.78 -25.96 -66.08
N PHE E 184 0.37 -24.86 -65.43
CA PHE E 184 -0.40 -24.95 -64.18
C PHE E 184 -1.70 -24.22 -64.37
N SER E 185 -2.76 -24.77 -63.80
CA SER E 185 -4.06 -24.14 -63.89
C SER E 185 -4.18 -23.04 -62.85
N ARG E 186 -4.57 -21.83 -63.29
CA ARG E 186 -4.66 -20.69 -62.39
C ARG E 186 -6.03 -20.05 -62.45
N ILE E 187 -6.64 -19.84 -61.29
CA ILE E 187 -7.88 -19.12 -61.17
C ILE E 187 -7.50 -17.65 -60.95
N THR E 188 -8.17 -16.73 -61.64
CA THR E 188 -7.95 -15.30 -61.50
C THR E 188 -9.29 -14.63 -61.27
N VAL E 189 -9.40 -13.95 -60.15
CA VAL E 189 -10.60 -13.22 -59.77
C VAL E 189 -10.26 -11.74 -59.79
N ARG E 190 -11.16 -10.93 -60.35
CA ARG E 190 -10.98 -9.48 -60.44
C ARG E 190 -12.26 -8.81 -59.96
N ILE E 191 -12.14 -7.93 -58.97
CA ILE E 191 -13.26 -7.18 -58.41
C ILE E 191 -13.01 -5.72 -58.63
N ASP E 192 -13.82 -5.10 -59.50
CA ASP E 192 -13.68 -3.68 -59.79
C ASP E 192 -14.31 -2.85 -58.70
N ALA E 193 -13.63 -1.76 -58.33
CA ALA E 193 -14.08 -0.84 -57.30
C ALA E 193 -13.67 0.58 -57.62
N VAL E 194 -14.46 1.52 -57.13
CA VAL E 194 -14.23 2.95 -57.33
C VAL E 194 -14.19 3.58 -55.95
N ARG E 195 -13.22 4.50 -55.74
CA ARG E 195 -13.08 5.19 -54.47
C ARG E 195 -14.25 6.14 -54.24
N ASN E 196 -14.65 6.32 -52.98
CA ASN E 196 -15.70 7.25 -52.60
C ASN E 196 -15.03 8.64 -52.49
N PRO E 197 -15.23 9.54 -53.48
CA PRO E 197 -14.53 10.84 -53.46
C PRO E 197 -15.22 11.96 -52.69
N SER E 198 -16.39 11.69 -52.07
CA SER E 198 -17.18 12.70 -51.36
C SER E 198 -16.34 13.52 -50.38
N TYR E 199 -15.62 12.84 -49.47
CA TYR E 199 -14.80 13.51 -48.47
C TYR E 199 -13.72 14.41 -49.07
N TYR E 200 -12.98 13.89 -50.06
CA TYR E 200 -11.91 14.63 -50.70
C TYR E 200 -12.38 15.80 -51.55
N LEU E 201 -13.60 15.71 -52.09
CA LEU E 201 -14.16 16.79 -52.89
C LEU E 201 -14.53 17.99 -52.05
N TRP E 202 -15.27 17.75 -50.96
CA TRP E 202 -15.77 18.80 -50.08
C TRP E 202 -14.77 19.34 -49.10
N SER E 203 -13.82 18.51 -48.61
CA SER E 203 -12.85 18.92 -47.59
C SER E 203 -11.44 19.22 -48.12
N PHE E 204 -11.15 18.86 -49.37
CA PHE E 204 -9.83 19.09 -49.95
C PHE E 204 -9.87 19.88 -51.25
N ILE E 205 -10.64 19.42 -52.24
CA ILE E 205 -10.74 20.07 -53.55
C ILE E 205 -11.41 21.43 -53.45
N LEU E 206 -12.62 21.45 -52.85
CA LEU E 206 -13.42 22.66 -52.67
C LEU E 206 -12.66 23.77 -51.90
N PRO E 207 -12.15 23.53 -50.65
CA PRO E 207 -11.42 24.61 -49.96
C PRO E 207 -10.20 25.08 -50.72
N LEU E 208 -9.44 24.15 -51.35
CA LEU E 208 -8.27 24.49 -52.15
C LEU E 208 -8.61 25.46 -53.28
N GLY E 209 -9.76 25.23 -53.93
CA GLY E 209 -10.30 26.09 -54.98
C GLY E 209 -10.51 27.51 -54.48
N LEU E 210 -11.09 27.63 -53.26
CA LEU E 210 -11.33 28.92 -52.60
C LEU E 210 -10.03 29.62 -52.24
N ILE E 211 -8.99 28.85 -51.84
CA ILE E 211 -7.68 29.41 -51.48
C ILE E 211 -7.01 29.97 -52.73
N ILE E 212 -6.99 29.20 -53.83
CA ILE E 212 -6.39 29.60 -55.08
C ILE E 212 -7.13 30.78 -55.67
N ALA E 213 -8.48 30.76 -55.63
CA ALA E 213 -9.29 31.86 -56.13
C ALA E 213 -9.04 33.13 -55.33
N ALA E 214 -9.04 33.02 -53.97
CA ALA E 214 -8.77 34.16 -53.07
C ALA E 214 -7.40 34.74 -53.28
N SER E 215 -6.42 33.94 -53.76
CA SER E 215 -5.07 34.43 -54.04
C SER E 215 -5.04 35.43 -55.19
N TRP E 216 -6.02 35.34 -56.11
CA TRP E 216 -6.13 36.24 -57.26
C TRP E 216 -6.60 37.64 -56.87
N SER E 217 -7.18 37.79 -55.67
CA SER E 217 -7.67 39.07 -55.19
C SER E 217 -6.55 40.04 -54.78
N VAL E 218 -5.27 39.62 -54.88
CA VAL E 218 -4.11 40.46 -54.58
C VAL E 218 -4.02 41.61 -55.57
N PHE E 219 -4.51 41.40 -56.81
CA PHE E 219 -4.52 42.40 -57.86
C PHE E 219 -5.53 43.51 -57.61
N TRP E 220 -6.51 43.27 -56.70
CA TRP E 220 -7.51 44.26 -56.32
C TRP E 220 -7.01 45.23 -55.25
N LEU E 221 -5.80 44.98 -54.70
CA LEU E 221 -5.18 45.87 -53.73
C LEU E 221 -4.63 47.10 -54.43
N GLU E 222 -4.65 48.22 -53.72
CA GLU E 222 -4.25 49.52 -54.25
C GLU E 222 -2.74 49.75 -54.31
N SER E 223 -2.07 49.55 -53.18
CA SER E 223 -0.65 49.82 -53.04
C SER E 223 0.22 48.61 -53.37
N PHE E 224 1.39 48.89 -53.97
CA PHE E 224 2.38 47.88 -54.31
C PHE E 224 2.85 47.14 -53.04
N SER E 225 3.10 47.88 -51.94
CA SER E 225 3.50 47.32 -50.65
C SER E 225 2.42 46.37 -50.13
N GLU E 226 1.14 46.69 -50.39
CA GLU E 226 0.03 45.83 -49.99
C GLU E 226 -0.05 44.58 -50.87
N ARG E 227 0.17 44.72 -52.19
CA ARG E 227 0.13 43.61 -53.14
C ARG E 227 1.23 42.59 -52.86
N LEU E 228 2.46 43.07 -52.58
CA LEU E 228 3.59 42.20 -52.32
C LEU E 228 3.55 41.54 -50.95
N GLN E 229 3.24 42.29 -49.88
CA GLN E 229 3.19 41.74 -48.53
C GLN E 229 2.07 40.71 -48.36
N THR E 230 0.90 40.96 -48.98
CA THR E 230 -0.24 40.04 -48.93
C THR E 230 0.09 38.73 -49.63
N SER E 231 0.84 38.77 -50.74
CA SER E 231 1.22 37.57 -51.47
C SER E 231 2.04 36.59 -50.63
N PHE E 232 2.78 37.10 -49.61
CA PHE E 232 3.54 36.25 -48.69
C PHE E 232 2.62 35.53 -47.73
N THR E 233 1.52 36.19 -47.31
CA THR E 233 0.49 35.58 -46.47
C THR E 233 -0.21 34.50 -47.29
N LEU E 234 -0.36 34.73 -48.61
CA LEU E 234 -0.96 33.79 -49.55
C LEU E 234 -0.06 32.58 -49.71
N MET E 235 1.24 32.83 -49.94
CA MET E 235 2.27 31.80 -50.07
C MET E 235 2.25 30.91 -48.83
N LEU E 236 2.18 31.52 -47.63
CA LEU E 236 2.13 30.81 -46.36
C LEU E 236 0.85 29.97 -46.24
N THR E 237 -0.27 30.44 -46.84
CA THR E 237 -1.55 29.72 -46.80
C THR E 237 -1.48 28.43 -47.59
N VAL E 238 -0.80 28.47 -48.76
CA VAL E 238 -0.63 27.30 -49.62
C VAL E 238 0.25 26.27 -48.93
N VAL E 239 1.33 26.72 -48.26
CA VAL E 239 2.25 25.86 -47.51
C VAL E 239 1.47 25.16 -46.40
N ALA E 240 0.65 25.93 -45.63
CA ALA E 240 -0.19 25.40 -44.56
C ALA E 240 -1.17 24.38 -45.11
N TYR E 241 -1.68 24.61 -46.34
CA TYR E 241 -2.63 23.71 -46.98
C TYR E 241 -1.97 22.46 -47.52
N ALA E 242 -0.76 22.59 -48.11
CA ALA E 242 0.03 21.46 -48.64
C ALA E 242 0.34 20.50 -47.51
N PHE E 243 0.53 21.06 -46.30
CA PHE E 243 0.81 20.29 -45.09
C PHE E 243 -0.44 19.58 -44.60
N TYR E 244 -1.57 20.29 -44.57
CA TYR E 244 -2.87 19.73 -44.18
C TYR E 244 -3.24 18.57 -45.10
N THR E 245 -2.91 18.69 -46.40
CA THR E 245 -3.16 17.67 -47.42
C THR E 245 -2.27 16.47 -47.20
N SER E 246 -0.94 16.68 -47.16
CA SER E 246 0.07 15.63 -47.02
C SER E 246 -0.14 14.74 -45.80
N ASN E 247 -0.49 15.34 -44.65
CA ASN E 247 -0.71 14.62 -43.40
C ASN E 247 -1.91 13.66 -43.43
N ILE E 248 -2.87 13.88 -44.34
CA ILE E 248 -4.08 13.05 -44.44
C ILE E 248 -4.07 12.15 -45.66
N LEU E 249 -3.74 12.71 -46.83
CA LEU E 249 -3.69 11.98 -48.08
C LEU E 249 -2.69 10.81 -48.03
N PRO E 250 -2.96 9.72 -48.78
CA PRO E 250 -2.04 8.57 -48.73
C PRO E 250 -0.69 8.89 -49.36
N ARG E 251 0.38 8.29 -48.84
CA ARG E 251 1.73 8.51 -49.37
C ARG E 251 1.90 7.69 -50.63
N LEU E 252 2.42 8.34 -51.68
CA LEU E 252 2.60 7.74 -53.00
C LEU E 252 3.94 8.14 -53.63
N PRO E 253 4.45 7.39 -54.64
CA PRO E 253 5.70 7.79 -55.28
C PRO E 253 5.50 8.77 -56.44
N TYR E 254 4.26 9.28 -56.62
CA TYR E 254 3.91 10.22 -57.67
C TYR E 254 2.88 11.24 -57.19
N THR E 255 2.64 12.26 -57.99
CA THR E 255 1.68 13.31 -57.67
C THR E 255 0.27 12.90 -58.11
N THR E 256 -0.73 13.33 -57.34
CA THR E 256 -2.14 13.10 -57.61
C THR E 256 -2.75 14.38 -58.18
N VAL E 257 -4.08 14.42 -58.32
CA VAL E 257 -4.81 15.59 -58.80
C VAL E 257 -4.65 16.74 -57.80
N ILE E 258 -4.87 16.43 -56.50
CA ILE E 258 -4.75 17.39 -55.39
C ILE E 258 -3.34 17.97 -55.32
N ASP E 259 -2.31 17.10 -55.46
CA ASP E 259 -0.91 17.52 -55.42
C ASP E 259 -0.61 18.52 -56.52
N GLN E 260 -1.10 18.27 -57.75
CA GLN E 260 -0.92 19.17 -58.90
C GLN E 260 -1.60 20.51 -58.66
N MET E 261 -2.77 20.51 -58.00
CA MET E 261 -3.50 21.73 -57.62
C MET E 261 -2.66 22.55 -56.66
N ILE E 262 -2.00 21.89 -55.67
CA ILE E 262 -1.11 22.53 -54.71
C ILE E 262 0.08 23.16 -55.45
N ILE E 263 0.64 22.45 -56.44
CA ILE E 263 1.77 22.96 -57.24
C ILE E 263 1.30 24.17 -58.04
N ALA E 264 0.08 24.10 -58.62
CA ALA E 264 -0.52 25.19 -59.39
C ALA E 264 -0.71 26.42 -58.51
N GLY E 265 -1.09 26.20 -57.24
CA GLY E 265 -1.25 27.25 -56.24
C GLY E 265 0.03 28.00 -56.00
N TYR E 266 1.16 27.24 -55.89
CA TYR E 266 2.50 27.81 -55.73
C TYR E 266 2.88 28.66 -56.92
N GLY E 267 2.64 28.12 -58.11
CA GLY E 267 2.90 28.77 -59.40
C GLY E 267 2.15 30.07 -59.55
N SER E 268 0.82 30.04 -59.29
CA SER E 268 -0.06 31.21 -59.37
C SER E 268 0.43 32.36 -58.47
N ILE E 269 0.70 32.06 -57.19
CA ILE E 269 1.19 33.05 -56.21
C ILE E 269 2.57 33.57 -56.63
N PHE E 270 3.47 32.67 -57.04
CA PHE E 270 4.81 33.05 -57.47
C PHE E 270 4.78 33.92 -58.71
N ALA E 271 3.94 33.56 -59.71
CA ALA E 271 3.77 34.32 -60.95
C ALA E 271 3.22 35.71 -60.64
N ALA E 272 2.26 35.80 -59.68
CA ALA E 272 1.68 37.06 -59.25
C ALA E 272 2.74 37.95 -58.61
N ILE E 273 3.66 37.37 -57.79
CA ILE E 273 4.76 38.10 -57.15
C ILE E 273 5.66 38.74 -58.21
N LEU E 274 5.93 38.01 -59.29
CA LEU E 274 6.75 38.51 -60.39
C LEU E 274 6.05 39.64 -61.11
N LEU E 275 4.72 39.50 -61.33
CA LEU E 275 3.89 40.51 -62.00
C LEU E 275 3.79 41.78 -61.17
N ILE E 276 3.63 41.64 -59.83
CA ILE E 276 3.54 42.75 -58.89
C ILE E 276 4.80 43.59 -58.90
N ILE E 277 5.98 42.93 -58.95
CA ILE E 277 7.27 43.60 -58.97
C ILE E 277 7.54 44.20 -60.34
N PHE E 278 7.24 43.44 -61.41
CA PHE E 278 7.42 43.88 -62.80
C PHE E 278 6.62 45.15 -63.11
N ALA E 279 5.35 45.22 -62.67
CA ALA E 279 4.48 46.37 -62.87
C ALA E 279 4.97 47.63 -62.16
N HIS E 280 5.55 47.47 -60.97
CA HIS E 280 6.00 48.60 -60.16
C HIS E 280 7.43 49.10 -60.46
N HIS E 281 8.27 48.30 -61.14
CA HIS E 281 9.65 48.67 -61.44
C HIS E 281 10.03 48.67 -62.93
N ARG E 282 9.05 48.50 -63.82
CA ARG E 282 9.33 48.55 -65.26
C ARG E 282 8.33 49.47 -65.92
N GLU E 288 5.78 53.84 -61.60
CA GLU E 288 4.54 54.08 -62.33
C GLU E 288 3.90 52.73 -62.73
N ASP E 289 2.84 52.33 -62.00
CA ASP E 289 2.11 51.07 -62.20
C ASP E 289 1.44 50.99 -63.58
N ASP E 290 1.67 49.85 -64.29
CA ASP E 290 1.11 49.55 -65.60
C ASP E 290 -0.38 49.40 -65.49
N LEU E 291 -1.09 50.00 -66.45
CA LEU E 291 -2.54 49.99 -66.49
C LEU E 291 -3.10 48.57 -66.68
N LEU E 292 -2.61 47.84 -67.70
CA LEU E 292 -3.08 46.48 -68.01
C LEU E 292 -2.63 45.43 -67.02
N ILE E 293 -1.35 45.47 -66.62
CA ILE E 293 -0.76 44.52 -65.67
C ILE E 293 -1.46 44.58 -64.32
N GLN E 294 -1.67 45.80 -63.78
CA GLN E 294 -2.34 45.96 -62.50
C GLN E 294 -3.81 45.59 -62.56
N ARG E 295 -4.39 45.67 -63.76
CA ARG E 295 -5.78 45.30 -63.97
C ARG E 295 -5.91 43.93 -64.65
N CYS E 296 -5.00 43.01 -64.33
CA CYS E 296 -5.05 41.62 -64.83
C CYS E 296 -5.96 40.78 -63.94
N ARG E 297 -6.79 41.47 -63.12
CA ARG E 297 -7.76 40.86 -62.18
C ARG E 297 -8.65 39.85 -62.89
N LEU E 298 -8.84 40.01 -64.21
CA LEU E 298 -9.62 39.10 -65.04
C LEU E 298 -8.74 38.20 -65.90
N ALA E 299 -7.56 38.70 -66.32
CA ALA E 299 -6.63 37.94 -67.17
C ALA E 299 -5.94 36.80 -66.43
N PHE E 300 -5.52 37.04 -65.18
CA PHE E 300 -4.84 36.05 -64.35
C PHE E 300 -5.74 34.83 -64.05
N PRO E 301 -7.00 35.00 -63.56
CA PRO E 301 -7.87 33.83 -63.32
C PRO E 301 -8.16 33.04 -64.59
N LEU E 302 -8.42 33.73 -65.73
CA LEU E 302 -8.72 33.04 -66.98
C LEU E 302 -7.51 32.28 -67.52
N GLY E 303 -6.31 32.85 -67.37
CA GLY E 303 -5.05 32.25 -67.78
C GLY E 303 -4.77 30.99 -66.99
N PHE E 304 -5.12 31.03 -65.68
CA PHE E 304 -4.99 29.89 -64.78
C PHE E 304 -5.98 28.79 -65.16
N LEU E 305 -7.25 29.15 -65.39
CA LEU E 305 -8.30 28.23 -65.80
C LEU E 305 -7.99 27.58 -67.15
N ALA E 306 -7.36 28.33 -68.08
CA ALA E 306 -6.95 27.81 -69.39
C ALA E 306 -5.89 26.70 -69.20
N ILE E 307 -4.87 26.94 -68.34
CA ILE E 307 -3.82 25.97 -68.02
C ILE E 307 -4.42 24.80 -67.22
N GLY E 308 -5.47 25.10 -66.44
CA GLY E 308 -6.20 24.13 -65.64
C GLY E 308 -6.93 23.11 -66.49
N CYS E 309 -7.42 23.53 -67.67
CA CYS E 309 -8.12 22.67 -68.61
C CYS E 309 -7.17 21.67 -69.26
N VAL E 310 -5.88 22.05 -69.42
CA VAL E 310 -4.83 21.20 -69.98
C VAL E 310 -4.44 20.11 -68.95
N LEU E 311 -4.55 20.44 -67.64
CA LEU E 311 -4.28 19.51 -66.54
C LEU E 311 -5.27 18.34 -66.55
N VAL E 312 -6.50 18.56 -67.06
CA VAL E 312 -7.54 17.54 -67.15
C VAL E 312 -7.34 16.72 -68.45
N ILE E 313 -7.18 17.42 -69.58
CA ILE E 313 -6.98 16.79 -70.90
C ILE E 313 -5.51 16.40 -71.07
N ARG F 6 -37.32 33.90 45.04
CA ARG F 6 -36.82 33.53 46.35
C ARG F 6 -35.63 32.58 46.18
N PRO F 7 -34.36 33.06 46.30
CA PRO F 7 -33.22 32.13 46.16
C PRO F 7 -33.27 31.08 47.25
N VAL F 8 -33.35 29.78 46.86
CA VAL F 8 -33.36 28.64 47.78
C VAL F 8 -31.99 28.54 48.50
N ASP F 9 -32.00 28.75 49.82
CA ASP F 9 -30.83 28.72 50.68
C ASP F 9 -30.37 27.28 50.90
N VAL F 10 -29.08 27.03 50.61
CA VAL F 10 -28.46 25.71 50.70
C VAL F 10 -27.36 25.73 51.75
N SER F 11 -27.50 24.88 52.78
CA SER F 11 -26.50 24.74 53.84
C SER F 11 -25.62 23.55 53.50
N VAL F 12 -24.31 23.80 53.35
CA VAL F 12 -23.34 22.77 52.98
C VAL F 12 -22.44 22.40 54.16
N SER F 13 -22.05 21.13 54.23
CA SER F 13 -21.11 20.58 55.21
C SER F 13 -20.20 19.58 54.50
N ILE F 14 -18.88 19.84 54.52
CA ILE F 14 -17.87 18.99 53.88
C ILE F 14 -16.98 18.36 54.94
N PHE F 15 -16.80 17.04 54.86
CA PHE F 15 -15.97 16.29 55.79
C PHE F 15 -14.78 15.75 55.02
N ILE F 16 -13.58 16.19 55.37
CA ILE F 16 -12.36 15.74 54.71
C ILE F 16 -11.78 14.56 55.48
N ASN F 17 -11.66 13.42 54.81
CA ASN F 17 -11.12 12.20 55.41
C ASN F 17 -9.66 12.00 55.11
N LYS F 18 -9.22 12.37 53.89
CA LYS F 18 -7.85 12.13 53.46
C LYS F 18 -7.46 13.10 52.35
N ILE F 19 -6.25 13.64 52.44
CA ILE F 19 -5.64 14.48 51.41
C ILE F 19 -4.32 13.82 51.12
N TYR F 20 -4.14 13.35 49.87
CA TYR F 20 -2.96 12.62 49.45
C TYR F 20 -2.78 12.74 47.93
N GLY F 21 -1.83 11.99 47.38
CA GLY F 21 -1.55 11.91 45.95
C GLY F 21 -1.24 13.22 45.28
N VAL F 22 -0.32 14.01 45.87
CA VAL F 22 0.09 15.30 45.30
C VAL F 22 0.88 15.05 44.00
N ASN F 23 0.41 15.59 42.88
CA ASN F 23 1.12 15.48 41.60
C ASN F 23 1.71 16.86 41.36
N THR F 24 3.03 16.97 41.53
CA THR F 24 3.78 18.22 41.41
C THR F 24 3.65 18.90 40.04
N LEU F 25 3.90 18.14 38.96
CA LEU F 25 3.83 18.68 37.60
C LEU F 25 2.42 19.05 37.16
N GLU F 26 1.42 18.27 37.57
CA GLU F 26 0.03 18.55 37.23
C GLU F 26 -0.60 19.56 38.18
N GLN F 27 0.04 19.83 39.34
CA GLN F 27 -0.46 20.71 40.40
C GLN F 27 -1.84 20.23 40.86
N THR F 28 -1.90 18.94 41.19
CA THR F 28 -3.12 18.24 41.60
C THR F 28 -2.92 17.51 42.89
N TYR F 29 -4.02 17.20 43.57
CA TYR F 29 -4.02 16.48 44.83
C TYR F 29 -5.35 15.78 44.98
N LYS F 30 -5.35 14.62 45.60
CA LYS F 30 -6.56 13.81 45.80
C LYS F 30 -7.17 14.09 47.14
N VAL F 31 -8.50 14.14 47.18
CA VAL F 31 -9.26 14.42 48.39
C VAL F 31 -10.41 13.42 48.54
N ASP F 32 -10.48 12.71 49.67
CA ASP F 32 -11.56 11.78 49.96
C ASP F 32 -12.36 12.38 51.11
N GLY F 33 -13.66 12.35 50.98
CA GLY F 33 -14.53 12.87 52.01
C GLY F 33 -16.00 12.75 51.71
N TYR F 34 -16.81 13.45 52.50
CA TYR F 34 -18.25 13.48 52.34
C TYR F 34 -18.71 14.91 52.06
N ILE F 35 -19.85 15.04 51.39
CA ILE F 35 -20.50 16.30 51.07
C ILE F 35 -21.96 16.22 51.49
N VAL F 36 -22.38 17.17 52.32
CA VAL F 36 -23.75 17.23 52.81
C VAL F 36 -24.35 18.57 52.37
N ALA F 37 -25.52 18.53 51.71
CA ALA F 37 -26.22 19.73 51.26
C ALA F 37 -27.66 19.67 51.74
N GLN F 38 -28.13 20.74 52.39
CA GLN F 38 -29.49 20.81 52.92
C GLN F 38 -30.22 22.06 52.42
N TRP F 39 -31.44 21.86 51.95
CA TRP F 39 -32.31 22.95 51.48
C TRP F 39 -33.75 22.61 51.82
N THR F 40 -34.64 23.60 51.78
CA THR F 40 -36.04 23.38 52.10
C THR F 40 -36.92 23.53 50.86
N GLY F 41 -37.74 22.53 50.62
CA GLY F 41 -38.71 22.53 49.53
C GLY F 41 -40.15 22.52 50.05
N LYS F 42 -41.09 22.09 49.18
CA LYS F 42 -42.51 21.98 49.52
C LYS F 42 -42.72 20.77 50.42
N PRO F 43 -43.54 20.89 51.49
CA PRO F 43 -43.77 19.73 52.38
C PRO F 43 -44.20 18.48 51.64
N ARG F 44 -43.70 17.34 52.15
CA ARG F 44 -43.86 16.01 51.59
C ARG F 44 -44.77 15.13 52.44
N LYS F 45 -45.24 14.02 51.85
CA LYS F 45 -46.05 13.04 52.55
C LYS F 45 -45.24 11.78 52.80
N THR F 46 -44.18 11.90 53.62
CA THR F 46 -43.28 10.78 53.94
C THR F 46 -44.02 9.71 54.72
N PRO F 47 -43.67 8.41 54.51
CA PRO F 47 -44.36 7.34 55.25
C PRO F 47 -44.26 7.54 56.76
N GLY F 48 -45.44 7.67 57.38
CA GLY F 48 -45.61 7.90 58.81
C GLY F 48 -45.06 9.22 59.32
N ASP F 49 -45.00 10.24 58.43
CA ASP F 49 -44.49 11.59 58.73
C ASP F 49 -43.09 11.53 59.41
N LYS F 50 -42.25 10.59 58.99
CA LYS F 50 -40.90 10.44 59.52
C LYS F 50 -39.93 10.55 58.36
N PRO F 51 -38.70 11.07 58.58
CA PRO F 51 -37.76 11.24 57.47
C PRO F 51 -37.57 9.97 56.66
N LEU F 52 -37.61 10.11 55.34
CA LEU F 52 -37.47 9.02 54.40
C LEU F 52 -36.03 9.00 53.87
N ILE F 53 -35.39 7.82 53.94
CA ILE F 53 -34.04 7.64 53.43
C ILE F 53 -34.14 7.02 52.05
N VAL F 54 -33.52 7.67 51.05
CA VAL F 54 -33.49 7.26 49.65
C VAL F 54 -32.03 7.07 49.33
N GLU F 55 -31.61 5.81 49.15
CA GLU F 55 -30.22 5.50 48.94
C GLU F 55 -29.92 5.18 47.52
N ASN F 56 -28.74 5.65 47.08
CA ASN F 56 -28.09 5.36 45.82
C ASN F 56 -29.02 5.38 44.60
N THR F 57 -29.22 4.20 43.98
CA THR F 57 -30.03 4.00 42.77
C THR F 57 -31.39 4.66 42.83
N GLN F 58 -32.04 4.66 44.01
CA GLN F 58 -33.36 5.24 44.19
C GLN F 58 -33.40 6.76 44.04
N ILE F 59 -32.25 7.48 44.23
CA ILE F 59 -32.17 8.94 44.09
C ILE F 59 -32.57 9.34 42.67
N GLU F 60 -32.00 8.65 41.68
CA GLU F 60 -32.26 8.93 40.27
C GLU F 60 -33.74 8.74 39.93
N ARG F 61 -34.38 7.73 40.55
CA ARG F 61 -35.81 7.45 40.35
C ARG F 61 -36.69 8.57 40.85
N TRP F 62 -36.34 9.17 42.01
CA TRP F 62 -37.07 10.31 42.57
C TRP F 62 -36.93 11.55 41.70
N ILE F 63 -35.74 11.77 41.10
CA ILE F 63 -35.46 12.89 40.20
C ILE F 63 -36.32 12.79 38.96
N ASN F 64 -36.43 11.57 38.38
CA ASN F 64 -37.25 11.29 37.20
C ASN F 64 -38.70 11.63 37.46
N ASN F 65 -39.16 11.44 38.72
CA ASN F 65 -40.52 11.68 39.15
C ASN F 65 -40.82 13.12 39.56
N GLY F 66 -39.83 14.00 39.54
CA GLY F 66 -40.09 15.40 39.84
C GLY F 66 -39.27 16.05 40.93
N LEU F 67 -38.56 15.24 41.74
CA LEU F 67 -37.75 15.77 42.82
C LEU F 67 -36.61 16.66 42.31
N TRP F 68 -36.53 17.88 42.84
CA TRP F 68 -35.50 18.84 42.47
C TRP F 68 -34.25 18.62 43.32
N VAL F 69 -33.20 18.10 42.67
CA VAL F 69 -31.89 17.83 43.27
C VAL F 69 -30.87 18.56 42.42
N PRO F 70 -30.48 19.79 42.82
CA PRO F 70 -29.56 20.57 41.99
C PRO F 70 -28.17 19.96 41.92
N ALA F 71 -27.54 20.16 40.76
CA ALA F 71 -26.22 19.66 40.55
C ALA F 71 -25.22 20.67 41.09
N LEU F 72 -24.45 20.27 42.11
CA LEU F 72 -23.41 21.12 42.69
C LEU F 72 -22.09 20.61 42.18
N GLU F 73 -21.38 21.45 41.45
CA GLU F 73 -20.13 21.06 40.82
C GLU F 73 -18.89 21.51 41.59
N PHE F 74 -17.86 20.64 41.64
CA PHE F 74 -16.56 21.02 42.19
C PHE F 74 -15.84 21.70 41.04
N ILE F 75 -15.71 23.03 41.11
CA ILE F 75 -15.07 23.86 40.08
C ILE F 75 -13.63 23.43 39.77
N ASN F 76 -12.83 23.12 40.80
CA ASN F 76 -11.41 22.78 40.64
C ASN F 76 -11.08 21.28 40.52
N VAL F 77 -12.11 20.44 40.33
CA VAL F 77 -11.90 19.01 40.20
C VAL F 77 -11.40 18.67 38.80
N VAL F 78 -10.38 17.85 38.71
CA VAL F 78 -9.81 17.43 37.44
C VAL F 78 -10.43 16.07 37.10
N GLY F 79 -11.47 16.10 36.28
CA GLY F 79 -12.21 14.89 35.95
C GLY F 79 -13.25 14.59 37.01
N SER F 80 -14.40 14.10 36.56
CA SER F 80 -15.56 13.77 37.39
C SER F 80 -15.18 12.91 38.60
N PRO F 81 -15.58 13.35 39.81
CA PRO F 81 -15.16 12.63 41.01
C PRO F 81 -15.84 11.29 41.16
N ASP F 82 -15.22 10.41 41.97
CA ASP F 82 -15.77 9.10 42.25
C ASP F 82 -16.77 9.23 43.37
N THR F 83 -18.08 9.25 43.00
CA THR F 83 -19.19 9.36 43.93
C THR F 83 -19.62 7.94 44.26
N GLY F 84 -19.44 7.56 45.51
CA GLY F 84 -19.74 6.23 45.99
C GLY F 84 -21.14 6.09 46.53
N ASN F 85 -21.27 6.00 47.88
CA ASN F 85 -22.58 5.85 48.51
C ASN F 85 -23.30 7.21 48.59
N LYS F 86 -24.54 7.25 48.13
CA LYS F 86 -25.35 8.46 48.09
C LYS F 86 -26.57 8.23 48.93
N ARG F 87 -27.15 9.34 49.40
CA ARG F 87 -28.34 9.32 50.23
C ARG F 87 -29.09 10.65 50.16
N LEU F 88 -30.42 10.56 50.10
CA LEU F 88 -31.35 11.68 50.17
C LEU F 88 -32.22 11.42 51.40
N MET F 89 -32.24 12.40 52.31
CA MET F 89 -33.05 12.31 53.50
C MET F 89 -34.15 13.31 53.31
N LEU F 90 -35.34 12.79 53.01
CA LEU F 90 -36.51 13.61 52.72
C LEU F 90 -37.37 13.75 53.94
N PHE F 91 -37.51 14.98 54.44
CA PHE F 91 -38.32 15.27 55.59
C PHE F 91 -39.74 15.68 55.17
N PRO F 92 -40.74 15.43 56.05
CA PRO F 92 -42.12 15.78 55.69
C PRO F 92 -42.39 17.27 55.66
N ASP F 93 -41.66 18.08 56.45
CA ASP F 93 -41.81 19.54 56.49
C ASP F 93 -41.32 20.19 55.20
N GLY F 94 -40.64 19.40 54.35
CA GLY F 94 -40.16 19.82 53.05
C GLY F 94 -38.66 19.89 52.87
N ARG F 95 -37.88 19.88 53.98
CA ARG F 95 -36.43 19.98 53.90
C ARG F 95 -35.77 18.68 53.39
N VAL F 96 -34.76 18.84 52.53
CA VAL F 96 -34.08 17.69 51.94
C VAL F 96 -32.60 17.79 52.29
N ILE F 97 -31.97 16.63 52.61
CA ILE F 97 -30.55 16.50 52.96
C ILE F 97 -29.88 15.49 52.04
N TYR F 98 -28.97 15.98 51.20
CA TYR F 98 -28.21 15.14 50.29
C TYR F 98 -26.87 14.84 50.93
N ASN F 99 -26.52 13.56 51.06
CA ASN F 99 -25.25 13.12 51.61
C ASN F 99 -24.61 12.11 50.68
N ALA F 100 -23.33 12.33 50.35
CA ALA F 100 -22.58 11.47 49.46
C ALA F 100 -21.12 11.43 49.75
N ARG F 101 -20.51 10.26 49.56
CA ARG F 101 -19.08 10.06 49.70
C ARG F 101 -18.49 10.40 48.34
N PHE F 102 -17.31 11.03 48.34
CA PHE F 102 -16.63 11.42 47.11
C PHE F 102 -15.13 11.27 47.24
N LEU F 103 -14.47 11.01 46.12
CA LEU F 103 -13.03 10.96 45.98
C LEU F 103 -12.72 11.68 44.67
N GLY F 104 -11.95 12.76 44.76
CA GLY F 104 -11.61 13.57 43.59
C GLY F 104 -10.24 14.20 43.53
N SER F 105 -9.68 14.27 42.31
CA SER F 105 -8.38 14.88 42.05
C SER F 105 -8.64 16.35 41.79
N PHE F 106 -8.17 17.21 42.70
CA PHE F 106 -8.38 18.66 42.61
C PHE F 106 -7.13 19.39 42.18
N SER F 107 -7.32 20.55 41.56
CA SER F 107 -6.25 21.40 41.06
C SER F 107 -6.21 22.73 41.81
N ASN F 108 -5.01 23.29 41.92
CA ASN F 108 -4.73 24.59 42.53
C ASN F 108 -3.30 24.99 42.17
N ASP F 109 -3.03 26.30 42.09
CA ASP F 109 -1.70 26.83 41.83
C ASP F 109 -0.80 26.48 43.00
N MET F 110 0.21 25.64 42.73
CA MET F 110 1.13 25.17 43.75
C MET F 110 2.56 25.52 43.40
N ASP F 111 3.27 26.13 44.36
CA ASP F 111 4.67 26.52 44.22
C ASP F 111 5.57 25.66 45.09
N PHE F 112 6.43 24.86 44.44
CA PHE F 112 7.34 23.93 45.11
C PHE F 112 8.79 24.40 45.08
N ARG F 113 9.04 25.71 44.84
CA ARG F 113 10.39 26.28 44.79
C ARG F 113 11.15 26.13 46.09
N LEU F 114 10.42 26.19 47.23
CA LEU F 114 10.98 26.05 48.57
C LEU F 114 11.13 24.61 49.04
N PHE F 115 10.92 23.62 48.14
CA PHE F 115 11.04 22.19 48.45
C PHE F 115 12.41 21.90 49.07
N PRO F 116 12.50 21.08 50.15
CA PRO F 116 11.45 20.32 50.85
C PRO F 116 10.75 21.06 52.00
N PHE F 117 10.86 22.39 52.00
CA PHE F 117 10.29 23.27 53.05
C PHE F 117 9.13 24.12 52.54
N ASP F 118 8.46 23.65 51.49
CA ASP F 118 7.31 24.31 50.88
C ASP F 118 6.05 24.13 51.73
N ARG F 119 5.18 25.14 51.69
CA ARG F 119 3.91 25.16 52.39
C ARG F 119 2.83 25.34 51.34
N GLN F 120 1.86 24.41 51.30
CA GLN F 120 0.78 24.43 50.33
C GLN F 120 -0.57 24.54 51.00
N GLN F 121 -1.57 24.94 50.22
CA GLN F 121 -2.94 25.02 50.67
C GLN F 121 -3.85 24.29 49.70
N PHE F 122 -4.51 23.25 50.21
CA PHE F 122 -5.42 22.44 49.42
C PHE F 122 -6.77 23.14 49.41
N VAL F 123 -7.24 23.49 48.20
CA VAL F 123 -8.49 24.22 47.96
C VAL F 123 -9.62 23.34 47.38
N LEU F 124 -10.85 23.58 47.84
CA LEU F 124 -12.03 22.88 47.36
C LEU F 124 -13.04 23.98 47.03
N GLU F 125 -13.21 24.27 45.74
CA GLU F 125 -14.19 25.26 45.30
C GLU F 125 -15.45 24.51 44.87
N LEU F 126 -16.63 24.93 45.40
CA LEU F 126 -17.96 24.36 45.12
C LEU F 126 -18.86 25.46 44.54
N GLU F 127 -19.77 25.07 43.64
CA GLU F 127 -20.67 26.02 42.97
C GLU F 127 -21.79 25.28 42.25
N PRO F 128 -23.05 25.81 42.26
CA PRO F 128 -24.12 25.18 41.49
C PRO F 128 -23.79 25.21 40.01
N PHE F 129 -24.12 24.13 39.31
CA PHE F 129 -23.81 23.98 37.90
C PHE F 129 -24.74 24.78 36.98
N SER F 130 -26.01 25.02 37.40
CA SER F 130 -26.98 25.68 36.52
C SER F 130 -27.79 26.81 37.13
N TYR F 131 -27.77 26.92 38.46
CA TYR F 131 -28.56 27.94 39.16
C TYR F 131 -27.72 29.05 39.74
N ASN F 132 -28.02 30.30 39.35
CA ASN F 132 -27.33 31.50 39.84
C ASN F 132 -27.74 31.82 41.28
N ASN F 133 -27.11 32.85 41.88
CA ASN F 133 -27.40 33.26 43.25
C ASN F 133 -28.82 33.85 43.47
N GLN F 134 -29.53 34.19 42.38
CA GLN F 134 -30.91 34.68 42.47
C GLN F 134 -31.86 33.48 42.57
N GLN F 135 -31.38 32.29 42.16
CA GLN F 135 -32.14 31.03 42.18
C GLN F 135 -31.72 30.09 43.31
N LEU F 136 -30.41 29.95 43.54
CA LEU F 136 -29.82 29.09 44.57
C LEU F 136 -28.64 29.81 45.21
N ARG F 137 -28.67 29.95 46.53
CA ARG F 137 -27.63 30.63 47.27
C ARG F 137 -27.10 29.76 48.39
N PHE F 138 -25.79 29.85 48.65
CA PHE F 138 -25.16 29.12 49.74
C PHE F 138 -25.29 29.93 51.02
N SER F 139 -26.02 29.39 52.01
CA SER F 139 -26.28 30.09 53.27
C SER F 139 -25.11 30.02 54.23
N ASP F 140 -24.54 28.82 54.40
CA ASP F 140 -23.41 28.58 55.30
C ASP F 140 -22.61 27.35 54.88
N ILE F 141 -21.38 27.27 55.37
CA ILE F 141 -20.45 26.19 55.10
C ILE F 141 -19.76 25.73 56.36
N GLN F 142 -19.69 24.41 56.55
CA GLN F 142 -18.98 23.80 57.67
C GLN F 142 -18.00 22.78 57.14
N VAL F 143 -16.72 22.95 57.48
CA VAL F 143 -15.65 22.04 57.06
C VAL F 143 -15.05 21.38 58.27
N TYR F 144 -14.88 20.06 58.20
CA TYR F 144 -14.31 19.25 59.28
C TYR F 144 -13.06 18.53 58.85
N THR F 145 -12.02 18.57 59.71
CA THR F 145 -10.70 17.97 59.47
C THR F 145 -10.28 17.15 60.69
N GLU F 146 -10.31 15.80 60.58
CA GLU F 146 -9.88 14.92 61.66
C GLU F 146 -8.44 15.30 62.05
N ASN F 147 -8.22 15.64 63.33
CA ASN F 147 -6.90 16.09 63.79
C ASN F 147 -5.92 14.91 63.83
N ILE F 148 -4.86 14.98 63.01
CA ILE F 148 -3.84 13.95 62.96
C ILE F 148 -2.77 14.24 64.01
N ASP F 149 -2.93 13.65 65.22
CA ASP F 149 -2.01 13.79 66.35
C ASP F 149 -0.68 13.12 66.04
N ASN F 150 -0.71 12.07 65.20
CA ASN F 150 0.46 11.31 64.74
C ASN F 150 1.06 11.96 63.48
N GLU F 151 1.15 13.30 63.45
CA GLU F 151 1.70 14.04 62.33
C GLU F 151 3.09 13.53 61.92
N GLU F 152 3.84 12.88 62.84
CA GLU F 152 5.16 12.32 62.55
C GLU F 152 5.16 11.30 61.40
N ILE F 153 4.07 10.50 61.29
CA ILE F 153 3.90 9.45 60.28
C ILE F 153 3.40 10.00 58.93
N ASP F 154 2.66 11.12 58.95
CA ASP F 154 2.10 11.71 57.76
C ASP F 154 3.12 12.49 56.93
N GLU F 155 2.95 12.47 55.60
CA GLU F 155 3.81 13.18 54.65
C GLU F 155 3.57 14.68 54.74
N TRP F 156 2.31 15.07 54.97
CA TRP F 156 1.92 16.46 55.10
C TRP F 156 1.38 16.73 56.50
N TRP F 157 1.67 17.91 57.03
CA TRP F 157 1.19 18.33 58.35
C TRP F 157 0.15 19.40 58.17
N ILE F 158 -1.11 19.08 58.50
CA ILE F 158 -2.23 20.02 58.40
C ILE F 158 -2.07 21.01 59.53
N ARG F 159 -2.00 22.29 59.19
CA ARG F 159 -1.79 23.36 60.15
C ARG F 159 -2.92 23.53 61.15
N GLY F 160 -4.17 23.53 60.68
CA GLY F 160 -5.31 23.67 61.55
C GLY F 160 -6.62 23.50 60.83
N LYS F 161 -7.73 23.89 61.49
CA LYS F 161 -9.07 23.83 60.93
C LYS F 161 -9.11 24.65 59.65
N ALA F 162 -9.78 24.11 58.66
CA ALA F 162 -9.97 24.67 57.34
C ALA F 162 -10.55 26.09 57.35
N SER F 163 -10.16 26.88 56.35
CA SER F 163 -10.68 28.21 56.11
C SER F 163 -11.84 28.06 55.14
N THR F 164 -12.89 28.85 55.33
CA THR F 164 -14.09 28.80 54.48
C THR F 164 -14.52 30.18 54.07
N HIS F 165 -15.17 30.27 52.91
CA HIS F 165 -15.62 31.55 52.39
C HIS F 165 -16.75 31.42 51.36
N ILE F 166 -17.98 31.70 51.79
CA ILE F 166 -19.12 31.74 50.87
C ILE F 166 -19.00 33.08 50.15
N SER F 167 -18.75 33.03 48.85
CA SER F 167 -18.63 34.23 48.03
C SER F 167 -19.87 34.25 47.13
N ASP F 168 -19.87 35.08 46.09
CA ASP F 168 -20.92 35.22 45.08
C ASP F 168 -20.30 35.70 43.78
N ILE F 169 -19.11 35.14 43.46
CA ILE F 169 -18.32 35.45 42.27
C ILE F 169 -19.16 35.39 40.98
N ARG F 170 -18.86 36.28 40.02
CA ARG F 170 -19.55 36.34 38.74
C ARG F 170 -19.18 35.13 37.87
N PRO F 179 -29.55 40.67 33.99
CA PRO F 179 -29.09 41.74 34.89
C PRO F 179 -28.04 41.24 35.88
N ASN F 180 -28.46 40.70 37.04
CA ASN F 180 -27.61 40.17 38.10
C ASN F 180 -27.67 38.63 38.19
N GLN F 181 -28.31 37.98 37.20
CA GLN F 181 -28.45 36.52 37.13
C GLN F 181 -27.19 35.82 36.60
N ASN F 182 -26.12 36.60 36.38
CA ASN F 182 -24.85 36.10 35.87
C ASN F 182 -23.84 35.82 36.99
N GLU F 183 -24.27 35.96 38.27
CA GLU F 183 -23.45 35.68 39.45
C GLU F 183 -23.90 34.39 40.09
N PHE F 184 -22.94 33.57 40.46
CA PHE F 184 -23.14 32.27 41.07
C PHE F 184 -22.49 32.24 42.42
N SER F 185 -23.14 31.61 43.41
CA SER F 185 -22.62 31.50 44.76
C SER F 185 -21.57 30.42 44.77
N ARG F 186 -20.37 30.75 45.25
CA ARG F 186 -19.27 29.80 45.29
C ARG F 186 -18.73 29.64 46.71
N ILE F 187 -18.64 28.39 47.17
CA ILE F 187 -18.01 28.07 48.44
C ILE F 187 -16.54 27.81 48.12
N THR F 188 -15.63 28.35 48.95
CA THR F 188 -14.21 28.14 48.78
C THR F 188 -13.63 27.66 50.10
N VAL F 189 -13.04 26.47 50.10
CA VAL F 189 -12.41 25.89 51.27
C VAL F 189 -10.89 25.88 51.03
N ARG F 190 -10.10 26.24 52.05
CA ARG F 190 -8.64 26.25 51.98
C ARG F 190 -8.08 25.54 53.21
N ILE F 191 -7.24 24.53 52.99
CA ILE F 191 -6.61 23.74 54.06
C ILE F 191 -5.11 23.90 53.94
N ASP F 192 -4.51 24.59 54.90
CA ASP F 192 -3.07 24.79 54.90
C ASP F 192 -2.35 23.55 55.41
N ALA F 193 -1.20 23.26 54.78
CA ALA F 193 -0.36 22.14 55.14
C ALA F 193 1.12 22.44 54.87
N VAL F 194 1.99 21.80 55.64
CA VAL F 194 3.43 21.95 55.51
C VAL F 194 4.01 20.56 55.28
N ARG F 195 4.98 20.45 54.35
CA ARG F 195 5.62 19.18 54.04
C ARG F 195 6.48 18.73 55.20
N ASN F 196 6.56 17.41 55.42
CA ASN F 196 7.42 16.80 56.44
C ASN F 196 8.82 16.70 55.81
N PRO F 197 9.77 17.57 56.22
CA PRO F 197 11.10 17.57 55.59
C PRO F 197 12.13 16.61 56.21
N SER F 198 11.75 15.84 57.25
CA SER F 198 12.65 14.92 57.97
C SER F 198 13.47 14.04 57.03
N TYR F 199 12.79 13.30 56.13
CA TYR F 199 13.45 12.40 55.17
C TYR F 199 14.45 13.11 54.27
N TYR F 200 14.04 14.24 53.68
CA TYR F 200 14.88 15.00 52.76
C TYR F 200 16.05 15.66 53.44
N LEU F 201 15.91 16.02 54.73
CA LEU F 201 16.99 16.65 55.51
C LEU F 201 18.10 15.67 55.79
N TRP F 202 17.76 14.49 56.32
CA TRP F 202 18.72 13.47 56.71
C TRP F 202 19.28 12.63 55.57
N SER F 203 18.49 12.36 54.52
CA SER F 203 18.91 11.50 53.40
C SER F 203 19.30 12.23 52.11
N PHE F 204 19.04 13.54 52.02
CA PHE F 204 19.40 14.31 50.83
C PHE F 204 20.25 15.52 51.14
N ILE F 205 19.79 16.40 52.05
CA ILE F 205 20.49 17.64 52.41
C ILE F 205 21.80 17.33 53.12
N LEU F 206 21.72 16.56 54.23
CA LEU F 206 22.87 16.18 55.05
C LEU F 206 23.95 15.46 54.23
N PRO F 207 23.69 14.33 53.50
CA PRO F 207 24.78 13.69 52.74
C PRO F 207 25.38 14.61 51.70
N LEU F 208 24.54 15.42 51.01
CA LEU F 208 25.00 16.37 50.00
C LEU F 208 26.00 17.38 50.59
N GLY F 209 25.73 17.85 51.80
CA GLY F 209 26.61 18.75 52.55
C GLY F 209 27.98 18.13 52.75
N LEU F 210 28.00 16.84 53.13
CA LEU F 210 29.22 16.06 53.35
C LEU F 210 29.99 15.85 52.05
N ILE F 211 29.28 15.69 50.91
CA ILE F 211 29.90 15.50 49.59
C ILE F 211 30.59 16.77 49.17
N ILE F 212 29.90 17.92 49.30
CA ILE F 212 30.44 19.24 48.94
C ILE F 212 31.60 19.59 49.83
N ALA F 213 31.47 19.35 51.15
CA ALA F 213 32.53 19.63 52.10
C ALA F 213 33.76 18.78 51.81
N ALA F 214 33.58 17.45 51.58
CA ALA F 214 34.66 16.52 51.25
C ALA F 214 35.35 16.87 49.93
N SER F 215 34.66 17.57 49.01
CA SER F 215 35.25 18.00 47.74
C SER F 215 36.33 19.07 47.95
N TRP F 216 36.25 19.83 49.08
CA TRP F 216 37.23 20.87 49.42
C TRP F 216 38.56 20.29 49.91
N SER F 217 38.56 19.01 50.30
CA SER F 217 39.77 18.34 50.78
C SER F 217 40.78 18.02 49.66
N VAL F 218 40.46 18.37 48.40
CA VAL F 218 41.35 18.17 47.26
C VAL F 218 42.59 19.06 47.40
N PHE F 219 42.44 20.21 48.08
CA PHE F 219 43.53 21.17 48.32
C PHE F 219 44.54 20.66 49.33
N TRP F 220 44.16 19.64 50.13
CA TRP F 220 45.04 19.02 51.10
C TRP F 220 45.96 17.96 50.49
N LEU F 221 45.77 17.66 49.19
CA LEU F 221 46.63 16.72 48.49
C LEU F 221 47.94 17.38 48.13
N GLU F 222 49.01 16.57 48.09
CA GLU F 222 50.37 17.04 47.88
C GLU F 222 50.72 17.36 46.42
N SER F 223 50.50 16.39 45.54
CA SER F 223 50.85 16.49 44.13
C SER F 223 49.74 17.08 43.27
N PHE F 224 50.13 17.87 42.25
CA PHE F 224 49.22 18.47 41.27
C PHE F 224 48.44 17.38 40.55
N SER F 225 49.12 16.28 40.16
CA SER F 225 48.49 15.14 39.49
C SER F 225 47.44 14.50 40.39
N GLU F 226 47.68 14.48 41.72
CA GLU F 226 46.72 13.96 42.69
C GLU F 226 45.54 14.90 42.84
N ARG F 227 45.78 16.24 42.88
CA ARG F 227 44.73 17.25 43.03
C ARG F 227 43.78 17.25 41.83
N LEU F 228 44.33 17.15 40.61
CA LEU F 228 43.52 17.16 39.39
C LEU F 228 42.77 15.85 39.15
N GLN F 229 43.44 14.69 39.30
CA GLN F 229 42.79 13.39 39.08
C GLN F 229 41.68 13.12 40.08
N THR F 230 41.87 13.50 41.35
CA THR F 230 40.87 13.35 42.42
C THR F 230 39.62 14.18 42.12
N SER F 231 39.80 15.41 41.60
CA SER F 231 38.67 16.29 41.27
C SER F 231 37.70 15.67 40.25
N PHE F 232 38.20 14.74 39.39
CA PHE F 232 37.37 14.02 38.43
C PHE F 232 36.51 12.97 39.12
N THR F 233 37.06 12.34 40.18
CA THR F 233 36.32 11.37 41.00
C THR F 233 35.25 12.15 41.78
N LEU F 234 35.56 13.40 42.14
CA LEU F 234 34.64 14.30 42.84
C LEU F 234 33.51 14.69 41.93
N MET F 235 33.86 15.12 40.69
CA MET F 235 32.91 15.49 39.63
C MET F 235 31.94 14.33 39.38
N LEU F 236 32.47 13.09 39.29
CA LEU F 236 31.67 11.90 39.09
C LEU F 236 30.74 11.62 40.29
N THR F 237 31.17 11.96 41.52
CA THR F 237 30.37 11.76 42.73
C THR F 237 29.13 12.66 42.71
N VAL F 238 29.29 13.90 42.23
CA VAL F 238 28.21 14.87 42.15
C VAL F 238 27.19 14.43 41.12
N VAL F 239 27.67 13.92 39.96
CA VAL F 239 26.81 13.40 38.89
C VAL F 239 26.00 12.22 39.42
N ALA F 240 26.65 11.31 40.15
CA ALA F 240 26.01 10.14 40.75
C ALA F 240 24.97 10.58 41.79
N TYR F 241 25.24 11.70 42.51
CA TYR F 241 24.32 12.24 43.50
C TYR F 241 23.15 12.98 42.87
N ALA F 242 23.39 13.73 41.77
CA ALA F 242 22.37 14.46 41.03
C ALA F 242 21.37 13.47 40.46
N PHE F 243 21.86 12.26 40.12
CA PHE F 243 21.05 11.17 39.60
C PHE F 243 20.25 10.52 40.70
N TYR F 244 20.86 10.28 41.87
CA TYR F 244 20.20 9.73 43.04
C TYR F 244 19.08 10.67 43.49
N THR F 245 19.31 11.99 43.38
CA THR F 245 18.33 13.02 43.73
C THR F 245 17.18 13.05 42.74
N SER F 246 17.48 13.19 41.44
CA SER F 246 16.49 13.29 40.37
C SER F 246 15.53 12.11 40.32
N ASN F 247 16.03 10.88 40.55
CA ASN F 247 15.22 9.66 40.51
C ASN F 247 14.18 9.59 41.64
N ILE F 248 14.40 10.30 42.74
CA ILE F 248 13.50 10.25 43.89
C ILE F 248 12.67 11.51 44.03
N LEU F 249 13.32 12.67 43.91
CA LEU F 249 12.66 13.97 44.03
C LEU F 249 11.57 14.15 42.99
N PRO F 250 10.50 14.93 43.29
CA PRO F 250 9.43 15.11 42.32
C PRO F 250 9.87 15.92 41.11
N ARG F 251 9.31 15.61 39.92
CA ARG F 251 9.64 16.33 38.70
C ARG F 251 8.92 17.65 38.69
N LEU F 252 9.67 18.72 38.37
CA LEU F 252 9.19 20.08 38.35
C LEU F 252 9.72 20.89 37.17
N PRO F 253 9.09 22.03 36.81
CA PRO F 253 9.62 22.84 35.70
C PRO F 253 10.66 23.86 36.18
N TYR F 254 11.07 23.79 37.46
CA TYR F 254 12.04 24.70 38.06
C TYR F 254 12.94 23.98 39.05
N THR F 255 14.00 24.67 39.49
CA THR F 255 14.94 24.14 40.46
C THR F 255 14.45 24.38 41.88
N THR F 256 14.75 23.43 42.77
CA THR F 256 14.40 23.50 44.17
C THR F 256 15.66 23.89 44.95
N VAL F 257 15.60 23.82 46.29
CA VAL F 257 16.74 24.12 47.16
C VAL F 257 17.83 23.06 46.95
N ILE F 258 17.44 21.76 46.92
CA ILE F 258 18.35 20.63 46.70
C ILE F 258 19.03 20.72 45.34
N ASP F 259 18.26 21.08 44.30
CA ASP F 259 18.78 21.25 42.94
C ASP F 259 19.86 22.31 42.90
N GLN F 260 19.65 23.47 43.58
CA GLN F 260 20.62 24.57 43.65
C GLN F 260 21.89 24.13 44.33
N MET F 261 21.77 23.31 45.40
CA MET F 261 22.91 22.75 46.13
C MET F 261 23.74 21.89 45.18
N ILE F 262 23.08 21.08 44.32
CA ILE F 262 23.71 20.22 43.30
C ILE F 262 24.47 21.08 42.29
N ILE F 263 23.86 22.20 41.87
CA ILE F 263 24.48 23.16 40.93
C ILE F 263 25.71 23.79 41.58
N ALA F 264 25.60 24.15 42.88
CA ALA F 264 26.70 24.73 43.66
C ALA F 264 27.86 23.73 43.77
N GLY F 265 27.53 22.45 43.90
CA GLY F 265 28.49 21.34 43.93
C GLY F 265 29.31 21.26 42.67
N TYR F 266 28.62 21.40 41.51
CA TYR F 266 29.26 21.40 40.19
C TYR F 266 30.20 22.58 40.05
N GLY F 267 29.74 23.75 40.49
CA GLY F 267 30.49 25.00 40.47
C GLY F 267 31.75 24.93 41.31
N SER F 268 31.62 24.44 42.56
CA SER F 268 32.73 24.30 43.51
C SER F 268 33.85 23.41 42.94
N ILE F 269 33.49 22.22 42.43
CA ILE F 269 34.43 21.27 41.83
C ILE F 269 35.08 21.88 40.59
N PHE F 270 34.27 22.51 39.73
CA PHE F 270 34.77 23.14 38.51
C PHE F 270 35.71 24.30 38.80
N ALA F 271 35.37 25.13 39.81
CA ALA F 271 36.20 26.27 40.24
C ALA F 271 37.52 25.77 40.81
N ALA F 272 37.49 24.67 41.58
CA ALA F 272 38.68 24.04 42.16
C ALA F 272 39.60 23.52 41.05
N ILE F 273 39.04 22.94 39.97
CA ILE F 273 39.80 22.44 38.81
C ILE F 273 40.58 23.58 38.17
N LEU F 274 39.93 24.75 38.03
CA LEU F 274 40.57 25.95 37.46
C LEU F 274 41.70 26.44 38.35
N LEU F 275 41.48 26.43 39.68
CA LEU F 275 42.47 26.86 40.67
C LEU F 275 43.67 25.93 40.72
N ILE F 276 43.42 24.60 40.64
CA ILE F 276 44.46 23.56 40.64
C ILE F 276 45.40 23.74 39.43
N ILE F 277 44.82 24.03 38.26
CA ILE F 277 45.59 24.22 37.03
C ILE F 277 46.31 25.56 37.06
N PHE F 278 45.60 26.62 37.51
CA PHE F 278 46.14 27.97 37.59
C PHE F 278 47.37 28.05 38.49
N ALA F 279 47.32 27.39 39.66
CA ALA F 279 48.42 27.38 40.62
C ALA F 279 49.67 26.69 40.09
N HIS F 280 49.49 25.61 39.31
CA HIS F 280 50.59 24.80 38.77
C HIS F 280 51.19 25.30 37.44
N HIS F 281 50.49 26.15 36.70
CA HIS F 281 50.97 26.63 35.39
C HIS F 281 51.22 28.13 35.29
N ARG F 282 50.80 28.91 36.31
CA ARG F 282 51.03 30.36 36.34
C ARG F 282 52.00 30.70 37.48
N GLN F 283 53.28 30.80 37.10
CA GLN F 283 54.41 31.09 37.96
C GLN F 283 55.63 31.49 37.12
N ALA F 284 56.69 31.91 37.80
CA ALA F 284 57.94 32.30 37.17
C ALA F 284 58.74 31.05 36.81
N ASN F 285 58.67 30.01 37.66
CA ASN F 285 59.36 28.73 37.44
C ASN F 285 58.53 27.79 36.53
N GLY F 286 59.04 26.57 36.35
CA GLY F 286 58.40 25.53 35.56
C GLY F 286 57.26 24.87 36.32
N VAL F 287 57.49 24.64 37.62
CA VAL F 287 56.55 24.03 38.56
C VAL F 287 56.75 24.71 39.93
N GLU F 288 55.89 25.67 40.24
CA GLU F 288 55.93 26.41 41.49
C GLU F 288 54.51 26.77 41.91
N ASP F 289 53.94 25.93 42.80
CA ASP F 289 52.59 26.10 43.32
C ASP F 289 52.52 27.31 44.22
N ASP F 290 51.62 28.24 43.89
CA ASP F 290 51.42 29.48 44.64
C ASP F 290 51.08 29.10 46.07
N LEU F 291 51.86 29.64 47.03
CA LEU F 291 51.70 29.37 48.46
C LEU F 291 50.28 29.60 48.97
N LEU F 292 49.68 30.76 48.64
CA LEU F 292 48.32 31.11 49.05
C LEU F 292 47.24 30.30 48.36
N ILE F 293 47.35 30.13 47.01
CA ILE F 293 46.39 29.41 46.18
C ILE F 293 46.29 27.94 46.58
N GLN F 294 47.41 27.20 46.65
CA GLN F 294 47.39 25.79 47.06
C GLN F 294 46.90 25.65 48.51
N ARG F 295 47.17 26.67 49.36
CA ARG F 295 46.67 26.62 50.74
C ARG F 295 45.33 27.35 50.89
N CYS F 296 44.48 27.31 49.83
CA CYS F 296 43.14 27.89 49.85
C CYS F 296 42.20 26.88 50.52
N ARG F 297 42.77 26.05 51.42
CA ARG F 297 42.08 25.02 52.17
C ARG F 297 41.07 25.63 53.16
N LEU F 298 41.23 26.92 53.49
CA LEU F 298 40.33 27.67 54.36
C LEU F 298 39.57 28.75 53.58
N ALA F 299 40.18 29.32 52.52
CA ALA F 299 39.57 30.36 51.68
C ALA F 299 38.45 29.85 50.79
N PHE F 300 38.63 28.64 50.21
CA PHE F 300 37.64 28.01 49.34
C PHE F 300 36.34 27.69 50.09
N PRO F 301 36.36 27.00 51.27
CA PRO F 301 35.12 26.74 52.00
C PRO F 301 34.39 28.02 52.42
N LEU F 302 35.15 29.03 52.92
CA LEU F 302 34.54 30.29 53.34
C LEU F 302 33.93 31.08 52.17
N GLY F 303 34.59 31.02 51.01
CA GLY F 303 34.15 31.65 49.78
C GLY F 303 32.85 31.05 49.28
N PHE F 304 32.75 29.71 49.44
CA PHE F 304 31.56 28.94 49.08
C PHE F 304 30.41 29.28 50.03
N LEU F 305 30.69 29.31 51.35
CA LEU F 305 29.70 29.64 52.38
C LEU F 305 29.17 31.07 52.21
N ALA F 306 30.05 32.01 51.79
CA ALA F 306 29.68 33.41 51.53
C ALA F 306 28.67 33.46 50.37
N ILE F 307 28.95 32.75 49.26
CA ILE F 307 28.06 32.66 48.09
C ILE F 307 26.76 31.91 48.45
N GLY F 308 26.89 30.96 49.39
CA GLY F 308 25.78 30.17 49.93
C GLY F 308 24.77 31.02 50.67
N CYS F 309 25.24 32.08 51.37
CA CYS F 309 24.38 33.01 52.12
C CYS F 309 23.58 33.91 51.18
N ARG G 6 -38.06 -1.31 67.24
CA ARG G 6 -36.77 -1.88 67.60
C ARG G 6 -35.71 -1.79 66.45
N PRO G 7 -34.39 -1.75 66.79
CA PRO G 7 -33.35 -1.74 65.74
C PRO G 7 -33.27 -3.08 65.00
N VAL G 8 -32.92 -3.03 63.71
CA VAL G 8 -32.80 -4.22 62.89
C VAL G 8 -31.45 -4.86 63.16
N ASP G 9 -31.43 -6.12 63.60
CA ASP G 9 -30.17 -6.83 63.86
C ASP G 9 -29.58 -7.36 62.57
N VAL G 10 -28.31 -7.04 62.31
CA VAL G 10 -27.62 -7.47 61.11
C VAL G 10 -26.42 -8.34 61.46
N SER G 11 -26.38 -9.58 60.97
CA SER G 11 -25.26 -10.49 61.17
C SER G 11 -24.35 -10.40 59.94
N VAL G 12 -23.09 -10.04 60.16
CA VAL G 12 -22.12 -9.87 59.09
C VAL G 12 -21.06 -10.97 59.12
N SER G 13 -20.61 -11.39 57.93
CA SER G 13 -19.54 -12.36 57.74
C SER G 13 -18.66 -11.88 56.58
N ILE G 14 -17.37 -11.67 56.85
CA ILE G 14 -16.40 -11.20 55.86
C ILE G 14 -15.38 -12.30 55.58
N PHE G 15 -15.15 -12.59 54.30
CA PHE G 15 -14.20 -13.60 53.88
C PHE G 15 -13.08 -12.89 53.16
N ILE G 16 -11.86 -12.96 53.72
CA ILE G 16 -10.68 -12.32 53.13
C ILE G 16 -9.99 -13.34 52.22
N ASN G 17 -9.88 -12.99 50.93
CA ASN G 17 -9.25 -13.84 49.93
C ASN G 17 -7.83 -13.45 49.67
N LYS G 18 -7.52 -12.14 49.65
CA LYS G 18 -6.19 -11.64 49.34
C LYS G 18 -5.96 -10.25 49.91
N ILE G 19 -4.77 -10.01 50.48
CA ILE G 19 -4.32 -8.70 50.97
C ILE G 19 -3.01 -8.45 50.26
N TYR G 20 -2.97 -7.39 49.45
CA TYR G 20 -1.81 -7.06 48.61
C TYR G 20 -1.83 -5.56 48.27
N GLY G 21 -0.91 -5.15 47.40
CA GLY G 21 -0.81 -3.79 46.90
C GLY G 21 -0.66 -2.72 47.96
N VAL G 22 0.28 -2.93 48.91
CA VAL G 22 0.52 -1.96 49.98
C VAL G 22 1.18 -0.74 49.37
N ASN G 23 0.50 0.41 49.49
CA ASN G 23 1.02 1.67 49.04
C ASN G 23 1.60 2.34 50.26
N THR G 24 2.90 2.60 50.21
CA THR G 24 3.66 3.17 51.33
C THR G 24 3.37 4.65 51.56
N LEU G 25 3.46 5.46 50.52
CA LEU G 25 3.24 6.89 50.62
C LEU G 25 1.76 7.27 50.86
N GLU G 26 0.84 6.43 50.39
CA GLU G 26 -0.59 6.69 50.57
C GLU G 26 -1.14 6.02 51.81
N GLN G 27 -0.42 5.03 52.37
CA GLN G 27 -0.87 4.24 53.52
C GLN G 27 -2.19 3.52 53.19
N THR G 28 -2.19 2.82 52.06
CA THR G 28 -3.31 2.08 51.49
C THR G 28 -2.89 0.63 51.26
N TYR G 29 -3.87 -0.25 51.16
CA TYR G 29 -3.68 -1.66 50.86
C TYR G 29 -4.94 -2.21 50.22
N LYS G 30 -4.79 -3.14 49.31
CA LYS G 30 -5.91 -3.72 48.59
C LYS G 30 -6.37 -5.00 49.28
N VAL G 31 -7.69 -5.20 49.34
CA VAL G 31 -8.32 -6.37 49.95
C VAL G 31 -9.39 -6.93 49.00
N ASP G 32 -9.24 -8.20 48.60
CA ASP G 32 -10.25 -8.87 47.79
C ASP G 32 -10.93 -9.87 48.70
N GLY G 33 -12.24 -9.97 48.60
CA GLY G 33 -13.00 -10.90 49.40
C GLY G 33 -14.49 -10.79 49.22
N TYR G 34 -15.24 -11.42 50.16
CA TYR G 34 -16.70 -11.44 50.12
C TYR G 34 -17.25 -10.81 51.38
N ILE G 35 -18.48 -10.27 51.28
CA ILE G 35 -19.20 -9.67 52.39
C ILE G 35 -20.60 -10.25 52.43
N VAL G 36 -20.98 -10.79 53.57
CA VAL G 36 -22.28 -11.41 53.76
C VAL G 36 -22.99 -10.66 54.90
N ALA G 37 -24.23 -10.23 54.65
CA ALA G 37 -25.06 -9.54 55.63
C ALA G 37 -26.42 -10.23 55.71
N GLN G 38 -26.86 -10.55 56.92
CA GLN G 38 -28.14 -11.22 57.14
C GLN G 38 -28.97 -10.48 58.17
N TRP G 39 -30.23 -10.26 57.83
CA TRP G 39 -31.21 -9.64 58.73
C TRP G 39 -32.57 -10.29 58.49
N THR G 40 -33.51 -10.08 59.42
CA THR G 40 -34.83 -10.67 59.33
C THR G 40 -35.85 -9.57 59.12
N GLY G 41 -36.64 -9.72 58.06
CA GLY G 41 -37.72 -8.82 57.75
C GLY G 41 -39.07 -9.52 57.84
N LYS G 42 -40.05 -8.96 57.15
CA LYS G 42 -41.40 -9.49 57.09
C LYS G 42 -41.41 -10.76 56.20
N PRO G 43 -42.11 -11.83 56.63
CA PRO G 43 -42.17 -13.05 55.81
C PRO G 43 -42.62 -12.81 54.36
N ARG G 44 -42.17 -13.69 53.47
CA ARG G 44 -42.43 -13.57 52.04
C ARG G 44 -43.01 -14.86 51.47
N LYS G 45 -43.60 -14.74 50.27
CA LYS G 45 -44.18 -15.85 49.51
C LYS G 45 -43.22 -16.18 48.38
N THR G 46 -42.21 -16.97 48.71
CA THR G 46 -41.20 -17.37 47.75
C THR G 46 -41.74 -18.45 46.80
N PRO G 47 -41.35 -18.49 45.50
CA PRO G 47 -41.85 -19.55 44.63
C PRO G 47 -41.48 -20.93 45.16
N GLY G 48 -42.54 -21.73 45.36
CA GLY G 48 -42.45 -23.08 45.90
C GLY G 48 -42.03 -23.15 47.35
N ASP G 49 -42.20 -22.04 48.10
CA ASP G 49 -41.84 -21.87 49.52
C ASP G 49 -40.38 -22.32 49.81
N LYS G 50 -39.48 -22.06 48.87
CA LYS G 50 -38.06 -22.39 48.95
C LYS G 50 -37.28 -21.09 48.82
N PRO G 51 -36.06 -20.93 49.44
CA PRO G 51 -35.33 -19.67 49.30
C PRO G 51 -35.20 -19.19 47.85
N LEU G 52 -35.45 -17.89 47.64
CA LEU G 52 -35.38 -17.28 46.33
C LEU G 52 -34.06 -16.55 46.14
N ILE G 53 -33.38 -16.84 45.03
CA ILE G 53 -32.10 -16.24 44.69
C ILE G 53 -32.33 -15.11 43.69
N VAL G 54 -31.80 -13.94 44.04
CA VAL G 54 -31.87 -12.75 43.20
C VAL G 54 -30.43 -12.31 42.96
N GLU G 55 -29.97 -12.42 41.71
CA GLU G 55 -28.60 -12.09 41.36
C GLU G 55 -28.44 -10.79 40.62
N ASN G 56 -27.35 -10.07 40.95
CA ASN G 56 -26.86 -8.86 40.31
C ASN G 56 -27.95 -7.85 39.94
N THR G 57 -28.14 -7.59 38.63
CA THR G 57 -29.09 -6.62 38.07
C THR G 57 -30.51 -6.73 38.66
N GLN G 58 -30.97 -7.95 38.97
CA GLN G 58 -32.31 -8.19 39.53
C GLN G 58 -32.49 -7.66 40.95
N ILE G 59 -31.37 -7.47 41.70
CA ILE G 59 -31.38 -6.94 43.07
C ILE G 59 -32.01 -5.56 43.09
N GLU G 60 -31.62 -4.69 42.14
CA GLU G 60 -32.12 -3.33 42.02
C GLU G 60 -33.62 -3.31 41.77
N ARG G 61 -34.14 -4.26 40.97
CA ARG G 61 -35.57 -4.40 40.68
C ARG G 61 -36.37 -4.65 41.97
N TRP G 62 -35.86 -5.50 42.86
CA TRP G 62 -36.51 -5.79 44.15
C TRP G 62 -36.55 -4.59 45.08
N ILE G 63 -35.46 -3.78 45.06
CA ILE G 63 -35.30 -2.57 45.85
C ILE G 63 -36.29 -1.50 45.42
N ASN G 64 -36.40 -1.24 44.13
CA ASN G 64 -37.35 -0.21 43.72
C ASN G 64 -38.82 -0.65 43.94
N ASN G 65 -39.08 -1.99 44.13
CA ASN G 65 -40.41 -2.51 44.44
C ASN G 65 -40.71 -2.40 45.95
N GLY G 66 -39.71 -2.15 46.79
CA GLY G 66 -39.98 -1.98 48.21
C GLY G 66 -39.03 -2.65 49.14
N LEU G 67 -38.24 -3.63 48.64
CA LEU G 67 -37.30 -4.40 49.47
C LEU G 67 -36.27 -3.50 50.13
N TRP G 68 -36.19 -3.59 51.48
CA TRP G 68 -35.26 -2.78 52.28
C TRP G 68 -33.90 -3.43 52.26
N VAL G 69 -32.94 -2.82 51.55
CA VAL G 69 -31.56 -3.31 51.46
C VAL G 69 -30.66 -2.15 51.90
N PRO G 70 -30.24 -2.11 53.19
CA PRO G 70 -29.44 -0.97 53.65
C PRO G 70 -28.04 -0.93 53.04
N ALA G 71 -27.54 0.28 52.78
CA ALA G 71 -26.20 0.44 52.23
C ALA G 71 -25.21 0.44 53.38
N LEU G 72 -24.25 -0.48 53.30
CA LEU G 72 -23.22 -0.62 54.32
C LEU G 72 -21.94 -0.08 53.74
N GLU G 73 -21.42 0.97 54.37
CA GLU G 73 -20.23 1.63 53.86
C GLU G 73 -18.94 1.20 54.55
N PHE G 74 -17.87 1.02 53.76
CA PHE G 74 -16.54 0.75 54.29
C PHE G 74 -15.99 2.14 54.60
N ILE G 75 -15.94 2.48 55.89
CA ILE G 75 -15.52 3.80 56.39
C ILE G 75 -14.14 4.20 55.86
N ASN G 76 -13.18 3.28 55.90
CA ASN G 76 -11.78 3.49 55.53
C ASN G 76 -11.38 3.11 54.08
N VAL G 77 -12.38 2.89 53.17
CA VAL G 77 -12.09 2.56 51.77
C VAL G 77 -11.72 3.84 51.02
N VAL G 78 -10.67 3.77 50.19
CA VAL G 78 -10.22 4.91 49.40
C VAL G 78 -10.82 4.77 48.01
N GLY G 79 -11.93 5.46 47.79
CA GLY G 79 -12.69 5.38 46.54
C GLY G 79 -13.59 4.16 46.54
N SER G 80 -14.75 4.26 45.87
CA SER G 80 -15.73 3.17 45.79
C SER G 80 -15.11 1.85 45.30
N PRO G 81 -15.29 0.76 46.07
CA PRO G 81 -14.67 -0.52 45.71
C PRO G 81 -15.27 -1.17 44.48
N ASP G 82 -14.53 -2.13 43.91
CA ASP G 82 -14.97 -2.89 42.76
C ASP G 82 -15.84 -4.06 43.22
N THR G 83 -17.15 -3.95 43.05
CA THR G 83 -18.10 -4.97 43.42
C THR G 83 -18.30 -5.96 42.28
N GLY G 84 -18.02 -7.24 42.54
CA GLY G 84 -18.23 -8.31 41.57
C GLY G 84 -19.68 -8.74 41.58
N ASN G 85 -19.90 -10.06 41.63
CA ASN G 85 -21.23 -10.65 41.66
C ASN G 85 -21.94 -10.31 42.97
N LYS G 86 -23.22 -9.98 42.87
CA LYS G 86 -24.06 -9.65 44.02
C LYS G 86 -25.18 -10.68 44.05
N ARG G 87 -25.74 -10.96 45.23
CA ARG G 87 -26.80 -11.94 45.42
C ARG G 87 -27.65 -11.62 46.65
N LEU G 88 -28.97 -11.86 46.55
CA LEU G 88 -29.93 -11.73 47.64
C LEU G 88 -30.64 -13.05 47.76
N MET G 89 -30.58 -13.66 48.94
CA MET G 89 -31.25 -14.90 49.22
C MET G 89 -32.44 -14.57 50.11
N LEU G 90 -33.64 -14.59 49.54
CA LEU G 90 -34.89 -14.27 50.24
C LEU G 90 -35.58 -15.52 50.71
N PHE G 91 -35.69 -15.68 52.04
CA PHE G 91 -36.32 -16.84 52.65
C PHE G 91 -37.79 -16.60 52.92
N PRO G 92 -38.64 -17.67 52.96
CA PRO G 92 -40.08 -17.42 53.18
C PRO G 92 -40.42 -16.90 54.58
N ASP G 93 -39.62 -17.25 55.60
CA ASP G 93 -39.81 -16.82 56.99
C ASP G 93 -39.51 -15.32 57.19
N GLY G 94 -38.90 -14.68 56.19
CA GLY G 94 -38.59 -13.26 56.21
C GLY G 94 -37.14 -12.87 56.23
N ARG G 95 -36.25 -13.82 56.57
CA ARG G 95 -34.82 -13.51 56.64
C ARG G 95 -34.22 -13.33 55.24
N VAL G 96 -33.37 -12.30 55.13
CA VAL G 96 -32.69 -11.88 53.90
C VAL G 96 -31.17 -12.00 54.08
N ILE G 97 -30.49 -12.57 53.07
CA ILE G 97 -29.03 -12.73 53.07
C ILE G 97 -28.44 -12.07 51.83
N TYR G 98 -27.66 -11.01 52.03
CA TYR G 98 -26.97 -10.30 50.97
C TYR G 98 -25.53 -10.79 50.90
N ASN G 99 -25.10 -11.23 49.72
CA ASN G 99 -23.74 -11.71 49.49
C ASN G 99 -23.16 -11.04 48.26
N ALA G 100 -21.94 -10.51 48.38
CA ALA G 100 -21.26 -9.82 47.29
C ALA G 100 -19.75 -9.94 47.35
N ARG G 101 -19.12 -10.06 46.18
CA ARG G 101 -17.67 -10.09 46.05
C ARG G 101 -17.23 -8.64 45.96
N PHE G 102 -16.09 -8.30 46.57
CA PHE G 102 -15.57 -6.92 46.54
C PHE G 102 -14.06 -6.91 46.46
N LEU G 103 -13.52 -5.85 45.85
CA LEU G 103 -12.08 -5.58 45.80
C LEU G 103 -11.94 -4.09 46.04
N GLY G 104 -11.33 -3.72 47.16
CA GLY G 104 -11.18 -2.33 47.54
C GLY G 104 -9.83 -1.96 48.07
N SER G 105 -9.47 -0.68 47.92
CA SER G 105 -8.24 -0.10 48.43
C SER G 105 -8.61 0.56 49.74
N PHE G 106 -8.08 0.04 50.84
CA PHE G 106 -8.38 0.52 52.19
C PHE G 106 -7.22 1.28 52.77
N SER G 107 -7.54 2.20 53.68
CA SER G 107 -6.58 3.06 54.35
C SER G 107 -6.53 2.76 55.83
N ASN G 108 -5.34 2.95 56.41
CA ASN G 108 -5.06 2.81 57.84
C ASN G 108 -3.71 3.44 58.12
N ASP G 109 -3.53 3.95 59.34
CA ASP G 109 -2.28 4.53 59.79
C ASP G 109 -1.25 3.42 59.87
N MET G 110 -0.23 3.52 59.03
CA MET G 110 0.82 2.52 58.92
C MET G 110 2.17 3.15 59.17
N ASP G 111 2.96 2.53 60.05
CA ASP G 111 4.31 2.97 60.40
C ASP G 111 5.36 2.02 59.80
N PHE G 112 6.16 2.54 58.85
CA PHE G 112 7.21 1.78 58.17
C PHE G 112 8.63 2.17 58.62
N ARG G 113 8.75 2.80 59.80
CA ARG G 113 10.03 3.22 60.34
C ARG G 113 10.96 2.05 60.62
N LEU G 114 10.37 0.90 61.00
CA LEU G 114 11.12 -0.32 61.29
C LEU G 114 11.39 -1.18 60.07
N PHE G 115 11.13 -0.65 58.85
CA PHE G 115 11.37 -1.36 57.59
C PHE G 115 12.83 -1.86 57.54
N PRO G 116 13.10 -3.11 57.09
CA PRO G 116 12.18 -4.13 56.55
C PRO G 116 11.58 -5.07 57.59
N PHE G 117 11.59 -4.68 58.87
CA PHE G 117 11.09 -5.48 60.00
C PHE G 117 9.85 -4.86 60.68
N ASP G 118 9.08 -4.09 59.91
CA ASP G 118 7.86 -3.46 60.38
C ASP G 118 6.74 -4.50 60.50
N ARG G 119 5.79 -4.24 61.41
CA ARG G 119 4.62 -5.06 61.63
C ARG G 119 3.41 -4.16 61.46
N GLN G 120 2.52 -4.53 60.54
CA GLN G 120 1.31 -3.77 60.23
C GLN G 120 0.06 -4.55 60.53
N GLN G 121 -1.05 -3.83 60.63
CA GLN G 121 -2.35 -4.44 60.85
C GLN G 121 -3.32 -3.88 59.83
N PHE G 122 -3.84 -4.76 58.98
CA PHE G 122 -4.80 -4.39 57.95
C PHE G 122 -6.18 -4.36 58.57
N VAL G 123 -6.82 -3.18 58.52
CA VAL G 123 -8.12 -2.90 59.13
C VAL G 123 -9.26 -2.74 58.10
N LEU G 124 -10.46 -3.20 58.49
CA LEU G 124 -11.67 -3.03 57.72
C LEU G 124 -12.69 -2.43 58.67
N GLU G 125 -13.24 -1.27 58.33
CA GLU G 125 -14.21 -0.58 59.18
C GLU G 125 -15.51 -0.47 58.44
N LEU G 126 -16.53 -1.18 58.94
CA LEU G 126 -17.83 -1.21 58.29
C LEU G 126 -18.83 -0.49 59.17
N GLU G 127 -19.81 0.17 58.54
CA GLU G 127 -20.83 0.94 59.24
C GLU G 127 -21.97 1.27 58.27
N PRO G 128 -23.24 1.23 58.74
CA PRO G 128 -24.36 1.59 57.85
C PRO G 128 -24.24 3.05 57.42
N PHE G 129 -24.61 3.33 56.16
CA PHE G 129 -24.47 4.66 55.59
C PHE G 129 -25.51 5.67 56.06
N SER G 130 -26.72 5.21 56.41
CA SER G 130 -27.80 6.11 56.76
C SER G 130 -28.56 5.78 58.04
N TYR G 131 -28.36 4.57 58.58
CA TYR G 131 -29.10 4.11 59.75
C TYR G 131 -28.27 4.01 61.00
N ASN G 132 -28.69 4.74 62.04
CA ASN G 132 -28.01 4.75 63.34
C ASN G 132 -28.32 3.45 64.10
N ASN G 133 -27.70 3.25 65.28
CA ASN G 133 -27.89 2.07 66.13
C ASN G 133 -29.34 1.87 66.68
N GLN G 134 -30.17 2.93 66.61
CA GLN G 134 -31.56 2.86 67.06
C GLN G 134 -32.41 2.25 65.94
N GLN G 135 -31.90 2.32 64.68
CA GLN G 135 -32.55 1.80 63.48
C GLN G 135 -31.94 0.48 62.99
N LEU G 136 -30.60 0.39 62.98
CA LEU G 136 -29.84 -0.77 62.53
C LEU G 136 -28.66 -1.02 63.45
N ARG G 137 -28.58 -2.24 63.99
CA ARG G 137 -27.52 -2.66 64.90
C ARG G 137 -26.79 -3.92 64.38
N PHE G 138 -25.47 -3.99 64.52
CA PHE G 138 -24.68 -5.16 64.13
C PHE G 138 -24.70 -6.15 65.27
N SER G 139 -25.30 -7.33 65.05
CA SER G 139 -25.43 -8.36 66.09
C SER G 139 -24.15 -9.13 66.32
N ASP G 140 -23.46 -9.53 65.24
CA ASP G 140 -22.20 -10.30 65.31
C ASP G 140 -21.40 -10.16 64.04
N ILE G 141 -20.10 -10.46 64.14
CA ILE G 141 -19.15 -10.42 63.04
C ILE G 141 -18.30 -11.68 63.01
N GLN G 142 -18.16 -12.27 61.83
CA GLN G 142 -17.34 -13.45 61.63
C GLN G 142 -16.39 -13.19 60.48
N VAL G 143 -15.07 -13.31 60.74
CA VAL G 143 -14.03 -13.11 59.74
C VAL G 143 -13.34 -14.42 59.47
N TYR G 144 -13.22 -14.79 58.19
CA TYR G 144 -12.58 -16.02 57.78
C TYR G 144 -11.40 -15.78 56.87
N THR G 145 -10.21 -16.06 57.37
CA THR G 145 -9.00 -15.89 56.57
C THR G 145 -8.48 -17.25 56.16
N GLU G 146 -7.96 -17.36 54.93
CA GLU G 146 -7.35 -18.60 54.42
C GLU G 146 -6.18 -19.02 55.34
N ASN G 147 -5.76 -20.30 55.27
CA ASN G 147 -4.68 -20.84 56.11
C ASN G 147 -3.33 -20.14 55.93
N ILE G 148 -2.94 -19.84 54.66
CA ILE G 148 -1.69 -19.20 54.22
C ILE G 148 -0.54 -20.06 54.71
N ASP G 149 -0.62 -21.38 54.38
CA ASP G 149 0.34 -22.39 54.79
C ASP G 149 1.72 -22.02 54.26
N ASN G 150 1.91 -21.99 52.92
CA ASN G 150 3.15 -21.62 52.22
C ASN G 150 3.44 -20.10 52.37
N GLU G 151 3.71 -19.67 53.59
CA GLU G 151 3.96 -18.27 53.87
C GLU G 151 5.34 -17.78 53.43
N GLU G 152 6.27 -18.70 53.09
CA GLU G 152 7.62 -18.35 52.63
C GLU G 152 7.65 -17.58 51.31
N ILE G 153 6.65 -17.82 50.43
CA ILE G 153 6.54 -17.18 49.11
C ILE G 153 5.85 -15.82 49.18
N ASP G 154 4.99 -15.63 50.19
CA ASP G 154 4.25 -14.39 50.36
C ASP G 154 5.11 -13.25 50.90
N GLU G 155 4.80 -12.02 50.43
CA GLU G 155 5.46 -10.79 50.84
C GLU G 155 5.14 -10.48 52.29
N TRP G 156 3.90 -10.74 52.71
CA TRP G 156 3.44 -10.51 54.07
C TRP G 156 3.07 -11.80 54.76
N TRP G 157 3.35 -11.89 56.06
CA TRP G 157 3.02 -13.07 56.85
C TRP G 157 1.93 -12.73 57.83
N ILE G 158 0.74 -13.31 57.63
CA ILE G 158 -0.41 -13.09 58.50
C ILE G 158 -0.20 -13.80 59.82
N ARG G 159 -0.45 -13.07 60.92
CA ARG G 159 -0.30 -13.58 62.28
C ARG G 159 -1.63 -13.68 62.97
N GLY G 160 -2.03 -14.93 63.19
CA GLY G 160 -3.28 -15.31 63.86
C GLY G 160 -4.53 -14.85 63.14
N LYS G 161 -5.66 -15.53 63.45
CA LYS G 161 -6.97 -15.19 62.90
C LYS G 161 -7.30 -13.74 63.26
N ALA G 162 -8.02 -13.09 62.37
CA ALA G 162 -8.46 -11.72 62.48
C ALA G 162 -9.10 -11.39 63.82
N SER G 163 -8.84 -10.17 64.32
CA SER G 163 -9.46 -9.61 65.51
C SER G 163 -10.71 -8.91 65.02
N THR G 164 -11.78 -8.97 65.82
CA THR G 164 -13.05 -8.36 65.48
C THR G 164 -13.62 -7.65 66.67
N HIS G 165 -14.35 -6.57 66.42
CA HIS G 165 -14.99 -5.78 67.47
C HIS G 165 -16.13 -4.95 66.94
N ILE G 166 -17.26 -5.00 67.64
CA ILE G 166 -18.45 -4.23 67.30
C ILE G 166 -18.58 -3.16 68.36
N SER G 167 -18.50 -1.90 67.92
CA SER G 167 -18.60 -0.76 68.82
C SER G 167 -19.74 0.17 68.41
N ASP G 168 -19.87 1.32 69.11
CA ASP G 168 -20.86 2.35 68.82
C ASP G 168 -20.14 3.69 68.72
N ILE G 169 -20.19 4.29 67.52
CA ILE G 169 -19.51 5.54 67.22
C ILE G 169 -20.45 6.71 67.39
N ARG G 170 -20.04 7.67 68.23
CA ARG G 170 -20.81 8.89 68.47
C ARG G 170 -20.31 10.05 67.59
N TYR G 171 -21.19 10.57 66.71
CA TYR G 171 -20.88 11.68 65.81
C TYR G 171 -21.45 12.97 66.38
N ASP G 172 -20.55 13.91 66.72
CA ASP G 172 -20.95 15.18 67.30
C ASP G 172 -21.59 16.09 66.26
N HIS G 173 -20.86 16.36 65.16
CA HIS G 173 -21.32 17.21 64.07
C HIS G 173 -22.29 16.47 63.15
N PRO G 179 -32.68 14.51 68.51
CA PRO G 179 -32.69 13.53 69.60
C PRO G 179 -31.29 12.93 69.84
N ASN G 180 -31.23 11.71 70.41
CA ASN G 180 -29.99 10.97 70.66
C ASN G 180 -29.68 9.96 69.52
N GLN G 181 -30.00 10.34 68.27
CA GLN G 181 -29.76 9.50 67.10
C GLN G 181 -28.48 9.91 66.40
N ASN G 182 -27.37 9.86 67.14
CA ASN G 182 -26.04 10.23 66.67
C ASN G 182 -25.03 9.08 66.81
N GLU G 183 -25.48 7.90 67.24
CA GLU G 183 -24.59 6.75 67.40
C GLU G 183 -24.82 5.71 66.31
N PHE G 184 -23.73 5.22 65.71
CA PHE G 184 -23.79 4.21 64.66
C PHE G 184 -23.04 2.97 65.08
N SER G 185 -23.56 1.80 64.72
CA SER G 185 -22.87 0.55 65.02
C SER G 185 -21.78 0.33 63.99
N ARG G 186 -20.55 0.08 64.45
CA ARG G 186 -19.39 -0.09 63.56
C ARG G 186 -18.67 -1.40 63.81
N ILE G 187 -18.46 -2.17 62.73
CA ILE G 187 -17.66 -3.40 62.77
C ILE G 187 -16.22 -2.98 62.48
N THR G 188 -15.26 -3.52 63.24
CA THR G 188 -13.84 -3.24 63.05
C THR G 188 -13.08 -4.56 63.02
N VAL G 189 -12.41 -4.82 61.91
CA VAL G 189 -11.61 -6.03 61.72
C VAL G 189 -10.16 -5.60 61.65
N ARG G 190 -9.27 -6.35 62.33
CA ARG G 190 -7.84 -6.08 62.32
C ARG G 190 -7.08 -7.37 62.05
N ILE G 191 -6.23 -7.36 61.02
CA ILE G 191 -5.44 -8.52 60.61
C ILE G 191 -3.98 -8.15 60.76
N ASP G 192 -3.30 -8.75 61.75
CA ASP G 192 -1.88 -8.48 61.98
C ASP G 192 -1.03 -9.23 60.97
N ALA G 193 0.01 -8.56 60.48
CA ALA G 193 0.94 -9.12 59.51
C ALA G 193 2.34 -8.56 59.72
N VAL G 194 3.34 -9.36 59.32
CA VAL G 194 4.74 -9.00 59.44
C VAL G 194 5.35 -9.13 58.05
N ARG G 195 6.19 -8.16 57.65
CA ARG G 195 6.86 -8.20 56.36
C ARG G 195 7.88 -9.32 56.29
N ASN G 196 8.06 -9.92 55.11
CA ASN G 196 9.06 -10.95 54.89
C ASN G 196 10.39 -10.21 54.61
N PRO G 197 11.33 -10.21 55.57
CA PRO G 197 12.57 -9.45 55.40
C PRO G 197 13.73 -10.20 54.72
N SER G 198 13.51 -11.45 54.28
CA SER G 198 14.54 -12.30 53.66
C SER G 198 15.30 -11.56 52.56
N TYR G 199 14.58 -11.04 51.55
CA TYR G 199 15.18 -10.32 50.43
C TYR G 199 16.00 -9.13 50.84
N TYR G 200 15.44 -8.27 51.72
CA TYR G 200 16.12 -7.05 52.17
C TYR G 200 17.33 -7.33 53.05
N LEU G 201 17.31 -8.45 53.81
CA LEU G 201 18.44 -8.83 54.66
C LEU G 201 19.64 -9.26 53.86
N TRP G 202 19.44 -10.16 52.89
CA TRP G 202 20.50 -10.73 52.08
C TRP G 202 20.97 -9.84 50.93
N SER G 203 20.08 -9.03 50.32
CA SER G 203 20.42 -8.18 49.17
C SER G 203 20.62 -6.69 49.48
N PHE G 204 20.27 -6.24 50.69
CA PHE G 204 20.44 -4.84 51.06
C PHE G 204 21.23 -4.63 52.34
N ILE G 205 20.82 -5.29 53.44
CA ILE G 205 21.50 -5.16 54.75
C ILE G 205 22.90 -5.76 54.70
N LEU G 206 22.99 -7.05 54.30
CA LEU G 206 24.25 -7.78 54.20
C LEU G 206 25.28 -7.08 53.30
N PRO G 207 25.00 -6.76 52.00
CA PRO G 207 26.02 -6.08 51.18
C PRO G 207 26.42 -4.73 51.77
N LEU G 208 25.45 -3.96 52.32
CA LEU G 208 25.73 -2.66 52.93
C LEU G 208 26.72 -2.78 54.07
N GLY G 209 26.57 -3.82 54.88
CA GLY G 209 27.47 -4.15 55.99
C GLY G 209 28.89 -4.32 55.49
N LEU G 210 29.06 -5.08 54.38
CA LEU G 210 30.34 -5.34 53.74
C LEU G 210 30.95 -4.07 53.16
N ILE G 211 30.12 -3.14 52.64
CA ILE G 211 30.58 -1.86 52.09
C ILE G 211 31.12 -0.98 53.21
N ILE G 212 30.36 -0.87 54.32
CA ILE G 212 30.74 -0.07 55.47
C ILE G 212 31.98 -0.65 56.13
N ALA G 213 32.02 -1.99 56.28
CA ALA G 213 33.18 -2.65 56.87
C ALA G 213 34.42 -2.45 56.01
N ALA G 214 34.31 -2.66 54.67
CA ALA G 214 35.41 -2.46 53.72
C ALA G 214 35.89 -1.01 53.68
N SER G 215 35.05 -0.04 54.08
CA SER G 215 35.43 1.37 54.13
C SER G 215 36.45 1.63 55.26
N TRP G 216 36.44 0.78 56.29
CA TRP G 216 37.37 0.89 57.43
C TRP G 216 38.77 0.46 57.07
N SER G 217 38.93 -0.28 55.97
CA SER G 217 40.22 -0.77 55.51
C SER G 217 41.11 0.33 54.91
N VAL G 218 40.61 1.59 54.85
CA VAL G 218 41.37 2.74 54.36
C VAL G 218 42.55 3.03 55.29
N PHE G 219 42.39 2.71 56.59
CA PHE G 219 43.42 2.89 57.61
C PHE G 219 44.58 1.92 57.47
N TRP G 220 44.37 0.82 56.72
CA TRP G 220 45.40 -0.18 56.45
C TRP G 220 46.31 0.21 55.29
N LEU G 221 45.99 1.31 54.59
CA LEU G 221 46.82 1.83 53.51
C LEU G 221 48.03 2.54 54.08
N GLU G 222 49.14 2.48 53.34
CA GLU G 222 50.44 3.00 53.75
C GLU G 222 50.58 4.51 53.62
N SER G 223 50.32 5.02 52.42
CA SER G 223 50.49 6.44 52.09
C SER G 223 49.26 7.27 52.35
N PHE G 224 49.49 8.53 52.79
CA PHE G 224 48.43 9.52 53.04
C PHE G 224 47.63 9.76 51.76
N SER G 225 48.33 9.89 50.61
CA SER G 225 47.72 10.08 49.30
C SER G 225 46.83 8.91 48.94
N GLU G 226 47.22 7.69 49.34
CA GLU G 226 46.41 6.48 49.12
C GLU G 226 45.21 6.46 50.04
N ARG G 227 45.36 6.87 51.32
CA ARG G 227 44.27 6.91 52.29
C ARG G 227 43.19 7.92 51.90
N LEU G 228 43.60 9.11 51.45
CA LEU G 228 42.65 10.16 51.05
C LEU G 228 41.98 9.89 49.71
N GLN G 229 42.73 9.49 48.67
CA GLN G 229 42.16 9.21 47.35
C GLN G 229 41.20 8.04 47.37
N THR G 230 41.51 6.98 48.15
CA THR G 230 40.65 5.79 48.30
C THR G 230 39.34 6.15 48.97
N SER G 231 39.36 7.05 49.97
CA SER G 231 38.14 7.47 50.67
C SER G 231 37.11 8.12 49.73
N PHE G 232 37.57 8.71 48.60
CA PHE G 232 36.67 9.30 47.60
C PHE G 232 36.00 8.22 46.78
N THR G 233 36.70 7.08 46.54
CA THR G 233 36.14 5.92 45.85
C THR G 233 35.12 5.29 46.79
N LEU G 234 35.37 5.37 48.10
CA LEU G 234 34.48 4.85 49.15
C LEU G 234 33.24 5.68 49.19
N MET G 235 33.40 7.03 49.23
CA MET G 235 32.32 8.00 49.24
C MET G 235 31.41 7.76 48.04
N LEU G 236 32.00 7.56 46.84
CA LEU G 236 31.27 7.27 45.61
C LEU G 236 30.54 5.93 45.67
N THR G 237 31.08 4.93 46.41
CA THR G 237 30.45 3.61 46.56
C THR G 237 29.17 3.71 47.39
N VAL G 238 29.18 4.56 48.43
CA VAL G 238 28.02 4.76 49.29
C VAL G 238 26.91 5.46 48.50
N VAL G 239 27.28 6.45 47.67
CA VAL G 239 26.34 7.20 46.82
C VAL G 239 25.70 6.23 45.83
N ALA G 240 26.51 5.36 45.19
CA ALA G 240 26.04 4.34 44.26
C ALA G 240 25.11 3.35 44.96
N TYR G 241 25.39 3.05 46.24
CA TYR G 241 24.55 2.15 47.03
C TYR G 241 23.26 2.79 47.48
N ALA G 242 23.30 4.08 47.87
CA ALA G 242 22.13 4.86 48.30
C ALA G 242 21.15 4.96 47.13
N PHE G 243 21.69 4.99 45.91
CA PHE G 243 20.92 5.02 44.68
C PHE G 243 20.30 3.65 44.38
N TYR G 244 21.09 2.57 44.53
CA TYR G 244 20.60 1.21 44.34
C TYR G 244 19.47 0.91 45.33
N THR G 245 19.59 1.45 46.56
CA THR G 245 18.60 1.30 47.63
C THR G 245 17.32 2.06 47.29
N SER G 246 17.45 3.37 47.02
CA SER G 246 16.32 4.28 46.74
C SER G 246 15.45 3.82 45.58
N ASN G 247 16.06 3.33 44.50
CA ASN G 247 15.34 2.87 43.30
C ASN G 247 14.45 1.64 43.55
N ILE G 248 14.74 0.84 44.59
CA ILE G 248 13.99 -0.37 44.89
C ILE G 248 13.11 -0.22 46.11
N LEU G 249 13.66 0.31 47.21
CA LEU G 249 12.95 0.51 48.46
C LEU G 249 11.73 1.42 48.29
N PRO G 250 10.67 1.21 49.10
CA PRO G 250 9.47 2.07 48.96
C PRO G 250 9.75 3.50 49.39
N ARG G 251 9.10 4.46 48.72
CA ARG G 251 9.27 5.87 49.05
C ARG G 251 8.45 6.18 50.28
N LEU G 252 9.07 6.88 51.23
CA LEU G 252 8.45 7.24 52.51
C LEU G 252 8.76 8.67 52.93
N PRO G 253 7.97 9.28 53.85
CA PRO G 253 8.27 10.65 54.30
C PRO G 253 9.26 10.67 55.47
N TYR G 254 9.82 9.51 55.84
CA TYR G 254 10.78 9.38 56.93
C TYR G 254 11.86 8.36 56.60
N THR G 255 12.91 8.34 57.41
CA THR G 255 14.02 7.43 57.21
C THR G 255 13.74 6.11 57.92
N THR G 256 14.23 5.03 57.34
CA THR G 256 14.05 3.70 57.90
C THR G 256 15.37 3.19 58.46
N VAL G 257 15.47 1.86 58.68
CA VAL G 257 16.68 1.24 59.22
C VAL G 257 17.79 1.33 58.18
N ILE G 258 17.49 0.89 56.93
CA ILE G 258 18.43 0.89 55.80
C ILE G 258 18.93 2.30 55.50
N ASP G 259 18.01 3.29 55.49
CA ASP G 259 18.33 4.69 55.24
C ASP G 259 19.33 5.20 56.26
N GLN G 260 19.13 4.88 57.56
CA GLN G 260 20.01 5.27 58.66
C GLN G 260 21.39 4.66 58.52
N MET G 261 21.46 3.39 58.04
CA MET G 261 22.73 2.69 57.78
C MET G 261 23.50 3.44 56.70
N ILE G 262 22.79 3.92 55.65
CA ILE G 262 23.37 4.70 54.54
C ILE G 262 23.93 6.02 55.08
N ILE G 263 23.19 6.67 56.01
CA ILE G 263 23.62 7.92 56.64
C ILE G 263 24.87 7.67 57.48
N ALA G 264 24.88 6.54 58.22
CA ALA G 264 26.02 6.13 59.05
C ALA G 264 27.25 5.89 58.17
N GLY G 265 27.04 5.33 56.97
CA GLY G 265 28.06 5.09 55.97
C GLY G 265 28.74 6.38 55.54
N TYR G 266 27.91 7.43 55.30
CA TYR G 266 28.37 8.77 54.91
C TYR G 266 29.22 9.38 56.03
N GLY G 267 28.73 9.25 57.25
CA GLY G 267 29.39 9.73 58.47
C GLY G 267 30.73 9.08 58.71
N SER G 268 30.79 7.73 58.62
CA SER G 268 32.00 6.94 58.79
C SER G 268 33.11 7.36 57.82
N ILE G 269 32.77 7.46 56.52
CA ILE G 269 33.71 7.87 55.46
C ILE G 269 34.16 9.31 55.67
N PHE G 270 33.21 10.21 55.98
CA PHE G 270 33.52 11.62 56.21
C PHE G 270 34.42 11.81 57.43
N ALA G 271 34.14 11.06 58.53
CA ALA G 271 34.92 11.11 59.76
C ALA G 271 36.33 10.59 59.50
N ALA G 272 36.46 9.52 58.68
CA ALA G 272 37.76 8.96 58.29
C ALA G 272 38.57 9.98 57.50
N ILE G 273 37.94 10.75 56.57
CA ILE G 273 38.59 11.80 55.78
C ILE G 273 39.21 12.84 56.69
N LEU G 274 38.47 13.24 57.74
CA LEU G 274 38.95 14.23 58.71
C LEU G 274 40.13 13.70 59.50
N LEU G 275 40.07 12.40 59.89
CA LEU G 275 41.12 11.73 60.64
C LEU G 275 42.39 11.58 59.82
N ILE G 276 42.24 11.20 58.52
CA ILE G 276 43.34 11.04 57.56
C ILE G 276 44.11 12.35 57.38
N ILE G 277 43.38 13.48 57.26
CA ILE G 277 43.98 14.81 57.09
C ILE G 277 44.58 15.29 58.40
N PHE G 278 43.85 15.10 59.52
CA PHE G 278 44.30 15.51 60.84
C PHE G 278 45.61 14.86 61.25
N ALA G 279 45.75 13.55 60.99
CA ALA G 279 46.97 12.79 61.32
C ALA G 279 48.18 13.25 60.53
N HIS G 280 47.99 13.63 59.26
CA HIS G 280 49.07 14.03 58.36
C HIS G 280 49.48 15.52 58.44
N HIS G 281 48.64 16.39 59.01
CA HIS G 281 48.91 17.83 59.06
C HIS G 281 49.00 18.44 60.48
N ARG G 282 48.66 17.67 61.52
CA ARG G 282 48.78 18.11 62.91
C ARG G 282 49.83 17.29 63.66
N GLN G 283 51.04 17.89 63.82
CA GLN G 283 52.21 17.26 64.45
C GLN G 283 53.28 18.30 64.83
N ALA G 284 54.49 17.84 65.19
CA ALA G 284 55.64 18.69 65.50
C ALA G 284 56.23 19.23 64.18
N ASN G 285 56.44 18.32 63.20
CA ASN G 285 56.97 18.64 61.88
C ASN G 285 55.87 19.07 60.88
N GLY G 286 56.16 18.98 59.58
CA GLY G 286 55.22 19.31 58.50
C GLY G 286 54.49 18.06 58.07
N VAL G 287 55.24 16.95 57.90
CA VAL G 287 54.73 15.63 57.53
C VAL G 287 54.71 14.80 58.82
N GLU G 288 53.50 14.54 59.35
CA GLU G 288 53.30 13.77 60.57
C GLU G 288 53.32 12.29 60.34
N ASP G 289 52.91 11.57 61.39
CA ASP G 289 52.72 10.13 61.48
C ASP G 289 52.14 9.80 62.87
N ASP G 290 50.85 10.20 63.15
CA ASP G 290 50.23 9.91 64.45
C ASP G 290 50.11 8.41 64.62
N LEU G 291 50.86 7.88 65.59
CA LEU G 291 50.94 6.44 65.86
C LEU G 291 49.58 5.83 66.15
N LEU G 292 48.82 6.44 67.08
CA LEU G 292 47.49 5.98 67.48
C LEU G 292 46.42 6.20 66.43
N ILE G 293 46.38 7.42 65.85
CA ILE G 293 45.40 7.82 64.84
C ILE G 293 45.52 6.95 63.59
N GLN G 294 46.74 6.76 63.09
CA GLN G 294 46.95 5.90 61.93
C GLN G 294 46.54 4.45 62.24
N ARG G 295 46.81 4.00 63.46
CA ARG G 295 46.49 2.64 63.89
C ARG G 295 45.12 2.52 64.57
N CYS G 296 44.14 3.34 64.13
CA CYS G 296 42.76 3.30 64.63
C CYS G 296 41.97 2.24 63.87
N ARG G 297 42.68 1.34 63.17
CA ARG G 297 42.13 0.24 62.38
C ARG G 297 41.17 -0.62 63.20
N LEU G 298 41.34 -0.60 64.53
CA LEU G 298 40.49 -1.33 65.47
C LEU G 298 39.56 -0.40 66.24
N ALA G 299 40.00 0.85 66.51
CA ALA G 299 39.20 1.84 67.25
C ALA G 299 38.02 2.37 66.45
N PHE G 300 38.23 2.62 65.14
CA PHE G 300 37.20 3.12 64.24
C PHE G 300 36.03 2.12 64.10
N PRO G 301 36.24 0.80 63.78
CA PRO G 301 35.11 -0.14 63.70
C PRO G 301 34.36 -0.28 65.02
N LEU G 302 35.07 -0.35 66.16
CA LEU G 302 34.42 -0.49 67.45
C LEU G 302 33.61 0.76 67.84
N GLY G 303 34.14 1.93 67.48
CA GLY G 303 33.51 3.23 67.71
C GLY G 303 32.23 3.35 66.92
N PHE G 304 32.24 2.82 65.69
CA PHE G 304 31.09 2.79 64.79
C PHE G 304 30.03 1.83 65.35
N LEU G 305 30.45 0.62 65.76
CA LEU G 305 29.57 -0.39 66.35
C LEU G 305 28.91 0.11 67.63
N ALA G 306 29.65 0.89 68.44
CA ALA G 306 29.15 1.48 69.68
C ALA G 306 28.02 2.47 69.36
N ILE G 307 28.23 3.36 68.36
CA ILE G 307 27.22 4.33 67.90
C ILE G 307 26.05 3.61 67.21
N GLY G 308 26.35 2.47 66.60
CA GLY G 308 25.37 1.59 65.94
C GLY G 308 24.39 0.99 66.92
N CYS G 309 24.87 0.66 68.14
CA CYS G 309 24.04 0.09 69.21
C CYS G 309 23.06 1.12 69.78
N VAL G 310 23.42 2.42 69.71
CA VAL G 310 22.58 3.55 70.15
C VAL G 310 21.46 3.76 69.12
N LEU G 311 21.73 3.46 67.83
CA LEU G 311 20.76 3.56 66.73
C LEU G 311 19.59 2.58 66.95
N VAL G 312 19.86 1.44 67.64
CA VAL G 312 18.85 0.42 67.95
C VAL G 312 18.09 0.84 69.22
N ILE G 313 18.82 1.15 70.30
CA ILE G 313 18.26 1.56 71.58
C ILE G 313 17.80 3.02 71.54
N ARG H 6 -33.65 -31.33 40.68
CA ARG H 6 -33.13 -31.61 39.34
C ARG H 6 -31.85 -30.82 39.07
N PRO H 7 -30.61 -31.25 39.51
CA PRO H 7 -29.40 -30.41 39.24
C PRO H 7 -29.18 -30.18 37.76
N VAL H 8 -29.04 -28.90 37.39
CA VAL H 8 -28.89 -28.44 36.02
C VAL H 8 -27.49 -28.77 35.61
N ASP H 9 -27.35 -29.54 34.55
CA ASP H 9 -26.03 -29.88 34.05
C ASP H 9 -25.55 -28.76 33.16
N VAL H 10 -24.40 -28.09 33.48
CA VAL H 10 -23.80 -27.00 32.70
C VAL H 10 -22.49 -27.50 32.07
N SER H 11 -22.47 -27.64 30.73
CA SER H 11 -21.28 -28.03 29.99
C SER H 11 -20.53 -26.76 29.67
N VAL H 12 -19.29 -26.67 30.17
CA VAL H 12 -18.41 -25.50 29.99
C VAL H 12 -17.30 -25.79 28.99
N SER H 13 -16.93 -24.75 28.22
CA SER H 13 -15.82 -24.78 27.27
C SER H 13 -15.11 -23.45 27.35
N ILE H 14 -13.82 -23.48 27.69
CA ILE H 14 -12.98 -22.29 27.84
C ILE H 14 -11.91 -22.28 26.75
N PHE H 15 -11.81 -21.15 26.05
CA PHE H 15 -10.82 -20.96 25.00
C PHE H 15 -9.85 -19.90 25.47
N ILE H 16 -8.58 -20.28 25.64
CA ILE H 16 -7.53 -19.37 26.08
C ILE H 16 -6.84 -18.79 24.86
N ASN H 17 -6.88 -17.45 24.72
CA ASN H 17 -6.27 -16.75 23.61
C ASN H 17 -4.91 -16.18 23.95
N LYS H 18 -4.73 -15.72 25.20
CA LYS H 18 -3.49 -15.09 25.63
C LYS H 18 -3.33 -15.15 27.14
N ILE H 19 -2.10 -15.43 27.58
CA ILE H 19 -1.72 -15.40 29.00
C ILE H 19 -0.51 -14.50 29.04
N TYR H 20 -0.63 -13.39 29.75
CA TYR H 20 0.41 -12.37 29.82
C TYR H 20 0.25 -11.54 31.09
N GLY H 21 1.05 -10.48 31.21
CA GLY H 21 1.01 -9.53 32.30
C GLY H 21 1.19 -10.12 33.68
N VAL H 22 2.24 -10.96 33.83
CA VAL H 22 2.55 -11.59 35.11
C VAL H 22 3.07 -10.53 36.06
N ASN H 23 2.42 -10.39 37.21
CA ASN H 23 2.85 -9.46 38.24
C ASN H 23 3.38 -10.32 39.36
N THR H 24 4.71 -10.32 39.50
CA THR H 24 5.44 -11.12 40.48
C THR H 24 5.03 -10.86 41.91
N LEU H 25 5.03 -9.60 42.35
CA LEU H 25 4.67 -9.23 43.72
C LEU H 25 3.22 -9.52 44.07
N GLU H 26 2.30 -9.26 43.13
CA GLU H 26 0.88 -9.50 43.34
C GLU H 26 0.52 -10.97 43.12
N GLN H 27 1.38 -11.76 42.44
CA GLN H 27 1.14 -13.17 42.07
C GLN H 27 -0.14 -13.25 41.24
N THR H 28 -0.20 -12.41 40.19
CA THR H 28 -1.33 -12.24 39.29
C THR H 28 -0.85 -12.42 37.86
N TYR H 29 -1.80 -12.72 36.98
CA TYR H 29 -1.55 -12.89 35.55
C TYR H 29 -2.85 -12.62 34.81
N LYS H 30 -2.75 -12.02 33.64
CA LYS H 30 -3.90 -11.70 32.80
C LYS H 30 -4.17 -12.83 31.83
N VAL H 31 -5.46 -13.11 31.61
CA VAL H 31 -5.93 -14.18 30.72
C VAL H 31 -7.04 -13.65 29.83
N ASP H 32 -6.85 -13.73 28.52
CA ASP H 32 -7.87 -13.33 27.55
C ASP H 32 -8.39 -14.60 26.91
N GLY H 33 -9.71 -14.67 26.77
CA GLY H 33 -10.33 -15.83 26.15
C GLY H 33 -11.83 -15.77 26.10
N TYR H 34 -12.44 -16.91 25.75
CA TYR H 34 -13.88 -17.05 25.66
C TYR H 34 -14.34 -18.07 26.67
N ILE H 35 -15.61 -17.90 27.06
CA ILE H 35 -16.34 -18.76 27.95
C ILE H 35 -17.60 -19.24 27.25
N VAL H 36 -17.83 -20.54 27.30
CA VAL H 36 -19.04 -21.10 26.71
C VAL H 36 -19.70 -21.97 27.77
N ALA H 37 -20.98 -21.74 28.09
CA ALA H 37 -21.73 -22.54 29.05
C ALA H 37 -23.05 -22.96 28.42
N GLN H 38 -23.35 -24.27 28.48
CA GLN H 38 -24.56 -24.83 27.92
C GLN H 38 -25.33 -25.62 28.95
N TRP H 39 -26.64 -25.36 29.05
CA TRP H 39 -27.54 -26.08 29.94
C TRP H 39 -28.89 -26.20 29.27
N THR H 40 -29.75 -27.10 29.77
CA THR H 40 -31.08 -27.32 29.23
C THR H 40 -32.12 -26.81 30.20
N GLY H 41 -32.96 -25.92 29.70
CA GLY H 41 -34.03 -25.31 30.48
C GLY H 41 -35.37 -25.65 29.89
N LYS H 42 -36.39 -24.84 30.21
CA LYS H 42 -37.73 -25.09 29.68
C LYS H 42 -37.80 -24.70 28.20
N PRO H 43 -38.42 -25.55 27.35
CA PRO H 43 -38.53 -25.22 25.92
C PRO H 43 -39.15 -23.86 25.63
N ARG H 44 -38.89 -23.30 24.43
CA ARG H 44 -39.46 -21.99 24.06
C ARG H 44 -40.13 -22.01 22.72
N LYS H 45 -40.92 -20.96 22.46
CA LYS H 45 -41.56 -20.78 21.18
C LYS H 45 -40.68 -19.85 20.38
N THR H 46 -39.40 -20.25 20.09
CA THR H 46 -38.46 -19.41 19.33
C THR H 46 -39.07 -19.02 17.99
N PRO H 47 -38.87 -17.79 17.51
CA PRO H 47 -39.57 -17.41 16.28
C PRO H 47 -39.15 -18.30 15.10
N GLY H 48 -40.13 -19.03 14.55
CA GLY H 48 -39.91 -19.95 13.45
C GLY H 48 -39.30 -21.26 13.87
N ASP H 49 -39.39 -21.62 15.19
CA ASP H 49 -38.84 -22.84 15.80
C ASP H 49 -37.36 -23.08 15.36
N LYS H 50 -36.58 -22.00 15.29
CA LYS H 50 -35.16 -22.07 14.94
C LYS H 50 -34.39 -21.36 16.05
N PRO H 51 -33.10 -21.74 16.32
CA PRO H 51 -32.37 -21.09 17.43
C PRO H 51 -32.37 -19.57 17.36
N LEU H 52 -32.62 -18.94 18.50
CA LEU H 52 -32.69 -17.48 18.62
C LEU H 52 -31.40 -16.93 19.24
N ILE H 53 -30.82 -15.92 18.58
CA ILE H 53 -29.60 -15.27 19.07
C ILE H 53 -29.94 -13.97 19.81
N VAL H 54 -29.43 -13.82 21.05
CA VAL H 54 -29.62 -12.64 21.88
C VAL H 54 -28.23 -12.11 22.23
N GLU H 55 -27.90 -10.91 21.74
CA GLU H 55 -26.57 -10.33 21.96
C GLU H 55 -26.50 -9.17 22.92
N ASN H 56 -25.42 -9.16 23.72
CA ASN H 56 -25.02 -8.12 24.66
C ASN H 56 -26.15 -7.51 25.50
N THR H 57 -26.46 -6.21 25.32
CA THR H 57 -27.49 -5.46 26.05
C THR H 57 -28.83 -6.17 26.13
N GLN H 58 -29.22 -6.89 25.06
CA GLN H 58 -30.49 -7.62 25.01
C GLN H 58 -30.56 -8.79 25.98
N ILE H 59 -29.40 -9.34 26.40
CA ILE H 59 -29.33 -10.46 27.35
C ILE H 59 -29.99 -10.07 28.68
N GLU H 60 -29.67 -8.87 29.21
CA GLU H 60 -30.24 -8.35 30.46
C GLU H 60 -31.76 -8.19 30.37
N ARG H 61 -32.27 -7.79 29.19
CA ARG H 61 -33.70 -7.64 28.95
C ARG H 61 -34.42 -8.96 29.07
N TRP H 62 -33.84 -10.07 28.55
CA TRP H 62 -34.39 -11.41 28.65
C TRP H 62 -34.43 -11.92 30.07
N ILE H 63 -33.41 -11.57 30.88
CA ILE H 63 -33.31 -11.94 32.30
C ILE H 63 -34.43 -11.26 33.09
N ASN H 64 -34.69 -9.96 32.80
CA ASN H 64 -35.76 -9.18 33.43
C ASN H 64 -37.13 -9.79 33.15
N ASN H 65 -37.27 -10.43 31.97
CA ASN H 65 -38.49 -11.07 31.52
C ASN H 65 -38.62 -12.55 31.93
N GLY H 66 -37.73 -13.04 32.80
CA GLY H 66 -37.82 -14.40 33.32
C GLY H 66 -36.80 -15.44 32.90
N LEU H 67 -35.89 -15.12 31.97
CA LEU H 67 -34.88 -16.09 31.55
C LEU H 67 -33.88 -16.36 32.67
N TRP H 68 -33.67 -17.65 32.97
CA TRP H 68 -32.76 -18.06 34.02
C TRP H 68 -31.34 -18.18 33.47
N VAL H 69 -30.49 -17.22 33.83
CA VAL H 69 -29.09 -17.18 33.41
C VAL H 69 -28.28 -17.14 34.72
N PRO H 70 -27.78 -18.30 35.21
CA PRO H 70 -27.02 -18.30 36.46
C PRO H 70 -25.68 -17.60 36.35
N ALA H 71 -25.29 -16.93 37.44
CA ALA H 71 -24.03 -16.20 37.47
C ALA H 71 -22.92 -17.14 37.83
N LEU H 72 -21.94 -17.26 36.94
CA LEU H 72 -20.77 -18.10 37.14
C LEU H 72 -19.61 -17.17 37.50
N GLU H 73 -19.06 -17.37 38.69
CA GLU H 73 -18.00 -16.55 39.24
C GLU H 73 -16.63 -17.18 39.07
N PHE H 74 -15.63 -16.35 38.74
CA PHE H 74 -14.25 -16.75 38.67
C PHE H 74 -13.75 -16.56 40.09
N ILE H 75 -13.54 -17.68 40.80
CA ILE H 75 -13.11 -17.70 42.19
C ILE H 75 -11.81 -16.93 42.42
N ASN H 76 -10.81 -17.16 41.56
CA ASN H 76 -9.48 -16.61 41.67
C ASN H 76 -9.22 -15.35 40.84
N VAL H 77 -10.27 -14.65 40.42
CA VAL H 77 -10.09 -13.41 39.67
C VAL H 77 -9.85 -12.26 40.64
N VAL H 78 -8.89 -11.39 40.33
CA VAL H 78 -8.58 -10.23 41.18
C VAL H 78 -9.29 -9.04 40.56
N GLY H 79 -10.48 -8.72 41.07
CA GLY H 79 -11.28 -7.65 40.52
C GLY H 79 -12.11 -8.15 39.35
N SER H 80 -13.31 -7.57 39.17
CA SER H 80 -14.25 -7.96 38.11
C SER H 80 -13.60 -7.95 36.72
N PRO H 81 -13.73 -9.05 35.96
CA PRO H 81 -13.09 -9.12 34.64
C PRO H 81 -13.77 -8.25 33.59
N ASP H 82 -13.03 -7.94 32.51
CA ASP H 82 -13.52 -7.15 31.40
C ASP H 82 -14.23 -8.09 30.43
N THR H 83 -15.56 -8.02 30.40
CA THR H 83 -16.38 -8.84 29.51
C THR H 83 -16.62 -8.12 28.19
N GLY H 84 -16.21 -8.77 27.10
CA GLY H 84 -16.41 -8.26 25.75
C GLY H 84 -17.81 -8.56 25.27
N ASN H 85 -17.95 -9.08 24.04
CA ASN H 85 -19.24 -9.44 23.48
C ASN H 85 -19.84 -10.63 24.22
N LYS H 86 -21.14 -10.56 24.49
CA LYS H 86 -21.90 -11.61 25.15
C LYS H 86 -22.96 -12.09 24.17
N ARG H 87 -23.39 -13.34 24.31
CA ARG H 87 -24.38 -13.96 23.43
C ARG H 87 -25.12 -15.08 24.11
N LEU H 88 -26.42 -15.17 23.84
CA LEU H 88 -27.29 -16.25 24.30
C LEU H 88 -27.94 -16.88 23.08
N MET H 89 -27.72 -18.19 22.90
CA MET H 89 -28.32 -18.93 21.82
C MET H 89 -29.43 -19.78 22.44
N LEU H 90 -30.68 -19.36 22.23
CA LEU H 90 -31.85 -20.02 22.80
C LEU H 90 -32.47 -20.96 21.80
N PHE H 91 -32.44 -22.26 22.11
CA PHE H 91 -33.00 -23.29 21.24
C PHE H 91 -34.45 -23.57 21.62
N PRO H 92 -35.28 -24.06 20.66
CA PRO H 92 -36.69 -24.31 21.00
C PRO H 92 -36.91 -25.48 21.93
N ASP H 93 -36.00 -26.49 21.92
CA ASP H 93 -36.06 -27.64 22.82
C ASP H 93 -35.76 -27.26 24.29
N GLY H 94 -35.26 -26.05 24.51
CA GLY H 94 -34.98 -25.49 25.83
C GLY H 94 -33.53 -25.28 26.19
N ARG H 95 -32.62 -25.86 25.39
CA ARG H 95 -31.21 -25.72 25.68
C ARG H 95 -30.72 -24.30 25.37
N VAL H 96 -29.93 -23.77 26.29
CA VAL H 96 -29.37 -22.43 26.27
C VAL H 96 -27.85 -22.51 26.20
N ILE H 97 -27.25 -21.68 25.33
CA ILE H 97 -25.80 -21.59 25.16
C ILE H 97 -25.37 -20.15 25.38
N TYR H 98 -24.61 -19.93 26.45
CA TYR H 98 -24.08 -18.62 26.79
C TYR H 98 -22.63 -18.58 26.32
N ASN H 99 -22.30 -17.56 25.53
CA ASN H 99 -20.95 -17.36 25.03
C ASN H 99 -20.52 -15.93 25.27
N ALA H 100 -19.33 -15.76 25.86
CA ALA H 100 -18.80 -14.43 26.17
C ALA H 100 -17.29 -14.35 26.09
N ARG H 101 -16.78 -13.22 25.62
CA ARG H 101 -15.35 -12.95 25.58
C ARG H 101 -15.00 -12.32 26.92
N PHE H 102 -13.83 -12.62 27.48
CA PHE H 102 -13.41 -12.10 28.77
C PHE H 102 -11.93 -11.84 28.83
N LEU H 103 -11.54 -10.86 29.64
CA LEU H 103 -10.14 -10.55 29.95
C LEU H 103 -10.13 -10.29 31.46
N GLY H 104 -9.43 -11.14 32.19
CA GLY H 104 -9.36 -11.01 33.64
C GLY H 104 -7.98 -11.21 34.20
N SER H 105 -7.73 -10.60 35.38
CA SER H 105 -6.48 -10.71 36.12
C SER H 105 -6.72 -11.76 37.18
N PHE H 106 -6.04 -12.88 37.06
CA PHE H 106 -6.22 -14.02 37.96
C PHE H 106 -5.06 -14.17 38.91
N SER H 107 -5.32 -14.79 40.07
CA SER H 107 -4.34 -15.02 41.13
C SER H 107 -4.11 -16.50 41.34
N ASN H 108 -2.90 -16.83 41.75
CA ASN H 108 -2.44 -18.18 42.07
C ASN H 108 -1.12 -18.08 42.79
N ASP H 109 -0.85 -19.07 43.66
CA ASP H 109 0.42 -19.16 44.39
C ASP H 109 1.52 -19.42 43.40
N MET H 110 2.44 -18.45 43.26
CA MET H 110 3.55 -18.52 42.33
C MET H 110 4.88 -18.39 43.05
N ASP H 111 5.80 -19.30 42.76
CA ASP H 111 7.14 -19.32 43.34
C ASP H 111 8.17 -18.96 42.28
N PHE H 112 8.85 -17.82 42.46
CA PHE H 112 9.84 -17.30 41.52
C PHE H 112 11.27 -17.44 42.04
N ARG H 113 11.50 -18.33 43.03
CA ARG H 113 12.83 -18.53 43.61
C ARG H 113 13.85 -19.05 42.61
N LEU H 114 13.38 -19.83 41.62
CA LEU H 114 14.23 -20.39 40.59
C LEU H 114 14.43 -19.47 39.40
N PHE H 115 14.00 -18.20 39.50
CA PHE H 115 14.14 -17.21 38.44
C PHE H 115 15.61 -17.12 37.97
N PRO H 116 15.90 -17.07 36.65
CA PRO H 116 14.98 -17.02 35.50
C PRO H 116 14.56 -18.36 34.92
N PHE H 117 14.71 -19.44 35.70
CA PHE H 117 14.39 -20.81 35.30
C PHE H 117 13.19 -21.39 36.04
N ASP H 118 12.30 -20.51 36.47
CA ASP H 118 11.09 -20.87 37.19
C ASP H 118 10.02 -21.43 36.25
N ARG H 119 9.21 -22.36 36.78
CA ARG H 119 8.11 -22.98 36.05
C ARG H 119 6.85 -22.69 36.83
N GLN H 120 5.85 -22.10 36.16
CA GLN H 120 4.58 -21.74 36.79
C GLN H 120 3.41 -22.45 36.13
N GLN H 121 2.28 -22.44 36.82
CA GLN H 121 1.04 -22.99 36.31
C GLN H 121 -0.07 -21.97 36.47
N PHE H 122 -0.64 -21.54 35.34
CA PHE H 122 -1.71 -20.56 35.33
C PHE H 122 -3.04 -21.29 35.51
N VAL H 123 -3.75 -20.94 36.60
CA VAL H 123 -4.99 -21.56 37.02
C VAL H 123 -6.24 -20.68 36.82
N LEU H 124 -7.36 -21.32 36.49
CA LEU H 124 -8.66 -20.68 36.40
C LEU H 124 -9.60 -21.49 37.25
N GLU H 125 -10.31 -20.83 38.17
CA GLU H 125 -11.25 -21.52 39.04
C GLU H 125 -12.63 -20.94 38.81
N LEU H 126 -13.53 -21.77 38.29
CA LEU H 126 -14.90 -21.35 37.99
C LEU H 126 -15.86 -22.04 38.92
N GLU H 127 -16.97 -21.37 39.27
CA GLU H 127 -17.96 -21.89 40.21
C GLU H 127 -19.22 -21.06 40.17
N PRO H 128 -20.43 -21.68 40.28
CA PRO H 128 -21.66 -20.89 40.32
C PRO H 128 -21.66 -20.02 41.58
N PHE H 129 -22.13 -18.79 41.45
CA PHE H 129 -22.15 -17.82 42.54
C PHE H 129 -23.24 -18.05 43.57
N SER H 130 -24.37 -18.65 43.16
CA SER H 130 -25.49 -18.79 44.08
C SER H 130 -26.11 -20.19 44.14
N TYR H 131 -25.80 -21.05 43.18
CA TYR H 131 -26.40 -22.37 43.09
C TYR H 131 -25.44 -23.49 43.44
N ASN H 132 -25.80 -24.30 44.45
CA ASN H 132 -25.01 -25.45 44.90
C ASN H 132 -25.12 -26.61 43.89
N ASN H 133 -24.37 -27.71 44.11
CA ASN H 133 -24.35 -28.89 43.25
C ASN H 133 -25.70 -29.66 43.16
N GLN H 134 -26.63 -29.38 44.09
CA GLN H 134 -27.95 -29.99 44.06
C GLN H 134 -28.86 -29.20 43.11
N GLN H 135 -28.46 -27.95 42.81
CA GLN H 135 -29.19 -27.05 41.91
C GLN H 135 -28.51 -26.92 40.54
N LEU H 136 -27.19 -26.77 40.54
CA LEU H 136 -26.38 -26.60 39.34
C LEU H 136 -25.09 -27.38 39.48
N ARG H 137 -24.84 -28.24 38.50
CA ARG H 137 -23.68 -29.10 38.45
C ARG H 137 -22.94 -28.94 37.13
N PHE H 138 -21.60 -28.98 37.18
CA PHE H 138 -20.79 -28.92 35.97
C PHE H 138 -20.63 -30.35 35.47
N SER H 139 -21.14 -30.61 34.26
CA SER H 139 -21.12 -31.94 33.66
C SER H 139 -19.77 -32.27 33.07
N ASP H 140 -19.17 -31.32 32.32
CA ASP H 140 -17.88 -31.49 31.67
C ASP H 140 -17.22 -30.15 31.40
N ILE H 141 -15.91 -30.20 31.21
CA ILE H 141 -15.09 -29.05 30.91
C ILE H 141 -14.14 -29.36 29.75
N GLN H 142 -14.07 -28.42 28.80
CA GLN H 142 -13.18 -28.53 27.66
C GLN H 142 -12.36 -27.25 27.54
N VAL H 143 -11.03 -27.38 27.55
CA VAL H 143 -10.11 -26.27 27.46
C VAL H 143 -9.32 -26.36 26.17
N TYR H 144 -9.30 -25.25 25.40
CA TYR H 144 -8.60 -25.20 24.13
C TYR H 144 -7.54 -24.12 24.14
N THR H 145 -6.27 -24.54 24.14
CA THR H 145 -5.15 -23.62 24.12
C THR H 145 -4.53 -23.72 22.75
N GLU H 146 -4.53 -22.61 21.98
CA GLU H 146 -3.94 -22.58 20.64
C GLU H 146 -2.47 -22.94 20.73
N ASN H 147 -1.96 -23.68 19.73
CA ASN H 147 -0.59 -24.13 19.69
C ASN H 147 0.35 -22.98 19.35
N ILE H 148 1.39 -22.81 20.18
CA ILE H 148 2.38 -21.76 19.98
C ILE H 148 3.52 -22.31 19.12
N ASP H 149 3.44 -22.06 17.81
CA ASP H 149 4.47 -22.50 16.86
C ASP H 149 5.70 -21.58 16.91
N ASN H 150 5.49 -20.31 17.32
CA ASN H 150 6.56 -19.32 17.44
C ASN H 150 6.94 -19.16 18.93
N GLU H 151 7.32 -20.29 19.57
CA GLU H 151 7.69 -20.30 20.97
C GLU H 151 8.83 -19.36 21.33
N GLU H 152 9.86 -19.28 20.45
CA GLU H 152 11.06 -18.46 20.64
C GLU H 152 10.76 -16.96 20.86
N ILE H 153 9.64 -16.46 20.32
CA ILE H 153 9.22 -15.07 20.38
C ILE H 153 8.50 -14.74 21.71
N ASP H 154 7.79 -15.72 22.27
CA ASP H 154 7.01 -15.53 23.50
C ASP H 154 7.84 -15.52 24.78
N GLU H 155 7.38 -14.76 25.80
CA GLU H 155 8.02 -14.67 27.11
C GLU H 155 7.84 -15.97 27.89
N TRP H 156 6.65 -16.59 27.77
CA TRP H 156 6.34 -17.84 28.42
C TRP H 156 6.08 -18.94 27.41
N TRP H 157 6.49 -20.16 27.75
CA TRP H 157 6.31 -21.30 26.88
C TRP H 157 5.33 -22.25 27.53
N ILE H 158 4.15 -22.41 26.90
CA ILE H 158 3.10 -23.30 27.41
C ILE H 158 3.62 -24.73 27.18
N ARG H 159 4.05 -25.36 28.28
CA ARG H 159 4.63 -26.70 28.27
C ARG H 159 3.56 -27.75 28.59
N GLY H 160 2.99 -28.31 27.54
CA GLY H 160 1.95 -29.33 27.62
C GLY H 160 0.55 -28.74 27.66
N LYS H 161 -0.42 -29.47 27.08
CA LYS H 161 -1.83 -29.09 27.03
C LYS H 161 -2.43 -28.87 28.43
N ALA H 162 -3.52 -28.09 28.52
CA ALA H 162 -4.21 -27.77 29.77
C ALA H 162 -4.71 -28.99 30.54
N SER H 163 -4.74 -28.87 31.85
CA SER H 163 -5.26 -29.87 32.76
C SER H 163 -6.59 -29.35 33.22
N THR H 164 -7.55 -30.24 33.43
CA THR H 164 -8.89 -29.86 33.89
C THR H 164 -9.36 -30.81 34.98
N HIS H 165 -10.22 -30.32 35.89
CA HIS H 165 -10.79 -31.12 36.97
C HIS H 165 -12.05 -30.48 37.50
N ILE H 166 -13.09 -31.30 37.68
CA ILE H 166 -14.36 -30.86 38.24
C ILE H 166 -14.44 -31.48 39.62
N SER H 167 -14.45 -30.64 40.64
CA SER H 167 -14.52 -31.08 42.03
C SER H 167 -15.78 -30.54 42.71
N ASP H 168 -15.94 -30.84 43.99
CA ASP H 168 -17.05 -30.37 44.80
C ASP H 168 -16.50 -29.73 46.05
N ILE H 169 -16.75 -28.43 46.20
CA ILE H 169 -16.25 -27.62 47.30
C ILE H 169 -17.27 -27.56 48.40
N ARG H 170 -16.90 -28.03 49.59
CA ARG H 170 -17.78 -28.04 50.75
C ARG H 170 -17.50 -26.83 51.62
N TYR H 171 -18.49 -25.92 51.74
CA TYR H 171 -18.36 -24.74 52.57
C TYR H 171 -19.02 -24.99 53.90
N ASP H 172 -18.21 -25.06 54.95
CA ASP H 172 -18.73 -25.31 56.29
C ASP H 172 -19.30 -24.05 56.89
N HIS H 173 -18.53 -22.96 56.84
CA HIS H 173 -18.92 -21.66 57.36
C HIS H 173 -19.93 -21.01 56.40
N LEU H 174 -21.13 -21.60 56.31
CA LEU H 174 -22.21 -21.14 55.44
C LEU H 174 -22.90 -19.91 56.02
N PRO H 179 -29.45 -28.58 55.56
CA PRO H 179 -29.17 -29.92 55.02
C PRO H 179 -27.83 -29.98 54.29
N ASN H 180 -27.59 -31.07 53.53
CA ASN H 180 -26.36 -31.27 52.75
C ASN H 180 -26.41 -30.49 51.40
N GLN H 181 -26.73 -29.18 51.47
CA GLN H 181 -26.79 -28.27 50.32
C GLN H 181 -25.66 -27.21 50.41
N ASN H 182 -24.49 -27.62 50.95
CA ASN H 182 -23.29 -26.81 51.20
C ASN H 182 -22.14 -27.03 50.19
N GLU H 183 -22.38 -27.87 49.19
CA GLU H 183 -21.38 -28.23 48.20
C GLU H 183 -21.62 -27.57 46.86
N PHE H 184 -20.56 -26.99 46.27
CA PHE H 184 -20.63 -26.31 44.98
C PHE H 184 -19.71 -26.98 43.99
N SER H 185 -20.15 -27.09 42.73
CA SER H 185 -19.33 -27.67 41.68
C SER H 185 -18.33 -26.63 41.19
N ARG H 186 -17.05 -27.01 41.17
CA ARG H 186 -16.01 -26.10 40.75
C ARG H 186 -15.15 -26.67 39.63
N ILE H 187 -14.99 -25.88 38.57
CA ILE H 187 -14.09 -26.24 37.48
C ILE H 187 -12.72 -25.65 37.82
N THR H 188 -11.66 -26.43 37.63
CA THR H 188 -10.29 -25.99 37.87
C THR H 188 -9.43 -26.32 36.65
N VAL H 189 -8.86 -25.28 36.04
CA VAL H 189 -8.01 -25.40 34.86
C VAL H 189 -6.61 -25.03 35.27
N ARG H 190 -5.61 -25.82 34.81
CA ARG H 190 -4.21 -25.57 35.10
C ARG H 190 -3.40 -25.65 33.81
N ILE H 191 -2.66 -24.57 33.51
CA ILE H 191 -1.83 -24.49 32.30
C ILE H 191 -0.40 -24.32 32.74
N ASP H 192 0.42 -25.35 32.52
CA ASP H 192 1.83 -25.31 32.88
C ASP H 192 2.62 -24.51 31.85
N ALA H 193 3.57 -23.71 32.33
CA ALA H 193 4.40 -22.86 31.49
C ALA H 193 5.79 -22.69 32.07
N VAL H 194 6.76 -22.44 31.20
CA VAL H 194 8.15 -22.25 31.59
C VAL H 194 8.59 -20.90 31.03
N ARG H 195 9.34 -20.13 31.84
CA ARG H 195 9.87 -18.83 31.43
C ARG H 195 10.94 -19.00 30.36
N ASN H 196 11.01 -18.06 29.41
CA ASN H 196 12.05 -18.03 28.38
C ASN H 196 13.30 -17.37 29.03
N PRO H 197 14.34 -18.18 29.37
CA PRO H 197 15.52 -17.63 30.08
C PRO H 197 16.65 -17.08 29.19
N SER H 198 16.47 -17.10 27.86
CA SER H 198 17.49 -16.67 26.90
C SER H 198 18.07 -15.30 27.25
N TYR H 199 17.21 -14.29 27.41
CA TYR H 199 17.63 -12.91 27.73
C TYR H 199 18.43 -12.82 29.02
N TYR H 200 17.94 -13.44 30.10
CA TYR H 200 18.59 -13.39 31.41
C TYR H 200 19.90 -14.15 31.45
N LEU H 201 20.05 -15.20 30.63
CA LEU H 201 21.28 -15.98 30.59
C LEU H 201 22.41 -15.20 29.93
N TRP H 202 22.15 -14.60 28.76
CA TRP H 202 23.14 -13.89 27.98
C TRP H 202 23.41 -12.46 28.44
N SER H 203 22.40 -11.75 29.00
CA SER H 203 22.55 -10.36 29.42
C SER H 203 22.70 -10.14 30.93
N PHE H 204 22.48 -11.18 31.74
CA PHE H 204 22.60 -11.04 33.19
C PHE H 204 23.54 -12.06 33.80
N ILE H 205 23.31 -13.36 33.56
CA ILE H 205 24.13 -14.43 34.12
C ILE H 205 25.56 -14.40 33.56
N LEU H 206 25.67 -14.42 32.23
CA LEU H 206 26.95 -14.40 31.52
C LEU H 206 27.82 -13.18 31.89
N PRO H 207 27.36 -11.90 31.75
CA PRO H 207 28.24 -10.77 32.12
C PRO H 207 28.64 -10.80 33.58
N LEU H 208 27.70 -11.21 34.49
CA LEU H 208 27.98 -11.30 35.92
C LEU H 208 29.11 -12.27 36.21
N GLY H 209 29.13 -13.40 35.50
CA GLY H 209 30.19 -14.40 35.57
C GLY H 209 31.54 -13.80 35.25
N LEU H 210 31.60 -12.98 34.18
CA LEU H 210 32.81 -12.27 33.75
C LEU H 210 33.28 -11.25 34.76
N ILE H 211 32.33 -10.56 35.44
CA ILE H 211 32.62 -9.55 36.49
C ILE H 211 33.25 -10.23 37.70
N ILE H 212 32.63 -11.34 38.16
CA ILE H 212 33.11 -12.11 39.31
C ILE H 212 34.47 -12.72 39.01
N ALA H 213 34.64 -13.30 37.80
CA ALA H 213 35.91 -13.88 37.39
C ALA H 213 37.00 -12.82 37.34
N ALA H 214 36.73 -11.67 36.69
CA ALA H 214 37.68 -10.53 36.59
C ALA H 214 38.05 -9.98 37.96
N SER H 215 37.19 -10.14 38.98
CA SER H 215 37.48 -9.68 40.34
C SER H 215 38.61 -10.49 40.99
N TRP H 216 38.82 -11.74 40.54
CA TRP H 216 39.89 -12.62 41.04
C TRP H 216 41.27 -12.23 40.54
N SER H 217 41.34 -11.41 39.48
CA SER H 217 42.59 -10.94 38.90
C SER H 217 43.32 -9.90 39.78
N VAL H 218 42.73 -9.52 40.94
CA VAL H 218 43.32 -8.58 41.89
C VAL H 218 44.59 -9.18 42.52
N PHE H 219 44.63 -10.53 42.62
CA PHE H 219 45.76 -11.28 43.18
C PHE H 219 46.96 -11.27 42.26
N TRP H 220 46.76 -10.96 40.97
CA TRP H 220 47.82 -10.88 39.98
C TRP H 220 48.54 -9.53 40.00
N LEU H 221 48.06 -8.59 40.83
CA LEU H 221 48.70 -7.29 40.98
C LEU H 221 49.93 -7.44 41.87
N GLU H 222 50.95 -6.61 41.60
CA GLU H 222 52.24 -6.65 42.29
C GLU H 222 52.24 -6.00 43.66
N SER H 223 51.79 -4.75 43.75
CA SER H 223 51.80 -3.96 44.97
C SER H 223 50.54 -4.11 45.82
N PHE H 224 50.72 -4.10 47.15
CA PHE H 224 49.63 -4.17 48.13
C PHE H 224 48.67 -3.00 47.91
N SER H 225 49.21 -1.77 47.69
CA SER H 225 48.42 -0.57 47.43
C SER H 225 47.59 -0.74 46.17
N GLU H 226 48.12 -1.44 45.15
CA GLU H 226 47.40 -1.74 43.91
C GLU H 226 46.31 -2.77 44.15
N ARG H 227 46.59 -3.82 44.96
CA ARG H 227 45.63 -4.88 45.28
C ARG H 227 44.43 -4.35 46.06
N LEU H 228 44.69 -3.48 47.06
CA LEU H 228 43.62 -2.92 47.90
C LEU H 228 42.80 -1.84 47.19
N GLN H 229 43.44 -0.89 46.50
CA GLN H 229 42.72 0.17 45.80
C GLN H 229 41.85 -0.34 44.66
N THR H 230 42.34 -1.36 43.92
CA THR H 230 41.62 -1.99 42.81
C THR H 230 40.36 -2.69 43.32
N SER H 231 40.45 -3.36 44.49
CA SER H 231 39.31 -4.06 45.08
C SER H 231 38.11 -3.13 45.36
N PHE H 232 38.37 -1.82 45.58
CA PHE H 232 37.31 -0.83 45.79
C PHE H 232 36.60 -0.51 44.47
N THR H 233 37.36 -0.52 43.35
CA THR H 233 36.80 -0.32 42.01
C THR H 233 35.96 -1.56 41.68
N LEU H 234 36.39 -2.73 42.18
CA LEU H 234 35.69 -3.99 41.99
C LEU H 234 34.40 -3.97 42.75
N MET H 235 34.46 -3.56 44.03
CA MET H 235 33.30 -3.41 44.92
C MET H 235 32.27 -2.50 44.27
N LEU H 236 32.72 -1.36 43.71
CA LEU H 236 31.86 -0.41 43.02
C LEU H 236 31.24 -1.01 41.76
N THR H 237 31.95 -1.91 41.06
CA THR H 237 31.45 -2.58 39.84
C THR H 237 30.28 -3.49 40.18
N VAL H 238 30.35 -4.20 41.32
CA VAL H 238 29.29 -5.11 41.78
C VAL H 238 28.06 -4.31 42.15
N VAL H 239 28.23 -3.16 42.83
CA VAL H 239 27.15 -2.26 43.23
C VAL H 239 26.45 -1.75 41.97
N ALA H 240 27.24 -1.32 40.96
CA ALA H 240 26.73 -0.83 39.68
C ALA H 240 25.96 -1.95 38.94
N TYR H 241 26.40 -3.21 39.11
CA TYR H 241 25.75 -4.35 38.47
C TYR H 241 24.49 -4.76 39.22
N ALA H 242 24.51 -4.71 40.57
CA ALA H 242 23.37 -5.03 41.44
C ALA H 242 22.25 -4.06 41.15
N PHE H 243 22.61 -2.82 40.77
CA PHE H 243 21.67 -1.77 40.41
C PHE H 243 21.10 -2.02 39.02
N TYR H 244 21.95 -2.40 38.05
CA TYR H 244 21.52 -2.73 36.71
C TYR H 244 20.57 -3.92 36.74
N THR H 245 20.81 -4.89 37.65
CA THR H 245 20.00 -6.08 37.84
C THR H 245 18.65 -5.71 38.46
N SER H 246 18.67 -5.05 39.63
CA SER H 246 17.48 -4.67 40.40
C SER H 246 16.48 -3.86 39.60
N ASN H 247 16.95 -2.90 38.78
CA ASN H 247 16.09 -2.04 37.98
C ASN H 247 15.32 -2.80 36.87
N ILE H 248 15.81 -3.95 36.43
CA ILE H 248 15.19 -4.72 35.36
C ILE H 248 14.48 -5.95 35.85
N LEU H 249 15.13 -6.72 36.74
CA LEU H 249 14.56 -7.92 37.34
C LEU H 249 13.27 -7.65 38.10
N PRO H 250 12.32 -8.60 38.13
CA PRO H 250 11.06 -8.34 38.84
C PRO H 250 11.25 -8.25 40.34
N ARG H 251 10.45 -7.41 40.99
CA ARG H 251 10.49 -7.22 42.44
C ARG H 251 9.81 -8.38 43.13
N LEU H 252 10.50 -8.94 44.13
CA LEU H 252 10.04 -10.10 44.89
C LEU H 252 10.34 -9.99 46.38
N PRO H 253 9.67 -10.79 47.25
CA PRO H 253 9.98 -10.74 48.68
C PRO H 253 11.13 -11.68 49.07
N TYR H 254 11.79 -12.30 48.09
CA TYR H 254 12.90 -13.24 48.31
C TYR H 254 13.98 -13.11 47.24
N THR H 255 15.14 -13.74 47.47
CA THR H 255 16.26 -13.72 46.55
C THR H 255 16.11 -14.79 45.49
N THR H 256 16.58 -14.48 44.28
CA THR H 256 16.55 -15.38 43.14
C THR H 256 17.96 -15.93 42.95
N VAL H 257 18.21 -16.63 41.83
CA VAL H 257 19.52 -17.19 41.48
C VAL H 257 20.50 -16.05 41.23
N ILE H 258 20.08 -15.05 40.43
CA ILE H 258 20.87 -13.86 40.08
C ILE H 258 21.23 -13.06 41.33
N ASP H 259 20.26 -12.87 42.24
CA ASP H 259 20.47 -12.14 43.49
C ASP H 259 21.56 -12.78 44.33
N GLN H 260 21.55 -14.14 44.43
CA GLN H 260 22.55 -14.90 45.18
C GLN H 260 23.95 -14.75 44.56
N MET H 261 24.02 -14.68 43.22
CA MET H 261 25.27 -14.48 42.49
C MET H 261 25.84 -13.10 42.85
N ILE H 262 24.97 -12.08 42.95
CA ILE H 262 25.34 -10.71 43.34
C ILE H 262 25.90 -10.71 44.77
N ILE H 263 25.26 -11.48 45.68
CA ILE H 263 25.69 -11.60 47.07
C ILE H 263 27.05 -12.28 47.12
N ALA H 264 27.24 -13.32 46.28
CA ALA H 264 28.50 -14.06 46.18
C ALA H 264 29.62 -13.14 45.68
N GLY H 265 29.28 -12.23 44.76
CA GLY H 265 30.19 -11.22 44.23
C GLY H 265 30.71 -10.30 45.32
N TYR H 266 29.80 -9.86 46.22
CA TYR H 266 30.12 -9.01 47.36
C TYR H 266 31.05 -9.73 48.31
N GLY H 267 30.73 -11.00 48.59
CA GLY H 267 31.49 -11.88 49.46
C GLY H 267 32.90 -12.13 48.96
N SER H 268 33.04 -12.46 47.66
CA SER H 268 34.33 -12.71 47.00
C SER H 268 35.27 -11.51 47.12
N ILE H 269 34.78 -10.29 46.76
CA ILE H 269 35.54 -9.04 46.83
C ILE H 269 35.89 -8.71 48.28
N PHE H 270 34.93 -8.85 49.20
CA PHE H 270 35.14 -8.58 50.61
C PHE H 270 36.16 -9.54 51.23
N ALA H 271 36.08 -10.84 50.87
CA ALA H 271 37.00 -11.88 51.34
C ALA H 271 38.40 -11.60 50.83
N ALA H 272 38.52 -11.15 49.55
CA ALA H 272 39.80 -10.79 48.94
C ALA H 272 40.43 -9.60 49.67
N ILE H 273 39.62 -8.58 50.08
CA ILE H 273 40.09 -7.41 50.83
C ILE H 273 40.72 -7.83 52.15
N LEU H 274 40.08 -8.80 52.84
CA LEU H 274 40.59 -9.33 54.10
C LEU H 274 41.90 -10.08 53.88
N LEU H 275 42.00 -10.86 52.79
CA LEU H 275 43.19 -11.62 52.42
C LEU H 275 44.35 -10.71 52.06
N ILE H 276 44.06 -9.62 51.29
CA ILE H 276 45.04 -8.63 50.86
C ILE H 276 45.67 -7.93 52.07
N ILE H 277 44.86 -7.58 53.08
CA ILE H 277 45.31 -6.93 54.31
C ILE H 277 46.03 -7.93 55.21
N PHE H 278 45.46 -9.14 55.35
CA PHE H 278 46.03 -10.20 56.19
C PHE H 278 47.44 -10.58 55.74
N ALA H 279 47.65 -10.74 54.41
CA ALA H 279 48.94 -11.11 53.84
C ALA H 279 50.02 -10.06 54.06
N HIS H 280 49.65 -8.77 54.01
CA HIS H 280 50.56 -7.64 54.14
C HIS H 280 50.87 -7.19 55.59
N HIS H 281 50.03 -7.58 56.57
CA HIS H 281 50.22 -7.15 57.95
C HIS H 281 50.46 -8.27 58.97
N ARG H 282 50.31 -9.53 58.56
CA ARG H 282 50.54 -10.67 59.45
C ARG H 282 51.72 -11.51 58.96
N GLN H 283 52.82 -11.46 59.72
CA GLN H 283 54.07 -12.14 59.39
C GLN H 283 54.94 -12.41 60.61
N ASN H 285 57.78 -10.88 60.91
CA ASN H 285 58.57 -9.65 60.86
C ASN H 285 57.68 -8.41 60.81
N VAL H 287 56.07 -6.64 57.88
CA VAL H 287 55.42 -6.64 56.57
C VAL H 287 56.10 -7.65 55.64
N GLU H 288 55.37 -8.72 55.27
CA GLU H 288 55.86 -9.76 54.38
C GLU H 288 54.69 -10.46 53.73
N ASP H 289 54.63 -10.41 52.38
CA ASP H 289 53.53 -11.04 51.67
C ASP H 289 53.71 -12.54 51.67
N ASP H 290 52.78 -13.24 52.33
CA ASP H 290 52.80 -14.69 52.44
C ASP H 290 52.80 -15.28 51.04
N LEU H 291 53.77 -16.15 50.74
CA LEU H 291 53.97 -16.76 49.42
C LEU H 291 52.72 -17.46 48.90
N LEU H 292 52.05 -18.28 49.74
CA LEU H 292 50.83 -19.00 49.38
C LEU H 292 49.62 -18.10 49.23
N ILE H 293 49.40 -17.18 50.20
CA ILE H 293 48.27 -16.23 50.22
C ILE H 293 48.32 -15.32 49.00
N GLN H 294 49.51 -14.74 48.69
CA GLN H 294 49.70 -13.87 47.52
C GLN H 294 49.48 -14.65 46.21
N ARG H 295 49.78 -15.95 46.21
CA ARG H 295 49.63 -16.82 45.05
C ARG H 295 48.38 -17.69 45.13
N CYS H 296 47.30 -17.14 45.72
CA CYS H 296 45.99 -17.81 45.82
C CYS H 296 45.20 -17.57 44.54
N ARG H 297 45.89 -17.09 43.48
CA ARG H 297 45.33 -16.78 42.16
C ARG H 297 44.55 -17.97 41.60
N LEU H 298 44.90 -19.20 42.03
CA LEU H 298 44.23 -20.44 41.65
C LEU H 298 43.35 -20.99 42.77
N ALA H 299 43.72 -20.77 44.05
CA ALA H 299 42.96 -21.26 45.20
C ALA H 299 41.65 -20.51 45.41
N PHE H 300 41.65 -19.17 45.23
CA PHE H 300 40.48 -18.32 45.38
C PHE H 300 39.37 -18.68 44.36
N PRO H 301 39.64 -18.78 43.02
CA PRO H 301 38.59 -19.17 42.08
C PRO H 301 38.04 -20.57 42.35
N LEU H 302 38.91 -21.56 42.68
CA LEU H 302 38.45 -22.92 42.95
C LEU H 302 37.62 -23.00 44.24
N GLY H 303 38.00 -22.21 45.25
CA GLY H 303 37.30 -22.11 46.53
C GLY H 303 35.92 -21.53 46.34
N PHE H 304 35.81 -20.55 45.43
CA PHE H 304 34.55 -19.90 45.07
C PHE H 304 33.66 -20.88 44.31
N LEU H 305 34.23 -21.60 43.32
CA LEU H 305 33.52 -22.61 42.53
C LEU H 305 33.02 -23.77 43.40
N ALA H 306 33.80 -24.15 44.44
CA ALA H 306 33.42 -25.20 45.40
C ALA H 306 32.17 -24.76 46.18
N ILE H 307 32.15 -23.50 46.69
CA ILE H 307 31.01 -22.92 47.41
C ILE H 307 29.83 -22.72 46.43
N GLY H 308 30.15 -22.47 45.16
CA GLY H 308 29.20 -22.31 44.07
C GLY H 308 28.42 -23.58 43.78
N CYS H 309 29.08 -24.75 43.90
CA CYS H 309 28.46 -26.07 43.71
C CYS H 309 27.45 -26.38 44.82
N VAL H 310 27.69 -25.86 46.05
CA VAL H 310 26.81 -26.00 47.22
C VAL H 310 25.55 -25.12 47.01
N LEU H 311 25.68 -23.99 46.29
CA LEU H 311 24.58 -23.08 45.96
C LEU H 311 23.55 -23.80 45.07
N VAL H 312 23.99 -24.78 44.27
CA VAL H 312 23.12 -25.57 43.38
C VAL H 312 22.50 -26.74 44.17
N ILE H 313 23.34 -27.51 44.89
CA ILE H 313 22.92 -28.67 45.68
C ILE H 313 22.40 -28.19 47.04
N ARG I 6 -29.36 -17.70 1.79
CA ARG I 6 -29.18 -16.28 1.54
C ARG I 6 -28.43 -15.58 2.70
N PRO I 7 -27.07 -15.66 2.75
CA PRO I 7 -26.33 -14.94 3.78
C PRO I 7 -26.49 -13.43 3.63
N VAL I 8 -26.56 -12.69 4.73
CA VAL I 8 -26.68 -11.23 4.69
C VAL I 8 -25.32 -10.67 4.29
N ASP I 9 -25.27 -9.99 3.11
CA ASP I 9 -24.04 -9.41 2.61
C ASP I 9 -23.73 -8.16 3.38
N VAL I 10 -22.55 -8.10 4.01
CA VAL I 10 -22.11 -6.99 4.82
C VAL I 10 -20.86 -6.39 4.22
N SER I 11 -20.93 -5.10 3.86
CA SER I 11 -19.79 -4.37 3.31
C SER I 11 -19.17 -3.57 4.45
N VAL I 12 -17.90 -3.85 4.73
CA VAL I 12 -17.18 -3.20 5.83
C VAL I 12 -16.17 -2.21 5.29
N SER I 13 -15.98 -1.11 6.04
CA SER I 13 -15.02 -0.06 5.74
C SER I 13 -14.38 0.39 7.04
N ILE I 14 -13.05 0.24 7.14
CA ILE I 14 -12.28 0.60 8.33
C ILE I 14 -11.36 1.78 8.02
N PHE I 15 -11.41 2.80 8.88
CA PHE I 15 -10.59 3.99 8.74
C PHE I 15 -9.62 4.01 9.90
N ILE I 16 -8.32 3.91 9.60
CA ILE I 16 -7.28 3.93 10.63
C ILE I 16 -6.80 5.37 10.79
N ASN I 17 -6.98 5.94 11.99
CA ASN I 17 -6.58 7.31 12.29
C ASN I 17 -5.22 7.38 12.95
N LYS I 18 -4.92 6.42 13.84
CA LYS I 18 -3.69 6.44 14.61
C LYS I 18 -3.30 5.03 14.98
N ILE I 19 -2.03 4.75 14.78
CA ILE I 19 -1.43 3.46 15.01
C ILE I 19 -0.20 3.65 15.94
N TYR I 20 -0.36 3.34 17.25
CA TYR I 20 0.68 3.68 18.22
C TYR I 20 0.69 2.72 19.41
N GLY I 21 1.46 3.07 20.45
CA GLY I 21 1.53 2.37 21.72
C GLY I 21 1.90 0.92 21.65
N VAL I 22 2.99 0.62 20.97
CA VAL I 22 3.51 -0.73 20.84
C VAL I 22 3.96 -1.23 22.23
N ASN I 23 3.41 -2.36 22.68
CA ASN I 23 3.84 -2.98 23.94
C ASN I 23 4.62 -4.21 23.53
N THR I 24 5.95 -4.13 23.62
CA THR I 24 6.88 -5.19 23.22
C THR I 24 6.63 -6.52 23.92
N LEU I 25 6.63 -6.52 25.25
CA LEU I 25 6.44 -7.72 26.05
C LEU I 25 5.08 -8.39 25.86
N GLU I 26 4.02 -7.57 25.77
CA GLU I 26 2.66 -8.07 25.59
C GLU I 26 2.34 -8.37 24.14
N GLN I 27 3.15 -7.84 23.18
CA GLN I 27 2.93 -8.00 21.74
C GLN I 27 1.57 -7.41 21.38
N THR I 28 1.35 -6.18 21.83
CA THR I 28 0.10 -5.48 21.57
C THR I 28 0.41 -4.10 21.01
N TYR I 29 -0.58 -3.46 20.39
CA TYR I 29 -0.49 -2.12 19.79
C TYR I 29 -1.89 -1.50 19.77
N LYS I 30 -1.96 -0.17 19.94
CA LYS I 30 -3.22 0.56 19.99
C LYS I 30 -3.59 1.09 18.62
N VAL I 31 -4.88 1.05 18.30
CA VAL I 31 -5.40 1.50 17.01
C VAL I 31 -6.65 2.36 17.25
N ASP I 32 -6.65 3.59 16.74
CA ASP I 32 -7.80 4.48 16.81
C ASP I 32 -8.33 4.62 15.40
N GLY I 33 -9.64 4.53 15.27
CA GLY I 33 -10.26 4.66 13.97
C GLY I 33 -11.75 4.46 13.99
N TYR I 34 -12.31 4.32 12.80
CA TYR I 34 -13.74 4.13 12.62
C TYR I 34 -14.00 2.80 11.95
N ILE I 35 -15.21 2.24 12.17
CA ILE I 35 -15.69 1.01 11.57
C ILE I 35 -17.07 1.28 10.98
N VAL I 36 -17.21 1.00 9.69
CA VAL I 36 -18.47 1.20 8.98
C VAL I 36 -18.92 -0.14 8.43
N ALA I 37 -20.19 -0.50 8.66
CA ALA I 37 -20.76 -1.74 8.16
C ALA I 37 -22.08 -1.44 7.47
N GLN I 38 -22.25 -1.94 6.24
CA GLN I 38 -23.46 -1.72 5.45
C GLN I 38 -24.07 -3.04 4.99
N TRP I 39 -25.38 -3.19 5.19
CA TRP I 39 -26.13 -4.35 4.73
C TRP I 39 -27.53 -3.87 4.34
N THR I 40 -28.26 -4.70 3.60
CA THR I 40 -29.59 -4.36 3.13
C THR I 40 -30.62 -5.23 3.81
N GLY I 41 -31.61 -4.56 4.38
CA GLY I 41 -32.72 -5.22 5.04
C GLY I 41 -34.03 -4.89 4.34
N LYS I 42 -35.15 -5.09 5.05
CA LYS I 42 -36.48 -4.80 4.53
C LYS I 42 -36.68 -3.28 4.43
N PRO I 43 -37.26 -2.79 3.30
CA PRO I 43 -37.49 -1.33 3.18
C PRO I 43 -38.25 -0.74 4.36
N ARG I 44 -37.99 0.54 4.63
CA ARG I 44 -38.61 1.25 5.76
C ARG I 44 -39.26 2.55 5.32
N LYS I 45 -40.12 3.11 6.19
CA LYS I 45 -40.83 4.36 5.94
C LYS I 45 -40.15 5.45 6.73
N THR I 46 -39.00 5.92 6.24
CA THR I 46 -38.22 6.95 6.93
C THR I 46 -38.90 8.30 6.86
N PRO I 47 -38.77 9.13 7.94
CA PRO I 47 -39.37 10.47 7.95
C PRO I 47 -38.96 11.29 6.74
N GLY I 48 -39.95 11.63 5.91
CA GLY I 48 -39.78 12.38 4.67
C GLY I 48 -38.99 11.69 3.59
N ASP I 49 -38.98 10.33 3.60
CA ASP I 49 -38.26 9.47 2.65
C ASP I 49 -36.74 9.78 2.56
N LYS I 50 -36.20 10.42 3.58
CA LYS I 50 -34.79 10.79 3.62
C LYS I 50 -34.09 9.85 4.60
N PRO I 51 -32.81 9.50 4.40
CA PRO I 51 -32.12 8.63 5.37
C PRO I 51 -32.26 9.13 6.81
N LEU I 52 -32.56 8.20 7.73
CA LEU I 52 -32.76 8.51 9.14
C LEU I 52 -31.53 8.20 9.95
N ILE I 53 -31.08 9.18 10.74
CA ILE I 53 -29.90 9.04 11.59
C ILE I 53 -30.33 8.69 13.01
N VAL I 54 -29.75 7.61 13.55
CA VAL I 54 -30.00 7.15 14.90
C VAL I 54 -28.65 7.12 15.61
N GLU I 55 -28.47 7.99 16.60
CA GLU I 55 -27.21 8.11 17.30
C GLU I 55 -27.22 7.54 18.68
N ASN I 56 -26.09 6.91 19.05
CA ASN I 56 -25.75 6.37 20.37
C ASN I 56 -26.93 5.71 21.12
N THR I 57 -27.45 6.34 22.21
CA THR I 57 -28.53 5.84 23.07
C THR I 57 -29.78 5.37 22.32
N GLN I 58 -30.12 6.04 21.23
CA GLN I 58 -31.29 5.70 20.42
C GLN I 58 -31.14 4.38 19.66
N ILE I 59 -29.89 3.94 19.39
CA ILE I 59 -29.61 2.68 18.67
C ILE I 59 -30.22 1.51 19.41
N GLU I 60 -30.05 1.49 20.75
CA GLU I 60 -30.56 0.41 21.59
C GLU I 60 -32.07 0.34 21.56
N ARG I 61 -32.76 1.50 21.51
CA ARG I 61 -34.22 1.59 21.42
C ARG I 61 -34.74 0.90 20.16
N TRP I 62 -34.07 1.11 19.00
CA TRP I 62 -34.43 0.50 17.72
C TRP I 62 -34.23 -1.02 17.74
N ILE I 63 -33.16 -1.50 18.41
CA ILE I 63 -32.84 -2.92 18.58
C ILE I 63 -33.95 -3.61 19.38
N ASN I 64 -34.42 -2.96 20.48
CA ASN I 64 -35.51 -3.44 21.34
C ASN I 64 -36.79 -3.62 20.55
N ASN I 65 -36.98 -2.77 19.52
CA ASN I 65 -38.16 -2.81 18.66
C ASN I 65 -38.03 -3.73 17.43
N GLY I 66 -36.93 -4.48 17.33
CA GLY I 66 -36.77 -5.45 16.25
C GLY I 66 -35.70 -5.22 15.22
N LEU I 67 -34.98 -4.09 15.27
CA LEU I 67 -33.91 -3.83 14.30
C LEU I 67 -32.75 -4.79 14.51
N TRP I 68 -32.34 -5.44 13.43
CA TRP I 68 -31.25 -6.40 13.43
C TRP I 68 -29.91 -5.69 13.26
N VAL I 69 -29.13 -5.61 14.34
CA VAL I 69 -27.81 -4.99 14.33
C VAL I 69 -26.83 -6.04 14.85
N PRO I 70 -26.14 -6.77 13.94
CA PRO I 70 -25.24 -7.84 14.40
C PRO I 70 -24.01 -7.33 15.12
N ALA I 71 -23.52 -8.09 16.11
CA ALA I 71 -22.31 -7.72 16.83
C ALA I 71 -21.10 -8.20 16.06
N LEU I 72 -20.23 -7.26 15.67
CA LEU I 72 -19.01 -7.60 14.94
C LEU I 72 -17.86 -7.49 15.90
N GLU I 73 -17.16 -8.60 16.12
CA GLU I 73 -16.10 -8.66 17.08
C GLU I 73 -14.71 -8.55 16.46
N PHE I 74 -13.82 -7.82 17.14
CA PHE I 74 -12.41 -7.76 16.77
C PHE I 74 -11.79 -8.95 17.45
N ILE I 75 -11.45 -9.98 16.66
CA ILE I 75 -10.90 -11.25 17.13
C ILE I 75 -9.64 -11.06 17.96
N ASN I 76 -8.72 -10.20 17.49
CA ASN I 76 -7.42 -9.99 18.09
C ASN I 76 -7.34 -8.78 19.04
N VAL I 77 -8.49 -8.31 19.55
CA VAL I 77 -8.48 -7.20 20.49
C VAL I 77 -8.22 -7.72 21.91
N VAL I 78 -7.39 -7.03 22.68
CA VAL I 78 -7.07 -7.41 24.06
C VAL I 78 -7.96 -6.55 24.96
N GLY I 79 -9.08 -7.11 25.39
CA GLY I 79 -10.06 -6.41 26.20
C GLY I 79 -10.97 -5.57 25.33
N SER I 80 -12.21 -5.34 25.79
CA SER I 80 -13.23 -4.59 25.06
C SER I 80 -12.71 -3.21 24.64
N PRO I 81 -12.81 -2.87 23.33
CA PRO I 81 -12.28 -1.58 22.88
C PRO I 81 -13.16 -0.42 23.34
N ASP I 82 -12.59 0.78 23.37
CA ASP I 82 -13.31 1.97 23.75
C ASP I 82 -14.07 2.49 22.55
N THR I 83 -15.41 2.29 22.56
CA THR I 83 -16.29 2.73 21.50
C THR I 83 -16.79 4.14 21.79
N GLY I 84 -16.49 5.06 20.88
CA GLY I 84 -16.93 6.44 20.95
C GLY I 84 -18.36 6.56 20.46
N ASN I 85 -18.59 7.54 19.58
CA ASN I 85 -19.91 7.78 19.01
C ASN I 85 -20.32 6.64 18.12
N LYS I 86 -21.60 6.25 18.21
CA LYS I 86 -22.20 5.20 17.39
C LYS I 86 -23.30 5.86 16.59
N ARG I 87 -23.59 5.31 15.42
CA ARG I 87 -24.60 5.85 14.50
C ARG I 87 -25.14 4.77 13.60
N LEU I 88 -26.45 4.84 13.32
CA LEU I 88 -27.16 3.98 12.39
C LEU I 88 -27.83 4.87 11.38
N MET I 89 -27.53 4.66 10.10
CA MET I 89 -28.15 5.42 9.04
C MET I 89 -29.13 4.48 8.33
N LEU I 90 -30.42 4.69 8.57
CA LEU I 90 -31.49 3.84 8.02
C LEU I 90 -32.09 4.47 6.78
N PHE I 91 -31.94 3.79 5.63
CA PHE I 91 -32.45 4.27 4.35
C PHE I 91 -33.83 3.73 4.05
N PRO I 92 -34.65 4.45 3.24
CA PRO I 92 -36.01 3.96 2.96
C PRO I 92 -36.08 2.68 2.13
N ASP I 93 -35.09 2.48 1.23
CA ASP I 93 -34.99 1.29 0.38
C ASP I 93 -34.63 0.00 1.19
N GLY I 94 -34.23 0.17 2.45
CA GLY I 94 -33.91 -0.93 3.36
C GLY I 94 -32.48 -1.07 3.82
N ARG I 95 -31.55 -0.42 3.11
CA ARG I 95 -30.14 -0.51 3.47
C ARG I 95 -29.81 0.25 4.78
N VAL I 96 -29.02 -0.41 5.63
CA VAL I 96 -28.59 0.06 6.95
C VAL I 96 -27.07 0.26 6.96
N ILE I 97 -26.61 1.38 7.54
CA ILE I 97 -25.19 1.71 7.67
C ILE I 97 -24.86 1.99 9.14
N TYR I 98 -24.03 1.13 9.73
CA TYR I 98 -23.57 1.27 11.11
C TYR I 98 -22.20 1.91 11.09
N ASN I 99 -22.03 3.00 11.83
CA ASN I 99 -20.76 3.71 11.93
C ASN I 99 -20.43 3.97 13.38
N ALA I 100 -19.19 3.64 13.79
CA ALA I 100 -18.74 3.83 15.16
C ALA I 100 -17.25 4.10 15.27
N ARG I 101 -16.88 5.00 16.18
CA ARG I 101 -15.48 5.31 16.47
C ARG I 101 -15.01 4.28 17.48
N PHE I 102 -13.75 3.84 17.39
CA PHE I 102 -13.17 2.87 18.31
C PHE I 102 -11.70 3.14 18.59
N LEU I 103 -11.25 2.75 19.78
CA LEU I 103 -9.85 2.79 20.21
C LEU I 103 -9.65 1.48 20.93
N GLY I 104 -8.80 0.62 20.37
CA GLY I 104 -8.54 -0.70 20.95
C GLY I 104 -7.10 -1.11 20.96
N SER I 105 -6.74 -2.00 21.91
CA SER I 105 -5.41 -2.58 22.04
C SER I 105 -5.51 -3.94 21.36
N PHE I 106 -4.75 -4.10 20.27
CA PHE I 106 -4.78 -5.31 19.47
C PHE I 106 -3.52 -6.12 19.65
N SER I 107 -3.62 -7.43 19.44
CA SER I 107 -2.51 -8.37 19.57
C SER I 107 -2.16 -9.01 18.25
N ASN I 108 -0.89 -9.37 18.11
CA ASN I 108 -0.32 -10.05 16.95
C ASN I 108 1.07 -10.55 17.32
N ASP I 109 1.49 -11.66 16.70
CA ASP I 109 2.82 -12.21 16.95
C ASP I 109 3.83 -11.24 16.39
N MET I 110 4.66 -10.67 17.28
CA MET I 110 5.67 -9.69 16.92
C MET I 110 7.07 -10.15 17.33
N ASP I 111 8.01 -10.10 16.39
CA ASP I 111 9.40 -10.49 16.62
C ASP I 111 10.31 -9.27 16.59
N PHE I 112 10.93 -8.95 17.74
CA PHE I 112 11.81 -7.78 17.90
C PHE I 112 13.29 -8.16 18.00
N ARG I 113 13.68 -9.35 17.53
CA ARG I 113 15.07 -9.81 17.59
C ARG I 113 16.05 -8.93 16.83
N LEU I 114 15.56 -8.38 15.71
CA LEU I 114 16.34 -7.51 14.84
C LEU I 114 16.33 -6.05 15.28
N PHE I 115 15.80 -5.75 16.49
CA PHE I 115 15.73 -4.39 17.03
C PHE I 115 17.12 -3.73 17.03
N PRO I 116 17.27 -2.46 16.62
CA PRO I 116 16.24 -1.50 16.19
C PRO I 116 15.93 -1.51 14.70
N PHE I 117 16.29 -2.59 14.00
CA PHE I 117 16.10 -2.75 12.55
C PHE I 117 14.98 -3.74 12.22
N ASP I 118 14.04 -3.96 13.16
CA ASP I 118 12.93 -4.90 13.03
C ASP I 118 11.84 -4.41 12.10
N ARG I 119 11.17 -5.35 11.41
CA ARG I 119 10.02 -5.05 10.54
C ARG I 119 8.80 -5.66 11.14
N GLN I 120 7.75 -4.85 11.25
CA GLN I 120 6.53 -5.30 11.89
C GLN I 120 5.29 -5.10 11.03
N GLN I 121 4.18 -5.84 11.31
CA GLN I 121 2.89 -5.70 10.61
C GLN I 121 1.72 -5.66 11.59
N PHE I 122 0.99 -4.54 11.57
CA PHE I 122 -0.14 -4.34 12.47
C PHE I 122 -1.38 -4.91 11.83
N VAL I 123 -1.99 -5.88 12.52
CA VAL I 123 -3.14 -6.63 12.03
C VAL I 123 -4.47 -6.28 12.76
N LEU I 124 -5.57 -6.35 12.02
CA LEU I 124 -6.92 -6.21 12.56
C LEU I 124 -7.70 -7.39 12.05
N GLU I 125 -8.32 -8.17 12.94
CA GLU I 125 -9.12 -9.33 12.53
C GLU I 125 -10.54 -9.11 12.95
N LEU I 126 -11.46 -8.96 12.00
CA LEU I 126 -12.87 -8.73 12.32
C LEU I 126 -13.65 -9.97 11.95
N GLU I 127 -14.76 -10.24 12.64
CA GLU I 127 -15.60 -11.41 12.42
C GLU I 127 -16.93 -11.23 13.17
N PRO I 128 -18.09 -11.61 12.56
CA PRO I 128 -19.36 -11.52 13.31
C PRO I 128 -19.32 -12.49 14.49
N PHE I 129 -19.81 -12.04 15.64
CA PHE I 129 -19.74 -12.77 16.90
C PHE I 129 -20.67 -13.97 17.00
N SER I 130 -21.80 -13.95 16.29
CA SER I 130 -22.80 -15.00 16.46
C SER I 130 -23.32 -15.63 15.17
N TYR I 131 -23.07 -14.99 14.03
CA TYR I 131 -23.56 -15.43 12.74
C TYR I 131 -22.49 -16.01 11.83
N ASN I 132 -22.67 -17.26 11.39
CA ASN I 132 -21.76 -17.95 10.48
C ASN I 132 -21.88 -17.39 9.04
N ASN I 133 -21.04 -17.86 8.11
CA ASN I 133 -21.02 -17.43 6.71
C ASN I 133 -22.30 -17.78 5.92
N GLN I 134 -23.13 -18.69 6.46
CA GLN I 134 -24.40 -19.06 5.84
C GLN I 134 -25.47 -18.05 6.21
N GLN I 135 -25.23 -17.31 7.31
CA GLN I 135 -26.13 -16.28 7.83
C GLN I 135 -25.66 -14.87 7.54
N LEU I 136 -24.36 -14.60 7.72
CA LEU I 136 -23.74 -13.30 7.50
C LEU I 136 -22.40 -13.50 6.82
N ARG I 137 -22.28 -12.87 5.64
CA ARG I 137 -21.10 -12.97 4.80
C ARG I 137 -20.54 -11.59 4.49
N PHE I 138 -19.22 -11.43 4.71
CA PHE I 138 -18.53 -10.19 4.41
C PHE I 138 -18.34 -10.13 2.91
N SER I 139 -19.03 -9.18 2.24
CA SER I 139 -18.95 -9.02 0.79
C SER I 139 -17.63 -8.41 0.35
N ASP I 140 -17.17 -7.35 1.04
CA ASP I 140 -15.93 -6.67 0.74
C ASP I 140 -15.43 -5.86 1.92
N ILE I 141 -14.16 -5.47 1.84
CA ILE I 141 -13.48 -4.68 2.86
C ILE I 141 -12.70 -3.55 2.21
N GLN I 142 -12.87 -2.35 2.76
CA GLN I 142 -12.18 -1.17 2.30
C GLN I 142 -11.44 -0.57 3.49
N VAL I 143 -10.12 -0.44 3.37
CA VAL I 143 -9.29 0.13 4.43
C VAL I 143 -8.70 1.44 3.95
N TYR I 144 -8.82 2.49 4.77
CA TYR I 144 -8.31 3.80 4.44
C TYR I 144 -7.30 4.24 5.48
N THR I 145 -6.03 4.15 5.10
CA THR I 145 -4.90 4.51 5.95
C THR I 145 -4.27 5.79 5.42
N GLU I 146 -4.77 6.95 5.89
CA GLU I 146 -4.22 8.23 5.48
C GLU I 146 -2.71 8.21 5.81
N ASN I 147 -1.87 8.17 4.77
CA ASN I 147 -0.42 8.07 4.90
C ASN I 147 0.22 9.34 5.44
N ILE I 148 1.15 9.16 6.39
CA ILE I 148 1.89 10.24 7.01
C ILE I 148 2.92 10.78 6.04
N ASP I 149 2.93 12.11 5.85
CA ASP I 149 3.85 12.84 4.97
C ASP I 149 5.10 13.31 5.72
N ASN I 150 5.20 12.97 7.02
CA ASN I 150 6.34 13.29 7.86
C ASN I 150 6.98 11.98 8.29
N GLU I 151 7.80 11.39 7.40
CA GLU I 151 8.44 10.12 7.68
C GLU I 151 9.42 10.18 8.85
N GLU I 152 10.25 11.25 8.90
CA GLU I 152 11.27 11.47 9.93
C GLU I 152 10.73 11.31 11.34
N ILE I 153 9.79 12.19 11.73
CA ILE I 153 9.20 12.30 13.07
C ILE I 153 8.46 11.07 13.51
N ASP I 154 8.02 10.26 12.54
CA ASP I 154 7.32 9.05 12.90
C ASP I 154 8.28 7.94 13.35
N GLU I 155 7.85 7.23 14.42
CA GLU I 155 8.60 6.12 15.01
C GLU I 155 8.58 4.96 14.02
N TRP I 156 7.47 4.76 13.32
CA TRP I 156 7.29 3.69 12.35
C TRP I 156 7.08 4.24 10.96
N TRP I 157 7.57 3.52 9.96
CA TRP I 157 7.40 3.88 8.55
C TRP I 157 6.48 2.88 7.90
N ILE I 158 5.26 3.32 7.56
CA ILE I 158 4.26 2.47 6.92
C ILE I 158 4.71 2.20 5.48
N ARG I 159 4.81 0.91 5.11
CA ARG I 159 5.24 0.45 3.79
C ARG I 159 4.34 0.93 2.67
N GLY I 160 3.05 0.70 2.81
CA GLY I 160 2.05 1.12 1.84
C GLY I 160 0.64 1.00 2.36
N LYS I 161 -0.34 1.12 1.44
CA LYS I 161 -1.75 0.99 1.76
C LYS I 161 -2.00 -0.42 2.33
N ALA I 162 -3.00 -0.55 3.19
CA ALA I 162 -3.30 -1.82 3.83
C ALA I 162 -3.66 -2.93 2.84
N SER I 163 -3.30 -4.17 3.19
CA SER I 163 -3.56 -5.37 2.40
C SER I 163 -4.57 -6.20 3.17
N THR I 164 -5.72 -6.46 2.52
CA THR I 164 -6.87 -7.14 3.10
C THR I 164 -6.97 -8.61 2.65
N HIS I 165 -7.81 -9.38 3.35
CA HIS I 165 -8.08 -10.80 3.10
C HIS I 165 -9.39 -11.24 3.77
N ILE I 166 -10.41 -11.56 2.94
CA ILE I 166 -11.70 -12.08 3.43
C ILE I 166 -11.67 -13.58 3.26
N SER I 167 -11.64 -14.29 4.38
CA SER I 167 -11.53 -15.74 4.41
C SER I 167 -12.73 -16.37 5.11
N ASP I 168 -12.65 -17.70 5.32
CA ASP I 168 -13.66 -18.52 6.00
C ASP I 168 -12.95 -19.38 7.04
N ILE I 169 -13.26 -19.11 8.31
CA ILE I 169 -12.66 -19.79 9.46
C ILE I 169 -13.54 -20.95 9.85
N ARG I 170 -12.96 -22.15 9.83
CA ARG I 170 -13.67 -23.36 10.21
C ARG I 170 -13.34 -23.70 11.66
N TYR I 171 -14.37 -23.72 12.51
CA TYR I 171 -14.23 -24.05 13.92
C TYR I 171 -14.59 -25.52 14.11
N ASP I 172 -13.59 -26.32 14.52
CA ASP I 172 -13.75 -27.76 14.74
C ASP I 172 -14.69 -28.03 15.92
N HIS I 173 -14.40 -27.41 17.09
CA HIS I 173 -15.20 -27.53 18.31
C HIS I 173 -16.44 -26.65 18.17
N LEU I 174 -17.44 -27.22 17.51
CA LEU I 174 -18.71 -26.57 17.22
C LEU I 174 -19.81 -27.61 17.12
N SER I 175 -21.02 -27.28 17.64
CA SER I 175 -22.22 -28.13 17.61
C SER I 175 -22.50 -28.68 16.19
N ASN I 180 -22.82 -27.88 6.86
CA ASN I 180 -21.74 -27.37 7.71
C ASN I 180 -22.03 -25.92 8.20
N GLN I 181 -22.30 -25.77 9.51
CA GLN I 181 -22.63 -24.47 10.12
C GLN I 181 -21.54 -24.08 11.12
N ASN I 182 -20.29 -24.28 10.70
CA ASN I 182 -19.10 -24.06 11.51
C ASN I 182 -18.11 -23.09 10.87
N GLU I 183 -18.48 -22.46 9.76
CA GLU I 183 -17.60 -21.53 9.08
C GLU I 183 -18.04 -20.09 9.27
N PHE I 184 -17.09 -19.19 9.62
CA PHE I 184 -17.37 -17.77 9.81
C PHE I 184 -16.54 -16.95 8.86
N SER I 185 -17.10 -15.88 8.28
CA SER I 185 -16.30 -15.06 7.38
C SER I 185 -15.55 -14.06 8.20
N ARG I 186 -14.26 -13.98 7.97
CA ARG I 186 -13.34 -13.13 8.72
C ARG I 186 -12.60 -12.16 7.84
N ILE I 187 -12.60 -10.89 8.22
CA ILE I 187 -11.84 -9.86 7.54
C ILE I 187 -10.49 -9.78 8.25
N THR I 188 -9.39 -9.70 7.50
CA THR I 188 -8.04 -9.58 8.03
C THR I 188 -7.33 -8.44 7.36
N VAL I 189 -6.92 -7.43 8.14
CA VAL I 189 -6.21 -6.26 7.62
C VAL I 189 -4.77 -6.33 8.11
N ARG I 190 -3.80 -6.10 7.19
CA ARG I 190 -2.38 -6.11 7.52
C ARG I 190 -1.72 -4.80 7.09
N ILE I 191 -1.10 -4.08 8.04
CA ILE I 191 -0.40 -2.83 7.75
C ILE I 191 1.08 -3.03 8.06
N ASP I 192 1.90 -3.14 7.01
CA ASP I 192 3.34 -3.36 7.15
C ASP I 192 4.00 -2.05 7.55
N ALA I 193 4.86 -2.13 8.58
CA ALA I 193 5.64 -1.03 9.15
C ALA I 193 7.11 -1.45 9.39
N VAL I 194 8.04 -0.50 9.26
CA VAL I 194 9.48 -0.69 9.55
C VAL I 194 9.88 0.39 10.58
N ARG I 195 10.62 0.00 11.62
CA ARG I 195 11.03 0.93 12.67
C ARG I 195 12.06 1.92 12.15
N ASN I 196 12.06 3.09 12.79
CA ASN I 196 12.98 4.17 12.53
C ASN I 196 14.18 3.95 13.40
N PRO I 197 15.30 3.54 12.82
CA PRO I 197 16.44 3.25 13.67
C PRO I 197 17.35 4.43 14.02
N SER I 198 17.02 5.63 13.51
CA SER I 198 17.78 6.87 13.69
C SER I 198 18.22 7.10 15.12
N TYR I 199 17.27 7.18 16.07
CA TYR I 199 17.58 7.43 17.47
C TYR I 199 18.50 6.39 18.09
N TYR I 200 18.23 5.10 17.86
CA TYR I 200 19.01 4.01 18.42
C TYR I 200 20.41 3.92 17.81
N LEU I 201 20.57 4.33 16.53
CA LEU I 201 21.87 4.35 15.87
C LEU I 201 22.81 5.41 16.45
N TRP I 202 22.32 6.64 16.60
CA TRP I 202 23.09 7.78 17.09
C TRP I 202 23.26 7.87 18.61
N SER I 203 22.27 7.42 19.38
CA SER I 203 22.32 7.51 20.85
C SER I 203 22.68 6.22 21.57
N PHE I 204 22.66 5.07 20.87
CA PHE I 204 22.96 3.80 21.49
C PHE I 204 24.08 3.05 20.79
N ILE I 205 23.97 2.80 19.48
CA ILE I 205 24.97 2.07 18.70
C ILE I 205 26.28 2.86 18.60
N LEU I 206 26.22 4.12 18.13
CA LEU I 206 27.37 5.01 17.98
C LEU I 206 28.15 5.19 19.29
N PRO I 207 27.57 5.66 20.43
CA PRO I 207 28.38 5.81 21.65
C PRO I 207 28.99 4.50 22.11
N LEU I 208 28.23 3.39 22.00
CA LEU I 208 28.71 2.06 22.37
C LEU I 208 29.94 1.66 21.58
N GLY I 209 29.96 1.97 20.28
CA GLY I 209 31.09 1.76 19.37
C GLY I 209 32.32 2.47 19.89
N LEU I 210 32.17 3.74 20.30
CA LEU I 210 33.24 4.56 20.87
C LEU I 210 33.77 4.02 22.19
N ILE I 211 32.87 3.43 23.03
CA ILE I 211 33.24 2.84 24.32
C ILE I 211 34.07 1.59 24.08
N ILE I 212 33.61 0.72 23.17
CA ILE I 212 34.30 -0.53 22.83
C ILE I 212 35.63 -0.22 22.17
N ALA I 213 35.65 0.76 21.24
CA ALA I 213 36.90 1.15 20.56
C ALA I 213 37.90 1.71 21.56
N ALA I 214 37.46 2.64 22.45
CA ALA I 214 38.30 3.23 23.48
C ALA I 214 38.83 2.19 24.47
N SER I 215 38.14 1.05 24.63
CA SER I 215 38.59 -0.03 25.51
C SER I 215 39.85 -0.71 24.98
N TRP I 216 40.06 -0.67 23.65
CA TRP I 216 41.24 -1.25 22.99
C TRP I 216 42.50 -0.44 23.24
N SER I 217 42.37 0.81 23.67
CA SER I 217 43.50 1.69 23.93
C SER I 217 44.27 1.35 25.22
N VAL I 218 43.81 0.31 25.96
CA VAL I 218 44.47 -0.18 27.16
C VAL I 218 45.85 -0.77 26.81
N PHE I 219 46.00 -1.29 25.58
CA PHE I 219 47.25 -1.88 25.09
C PHE I 219 48.30 -0.82 24.81
N TRP I 220 47.89 0.45 24.68
CA TRP I 220 48.80 1.58 24.45
C TRP I 220 49.43 2.09 25.73
N LEU I 221 49.00 1.56 26.89
CA LEU I 221 49.58 1.92 28.19
C LEU I 221 50.91 1.24 28.36
N GLU I 222 51.82 1.91 29.08
CA GLU I 222 53.20 1.43 29.27
C GLU I 222 53.35 0.35 30.33
N SER I 223 52.82 0.61 31.53
CA SER I 223 52.96 -0.29 32.66
C SER I 223 51.85 -1.31 32.77
N PHE I 224 52.20 -2.53 33.22
CA PHE I 224 51.26 -3.62 33.46
C PHE I 224 50.20 -3.19 34.48
N SER I 225 50.62 -2.51 35.58
CA SER I 225 49.72 -2.01 36.62
C SER I 225 48.73 -1.02 36.03
N GLU I 226 49.17 -0.21 35.04
CA GLU I 226 48.30 0.74 34.36
C GLU I 226 47.33 0.02 33.44
N ARG I 227 47.79 -1.03 32.71
CA ARG I 227 46.95 -1.81 31.78
C ARG I 227 45.84 -2.57 32.52
N LEU I 228 46.16 -3.18 33.67
CA LEU I 228 45.19 -3.94 34.44
C LEU I 228 44.21 -3.07 35.21
N GLN I 229 44.68 -2.02 35.89
CA GLN I 229 43.80 -1.14 36.68
C GLN I 229 42.82 -0.38 35.80
N THR I 230 43.27 0.07 34.60
CA THR I 230 42.44 0.78 33.63
C THR I 230 41.32 -0.12 33.11
N SER I 231 41.61 -1.42 32.86
CA SER I 231 40.61 -2.37 32.37
C SER I 231 39.41 -2.52 33.32
N PHE I 232 39.60 -2.26 34.62
CA PHE I 232 38.51 -2.30 35.61
C PHE I 232 37.62 -1.07 35.46
N THR I 233 38.21 0.09 35.11
CA THR I 233 37.44 1.31 34.85
C THR I 233 36.66 1.10 33.55
N LEU I 234 37.23 0.30 32.62
CA LEU I 234 36.59 -0.03 31.34
C LEU I 234 35.41 -0.93 31.59
N MET I 235 35.62 -1.99 32.41
CA MET I 235 34.60 -2.95 32.81
C MET I 235 33.42 -2.21 33.43
N LEU I 236 33.71 -1.25 34.35
CA LEU I 236 32.70 -0.43 35.01
C LEU I 236 31.95 0.47 34.02
N THR I 237 32.62 0.94 32.95
CA THR I 237 31.99 1.79 31.92
C THR I 237 30.93 0.99 31.15
N VAL I 238 31.22 -0.28 30.85
CA VAL I 238 30.29 -1.15 30.11
C VAL I 238 29.06 -1.44 30.96
N VAL I 239 29.26 -1.68 32.27
CA VAL I 239 28.17 -1.93 33.23
C VAL I 239 27.26 -0.70 33.28
N ALA I 240 27.88 0.50 33.39
CA ALA I 240 27.15 1.78 33.41
C ALA I 240 26.38 1.99 32.11
N TYR I 241 26.94 1.53 30.98
CA TYR I 241 26.29 1.65 29.67
C TYR I 241 25.17 0.63 29.50
N ALA I 242 25.35 -0.63 29.98
CA ALA I 242 24.34 -1.69 29.93
C ALA I 242 23.11 -1.24 30.69
N PHE I 243 23.33 -0.47 31.76
CA PHE I 243 22.29 0.10 32.59
C PHE I 243 21.58 1.26 31.89
N TYR I 244 22.34 2.15 31.24
CA TYR I 244 21.79 3.27 30.46
C TYR I 244 20.92 2.71 29.31
N THR I 245 21.34 1.58 28.72
CA THR I 245 20.62 0.90 27.64
C THR I 245 19.32 0.29 28.14
N SER I 246 19.41 -0.57 29.17
CA SER I 246 18.28 -1.31 29.73
C SER I 246 17.16 -0.41 30.21
N ASN I 247 17.49 0.72 30.86
CA ASN I 247 16.52 1.68 31.38
C ASN I 247 15.68 2.36 30.29
N ILE I 248 16.20 2.44 29.05
CA ILE I 248 15.49 3.10 27.96
C ILE I 248 14.90 2.13 26.94
N LEU I 249 15.70 1.14 26.51
CA LEU I 249 15.30 0.14 25.54
C LEU I 249 14.09 -0.67 26.00
N PRO I 250 13.25 -1.17 25.06
CA PRO I 250 12.09 -1.95 25.50
C PRO I 250 12.48 -3.30 26.07
N ARG I 251 11.70 -3.75 27.06
CA ARG I 251 11.90 -5.02 27.71
C ARG I 251 11.37 -6.13 26.84
N LEU I 252 12.19 -7.16 26.67
CA LEU I 252 11.90 -8.32 25.83
C LEU I 252 12.36 -9.62 26.47
N PRO I 253 11.85 -10.79 26.01
CA PRO I 253 12.32 -12.06 26.58
C PRO I 253 13.55 -12.61 25.87
N TYR I 254 14.14 -11.84 24.96
CA TYR I 254 15.33 -12.23 24.18
C TYR I 254 16.26 -11.05 23.95
N THR I 255 17.47 -11.33 23.48
CA THR I 255 18.46 -10.29 23.23
C THR I 255 18.28 -9.70 21.86
N THR I 256 18.60 -8.41 21.76
CA THR I 256 18.52 -7.66 20.52
C THR I 256 19.94 -7.47 20.00
N VAL I 257 20.10 -6.64 18.97
CA VAL I 257 21.40 -6.34 18.38
C VAL I 257 22.26 -5.55 19.39
N ILE I 258 21.66 -4.53 20.02
CA ILE I 258 22.32 -3.69 21.04
C ILE I 258 22.77 -4.52 22.24
N ASP I 259 21.90 -5.45 22.70
CA ASP I 259 22.20 -6.34 23.82
C ASP I 259 23.43 -7.18 23.54
N GLN I 260 23.53 -7.71 22.30
CA GLN I 260 24.68 -8.52 21.86
C GLN I 260 25.97 -7.70 21.82
N MET I 261 25.87 -6.42 21.43
CA MET I 261 27.00 -5.50 21.41
C MET I 261 27.53 -5.30 22.82
N ILE I 262 26.61 -5.16 23.81
CA ILE I 262 26.94 -5.02 25.23
C ILE I 262 27.69 -6.27 25.71
N ILE I 263 27.23 -7.46 25.27
CA ILE I 263 27.86 -8.73 25.62
C ILE I 263 29.27 -8.79 25.01
N ALA I 264 29.40 -8.32 23.76
CA ALA I 264 30.68 -8.26 23.04
C ALA I 264 31.67 -7.34 23.78
N GLY I 265 31.15 -6.25 24.33
CA GLY I 265 31.90 -5.29 25.13
C GLY I 265 32.53 -5.94 26.36
N TYR I 266 31.71 -6.78 27.05
CA TYR I 266 32.15 -7.52 28.23
C TYR I 266 33.24 -8.51 27.87
N GLY I 267 33.06 -9.21 26.75
CA GLY I 267 34.00 -10.18 26.20
C GLY I 267 35.33 -9.56 25.84
N SER I 268 35.31 -8.43 25.11
CA SER I 268 36.51 -7.71 24.68
C SER I 268 37.37 -7.28 25.88
N ILE I 269 36.75 -6.65 26.89
CA ILE I 269 37.42 -6.20 28.12
C ILE I 269 37.97 -7.39 28.90
N PHE I 270 37.16 -8.45 29.04
CA PHE I 270 37.57 -9.64 29.77
C PHE I 270 38.73 -10.36 29.08
N ALA I 271 38.69 -10.44 27.72
CA ALA I 271 39.75 -11.06 26.92
C ALA I 271 41.04 -10.26 27.05
N ALA I 272 40.94 -8.91 27.08
CA ALA I 272 42.08 -8.01 27.25
C ALA I 272 42.72 -8.22 28.62
N ILE I 273 41.91 -8.42 29.69
CA ILE I 273 42.40 -8.68 31.05
C ILE I 273 43.25 -9.94 31.07
N LEU I 274 42.79 -10.99 30.37
CA LEU I 274 43.52 -12.26 30.27
C LEU I 274 44.83 -12.08 29.54
N LEU I 275 44.83 -11.29 28.46
CA LEU I 275 46.01 -11.00 27.65
C LEU I 275 47.03 -10.18 28.40
N ILE I 276 46.56 -9.17 29.17
CA ILE I 276 47.40 -8.29 29.99
C ILE I 276 48.16 -9.10 31.07
N ILE I 277 47.45 -10.05 31.70
CA ILE I 277 48.04 -10.90 32.74
C ILE I 277 48.96 -11.94 32.11
N PHE I 278 48.52 -12.55 31.00
CA PHE I 278 49.28 -13.57 30.30
C PHE I 278 50.63 -13.06 29.83
N ALA I 279 50.66 -11.85 29.24
CA ALA I 279 51.88 -11.24 28.73
C ALA I 279 52.90 -10.92 29.84
N HIS I 280 52.43 -10.52 31.03
CA HIS I 280 53.27 -10.13 32.15
C HIS I 280 53.72 -11.27 33.08
N HIS I 281 53.05 -12.43 33.03
CA HIS I 281 53.40 -13.55 33.92
C HIS I 281 53.87 -14.83 33.21
N ARG I 282 53.76 -14.88 31.88
CA ARG I 282 54.22 -16.02 31.08
C ARG I 282 55.39 -15.59 30.21
N GLN I 283 56.59 -15.84 30.75
CA GLN I 283 57.84 -15.44 30.15
C GLN I 283 58.99 -16.39 30.53
N VAL I 287 60.96 -10.15 32.65
CA VAL I 287 59.57 -9.83 32.30
C VAL I 287 59.45 -9.67 30.77
N GLU I 288 59.12 -10.76 30.10
CA GLU I 288 58.98 -10.71 28.66
C GLU I 288 57.55 -10.33 28.39
N ASP I 289 57.25 -9.00 28.40
CA ASP I 289 55.94 -8.42 28.06
C ASP I 289 55.99 -8.76 26.60
N ASP I 290 55.55 -9.98 26.26
CA ASP I 290 55.71 -10.54 24.93
C ASP I 290 55.56 -9.44 23.91
N LEU I 291 56.56 -9.26 23.03
CA LEU I 291 56.58 -8.19 22.02
C LEU I 291 55.32 -8.13 21.16
N LEU I 292 54.85 -9.28 20.66
CA LEU I 292 53.63 -9.38 19.83
C LEU I 292 52.35 -9.14 20.62
N ILE I 293 52.21 -9.80 21.81
CA ILE I 293 51.04 -9.69 22.69
C ILE I 293 50.86 -8.24 23.17
N GLN I 294 51.96 -7.59 23.66
CA GLN I 294 51.94 -6.20 24.11
C GLN I 294 51.54 -5.27 22.96
N ARG I 295 51.94 -5.60 21.72
CA ARG I 295 51.68 -4.82 20.51
C ARG I 295 50.52 -5.37 19.69
N CYS I 296 49.49 -5.93 20.38
CA CYS I 296 48.27 -6.43 19.75
C CYS I 296 47.28 -5.27 19.57
N ARG I 297 47.79 -4.03 19.69
CA ARG I 297 47.03 -2.78 19.54
C ARG I 297 46.27 -2.76 18.21
N LEU I 298 46.75 -3.52 17.21
CA LEU I 298 46.14 -3.64 15.89
C LEU I 298 45.44 -4.99 15.72
N ALA I 299 45.96 -6.07 16.35
CA ALA I 299 45.38 -7.42 16.25
C ALA I 299 44.05 -7.56 16.98
N PHE I 300 43.95 -6.96 18.18
CA PHE I 300 42.75 -7.00 19.02
C PHE I 300 41.55 -6.33 18.32
N PRO I 301 41.65 -5.06 17.80
CA PRO I 301 40.51 -4.46 17.11
C PRO I 301 40.08 -5.22 15.88
N LEU I 302 41.04 -5.70 15.06
CA LEU I 302 40.71 -6.45 13.85
C LEU I 302 40.05 -7.81 14.15
N GLY I 303 40.51 -8.44 15.23
CA GLY I 303 39.98 -9.72 15.71
C GLY I 303 38.55 -9.57 16.17
N PHE I 304 38.26 -8.42 16.83
CA PHE I 304 36.93 -8.07 17.30
C PHE I 304 36.01 -7.79 16.12
N LEU I 305 36.47 -7.00 15.14
CA LEU I 305 35.73 -6.67 13.93
C LEU I 305 35.40 -7.91 13.11
N ALA I 306 36.34 -8.89 13.04
CA ALA I 306 36.15 -10.16 12.35
C ALA I 306 35.00 -10.95 13.00
N ILE I 307 34.99 -11.06 14.35
CA ILE I 307 33.93 -11.72 15.13
C ILE I 307 32.61 -10.93 15.03
N GLY I 308 32.73 -9.62 14.89
CA GLY I 308 31.61 -8.70 14.72
C GLY I 308 30.86 -8.92 13.41
N CYS I 309 31.60 -9.26 12.34
CA CYS I 309 31.02 -9.56 11.02
C CYS I 309 30.23 -10.87 11.02
N VAL I 310 30.61 -11.83 11.89
CA VAL I 310 29.92 -13.11 12.07
C VAL I 310 28.60 -12.88 12.83
N LEU I 311 28.55 -11.85 13.71
CA LEU I 311 27.34 -11.46 14.45
C LEU I 311 26.24 -10.98 13.48
N VAL I 312 26.63 -10.43 12.31
CA VAL I 312 25.70 -9.95 11.28
C VAL I 312 25.31 -11.13 10.37
N ARG J 6 -32.78 23.97 5.26
CA ARG J 6 -31.50 24.68 5.34
C ARG J 6 -30.73 24.29 6.58
N PRO J 7 -29.38 24.46 6.58
CA PRO J 7 -28.60 23.97 7.70
C PRO J 7 -28.87 24.63 9.04
N VAL J 8 -28.81 23.83 10.10
CA VAL J 8 -29.01 24.31 11.46
C VAL J 8 -27.72 25.00 11.89
N ASP J 9 -27.79 26.31 12.17
CA ASP J 9 -26.61 27.07 12.60
C ASP J 9 -26.36 26.80 14.07
N VAL J 10 -25.13 26.37 14.38
CA VAL J 10 -24.70 26.02 15.73
C VAL J 10 -23.56 26.92 16.15
N SER J 11 -23.78 27.67 17.24
CA SER J 11 -22.76 28.55 17.82
C SER J 11 -22.08 27.78 18.95
N VAL J 12 -20.76 27.57 18.83
CA VAL J 12 -19.94 26.84 19.81
C VAL J 12 -19.05 27.80 20.59
N SER J 13 -18.82 27.47 21.88
CA SER J 13 -17.95 28.20 22.77
C SER J 13 -17.23 27.22 23.68
N ILE J 14 -15.90 27.23 23.65
CA ILE J 14 -15.06 26.32 24.45
C ILE J 14 -14.27 27.13 25.47
N PHE J 15 -14.38 26.75 26.75
CA PHE J 15 -13.70 27.40 27.88
C PHE J 15 -12.65 26.45 28.40
N ILE J 16 -11.38 26.87 28.39
CA ILE J 16 -10.26 26.05 28.81
C ILE J 16 -9.95 26.24 30.30
N ASN J 17 -9.97 25.14 31.04
CA ASN J 17 -9.67 25.13 32.46
C ASN J 17 -8.26 24.68 32.76
N LYS J 18 -7.73 23.73 31.98
CA LYS J 18 -6.40 23.16 32.19
C LYS J 18 -5.92 22.40 30.96
N ILE J 19 -4.64 22.55 30.62
CA ILE J 19 -3.95 21.80 29.56
C ILE J 19 -2.72 21.21 30.25
N TYR J 20 -2.64 19.88 30.31
CA TYR J 20 -1.57 19.17 31.03
C TYR J 20 -1.42 17.75 30.49
N GLY J 21 -0.59 16.95 31.16
CA GLY J 21 -0.37 15.54 30.86
C GLY J 21 0.08 15.24 29.44
N VAL J 22 1.10 15.98 28.98
CA VAL J 22 1.66 15.80 27.64
C VAL J 22 2.40 14.46 27.62
N ASN J 23 2.01 13.57 26.70
CA ASN J 23 2.63 12.28 26.52
C ASN J 23 3.43 12.41 25.25
N THR J 24 4.76 12.53 25.38
CA THR J 24 5.69 12.72 24.27
C THR J 24 5.60 11.64 23.21
N LEU J 25 5.73 10.37 23.62
CA LEU J 25 5.71 9.22 22.70
C LEU J 25 4.37 9.04 22.00
N GLU J 26 3.25 9.25 22.70
CA GLU J 26 1.91 9.11 22.13
C GLU J 26 1.46 10.34 21.39
N GLN J 27 2.16 11.49 21.60
CA GLN J 27 1.83 12.80 21.02
C GLN J 27 0.40 13.16 21.46
N THR J 28 0.19 13.14 22.79
CA THR J 28 -1.08 13.36 23.45
C THR J 28 -0.95 14.44 24.51
N TYR J 29 -2.07 15.09 24.86
CA TYR J 29 -2.19 16.10 25.91
C TYR J 29 -3.64 16.12 26.40
N LYS J 30 -3.80 16.25 27.71
CA LYS J 30 -5.10 16.29 28.36
C LYS J 30 -5.62 17.71 28.41
N VAL J 31 -6.93 17.87 28.20
CA VAL J 31 -7.60 19.16 28.19
C VAL J 31 -8.86 19.13 29.01
N ASP J 32 -8.95 20.00 30.02
CA ASP J 32 -10.14 20.17 30.84
C ASP J 32 -10.76 21.49 30.47
N GLY J 33 -12.08 21.50 30.38
CA GLY J 33 -12.84 22.69 30.07
C GLY J 33 -14.31 22.41 29.91
N TYR J 34 -15.03 23.42 29.43
CA TYR J 34 -16.45 23.37 29.14
C TYR J 34 -16.66 23.55 27.66
N ILE J 35 -17.77 23.00 27.16
CA ILE J 35 -18.22 23.09 25.77
C ILE J 35 -19.66 23.55 25.76
N VAL J 36 -19.90 24.65 25.05
CA VAL J 36 -21.24 25.21 24.94
C VAL J 36 -21.63 25.22 23.48
N ALA J 37 -22.83 24.72 23.20
CA ALA J 37 -23.37 24.68 21.86
C ALA J 37 -24.75 25.31 21.91
N GLN J 38 -25.07 26.16 20.94
CA GLN J 38 -26.37 26.80 20.86
C GLN J 38 -26.92 26.77 19.46
N TRP J 39 -28.18 26.34 19.33
CA TRP J 39 -28.90 26.32 18.05
C TRP J 39 -30.36 26.65 18.34
N THR J 40 -31.11 27.01 17.30
CA THR J 40 -32.52 27.35 17.43
C THR J 40 -33.36 26.28 16.78
N GLY J 41 -34.30 25.73 17.55
CA GLY J 41 -35.22 24.71 17.09
C GLY J 41 -36.64 25.21 17.11
N LYS J 42 -37.60 24.27 17.15
CA LYS J 42 -39.01 24.61 17.19
C LYS J 42 -39.38 25.16 18.57
N PRO J 43 -40.16 26.27 18.64
CA PRO J 43 -40.56 26.82 19.95
C PRO J 43 -41.21 25.79 20.86
N ARG J 44 -41.06 26.02 22.17
CA ARG J 44 -41.59 25.11 23.18
C ARG J 44 -42.42 25.87 24.21
N LYS J 45 -43.21 25.12 24.99
CA LYS J 45 -44.05 25.66 26.06
C LYS J 45 -43.35 25.36 27.38
N THR J 46 -42.33 26.14 27.70
CA THR J 46 -41.57 25.97 28.93
C THR J 46 -42.39 26.40 30.14
N PRO J 47 -42.18 25.75 31.32
CA PRO J 47 -42.90 26.13 32.55
C PRO J 47 -42.72 27.62 32.86
N GLY J 48 -43.84 28.34 32.84
CA GLY J 48 -43.91 29.78 33.09
C GLY J 48 -43.25 30.65 32.05
N ASP J 49 -43.10 30.12 30.82
CA ASP J 49 -42.47 30.79 29.67
C ASP J 49 -41.06 31.34 30.00
N LYS J 50 -40.35 30.66 30.91
CA LYS J 50 -39.01 30.99 31.35
C LYS J 50 -38.08 29.84 30.95
N PRO J 51 -36.78 30.09 30.68
CA PRO J 51 -35.90 28.98 30.29
C PRO J 51 -35.92 27.79 31.25
N LEU J 52 -35.98 26.60 30.66
CA LEU J 52 -36.03 25.36 31.43
C LEU J 52 -34.67 24.69 31.45
N ILE J 53 -34.19 24.37 32.66
CA ILE J 53 -32.91 23.70 32.87
C ILE J 53 -33.14 22.19 32.99
N VAL J 54 -32.41 21.42 32.19
CA VAL J 54 -32.48 19.96 32.19
C VAL J 54 -31.05 19.50 32.45
N GLU J 55 -30.82 18.89 33.62
CA GLU J 55 -29.49 18.47 34.02
C GLU J 55 -29.29 16.98 33.93
N ASN J 56 -28.07 16.60 33.53
CA ASN J 56 -27.53 15.25 33.49
C ASN J 56 -28.52 14.16 33.05
N THR J 57 -28.92 13.23 33.96
CA THR J 57 -29.84 12.09 33.75
C THR J 57 -31.08 12.45 32.91
N GLN J 58 -31.65 13.64 33.17
CA GLN J 58 -32.86 14.11 32.51
C GLN J 58 -32.68 14.42 31.04
N ILE J 59 -31.45 14.74 30.60
CA ILE J 59 -31.15 15.06 29.20
C ILE J 59 -31.52 13.90 28.28
N GLU J 60 -31.13 12.68 28.68
CA GLU J 60 -31.40 11.47 27.91
C GLU J 60 -32.88 11.19 27.76
N ARG J 61 -33.66 11.47 28.82
CA ARG J 61 -35.11 11.31 28.83
C ARG J 61 -35.78 12.20 27.77
N TRP J 62 -35.31 13.46 27.62
CA TRP J 62 -35.82 14.40 26.62
C TRP J 62 -35.51 13.95 25.20
N ILE J 63 -34.32 13.35 24.99
CA ILE J 63 -33.88 12.81 23.70
C ILE J 63 -34.78 11.65 23.28
N ASN J 64 -35.11 10.75 24.24
CA ASN J 64 -36.00 9.60 24.02
C ASN J 64 -37.38 10.06 23.59
N ASN J 65 -37.81 11.25 24.06
CA ASN J 65 -39.11 11.84 23.76
C ASN J 65 -39.12 12.72 22.49
N GLY J 66 -38.02 12.76 21.75
CA GLY J 66 -37.96 13.47 20.49
C GLY J 66 -37.09 14.71 20.39
N LEU J 67 -36.46 15.17 21.51
CA LEU J 67 -35.58 16.35 21.46
C LEU J 67 -34.35 16.04 20.62
N TRP J 68 -34.07 16.91 19.66
CA TRP J 68 -32.95 16.73 18.76
C TRP J 68 -31.70 17.36 19.36
N VAL J 69 -30.78 16.49 19.82
CA VAL J 69 -29.51 16.89 20.41
C VAL J 69 -28.43 16.18 19.57
N PRO J 70 -27.85 16.87 18.57
CA PRO J 70 -26.85 16.22 17.71
C PRO J 70 -25.56 15.86 18.44
N ALA J 71 -24.94 14.75 18.02
CA ALA J 71 -23.68 14.29 18.60
C ALA J 71 -22.53 15.01 17.94
N LEU J 72 -21.75 15.75 18.73
CA LEU J 72 -20.59 16.47 18.23
C LEU J 72 -19.35 15.71 18.64
N GLU J 73 -18.57 15.30 17.65
CA GLU J 73 -17.39 14.49 17.87
C GLU J 73 -16.10 15.27 17.87
N PHE J 74 -15.21 14.97 18.84
CA PHE J 74 -13.87 15.52 18.89
C PHE J 74 -13.07 14.58 18.01
N ILE J 75 -12.73 15.05 16.79
CA ILE J 75 -11.99 14.29 15.77
C ILE J 75 -10.67 13.75 16.32
N ASN J 76 -9.93 14.58 17.07
CA ASN J 76 -8.60 14.24 17.55
C ASN J 76 -8.54 13.78 19.01
N VAL J 77 -9.66 13.30 19.56
CA VAL J 77 -9.66 12.80 20.93
C VAL J 77 -9.20 11.33 20.91
N VAL J 78 -8.34 10.95 21.87
CA VAL J 78 -7.84 9.59 22.01
C VAL J 78 -8.70 8.90 23.08
N GLY J 79 -9.70 8.15 22.62
CA GLY J 79 -10.67 7.48 23.49
C GLY J 79 -11.76 8.43 23.93
N SER J 80 -12.93 7.87 24.31
CA SER J 80 -14.09 8.65 24.75
C SER J 80 -13.73 9.61 25.91
N PRO J 81 -14.02 10.92 25.79
CA PRO J 81 -13.67 11.85 26.88
C PRO J 81 -14.55 11.69 28.10
N ASP J 82 -14.06 12.16 29.24
CA ASP J 82 -14.78 12.12 30.50
C ASP J 82 -15.69 13.34 30.58
N THR J 83 -16.99 13.12 30.39
CA THR J 83 -17.98 14.18 30.48
C THR J 83 -18.51 14.29 31.90
N GLY J 84 -18.34 15.48 32.48
CA GLY J 84 -18.80 15.78 33.83
C GLY J 84 -20.26 16.11 33.79
N ASN J 85 -20.65 17.21 34.46
CA ASN J 85 -22.02 17.67 34.50
C ASN J 85 -22.47 18.14 33.11
N LYS J 86 -23.68 17.75 32.75
CA LYS J 86 -24.30 18.12 31.47
C LYS J 86 -25.52 18.94 31.80
N ARG J 87 -25.94 19.80 30.86
CA ARG J 87 -27.06 20.70 31.03
C ARG J 87 -27.64 21.12 29.68
N LEU J 88 -28.96 21.20 29.61
CA LEU J 88 -29.70 21.67 28.46
C LEU J 88 -30.56 22.81 28.95
N MET J 89 -30.39 23.99 28.33
CA MET J 89 -31.19 25.15 28.66
C MET J 89 -32.16 25.33 27.50
N LEU J 90 -33.43 24.99 27.73
CA LEU J 90 -34.46 25.06 26.71
C LEU J 90 -35.26 26.32 26.87
N PHE J 91 -35.22 27.18 25.85
CA PHE J 91 -35.93 28.45 25.83
C PHE J 91 -37.29 28.30 25.16
N PRO J 92 -38.28 29.16 25.51
CA PRO J 92 -39.61 29.01 24.89
C PRO J 92 -39.66 29.35 23.40
N ASP J 93 -38.79 30.27 22.96
CA ASP J 93 -38.69 30.70 21.56
C ASP J 93 -38.12 29.60 20.66
N GLY J 94 -37.58 28.54 21.26
CA GLY J 94 -37.04 27.37 20.56
C GLY J 94 -35.54 27.17 20.64
N ARG J 95 -34.79 28.20 21.08
CA ARG J 95 -33.34 28.08 21.15
C ARG J 95 -32.92 27.16 22.29
N VAL J 96 -31.96 26.28 21.98
CA VAL J 96 -31.40 25.26 22.86
C VAL J 96 -29.93 25.54 23.10
N ILE J 97 -29.51 25.45 24.38
CA ILE J 97 -28.13 25.64 24.80
C ILE J 97 -27.65 24.40 25.54
N TYR J 98 -26.69 23.69 24.95
CA TYR J 98 -26.10 22.50 25.56
C TYR J 98 -24.78 22.91 26.18
N ASN J 99 -24.63 22.62 27.48
CA ASN J 99 -23.42 22.92 28.22
C ASN J 99 -22.96 21.68 28.96
N ALA J 100 -21.67 21.36 28.83
CA ALA J 100 -21.10 20.20 29.48
C ALA J 100 -19.64 20.42 29.83
N ARG J 101 -19.22 19.86 30.96
CA ARG J 101 -17.84 19.89 31.42
C ARG J 101 -17.19 18.66 30.80
N PHE J 102 -15.92 18.77 30.39
CA PHE J 102 -15.25 17.64 29.76
C PHE J 102 -13.78 17.60 30.11
N LEU J 103 -13.22 16.39 30.06
CA LEU J 103 -11.80 16.13 30.23
C LEU J 103 -11.47 15.06 29.21
N GLY J 104 -10.67 15.42 28.24
CA GLY J 104 -10.28 14.50 27.19
C GLY J 104 -8.79 14.49 26.90
N SER J 105 -8.30 13.35 26.39
CA SER J 105 -6.92 13.22 25.97
C SER J 105 -6.94 13.43 24.46
N PHE J 106 -6.30 14.49 23.99
CA PHE J 106 -6.28 14.85 22.59
C PHE J 106 -4.94 14.58 21.96
N SER J 107 -4.94 14.35 20.65
CA SER J 107 -3.75 14.05 19.87
C SER J 107 -3.49 15.14 18.85
N ASN J 108 -2.23 15.35 18.51
CA ASN J 108 -1.75 16.30 17.52
C ASN J 108 -0.31 15.97 17.20
N ASP J 109 0.12 16.28 15.96
CA ASP J 109 1.50 16.07 15.53
C ASP J 109 2.38 17.01 16.32
N MET J 110 3.23 16.43 17.17
CA MET J 110 4.10 17.20 18.05
C MET J 110 5.54 16.87 17.78
N ASP J 111 6.35 17.91 17.56
CA ASP J 111 7.77 17.79 17.31
C ASP J 111 8.55 18.29 18.52
N PHE J 112 9.28 17.37 19.18
CA PHE J 112 10.08 17.66 20.37
C PHE J 112 11.57 17.69 20.08
N ARG J 113 11.96 17.85 18.80
CA ARG J 113 13.39 17.87 18.42
C ARG J 113 14.12 19.06 19.03
N LEU J 114 13.41 20.17 19.28
CA LEU J 114 14.04 21.35 19.87
C LEU J 114 14.00 21.36 21.39
N PHE J 115 13.66 20.22 22.01
CA PHE J 115 13.61 20.08 23.47
C PHE J 115 14.95 20.52 24.10
N PRO J 116 14.96 21.30 25.22
CA PRO J 116 13.83 21.79 26.03
C PRO J 116 13.25 23.15 25.59
N PHE J 117 13.53 23.56 24.35
CA PHE J 117 13.11 24.85 23.77
C PHE J 117 12.09 24.69 22.65
N ASP J 118 11.30 23.62 22.74
CA ASP J 118 10.25 23.25 21.81
C ASP J 118 8.99 24.07 22.03
N ARG J 119 8.34 24.42 20.93
CA ARG J 119 7.09 25.16 20.93
C ARG J 119 6.04 24.28 20.31
N GLN J 120 4.97 24.03 21.07
CA GLN J 120 3.86 23.19 20.66
C GLN J 120 2.57 23.96 20.59
N GLN J 121 1.62 23.39 19.87
CA GLN J 121 0.30 23.97 19.74
C GLN J 121 -0.74 22.90 20.04
N PHE J 122 -1.55 23.15 21.07
CA PHE J 122 -2.60 22.24 21.49
C PHE J 122 -3.83 22.51 20.66
N VAL J 123 -4.25 21.48 19.91
CA VAL J 123 -5.35 21.52 18.94
C VAL J 123 -6.58 20.76 19.39
N LEU J 124 -7.74 21.29 19.03
CA LEU J 124 -9.02 20.67 19.29
C LEU J 124 -9.76 20.71 17.96
N GLU J 125 -10.20 19.54 17.48
CA GLU J 125 -10.92 19.45 16.20
C GLU J 125 -12.30 18.93 16.48
N LEU J 126 -13.30 19.75 16.23
CA LEU J 126 -14.71 19.39 16.50
C LEU J 126 -15.47 19.26 15.21
N GLU J 127 -16.48 18.38 15.17
CA GLU J 127 -17.28 18.14 13.96
C GLU J 127 -18.53 17.33 14.30
N PRO J 128 -19.70 17.60 13.67
CA PRO J 128 -20.88 16.78 13.92
C PRO J 128 -20.60 15.36 13.44
N PHE J 129 -21.09 14.37 14.20
CA PHE J 129 -20.82 12.97 13.92
C PHE J 129 -21.63 12.40 12.77
N SER J 130 -22.84 12.93 12.53
CA SER J 130 -23.74 12.35 11.53
C SER J 130 -24.37 13.34 10.56
N TYR J 131 -24.29 14.64 10.86
CA TYR J 131 -24.92 15.68 10.05
C TYR J 131 -23.93 16.51 9.27
N ASN J 132 -24.08 16.50 7.93
CA ASN J 132 -23.24 17.26 7.00
C ASN J 132 -23.55 18.76 7.09
N ASN J 133 -22.79 19.59 6.35
CA ASN J 133 -22.96 21.05 6.32
C ASN J 133 -24.29 21.49 5.72
N GLN J 134 -25.00 20.59 5.01
CA GLN J 134 -26.32 20.89 4.45
C GLN J 134 -27.37 20.70 5.53
N GLN J 135 -27.04 19.96 6.60
CA GLN J 135 -27.95 19.69 7.72
C GLN J 135 -27.59 20.48 8.97
N LEU J 136 -26.30 20.57 9.29
CA LEU J 136 -25.78 21.26 10.47
C LEU J 136 -24.48 22.00 10.11
N ARG J 137 -24.46 23.30 10.38
CA ARG J 137 -23.33 24.17 10.08
C ARG J 137 -22.89 24.92 11.33
N PHE J 138 -21.58 25.07 11.50
CA PHE J 138 -21.03 25.83 12.62
C PHE J 138 -21.00 27.29 12.21
N SER J 139 -21.74 28.15 12.92
CA SER J 139 -21.83 29.57 12.61
C SER J 139 -20.63 30.34 13.12
N ASP J 140 -20.20 30.06 14.35
CA ASP J 140 -19.06 30.73 14.97
C ASP J 140 -18.48 29.89 16.10
N ILE J 141 -17.22 30.17 16.44
CA ILE J 141 -16.48 29.53 17.51
C ILE J 141 -15.80 30.56 18.38
N GLN J 142 -15.92 30.40 19.70
CA GLN J 142 -15.28 31.30 20.66
C GLN J 142 -14.49 30.45 21.64
N VAL J 143 -13.18 30.72 21.75
CA VAL J 143 -12.29 29.98 22.67
C VAL J 143 -11.75 30.91 23.72
N TYR J 144 -11.86 30.48 24.98
CA TYR J 144 -11.38 31.23 26.14
C TYR J 144 -10.32 30.41 26.86
N THR J 145 -9.39 31.10 27.54
CA THR J 145 -8.26 30.47 28.22
C THR J 145 -8.10 31.00 29.65
N GLU J 151 2.69 31.86 36.33
CA GLU J 151 3.48 31.73 35.11
C GLU J 151 4.77 30.95 35.36
N GLU J 152 5.60 31.43 36.31
CA GLU J 152 6.88 30.83 36.69
C GLU J 152 6.72 29.43 37.25
N ILE J 153 5.51 29.08 37.71
CA ILE J 153 5.18 27.81 38.34
C ILE J 153 4.73 26.75 37.33
N ASP J 154 4.14 27.18 36.21
CA ASP J 154 3.64 26.28 35.19
C ASP J 154 4.71 25.67 34.30
N GLU J 155 4.49 24.41 33.89
CA GLU J 155 5.40 23.68 33.01
C GLU J 155 5.35 24.25 31.59
N TRP J 156 4.15 24.66 31.15
CA TRP J 156 3.94 25.25 29.83
C TRP J 156 3.47 26.67 29.92
N TRP J 157 3.92 27.49 28.98
CA TRP J 157 3.56 28.89 28.92
C TRP J 157 2.72 29.13 27.70
N ILE J 158 1.44 29.46 27.92
CA ILE J 158 0.52 29.77 26.82
C ILE J 158 0.95 31.11 26.21
N ARG J 159 1.38 31.06 24.94
CA ARG J 159 1.85 32.23 24.21
C ARG J 159 0.88 32.63 23.12
N GLY J 160 0.00 33.57 23.45
CA GLY J 160 -0.99 34.12 22.54
C GLY J 160 -2.41 33.68 22.83
N LYS J 161 -3.37 34.31 22.14
CA LYS J 161 -4.78 33.98 22.24
C LYS J 161 -5.04 32.84 21.26
N ALA J 162 -6.00 31.96 21.60
CA ALA J 162 -6.34 30.81 20.78
C ALA J 162 -6.73 31.17 19.36
N SER J 163 -6.26 30.36 18.40
CA SER J 163 -6.58 30.51 16.98
C SER J 163 -7.79 29.63 16.75
N THR J 164 -8.71 30.09 15.91
CA THR J 164 -9.94 29.36 15.61
C THR J 164 -10.23 29.47 14.13
N HIS J 165 -10.85 28.42 13.57
CA HIS J 165 -11.23 28.40 12.17
C HIS J 165 -12.29 27.35 11.91
N ILE J 166 -13.30 27.74 11.11
CA ILE J 166 -14.40 26.88 10.71
C ILE J 166 -14.21 26.59 9.23
N SER J 167 -13.99 25.32 8.91
CA SER J 167 -13.77 24.87 7.54
C SER J 167 -14.82 23.85 7.11
N ASP J 168 -14.64 23.28 5.91
CA ASP J 168 -15.53 22.26 5.36
C ASP J 168 -14.70 21.10 4.86
N ILE J 169 -14.89 19.94 5.50
CA ILE J 169 -14.16 18.71 5.20
C ILE J 169 -14.94 17.89 4.19
N ARG J 170 -14.32 17.55 3.06
CA ARG J 170 -14.94 16.71 2.04
C ARG J 170 -14.49 15.27 2.26
N TYR J 171 -15.46 14.35 2.37
CA TYR J 171 -15.16 12.92 2.49
C TYR J 171 -15.48 12.29 1.16
N ASP J 172 -14.42 11.97 0.39
CA ASP J 172 -14.49 11.39 -0.95
C ASP J 172 -15.27 10.07 -0.96
N HIS J 173 -14.83 9.11 -0.14
CA HIS J 173 -15.44 7.78 -0.02
C HIS J 173 -16.76 7.83 0.76
N ASN J 180 -24.73 15.05 -3.09
CA ASN J 180 -23.77 16.10 -2.73
C ASN J 180 -23.83 16.45 -1.22
N GLN J 181 -23.69 15.43 -0.35
CA GLN J 181 -23.71 15.57 1.11
C GLN J 181 -22.43 14.98 1.69
N ASN J 182 -21.32 15.36 1.09
CA ASN J 182 -20.02 14.85 1.46
C ASN J 182 -19.22 15.78 2.34
N GLU J 183 -19.71 17.01 2.56
CA GLU J 183 -18.99 18.04 3.30
C GLU J 183 -19.52 18.23 4.69
N PHE J 184 -18.62 18.25 5.69
CA PHE J 184 -18.95 18.46 7.09
C PHE J 184 -18.27 19.69 7.63
N SER J 185 -18.97 20.45 8.46
CA SER J 185 -18.41 21.66 9.07
C SER J 185 -17.53 21.24 10.25
N ARG J 186 -16.27 21.69 10.24
CA ARG J 186 -15.31 21.37 11.30
C ARG J 186 -14.72 22.58 11.95
N ILE J 187 -14.75 22.61 13.30
CA ILE J 187 -14.13 23.67 14.08
C ILE J 187 -12.71 23.20 14.38
N THR J 188 -11.72 24.08 14.23
CA THR J 188 -10.34 23.79 14.54
C THR J 188 -9.78 24.87 15.45
N VAL J 189 -9.33 24.47 16.63
CA VAL J 189 -8.76 25.38 17.63
C VAL J 189 -7.30 25.06 17.79
N ARG J 190 -6.43 26.08 17.86
CA ARG J 190 -5.00 25.91 18.09
C ARG J 190 -4.54 26.87 19.20
N ILE J 191 -3.91 26.33 20.25
CA ILE J 191 -3.41 27.12 21.38
C ILE J 191 -1.91 26.94 21.41
N ASP J 192 -1.16 28.01 21.12
CA ASP J 192 0.29 27.96 21.13
C ASP J 192 0.83 28.01 22.54
N ALA J 193 1.87 27.21 22.80
CA ALA J 193 2.55 27.14 24.09
C ALA J 193 4.03 26.86 23.93
N VAL J 194 4.82 27.30 24.90
CA VAL J 194 6.26 27.14 24.91
C VAL J 194 6.61 26.48 26.23
N ARG J 195 7.52 25.50 26.20
CA ARG J 195 7.96 24.79 27.39
C ARG J 195 8.77 25.70 28.27
N ASN J 196 8.68 25.51 29.60
CA ASN J 196 9.46 26.26 30.58
C ASN J 196 10.84 25.58 30.64
N PRO J 197 11.91 26.18 30.04
CA PRO J 197 13.22 25.53 30.02
C PRO J 197 14.12 25.80 31.23
N SER J 198 13.64 26.57 32.23
CA SER J 198 14.42 26.94 33.42
C SER J 198 15.09 25.73 34.08
N TYR J 199 14.32 24.69 34.43
CA TYR J 199 14.85 23.49 35.07
C TYR J 199 15.91 22.79 34.23
N TYR J 200 15.63 22.57 32.94
CA TYR J 200 16.56 21.88 32.04
C TYR J 200 17.82 22.69 31.75
N LEU J 201 17.75 24.03 31.81
CA LEU J 201 18.91 24.88 31.58
C LEU J 201 19.88 24.81 32.73
N TRP J 202 19.39 24.97 33.97
CA TRP J 202 20.21 24.99 35.17
C TRP J 202 20.65 23.62 35.68
N SER J 203 19.82 22.58 35.50
CA SER J 203 20.13 21.24 36.02
C SER J 203 20.60 20.21 34.97
N PHE J 204 20.50 20.55 33.68
CA PHE J 204 20.94 19.63 32.63
C PHE J 204 21.93 20.25 31.68
N ILE J 205 21.61 21.40 31.08
CA ILE J 205 22.46 22.07 30.10
C ILE J 205 23.73 22.62 30.78
N LEU J 206 23.55 23.41 31.85
CA LEU J 206 24.64 24.03 32.61
C LEU J 206 25.63 22.97 33.16
N PRO J 207 25.21 21.93 33.96
CA PRO J 207 26.20 20.95 34.43
C PRO J 207 26.87 20.21 33.29
N LEU J 208 26.13 19.86 32.20
CA LEU J 208 26.70 19.17 31.04
C LEU J 208 27.82 19.99 30.41
N GLY J 209 27.62 21.31 30.33
CA GLY J 209 28.61 22.25 29.82
C GLY J 209 29.90 22.18 30.63
N LEU J 210 29.76 22.15 31.98
CA LEU J 210 30.88 22.04 32.91
C LEU J 210 31.60 20.71 32.78
N ILE J 211 30.86 19.61 32.49
CA ILE J 211 31.43 18.27 32.31
C ILE J 211 32.26 18.24 31.05
N ILE J 212 31.71 18.76 29.93
CA ILE J 212 32.39 18.79 28.65
C ILE J 212 33.61 19.70 28.73
N ALA J 213 33.46 20.88 29.36
CA ALA J 213 34.57 21.82 29.52
C ALA J 213 35.68 21.20 30.36
N ALA J 214 35.32 20.59 31.52
CA ALA J 214 36.28 19.92 32.41
C ALA J 214 36.98 18.74 31.75
N SER J 215 36.38 18.15 30.69
CA SER J 215 37.00 17.05 29.97
C SER J 215 38.21 17.54 29.16
N TRP J 216 38.23 18.84 28.79
CA TRP J 216 39.32 19.45 28.03
C TRP J 216 40.57 19.66 28.88
N SER J 217 40.43 19.64 30.22
CA SER J 217 41.54 19.81 31.15
C SER J 217 42.50 18.61 31.22
N VAL J 218 42.21 17.55 30.45
CA VAL J 218 43.07 16.35 30.35
C VAL J 218 44.42 16.72 29.70
N PHE J 219 44.40 17.75 28.83
CA PHE J 219 45.60 18.23 28.14
C PHE J 219 46.53 19.00 29.08
N TRP J 220 46.03 19.44 30.24
CA TRP J 220 46.82 20.15 31.25
C TRP J 220 47.60 19.19 32.16
N LEU J 221 47.37 17.88 32.02
CA LEU J 221 48.10 16.86 32.78
C LEU J 221 49.50 16.69 32.20
N GLU J 222 50.45 16.35 33.06
CA GLU J 222 51.87 16.23 32.70
C GLU J 222 52.23 14.93 32.00
N SER J 223 51.89 13.80 32.61
CA SER J 223 52.23 12.47 32.13
C SER J 223 51.20 11.89 31.17
N PHE J 224 51.69 11.16 30.16
CA PHE J 224 50.87 10.46 29.18
C PHE J 224 49.94 9.47 29.87
N SER J 225 50.47 8.72 30.87
CA SER J 225 49.70 7.75 31.65
C SER J 225 48.58 8.44 32.39
N GLU J 226 48.81 9.69 32.87
CA GLU J 226 47.79 10.49 33.54
C GLU J 226 46.75 10.99 32.56
N ARG J 227 47.16 11.42 31.35
CA ARG J 227 46.26 11.91 30.31
C ARG J 227 45.32 10.82 29.79
N LEU J 228 45.85 9.61 29.58
CA LEU J 228 45.05 8.49 29.07
C LEU J 228 44.14 7.87 30.12
N GLN J 229 44.64 7.63 31.35
CA GLN J 229 43.83 7.02 32.42
C GLN J 229 42.68 7.93 32.85
N THR J 230 42.92 9.27 32.91
CA THR J 230 41.92 10.26 33.27
C THR J 230 40.79 10.30 32.24
N SER J 231 41.13 10.19 30.93
CA SER J 231 40.14 10.21 29.87
C SER J 231 39.10 9.07 29.99
N PHE J 232 39.46 7.95 30.65
CA PHE J 232 38.54 6.84 30.90
C PHE J 232 37.57 7.19 32.01
N THR J 233 38.02 7.97 33.01
CA THR J 233 37.17 8.47 34.08
C THR J 233 36.22 9.51 33.48
N LEU J 234 36.68 10.24 32.45
CA LEU J 234 35.89 11.23 31.73
C LEU J 234 34.81 10.53 30.93
N MET J 235 35.21 9.48 30.18
CA MET J 235 34.30 8.65 29.40
C MET J 235 33.19 8.10 30.29
N LEU J 236 33.56 7.59 31.48
CA LEU J 236 32.61 7.07 32.46
C LEU J 236 31.69 8.16 33.00
N THR J 237 32.17 9.41 33.11
CA THR J 237 31.36 10.54 33.60
C THR J 237 30.26 10.88 32.61
N VAL J 238 30.56 10.81 31.31
CA VAL J 238 29.59 11.10 30.25
C VAL J 238 28.50 10.04 30.24
N VAL J 239 28.89 8.76 30.42
CA VAL J 239 27.96 7.62 30.48
C VAL J 239 27.03 7.81 31.68
N ALA J 240 27.59 8.17 32.85
CA ALA J 240 26.81 8.43 34.07
C ALA J 240 25.86 9.60 33.87
N TYR J 241 26.27 10.60 33.06
CA TYR J 241 25.44 11.76 32.78
C TYR J 241 24.35 11.44 31.77
N ALA J 242 24.65 10.64 30.72
CA ALA J 242 23.71 10.20 29.70
C ALA J 242 22.59 9.40 30.37
N PHE J 243 22.93 8.69 31.45
CA PHE J 243 21.99 7.91 32.24
C PHE J 243 21.13 8.82 33.12
N TYR J 244 21.74 9.80 33.78
CA TYR J 244 21.02 10.78 34.59
C TYR J 244 20.03 11.57 33.72
N THR J 245 20.42 11.85 32.46
CA THR J 245 19.59 12.55 31.49
C THR J 245 18.41 11.69 31.05
N SER J 246 18.69 10.47 30.54
CA SER J 246 17.71 9.54 30.02
C SER J 246 16.60 9.18 31.01
N ASN J 247 16.97 9.00 32.29
CA ASN J 247 16.01 8.65 33.34
C ASN J 247 14.99 9.75 33.65
N ILE J 248 15.31 11.01 33.34
CA ILE J 248 14.44 12.15 33.64
C ILE J 248 13.79 12.72 32.39
N LEU J 249 14.57 12.91 31.32
CA LEU J 249 14.08 13.44 30.06
C LEU J 249 12.99 12.55 29.44
N PRO J 250 12.02 13.15 28.70
CA PRO J 250 10.95 12.33 28.11
C PRO J 250 11.47 11.40 27.01
N ARG J 251 10.84 10.22 26.89
CA ARG J 251 11.20 9.24 25.88
C ARG J 251 10.65 9.64 24.53
N LEU J 252 11.52 9.61 23.51
CA LEU J 252 11.21 10.01 22.15
C LEU J 252 11.83 9.07 21.10
N PRO J 253 11.32 9.07 19.84
CA PRO J 253 11.91 8.21 18.81
C PRO J 253 13.05 8.91 18.06
N TYR J 254 13.48 10.11 18.54
CA TYR J 254 14.57 10.89 17.94
C TYR J 254 15.42 11.60 18.99
N THR J 255 16.56 12.16 18.56
CA THR J 255 17.48 12.88 19.44
C THR J 255 17.06 14.34 19.61
N THR J 256 17.28 14.89 20.82
CA THR J 256 16.99 16.27 21.18
C THR J 256 18.30 17.07 21.17
N VAL J 257 18.28 18.32 21.66
CA VAL J 257 19.45 19.20 21.77
C VAL J 257 20.41 18.59 22.80
N ILE J 258 19.87 18.20 23.98
CA ILE J 258 20.61 17.58 25.08
C ILE J 258 21.28 16.28 24.63
N ASP J 259 20.53 15.44 23.87
CA ASP J 259 21.06 14.18 23.35
C ASP J 259 22.26 14.40 22.46
N GLN J 260 22.21 15.41 21.56
CA GLN J 260 23.30 15.78 20.67
C GLN J 260 24.53 16.28 21.44
N MET J 261 24.31 17.02 22.56
CA MET J 261 25.37 17.50 23.45
C MET J 261 26.08 16.30 24.06
N ILE J 262 25.32 15.27 24.47
CA ILE J 262 25.85 14.03 25.03
C ILE J 262 26.69 13.30 23.99
N ILE J 263 26.23 13.27 22.72
CA ILE J 263 26.95 12.63 21.62
C ILE J 263 28.25 13.38 21.36
N ALA J 264 28.20 14.73 21.42
CA ALA J 264 29.35 15.59 21.25
C ALA J 264 30.39 15.33 22.36
N GLY J 265 29.90 15.08 23.57
CA GLY J 265 30.71 14.73 24.74
C GLY J 265 31.51 13.48 24.51
N TYR J 266 30.85 12.44 23.94
CA TYR J 266 31.47 11.17 23.58
C TYR J 266 32.56 11.37 22.54
N GLY J 267 32.24 12.18 21.50
CA GLY J 267 33.12 12.56 20.39
C GLY J 267 34.37 13.27 20.84
N SER J 268 34.22 14.28 21.74
CA SER J 268 35.30 15.09 22.32
C SER J 268 36.28 14.23 23.10
N ILE J 269 35.77 13.38 24.02
CA ILE J 269 36.59 12.47 24.83
C ILE J 269 37.30 11.45 23.96
N PHE J 270 36.59 10.87 22.99
CA PHE J 270 37.17 9.88 22.09
C PHE J 270 38.26 10.48 21.21
N ALA J 271 38.02 11.71 20.69
CA ALA J 271 38.99 12.44 19.86
C ALA J 271 40.23 12.76 20.68
N ALA J 272 40.05 13.17 21.96
CA ALA J 272 41.15 13.47 22.89
C ALA J 272 42.00 12.24 23.14
N ILE J 273 41.36 11.04 23.28
CA ILE J 273 42.07 9.76 23.48
C ILE J 273 42.99 9.48 22.30
N LEU J 274 42.51 9.73 21.07
CA LEU J 274 43.29 9.54 19.85
C LEU J 274 44.46 10.50 19.80
N LEU J 275 44.23 11.77 20.21
CA LEU J 275 45.24 12.81 20.23
C LEU J 275 46.30 12.53 21.28
N ILE J 276 45.90 12.02 22.47
CA ILE J 276 46.79 11.66 23.58
C ILE J 276 47.74 10.53 23.14
N ILE J 277 47.23 9.53 22.41
CA ILE J 277 48.02 8.41 21.93
C ILE J 277 48.90 8.85 20.76
N PHE J 278 48.32 9.63 19.82
CA PHE J 278 49.05 10.11 18.65
C PHE J 278 50.25 10.98 19.03
N ALA J 279 50.09 11.87 20.01
CA ALA J 279 51.18 12.74 20.47
C ALA J 279 52.32 11.97 21.14
N HIS J 280 52.02 10.88 21.86
CA HIS J 280 53.01 10.09 22.58
C HIS J 280 53.68 8.95 21.78
N HIS J 281 53.11 8.56 20.64
CA HIS J 281 53.68 7.47 19.84
C HIS J 281 54.13 7.86 18.43
N ARG J 282 53.82 9.09 17.99
CA ARG J 282 54.25 9.61 16.70
C ARG J 282 55.26 10.73 16.91
N GLN J 283 56.54 10.38 16.89
CA GLN J 283 57.64 11.33 17.07
C GLN J 283 58.92 10.67 16.59
N ALA J 284 59.98 11.48 16.46
CA ALA J 284 61.30 11.02 16.06
C ALA J 284 61.94 10.19 17.18
N ASN J 285 61.70 10.55 18.46
CA ASN J 285 62.19 9.83 19.64
C ASN J 285 61.22 8.67 20.01
N GLY J 286 61.47 8.01 21.14
CA GLY J 286 60.63 6.94 21.63
C GLY J 286 59.44 7.49 22.40
N VAL J 287 59.69 8.56 23.19
CA VAL J 287 58.72 9.26 24.03
C VAL J 287 58.99 10.78 23.92
N GLU J 288 58.29 11.45 23.00
CA GLU J 288 58.42 12.89 22.76
C GLU J 288 57.07 13.47 22.34
N ASP J 289 56.42 14.16 23.27
CA ASP J 289 55.12 14.76 23.03
C ASP J 289 55.25 15.97 22.12
N ASP J 290 54.49 15.99 21.02
CA ASP J 290 54.48 17.09 20.07
C ASP J 290 54.10 18.36 20.82
N LEU J 291 54.92 19.42 20.69
CA LEU J 291 54.73 20.68 21.39
C LEU J 291 53.35 21.31 21.14
N LEU J 292 52.89 21.35 19.88
CA LEU J 292 51.58 21.91 19.52
C LEU J 292 50.42 21.03 19.95
N ILE J 293 50.51 19.70 19.70
CA ILE J 293 49.45 18.73 20.04
C ILE J 293 49.23 18.68 21.55
N GLN J 294 50.32 18.60 22.33
CA GLN J 294 50.23 18.58 23.81
C GLN J 294 49.63 19.89 24.32
N ARG J 295 49.91 21.02 23.63
CA ARG J 295 49.44 22.34 23.99
C ARG J 295 48.21 22.75 23.19
N CYS J 296 47.34 21.77 22.85
CA CYS J 296 46.06 22.01 22.16
C CYS J 296 44.99 22.36 23.20
N ARG J 297 45.43 22.72 24.43
CA ARG J 297 44.60 23.12 25.55
C ARG J 297 43.65 24.25 25.15
N LEU J 298 44.02 25.03 24.11
CA LEU J 298 43.22 26.12 23.56
C LEU J 298 42.59 25.75 22.20
N ALA J 299 43.26 24.91 21.41
CA ALA J 299 42.76 24.49 20.09
C ALA J 299 41.58 23.54 20.17
N PHE J 300 41.62 22.59 21.11
CA PHE J 300 40.57 21.60 21.34
C PHE J 300 39.24 22.26 21.73
N PRO J 301 39.19 23.16 22.77
CA PRO J 301 37.92 23.83 23.11
C PRO J 301 37.36 24.67 21.97
N LEU J 302 38.22 25.45 21.26
CA LEU J 302 37.75 26.28 20.16
C LEU J 302 37.23 25.46 18.97
N GLY J 303 37.87 24.30 18.72
CA GLY J 303 37.49 23.36 17.67
C GLY J 303 36.13 22.77 17.95
N PHE J 304 35.89 22.46 19.25
CA PHE J 304 34.62 21.94 19.73
C PHE J 304 33.52 22.99 19.61
N LEU J 305 33.80 24.23 20.05
CA LEU J 305 32.88 25.36 19.99
C LEU J 305 32.49 25.69 18.54
N ALA J 306 33.47 25.56 17.61
CA ALA J 306 33.24 25.78 16.18
C ALA J 306 32.24 24.76 15.64
N ILE J 307 32.43 23.46 15.97
CA ILE J 307 31.51 22.37 15.57
C ILE J 307 30.16 22.53 16.29
N GLY J 308 30.20 23.10 17.49
CA GLY J 308 29.02 23.40 18.30
C GLY J 308 28.11 24.44 17.66
N CYS J 309 28.71 25.44 16.99
CA CYS J 309 27.98 26.50 16.27
C CYS J 309 27.25 25.96 15.05
N VAL J 310 27.80 24.88 14.42
CA VAL J 310 27.20 24.21 13.26
C VAL J 310 25.98 23.39 13.72
N LEU J 311 26.00 22.88 14.97
CA LEU J 311 24.90 22.13 15.58
C LEU J 311 23.66 23.02 15.72
N VAL J 312 23.84 24.35 15.87
CA VAL J 312 22.75 25.32 15.99
C VAL J 312 22.26 25.71 14.59
N ILE J 313 23.20 26.11 13.70
CA ILE J 313 22.90 26.52 12.33
C ILE J 313 22.72 25.30 11.44
N GLN K 1 3.43 -50.83 -46.51
CA GLN K 1 2.08 -50.64 -45.98
C GLN K 1 1.96 -51.20 -44.58
N VAL K 2 1.08 -50.58 -43.77
CA VAL K 2 0.85 -50.99 -42.39
C VAL K 2 0.18 -52.36 -42.34
N GLN K 3 0.77 -53.27 -41.57
CA GLN K 3 0.27 -54.62 -41.40
C GLN K 3 0.33 -55.02 -39.93
N LEU K 4 -0.84 -55.34 -39.38
CA LEU K 4 -1.00 -55.79 -38.01
C LEU K 4 -1.36 -57.26 -38.06
N GLN K 5 -0.34 -58.10 -38.27
CA GLN K 5 -0.50 -59.55 -38.38
C GLN K 5 -0.75 -60.15 -37.01
N GLU K 6 -1.98 -60.64 -36.81
CA GLU K 6 -2.38 -61.24 -35.53
C GLU K 6 -2.21 -62.74 -35.55
N SER K 7 -2.02 -63.34 -34.36
CA SER K 7 -1.86 -64.79 -34.18
C SER K 7 -2.09 -65.19 -32.73
N GLY K 8 -2.34 -66.47 -32.51
CA GLY K 8 -2.53 -67.04 -31.19
C GLY K 8 -3.97 -67.20 -30.71
N GLY K 9 -4.90 -67.20 -31.65
CA GLY K 9 -6.32 -67.37 -31.34
C GLY K 9 -6.73 -68.81 -31.43
N GLY K 10 -7.96 -69.03 -31.90
CA GLY K 10 -8.53 -70.35 -32.08
C GLY K 10 -9.34 -70.86 -30.91
N LEU K 11 -9.68 -72.16 -30.98
CA LEU K 11 -10.48 -72.88 -29.98
C LEU K 11 -9.72 -73.07 -28.69
N VAL K 12 -10.45 -72.99 -27.56
CA VAL K 12 -9.92 -73.13 -26.21
C VAL K 12 -10.99 -73.77 -25.33
N GLN K 13 -10.57 -74.66 -24.42
CA GLN K 13 -11.46 -75.30 -23.46
C GLN K 13 -11.67 -74.34 -22.30
N ALA K 14 -12.93 -74.24 -21.80
CA ALA K 14 -13.31 -73.34 -20.69
C ALA K 14 -12.32 -73.44 -19.53
N GLY K 15 -11.91 -72.27 -19.02
CA GLY K 15 -10.95 -72.17 -17.93
C GLY K 15 -9.48 -72.18 -18.33
N GLY K 16 -9.22 -72.42 -19.61
CA GLY K 16 -7.86 -72.44 -20.17
C GLY K 16 -7.30 -71.06 -20.39
N SER K 17 -6.06 -70.99 -20.90
CA SER K 17 -5.37 -69.74 -21.18
C SER K 17 -5.05 -69.63 -22.66
N LEU K 18 -4.73 -68.41 -23.11
CA LEU K 18 -4.36 -68.12 -24.50
C LEU K 18 -3.54 -66.85 -24.55
N ARG K 19 -2.51 -66.84 -25.42
CA ARG K 19 -1.62 -65.71 -25.58
C ARG K 19 -1.69 -65.21 -27.03
N LEU K 20 -2.29 -64.02 -27.22
CA LEU K 20 -2.42 -63.38 -28.52
C LEU K 20 -1.15 -62.64 -28.86
N SER K 21 -0.89 -62.46 -30.16
CA SER K 21 0.29 -61.78 -30.68
C SER K 21 -0.10 -60.92 -31.86
N CYS K 22 0.41 -59.69 -31.90
CA CYS K 22 0.13 -58.76 -32.97
C CYS K 22 1.46 -58.21 -33.48
N ALA K 23 1.94 -58.74 -34.62
CA ALA K 23 3.19 -58.31 -35.24
C ALA K 23 2.96 -57.02 -36.02
N ALA K 24 3.44 -55.89 -35.47
CA ALA K 24 3.25 -54.59 -36.09
C ALA K 24 4.34 -54.32 -37.13
N SER K 25 3.93 -53.84 -38.32
CA SER K 25 4.82 -53.52 -39.42
C SER K 25 4.28 -52.34 -40.21
N GLY K 26 5.16 -51.59 -40.86
CA GLY K 26 4.82 -50.45 -41.70
C GLY K 26 4.69 -49.10 -41.02
N PHE K 27 5.13 -48.99 -39.75
CA PHE K 27 5.08 -47.75 -38.98
C PHE K 27 6.03 -47.81 -37.80
N THR K 28 6.49 -46.63 -37.33
CA THR K 28 7.36 -46.51 -36.16
C THR K 28 6.57 -46.97 -34.94
N PHE K 29 6.79 -48.23 -34.56
CA PHE K 29 6.12 -48.92 -33.47
C PHE K 29 6.05 -48.15 -32.15
N ASP K 30 7.21 -47.69 -31.64
CA ASP K 30 7.32 -46.99 -30.35
C ASP K 30 6.45 -45.75 -30.24
N ASP K 31 6.35 -44.91 -31.26
CA ASP K 31 5.51 -43.72 -31.18
C ASP K 31 4.03 -43.98 -31.57
N TYR K 32 3.50 -45.16 -31.21
CA TYR K 32 2.12 -45.59 -31.40
C TYR K 32 1.65 -46.23 -30.10
N THR K 33 0.35 -46.53 -30.01
CA THR K 33 -0.27 -47.12 -28.83
C THR K 33 -1.10 -48.33 -29.26
N ILE K 34 -0.41 -49.41 -29.59
CA ILE K 34 -1.06 -50.64 -30.01
C ILE K 34 -1.96 -51.18 -28.88
N GLY K 35 -3.09 -51.75 -29.27
CA GLY K 35 -4.06 -52.33 -28.35
C GLY K 35 -4.85 -53.44 -28.97
N TRP K 36 -5.71 -54.08 -28.16
CA TRP K 36 -6.57 -55.18 -28.57
C TRP K 36 -8.03 -54.87 -28.32
N PHE K 37 -8.90 -55.37 -29.23
CA PHE K 37 -10.35 -55.24 -29.17
C PHE K 37 -10.97 -56.61 -29.42
N ARG K 38 -12.28 -56.71 -29.20
CA ARG K 38 -13.05 -57.92 -29.42
C ARG K 38 -14.48 -57.59 -29.78
N GLN K 39 -15.09 -58.41 -30.62
CA GLN K 39 -16.47 -58.23 -31.04
C GLN K 39 -17.16 -59.57 -31.14
N ALA K 40 -18.04 -59.85 -30.17
CA ALA K 40 -18.81 -61.08 -30.13
C ALA K 40 -19.91 -61.00 -31.19
N PRO K 41 -20.54 -62.13 -31.60
CA PRO K 41 -21.60 -62.06 -32.62
C PRO K 41 -22.80 -61.25 -32.15
N GLY K 42 -23.28 -60.34 -33.00
CA GLY K 42 -24.42 -59.47 -32.73
C GLY K 42 -24.28 -58.51 -31.55
N LYS K 43 -23.03 -58.21 -31.17
CA LYS K 43 -22.72 -57.29 -30.08
C LYS K 43 -21.67 -56.30 -30.54
N GLU K 44 -21.72 -55.06 -30.02
CA GLU K 44 -20.79 -54.00 -30.38
C GLU K 44 -19.38 -54.34 -29.97
N ARG K 45 -18.40 -53.97 -30.81
CA ARG K 45 -16.98 -54.19 -30.57
C ARG K 45 -16.56 -53.40 -29.34
N GLU K 46 -15.97 -54.08 -28.36
CA GLU K 46 -15.49 -53.47 -27.13
C GLU K 46 -13.97 -53.45 -27.07
N GLY K 47 -13.44 -52.61 -26.19
CA GLY K 47 -12.02 -52.49 -25.93
C GLY K 47 -11.60 -53.48 -24.86
N VAL K 48 -10.49 -54.17 -25.07
CA VAL K 48 -10.01 -55.17 -24.14
C VAL K 48 -8.86 -54.61 -23.29
N SER K 49 -7.72 -54.34 -23.94
CA SER K 49 -6.51 -53.86 -23.29
C SER K 49 -5.66 -53.10 -24.26
N LEU K 50 -5.03 -52.06 -23.76
CA LEU K 50 -4.23 -51.21 -24.59
C LEU K 50 -3.02 -50.78 -23.80
N ILE K 51 -1.85 -50.90 -24.41
CA ILE K 51 -0.57 -50.53 -23.82
C ILE K 51 0.11 -49.48 -24.70
N SER K 52 0.54 -48.38 -24.10
CA SER K 52 1.27 -47.34 -24.82
C SER K 52 2.68 -47.26 -24.24
N SER K 53 3.68 -47.05 -25.10
CA SER K 53 5.08 -46.94 -24.72
C SER K 53 5.45 -45.53 -24.33
N SER K 54 5.04 -44.51 -25.15
CA SER K 54 5.29 -43.08 -24.89
C SER K 54 4.83 -42.69 -23.48
N LEU K 55 3.66 -43.21 -23.05
CA LEU K 55 3.10 -43.01 -21.72
C LEU K 55 3.30 -44.31 -20.94
N GLY K 56 2.97 -44.31 -19.66
CA GLY K 56 3.04 -45.52 -18.84
C GLY K 56 1.65 -46.03 -18.61
N SER K 57 0.73 -45.73 -19.55
CA SER K 57 -0.69 -46.07 -19.50
C SER K 57 -1.00 -47.44 -20.03
N THR K 58 -1.98 -48.11 -19.40
CA THR K 58 -2.46 -49.45 -19.74
C THR K 58 -3.91 -49.57 -19.32
N TYR K 59 -4.79 -49.70 -20.32
CA TYR K 59 -6.22 -49.89 -20.07
C TYR K 59 -6.53 -51.37 -19.96
N TYR K 60 -7.46 -51.72 -19.07
CA TYR K 60 -7.95 -53.07 -18.90
C TYR K 60 -9.44 -53.00 -18.70
N ALA K 61 -10.22 -53.70 -19.56
CA ALA K 61 -11.68 -53.69 -19.44
C ALA K 61 -12.05 -54.36 -18.12
N ASP K 62 -13.15 -53.92 -17.50
CA ASP K 62 -13.63 -54.44 -16.22
C ASP K 62 -14.00 -55.92 -16.31
N SER K 63 -14.55 -56.34 -17.47
CA SER K 63 -14.92 -57.73 -17.75
C SER K 63 -13.73 -58.70 -17.84
N VAL K 64 -12.49 -58.18 -17.95
CA VAL K 64 -11.28 -58.99 -18.10
C VAL K 64 -10.19 -58.71 -17.05
N LYS K 65 -10.42 -57.72 -16.17
CA LYS K 65 -9.41 -57.36 -15.19
C LYS K 65 -9.19 -58.47 -14.17
N GLY K 66 -7.92 -58.80 -13.99
CA GLY K 66 -7.48 -59.85 -13.08
C GLY K 66 -7.17 -61.15 -13.79
N ARG K 67 -7.55 -61.26 -15.09
CA ARG K 67 -7.28 -62.46 -15.89
C ARG K 67 -6.66 -62.13 -17.25
N ILE K 68 -6.15 -60.90 -17.38
CA ILE K 68 -5.47 -60.43 -18.58
C ILE K 68 -4.21 -59.64 -18.22
N THR K 69 -3.17 -59.74 -19.07
CA THR K 69 -1.93 -59.01 -18.98
C THR K 69 -1.42 -58.70 -20.38
N ILE K 70 -1.38 -57.41 -20.71
CA ILE K 70 -0.87 -56.93 -21.99
C ILE K 70 0.59 -56.53 -21.81
N SER K 71 1.42 -56.77 -22.83
CA SER K 71 2.84 -56.44 -22.77
C SER K 71 3.38 -56.04 -24.13
N ARG K 72 4.45 -55.24 -24.13
CA ARG K 72 5.10 -54.76 -25.34
C ARG K 72 6.49 -55.34 -25.49
N ASP K 73 6.98 -55.40 -26.73
CA ASP K 73 8.33 -55.83 -27.09
C ASP K 73 8.69 -55.15 -28.39
N ASN K 74 9.35 -53.99 -28.26
CA ASN K 74 9.80 -53.16 -29.38
C ASN K 74 10.91 -53.84 -30.18
N ALA K 75 11.68 -54.78 -29.55
CA ALA K 75 12.76 -55.53 -30.20
C ALA K 75 12.21 -56.30 -31.40
N LYS K 76 11.00 -56.88 -31.26
CA LYS K 76 10.31 -57.64 -32.30
C LYS K 76 9.09 -56.91 -32.87
N ASN K 77 8.78 -55.69 -32.35
CA ASN K 77 7.64 -54.84 -32.74
C ASN K 77 6.37 -55.68 -32.65
N THR K 78 6.05 -56.11 -31.42
CA THR K 78 4.91 -56.98 -31.12
C THR K 78 4.29 -56.62 -29.77
N VAL K 79 3.01 -56.95 -29.61
CA VAL K 79 2.22 -56.79 -28.40
C VAL K 79 1.56 -58.14 -28.07
N TYR K 80 1.73 -58.59 -26.83
CA TYR K 80 1.19 -59.86 -26.37
C TYR K 80 0.05 -59.68 -25.39
N LEU K 81 -1.11 -60.27 -25.71
CA LEU K 81 -2.29 -60.23 -24.85
C LEU K 81 -2.53 -61.62 -24.29
N GLN K 82 -2.10 -61.84 -23.04
CA GLN K 82 -2.26 -63.12 -22.35
C GLN K 82 -3.55 -63.08 -21.55
N MET K 83 -4.49 -64.00 -21.87
CA MET K 83 -5.75 -64.13 -21.16
C MET K 83 -5.82 -65.48 -20.51
N ASN K 84 -5.86 -65.50 -19.17
CA ASN K 84 -5.94 -66.74 -18.40
C ASN K 84 -7.34 -66.92 -17.87
N SER K 85 -7.68 -68.14 -17.40
CA SER K 85 -9.00 -68.47 -16.84
C SER K 85 -10.11 -67.94 -17.76
N LEU K 86 -10.14 -68.47 -18.98
CA LEU K 86 -11.10 -68.04 -19.98
C LEU K 86 -12.51 -68.52 -19.69
N LYS K 87 -13.47 -67.91 -20.38
CA LYS K 87 -14.88 -68.18 -20.22
C LYS K 87 -15.52 -68.27 -21.60
N PRO K 88 -16.75 -68.85 -21.73
CA PRO K 88 -17.41 -68.86 -23.04
C PRO K 88 -17.85 -67.46 -23.47
N GLU K 89 -17.94 -66.49 -22.52
CA GLU K 89 -18.31 -65.09 -22.78
C GLU K 89 -17.24 -64.38 -23.59
N ASP K 90 -15.97 -64.78 -23.40
CA ASP K 90 -14.80 -64.24 -24.11
C ASP K 90 -14.79 -64.50 -25.61
N THR K 91 -15.66 -65.43 -26.10
CA THR K 91 -15.79 -65.76 -27.52
C THR K 91 -16.13 -64.50 -28.29
N ALA K 92 -15.27 -64.17 -29.27
CA ALA K 92 -15.37 -62.98 -30.12
C ALA K 92 -14.25 -62.94 -31.14
N VAL K 93 -14.36 -62.00 -32.09
CA VAL K 93 -13.33 -61.75 -33.09
C VAL K 93 -12.41 -60.72 -32.46
N TYR K 94 -11.16 -61.11 -32.18
CA TYR K 94 -10.17 -60.24 -31.54
C TYR K 94 -9.35 -59.44 -32.54
N TYR K 95 -9.66 -58.14 -32.63
CA TYR K 95 -8.97 -57.23 -33.54
C TYR K 95 -7.82 -56.53 -32.82
N CYS K 96 -6.78 -56.17 -33.56
CA CYS K 96 -5.60 -55.49 -33.04
C CYS K 96 -5.53 -54.13 -33.70
N ALA K 97 -5.77 -53.07 -32.91
CA ALA K 97 -5.74 -51.70 -33.41
C ALA K 97 -4.42 -51.04 -32.97
N ALA K 98 -4.04 -49.93 -33.64
CA ALA K 98 -2.83 -49.19 -33.35
C ALA K 98 -3.04 -47.73 -33.76
N GLY K 99 -3.04 -46.85 -32.77
CA GLY K 99 -3.24 -45.42 -32.96
C GLY K 99 -2.06 -44.61 -32.52
N ARG K 100 -1.86 -43.43 -33.13
CA ARG K 100 -0.75 -42.56 -32.78
C ARG K 100 -1.06 -41.66 -31.59
N ASP K 101 -2.24 -41.03 -31.61
CA ASP K 101 -2.68 -40.09 -30.58
C ASP K 101 -3.63 -40.72 -29.53
N ALA K 102 -3.75 -42.05 -29.55
CA ALA K 102 -4.62 -42.76 -28.62
C ALA K 102 -4.00 -42.87 -27.23
N ASP K 103 -4.67 -42.33 -26.23
CA ASP K 103 -4.19 -42.40 -24.86
C ASP K 103 -5.01 -43.42 -24.07
N PRO K 104 -4.37 -44.51 -23.55
CA PRO K 104 -5.12 -45.50 -22.73
C PRO K 104 -5.84 -44.90 -21.52
N THR K 105 -5.32 -43.81 -20.90
CA THR K 105 -5.91 -43.09 -19.74
C THR K 105 -7.24 -42.44 -20.14
N ILE K 106 -7.27 -41.76 -21.30
CA ILE K 106 -8.47 -41.08 -21.80
C ILE K 106 -9.46 -42.10 -22.32
N PHE K 107 -8.95 -43.17 -22.98
CA PHE K 107 -9.78 -44.25 -23.53
C PHE K 107 -10.68 -44.85 -22.46
N ALA K 108 -10.18 -45.05 -21.22
CA ALA K 108 -10.96 -45.60 -20.11
C ALA K 108 -12.25 -44.80 -19.85
N ILE K 109 -12.24 -43.49 -20.20
CA ILE K 109 -13.39 -42.59 -20.04
C ILE K 109 -14.21 -42.53 -21.32
N LEU K 110 -13.58 -42.14 -22.44
CA LEU K 110 -14.25 -41.99 -23.72
C LEU K 110 -14.73 -43.31 -24.32
N ARG K 111 -13.86 -44.36 -24.42
CA ARG K 111 -14.16 -45.68 -25.03
C ARG K 111 -14.69 -45.35 -26.43
N SER K 112 -13.86 -44.61 -27.17
CA SER K 112 -14.10 -43.99 -28.46
C SER K 112 -13.90 -44.84 -29.67
N GLU K 113 -12.71 -45.45 -29.82
CA GLU K 113 -12.31 -46.20 -31.01
C GLU K 113 -11.92 -45.26 -32.19
N TYR K 114 -12.02 -43.93 -31.95
CA TYR K 114 -11.68 -42.91 -32.94
C TYR K 114 -10.17 -42.72 -33.14
N PRO K 115 -9.28 -42.71 -32.11
CA PRO K 115 -7.85 -42.43 -32.37
C PRO K 115 -7.02 -43.56 -32.95
N PHE K 116 -7.66 -44.65 -33.43
CA PHE K 116 -7.00 -45.84 -33.96
C PHE K 116 -6.97 -45.79 -35.46
N ASP K 117 -5.82 -45.39 -36.01
CA ASP K 117 -5.64 -45.24 -37.45
C ASP K 117 -5.61 -46.57 -38.18
N TYR K 118 -4.93 -47.57 -37.60
CA TYR K 118 -4.76 -48.87 -38.23
C TYR K 118 -5.33 -50.01 -37.40
N TRP K 119 -6.03 -50.90 -38.08
CA TRP K 119 -6.75 -52.03 -37.52
C TRP K 119 -6.32 -53.35 -38.13
N GLY K 120 -6.46 -54.41 -37.34
CA GLY K 120 -6.12 -55.77 -37.75
C GLY K 120 -7.31 -56.45 -38.37
N GLN K 121 -7.07 -57.60 -39.02
CA GLN K 121 -8.10 -58.39 -39.69
C GLN K 121 -9.03 -59.08 -38.69
N GLY K 122 -8.46 -59.47 -37.55
CA GLY K 122 -9.16 -60.13 -36.46
C GLY K 122 -8.91 -61.62 -36.41
N THR K 123 -8.72 -62.15 -35.19
CA THR K 123 -8.50 -63.57 -34.94
C THR K 123 -9.66 -64.08 -34.10
N GLN K 124 -10.30 -65.17 -34.57
CA GLN K 124 -11.41 -65.78 -33.87
C GLN K 124 -10.92 -66.55 -32.65
N VAL K 125 -11.55 -66.27 -31.50
CA VAL K 125 -11.27 -66.94 -30.24
C VAL K 125 -12.61 -67.52 -29.75
N THR K 126 -12.73 -68.86 -29.78
CA THR K 126 -13.93 -69.58 -29.36
C THR K 126 -13.62 -70.38 -28.11
N VAL K 127 -14.49 -70.25 -27.11
CA VAL K 127 -14.40 -70.96 -25.84
C VAL K 127 -15.72 -71.69 -25.59
N SER K 128 -15.63 -72.99 -25.27
CA SER K 128 -16.78 -73.85 -25.03
C SER K 128 -16.39 -75.04 -24.13
N SER K 129 -17.32 -76.00 -23.94
CA SER K 129 -17.18 -77.21 -23.14
C SER K 129 -18.37 -78.15 -23.38
N VAL L 2 -50.27 1.35 44.96
CA VAL L 2 -50.60 0.83 43.63
C VAL L 2 -51.92 0.06 43.64
N GLN L 3 -52.84 0.43 42.74
CA GLN L 3 -54.14 -0.21 42.63
C GLN L 3 -54.54 -0.38 41.17
N LEU L 4 -54.85 -1.63 40.80
CA LEU L 4 -55.29 -1.98 39.44
C LEU L 4 -56.77 -2.38 39.50
N GLN L 5 -57.64 -1.37 39.62
CA GLN L 5 -59.09 -1.55 39.71
C GLN L 5 -59.65 -2.04 38.38
N GLU L 6 -60.09 -3.30 38.35
CA GLU L 6 -60.64 -3.92 37.16
C GLU L 6 -62.16 -3.81 37.14
N SER L 7 -62.75 -3.84 35.94
CA SER L 7 -64.19 -3.73 35.72
C SER L 7 -64.56 -4.21 34.32
N GLY L 8 -65.82 -4.56 34.13
CA GLY L 8 -66.36 -4.99 32.85
C GLY L 8 -66.43 -6.48 32.61
N GLY L 9 -66.41 -7.27 33.67
CA GLY L 9 -66.53 -8.72 33.55
C GLY L 9 -67.97 -9.17 33.68
N GLY L 10 -68.16 -10.28 34.37
CA GLY L 10 -69.48 -10.84 34.64
C GLY L 10 -69.94 -11.87 33.64
N LEU L 11 -71.22 -12.26 33.76
CA LEU L 11 -71.89 -13.26 32.92
C LEU L 11 -72.11 -12.72 31.53
N VAL L 12 -71.96 -13.58 30.52
CA VAL L 12 -72.12 -13.29 29.09
C VAL L 12 -72.67 -14.51 28.38
N GLN L 13 -73.57 -14.27 27.41
CA GLN L 13 -74.14 -15.33 26.59
C GLN L 13 -73.14 -15.64 25.47
N ALA L 14 -72.97 -16.95 25.16
CA ALA L 14 -72.09 -17.45 24.11
C ALA L 14 -72.24 -16.65 22.81
N GLY L 15 -71.10 -16.25 22.22
CA GLY L 15 -71.04 -15.47 20.99
C GLY L 15 -71.09 -13.97 21.18
N GLY L 16 -71.31 -13.55 22.43
CA GLY L 16 -71.39 -12.14 22.79
C GLY L 16 -70.04 -11.46 22.90
N SER L 17 -70.07 -10.16 23.20
CA SER L 17 -68.88 -9.35 23.37
C SER L 17 -68.79 -8.85 24.81
N LEU L 18 -67.58 -8.40 25.21
CA LEU L 18 -67.32 -7.81 26.51
C LEU L 18 -66.08 -6.92 26.45
N ARG L 19 -66.12 -5.83 27.21
CA ARG L 19 -65.02 -4.85 27.24
C ARG L 19 -64.52 -4.70 28.65
N LEU L 20 -63.31 -5.18 28.90
CA LEU L 20 -62.69 -5.07 30.20
C LEU L 20 -62.00 -3.72 30.36
N SER L 21 -61.84 -3.28 31.61
CA SER L 21 -61.17 -2.04 31.97
C SER L 21 -60.33 -2.27 33.21
N CYS L 22 -59.17 -1.62 33.28
CA CYS L 22 -58.25 -1.73 34.40
C CYS L 22 -57.64 -0.36 34.67
N ALA L 23 -58.30 0.42 35.55
CA ALA L 23 -57.85 1.76 35.92
C ALA L 23 -56.63 1.62 36.83
N ALA L 24 -55.47 2.01 36.28
CA ALA L 24 -54.19 1.96 36.97
C ALA L 24 -54.00 3.21 37.83
N SER L 25 -53.53 3.01 39.06
CA SER L 25 -53.30 4.09 40.03
C SER L 25 -52.10 3.75 40.90
N GLY L 26 -51.42 4.79 41.38
CA GLY L 26 -50.28 4.64 42.28
C GLY L 26 -48.91 4.48 41.66
N PHE L 27 -48.78 4.70 40.34
CA PHE L 27 -47.52 4.62 39.61
C PHE L 27 -47.61 5.35 38.29
N THR L 28 -46.47 5.80 37.78
CA THR L 28 -46.35 6.48 36.49
C THR L 28 -46.75 5.50 35.40
N PHE L 29 -48.02 5.59 34.99
CA PHE L 29 -48.66 4.73 34.00
C PHE L 29 -47.87 4.52 32.72
N ASP L 30 -47.47 5.61 32.03
CA ASP L 30 -46.76 5.57 30.75
C ASP L 30 -45.45 4.77 30.77
N ASP L 31 -44.63 4.88 31.81
CA ASP L 31 -43.38 4.10 31.83
C ASP L 31 -43.59 2.67 32.41
N TYR L 32 -44.78 2.10 32.18
CA TYR L 32 -45.13 0.76 32.62
C TYR L 32 -45.73 0.05 31.42
N THR L 33 -45.98 -1.25 31.56
CA THR L 33 -46.52 -2.07 30.49
C THR L 33 -47.68 -2.86 31.07
N ILE L 34 -48.82 -2.81 30.37
CA ILE L 34 -50.05 -3.47 30.77
C ILE L 34 -49.94 -4.98 30.76
N GLY L 35 -50.80 -5.59 31.55
CA GLY L 35 -50.95 -7.02 31.71
C GLY L 35 -52.40 -7.39 31.84
N TRP L 36 -52.84 -8.31 30.99
CA TRP L 36 -54.19 -8.84 30.99
C TRP L 36 -54.05 -10.33 30.87
N PHE L 37 -54.43 -11.02 31.94
CA PHE L 37 -54.28 -12.45 32.07
C PHE L 37 -55.62 -13.09 32.38
N ARG L 38 -55.67 -14.42 32.35
CA ARG L 38 -56.86 -15.19 32.68
C ARG L 38 -56.47 -16.56 33.24
N GLN L 39 -57.29 -17.07 34.15
CA GLN L 39 -57.05 -18.37 34.78
C GLN L 39 -58.37 -19.10 34.97
N ALA L 40 -58.59 -20.14 34.16
CA ALA L 40 -59.80 -20.95 34.25
C ALA L 40 -59.69 -21.93 35.43
N PRO L 41 -60.80 -22.46 35.99
CA PRO L 41 -60.70 -23.41 37.12
C PRO L 41 -59.86 -24.63 36.77
N GLY L 42 -58.96 -25.00 37.68
CA GLY L 42 -58.04 -26.13 37.56
C GLY L 42 -57.07 -26.09 36.40
N LYS L 43 -56.82 -24.89 35.84
CA LYS L 43 -55.89 -24.68 34.72
C LYS L 43 -54.97 -23.53 35.05
N GLU L 44 -53.73 -23.60 34.54
CA GLU L 44 -52.70 -22.58 34.78
C GLU L 44 -53.08 -21.25 34.15
N ARG L 45 -52.74 -20.16 34.85
CA ARG L 45 -53.01 -18.80 34.40
C ARG L 45 -52.21 -18.53 33.14
N GLU L 46 -52.90 -18.09 32.09
CA GLU L 46 -52.28 -17.78 30.81
C GLU L 46 -52.32 -16.28 30.51
N GLY L 47 -51.46 -15.86 29.59
CA GLY L 47 -51.36 -14.48 29.13
C GLY L 47 -52.35 -14.24 28.00
N VAL L 48 -53.10 -13.13 28.05
CA VAL L 48 -54.10 -12.80 27.04
C VAL L 48 -53.54 -11.78 26.06
N SER L 49 -53.32 -10.55 26.54
CA SER L 49 -52.85 -9.43 25.74
C SER L 49 -52.09 -8.43 26.59
N LEU L 50 -50.93 -7.96 26.07
CA LEU L 50 -50.03 -7.01 26.75
C LEU L 50 -49.68 -5.83 25.85
N ILE L 51 -50.11 -4.64 26.27
CA ILE L 51 -49.85 -3.40 25.55
C ILE L 51 -48.81 -2.57 26.31
N SER L 52 -47.67 -2.34 25.66
CA SER L 52 -46.59 -1.55 26.25
C SER L 52 -46.57 -0.21 25.56
N SER L 53 -46.40 0.87 26.31
CA SER L 53 -46.40 2.20 25.70
C SER L 53 -45.02 2.64 25.22
N SER L 54 -43.96 2.46 26.04
CA SER L 54 -42.57 2.81 25.70
C SER L 54 -42.18 2.17 24.36
N LEU L 55 -42.62 0.93 24.12
CA LEU L 55 -42.42 0.22 22.86
C LEU L 55 -43.74 0.25 22.06
N GLY L 56 -43.68 -0.19 20.81
CA GLY L 56 -44.86 -0.29 19.93
C GLY L 56 -45.30 -1.73 19.86
N SER L 57 -44.99 -2.50 20.91
CA SER L 57 -45.28 -3.92 21.01
C SER L 57 -46.65 -4.19 21.60
N THR L 58 -47.30 -5.25 21.10
CA THR L 58 -48.61 -5.74 21.55
C THR L 58 -48.67 -7.27 21.37
N TYR L 59 -48.78 -7.99 22.49
CA TYR L 59 -48.89 -9.44 22.48
C TYR L 59 -50.36 -9.84 22.43
N TYR L 60 -50.65 -10.91 21.69
CA TYR L 60 -51.99 -11.47 21.61
C TYR L 60 -51.86 -12.98 21.62
N ALA L 61 -52.52 -13.65 22.58
CA ALA L 61 -52.49 -15.12 22.66
C ALA L 61 -53.14 -15.68 21.41
N ASP L 62 -52.65 -16.85 20.95
CA ASP L 62 -53.16 -17.51 19.75
C ASP L 62 -54.61 -17.93 19.90
N SER L 63 -55.01 -18.31 21.13
CA SER L 63 -56.37 -18.74 21.46
C SER L 63 -57.39 -17.61 21.34
N VAL L 64 -56.93 -16.35 21.30
CA VAL L 64 -57.80 -15.17 21.30
C VAL L 64 -57.49 -14.13 20.20
N LYS L 65 -56.57 -14.46 19.27
CA LYS L 65 -56.21 -13.56 18.17
C LYS L 65 -57.31 -13.54 17.12
N GLY L 66 -57.64 -12.33 16.65
CA GLY L 66 -58.68 -12.06 15.66
C GLY L 66 -60.01 -11.70 16.30
N ARG L 67 -60.12 -11.99 17.59
CA ARG L 67 -61.30 -11.79 18.41
C ARG L 67 -61.03 -10.95 19.69
N ILE L 68 -59.91 -10.20 19.72
CA ILE L 68 -59.49 -9.35 20.83
C ILE L 68 -58.71 -8.13 20.32
N THR L 69 -58.89 -6.99 21.00
CA THR L 69 -58.20 -5.74 20.74
C THR L 69 -57.92 -5.03 22.06
N ILE L 70 -56.65 -4.90 22.40
CA ILE L 70 -56.19 -4.19 23.59
C ILE L 70 -55.86 -2.76 23.21
N SER L 71 -56.15 -1.82 24.10
CA SER L 71 -55.88 -0.40 23.85
C SER L 71 -55.51 0.33 25.12
N ARG L 72 -54.74 1.41 24.97
CA ARG L 72 -54.30 2.24 26.09
C ARG L 72 -54.96 3.60 26.03
N ASP L 73 -55.11 4.21 27.22
CA ASP L 73 -55.63 5.56 27.39
C ASP L 73 -54.93 6.16 28.60
N ASN L 74 -53.85 6.91 28.34
CA ASN L 74 -53.05 7.56 29.38
C ASN L 74 -53.79 8.75 30.01
N ALA L 75 -54.77 9.35 29.27
CA ALA L 75 -55.57 10.47 29.75
C ALA L 75 -56.34 10.08 31.03
N LYS L 76 -56.85 8.84 31.06
CA LYS L 76 -57.57 8.28 32.21
C LYS L 76 -56.79 7.18 32.93
N ASN L 77 -55.55 6.87 32.46
CA ASN L 77 -54.66 5.83 33.02
C ASN L 77 -55.44 4.52 33.11
N THR L 78 -55.90 4.06 31.95
CA THR L 78 -56.73 2.87 31.83
C THR L 78 -56.37 2.08 30.59
N VAL L 79 -56.63 0.78 30.65
CA VAL L 79 -56.43 -0.16 29.55
C VAL L 79 -57.75 -0.87 29.27
N TYR L 80 -58.05 -1.03 27.98
CA TYR L 80 -59.30 -1.67 27.59
C TYR L 80 -59.05 -2.92 26.78
N LEU L 81 -59.60 -4.04 27.25
CA LEU L 81 -59.51 -5.32 26.56
C LEU L 81 -60.89 -5.71 26.04
N GLN L 82 -61.12 -5.46 24.74
CA GLN L 82 -62.38 -5.79 24.10
C GLN L 82 -62.27 -7.19 23.48
N MET L 83 -63.16 -8.10 23.92
CA MET L 83 -63.24 -9.46 23.40
C MET L 83 -64.59 -9.67 22.73
N ASN L 84 -64.61 -9.87 21.41
CA ASN L 84 -65.84 -10.10 20.66
C ASN L 84 -65.94 -11.59 20.35
N SER L 85 -67.15 -12.07 19.97
CA SER L 85 -67.44 -13.47 19.64
C SER L 85 -66.84 -14.41 20.70
N LEU L 86 -67.36 -14.30 21.93
CA LEU L 86 -66.92 -15.09 23.08
C LEU L 86 -67.34 -16.55 23.01
N LYS L 87 -66.68 -17.38 23.80
CA LYS L 87 -66.91 -18.81 23.84
C LYS L 87 -66.99 -19.23 25.31
N PRO L 88 -67.51 -20.44 25.62
CA PRO L 88 -67.50 -20.90 27.02
C PRO L 88 -66.09 -21.20 27.53
N GLU L 89 -65.11 -21.39 26.60
CA GLU L 89 -63.69 -21.66 26.93
C GLU L 89 -63.04 -20.45 27.56
N ASP L 90 -63.49 -19.25 27.18
CA ASP L 90 -63.01 -17.97 27.69
C ASP L 90 -63.29 -17.75 29.17
N THR L 91 -64.20 -18.54 29.77
CA THR L 91 -64.54 -18.46 31.19
C THR L 91 -63.28 -18.65 32.02
N ALA L 92 -62.99 -17.65 32.85
CA ALA L 92 -61.81 -17.59 33.70
C ALA L 92 -61.82 -16.33 34.56
N VAL L 93 -60.88 -16.27 35.52
CA VAL L 93 -60.70 -15.10 36.36
C VAL L 93 -59.69 -14.23 35.60
N TYR L 94 -60.13 -13.06 35.14
CA TYR L 94 -59.30 -12.15 34.36
C TYR L 94 -58.55 -11.16 35.24
N TYR L 95 -57.23 -11.39 35.39
CA TYR L 95 -56.35 -10.54 36.19
C TYR L 95 -55.71 -9.48 35.33
N CYS L 96 -55.39 -8.34 35.92
CA CYS L 96 -54.75 -7.23 35.24
C CYS L 96 -53.40 -6.99 35.89
N ALA L 97 -52.33 -7.28 35.16
CA ALA L 97 -50.96 -7.12 35.64
C ALA L 97 -50.35 -5.84 35.08
N ALA L 98 -49.25 -5.36 35.68
CA ALA L 98 -48.54 -4.17 35.23
C ALA L 98 -47.09 -4.26 35.63
N GLY L 99 -46.21 -4.39 34.64
CA GLY L 99 -44.77 -4.50 34.85
C GLY L 99 -44.02 -3.35 34.22
N ARG L 100 -42.85 -2.99 34.77
CA ARG L 100 -42.06 -1.87 34.27
C ARG L 100 -41.16 -2.31 33.10
N ASP L 101 -40.45 -3.43 33.27
CA ASP L 101 -39.51 -3.96 32.29
C ASP L 101 -40.06 -5.11 31.45
N ALA L 102 -41.39 -5.31 31.49
CA ALA L 102 -42.03 -6.39 30.73
C ALA L 102 -42.15 -6.00 29.25
N ASP L 103 -41.57 -6.83 28.37
CA ASP L 103 -41.63 -6.57 26.95
C ASP L 103 -42.57 -7.56 26.27
N PRO L 104 -43.67 -7.10 25.61
CA PRO L 104 -44.58 -8.07 24.95
C PRO L 104 -43.86 -8.93 23.93
N THR L 105 -42.91 -8.32 23.18
CA THR L 105 -42.14 -9.04 22.16
C THR L 105 -41.43 -10.27 22.74
N ILE L 106 -40.75 -10.09 23.89
CA ILE L 106 -40.03 -11.18 24.57
C ILE L 106 -41.02 -12.14 25.22
N PHE L 107 -42.11 -11.59 25.81
CA PHE L 107 -43.14 -12.39 26.46
C PHE L 107 -43.71 -13.46 25.54
N ALA L 108 -43.93 -13.13 24.25
CA ALA L 108 -44.44 -14.08 23.25
C ALA L 108 -43.57 -15.35 23.16
N ILE L 109 -42.27 -15.24 23.49
CA ILE L 109 -41.31 -16.34 23.47
C ILE L 109 -41.23 -17.00 24.85
N LEU L 110 -40.87 -16.21 25.89
CA LEU L 110 -40.71 -16.69 27.26
C LEU L 110 -42.01 -17.14 27.89
N ARG L 111 -43.01 -16.23 27.91
CA ARG L 111 -44.35 -16.37 28.48
C ARG L 111 -44.15 -16.77 29.92
N SER L 112 -43.32 -15.98 30.62
CA SER L 112 -42.92 -16.30 31.97
C SER L 112 -43.77 -15.72 33.09
N GLU L 113 -44.30 -14.47 32.93
CA GLU L 113 -45.15 -13.78 33.93
C GLU L 113 -44.30 -13.21 35.07
N TYR L 114 -42.99 -13.33 34.92
CA TYR L 114 -42.01 -12.86 35.88
C TYR L 114 -41.88 -11.33 35.99
N PRO L 115 -41.87 -10.56 34.86
CA PRO L 115 -41.63 -9.11 34.96
C PRO L 115 -42.84 -8.25 35.27
N PHE L 116 -43.86 -8.82 35.93
CA PHE L 116 -45.05 -8.09 36.33
C PHE L 116 -45.02 -7.87 37.84
N ASP L 117 -44.62 -6.65 38.23
CA ASP L 117 -44.49 -6.22 39.63
C ASP L 117 -45.85 -6.10 40.31
N TYR L 118 -46.84 -5.56 39.58
CA TYR L 118 -48.20 -5.34 40.08
C TYR L 118 -49.16 -6.37 39.52
N TRP L 119 -50.21 -6.69 40.29
CA TRP L 119 -51.29 -7.58 39.88
C TRP L 119 -52.64 -7.09 40.39
N GLY L 120 -53.69 -7.40 39.63
CA GLY L 120 -55.06 -7.06 39.97
C GLY L 120 -55.71 -8.18 40.76
N GLN L 121 -56.87 -7.89 41.36
CA GLN L 121 -57.63 -8.85 42.15
C GLN L 121 -58.27 -9.94 41.28
N GLY L 122 -58.66 -9.56 40.07
CA GLY L 122 -59.28 -10.45 39.10
C GLY L 122 -60.77 -10.25 38.99
N THR L 123 -61.29 -10.27 37.75
CA THR L 123 -62.72 -10.15 37.48
C THR L 123 -63.17 -11.44 36.82
N GLN L 124 -64.24 -12.04 37.37
CA GLN L 124 -64.80 -13.27 36.84
C GLN L 124 -65.58 -12.99 35.56
N VAL L 125 -65.31 -13.76 34.51
CA VAL L 125 -66.00 -13.65 33.22
C VAL L 125 -66.61 -15.01 32.88
CA CA M . -20.58 -2.82 -45.54
C2 UMQ N . -21.96 13.52 -51.82
C4 UMQ N . -24.37 12.77 -52.06
C5 UMQ N . -24.58 13.19 -50.61
C6 UMQ N . -25.58 12.32 -49.88
O2 UMQ N . -20.95 14.39 -52.34
O4 UMQ N . -25.55 12.94 -52.82
C1 UMQ N . -22.29 13.91 -50.38
C3 UMQ N . -23.22 13.56 -52.71
O1 UMQ N . -22.53 15.30 -50.29
O3 UMQ N . -22.91 13.03 -53.99
O5 UMQ N . -23.35 13.12 -49.87
O6 UMQ N . -25.10 10.99 -49.73
C1' UMQ N . -21.79 18.47 -47.90
C2' UMQ N . -20.93 17.27 -47.54
C3' UMQ N . -21.07 16.20 -48.63
C4' UMQ N . -22.53 15.90 -48.98
C5' UMQ N . -23.43 17.13 -49.03
C6' UMQ N . -24.90 16.77 -48.89
O1' UMQ N . -21.62 19.42 -46.89
O3' UMQ N . -20.43 15.00 -48.19
O5' UMQ N . -23.14 18.06 -47.97
O6' UMQ N . -25.78 17.82 -49.28
O2' UMQ N . -19.56 17.64 -47.42
CA UMQ N . -21.05 20.65 -47.34
CB UMQ N . -21.49 21.78 -46.44
CC UMQ N . -21.02 23.14 -46.96
CD UMQ N . -21.63 24.34 -46.26
CF UMQ N . -21.22 25.67 -46.86
CG UMQ N . -21.85 26.89 -46.21
CH UMQ N . -21.04 28.17 -46.36
CI UMQ N . -21.87 29.42 -46.63
CJ UMQ N . -21.12 30.72 -46.41
CA CA O . -15.36 1.83 -16.62
C2 UMQ P . -19.70 18.14 -19.94
C4 UMQ P . -19.92 16.63 -17.91
C5 UMQ P . -18.48 17.00 -17.54
C6 UMQ P . -17.69 15.93 -16.81
O2 UMQ P . -20.19 19.32 -20.56
O4 UMQ P . -20.69 16.42 -16.74
C1 UMQ P . -18.24 18.34 -19.55
C3 UMQ P . -20.57 17.74 -18.74
O1 UMQ P . -18.03 19.59 -18.93
O3 UMQ P . -21.85 17.33 -19.19
O5 UMQ P . -17.75 17.27 -18.76
O6 UMQ P . -18.39 15.31 -15.73
C1' UMQ P . -14.96 22.11 -19.32
C2' UMQ P . -14.53 20.68 -19.63
C3' UMQ P . -15.76 19.79 -19.68
C4' UMQ P . -16.71 19.97 -18.50
C5' UMQ P . -16.78 21.39 -17.91
C6' UMQ P . -17.12 21.40 -16.43
O1' UMQ P . -13.81 22.90 -19.41
O3' UMQ P . -15.32 18.44 -19.75
O5' UMQ P . -15.55 22.13 -18.03
O6' UMQ P . -17.99 20.34 -16.06
O2' UMQ P . -13.90 20.70 -20.90
CA UMQ P . -14.03 24.29 -19.15
CB UMQ P . -13.05 25.09 -19.98
CC UMQ P . -12.72 26.40 -19.31
CD UMQ P . -12.65 27.58 -20.25
CF UMQ P . -12.48 28.92 -19.53
CG UMQ P . -12.85 30.13 -20.37
CH UMQ P . -12.43 31.46 -19.77
CI UMQ P . -12.68 32.66 -20.67
CJ UMQ P . -12.24 33.99 -20.08
C2 UMQ Q . 13.01 19.62 -13.84
C4 UMQ Q . 13.59 19.47 -11.38
C5 UMQ Q . 14.98 20.03 -11.73
C6 UMQ Q . 16.08 19.48 -10.84
O2 UMQ Q . 12.09 20.16 -14.78
O4 UMQ Q . 13.18 19.92 -10.08
C1 UMQ Q . 14.43 20.13 -14.11
C3 UMQ Q . 12.56 19.94 -12.41
O1 UMQ Q . 14.42 21.53 -14.30
O3 UMQ Q . 11.28 19.36 -12.17
O5 UMQ Q . 15.34 19.70 -13.09
O6 UMQ Q . 16.53 18.22 -11.30
C1' UMQ Q . 14.81 24.46 -17.12
C2' UMQ Q . 14.13 23.20 -17.64
C3' UMQ Q . 13.76 22.30 -16.47
C4' UMQ Q . 14.95 22.04 -15.54
C5' UMQ Q . 15.76 23.31 -15.22
C6' UMQ Q . 17.12 23.06 -14.63
O1' UMQ Q . 15.11 25.28 -18.22
O3' UMQ Q . 13.29 21.07 -17.00
O5' UMQ Q . 15.98 24.09 -16.42
O6' UMQ Q . 17.08 22.23 -13.48
O2' UMQ Q . 12.96 23.51 -18.39
CA UMQ Q . 14.41 26.53 -18.21
CB UMQ Q . 14.75 27.35 -19.42
CC UMQ Q . 16.13 27.98 -19.36
CD UMQ Q . 16.34 29.20 -20.24
CF UMQ Q . 16.07 30.52 -19.54
CG UMQ Q . 16.27 31.74 -20.44
CH UMQ Q . 15.61 33.01 -19.92
CI UMQ Q . 15.53 34.10 -20.97
CJ UMQ Q . 14.76 35.34 -20.52
CA CA R . 14.24 1.89 -13.56
C2 UMQ S . 29.54 16.18 -39.84
C4 UMQ S . 31.62 16.06 -41.30
C5 UMQ S . 30.72 16.42 -42.49
C6 UMQ S . 31.17 15.84 -43.82
O2 UMQ S . 28.94 16.84 -38.73
O4 UMQ S . 32.91 16.66 -41.48
C1 UMQ S . 28.75 16.51 -41.11
C3 UMQ S . 31.02 16.56 -39.98
O1 UMQ S . 28.54 17.92 -41.21
O3 UMQ S . 31.75 16.04 -38.87
O5 UMQ S . 29.38 15.95 -42.26
O6 UMQ S . 30.75 14.50 -43.99
C1' UMQ S . 26.20 20.53 -43.41
C2' UMQ S . 25.63 19.12 -43.29
C3' UMQ S . 26.40 18.32 -42.25
C4' UMQ S . 27.92 18.43 -42.41
C5' UMQ S . 28.37 19.87 -42.66
C6' UMQ S . 29.83 20.03 -43.06
O1' UMQ S . 25.53 21.17 -44.45
O3' UMQ S . 26.00 16.95 -42.32
O5' UMQ S . 27.58 20.47 -43.72
O6' UMQ S . 30.13 19.35 -44.27
O2' UMQ S . 24.27 19.19 -42.91
CA UMQ S . 25.11 22.50 -44.10
CB UMQ S . 24.70 23.27 -45.35
CC UMQ S . 24.26 24.69 -45.03
CD UMQ S . 24.39 25.67 -46.20
CF UMQ S . 24.14 27.13 -45.86
CG UMQ S . 24.28 28.09 -47.02
CH UMQ S . 23.88 29.53 -46.71
CI UMQ S . 23.96 30.48 -47.89
CJ UMQ S . 23.28 31.83 -47.66
CA CA T . 4.55 -2.87 -60.31
C2 UMQ U . 8.03 12.81 -64.37
C4 UMQ U . 6.75 11.84 -66.34
C5 UMQ U . 5.47 12.36 -65.68
C6 UMQ U . 4.25 11.51 -65.97
O2 UMQ U . 9.04 13.74 -63.99
O4 UMQ U . 6.62 11.87 -67.76
C1 UMQ U . 6.68 13.25 -63.79
C3 UMQ U . 7.96 12.66 -65.90
O1 UMQ U . 6.48 14.63 -64.04
O3 UMQ U . 9.16 12.03 -66.35
O5 UMQ U . 5.63 12.41 -64.25
O6 UMQ U . 4.49 10.12 -65.77
C1' UMQ U . 3.79 17.49 -62.86
C2' UMQ U . 3.58 16.14 -62.19
C3' UMQ U . 4.75 15.21 -62.47
C4' UMQ U . 5.15 15.18 -63.95
C5' UMQ U . 5.15 16.57 -64.59
C6' UMQ U . 5.24 16.57 -66.11
O1' UMQ U . 2.68 18.28 -62.57
O3' UMQ U . 4.42 13.90 -62.01
O5' UMQ U . 3.96 17.30 -64.26
O6' UMQ U . 6.32 15.79 -66.61
O2' UMQ U . 3.47 16.37 -60.79
CA UMQ U . 2.81 19.64 -63.01
CB UMQ U . 2.16 20.55 -61.99
CC UMQ U . 1.35 21.65 -62.64
CD UMQ U . 1.72 23.05 -62.19
CF UMQ U . 0.99 24.16 -62.93
CG UMQ U . 1.65 25.52 -62.81
CH UMQ U . 0.75 26.70 -63.10
CI UMQ U . 1.39 28.05 -62.83
CJ UMQ U . 0.42 29.22 -62.83
CA CA V . -1.81 27.42 36.99
CA CA W . -2.16 10.31 60.37
C2 UMQ X . 15.31 32.02 35.92
C4 UMQ X . 14.45 34.26 36.72
C5 UMQ X . 14.61 33.75 38.15
C6 UMQ X . 13.57 34.31 39.11
O2 UMQ X . 16.31 31.35 35.17
O4 UMQ X . 14.69 35.67 36.66
C1 UMQ X . 15.39 31.60 37.39
C3 UMQ X . 15.41 33.53 35.78
O1 UMQ X . 16.73 31.71 37.86
O3 UMQ X . 15.16 33.90 34.43
O5 UMQ X . 14.45 32.32 38.20
O6 UMQ X . 12.26 33.88 38.78
C1' UMQ X . 19.40 29.79 40.19
C2' UMQ X . 18.21 28.92 39.83
C3' UMQ X . 17.38 29.60 38.76
C4' UMQ X . 17.06 31.06 39.10
C5' UMQ X . 18.23 31.83 39.74
C6' UMQ X . 17.76 33.08 40.47
O1' UMQ X . 20.17 29.12 41.14
O3' UMQ X . 16.17 28.88 38.58
O5' UMQ X . 18.95 31.03 40.69
O6' UMQ X . 18.82 34.01 40.72
O2' UMQ X . 18.63 27.64 39.37
CA UMQ X . 21.49 28.82 40.72
CB UMQ X . 22.40 28.72 41.93
CC UMQ X . 23.85 28.50 41.54
CD UMQ X . 24.85 28.70 42.68
CF UMQ X . 26.29 28.54 42.24
CG UMQ X . 27.33 28.77 43.33
CH UMQ X . 28.67 28.09 43.06
CI UMQ X . 29.88 28.90 43.47
CJ UMQ X . 31.17 28.10 43.53
CA CA Y . -0.20 -17.86 49.30
C2 UMQ Z . 13.90 14.71 63.20
C4 UMQ Z . 12.00 13.99 64.72
C5 UMQ Z . 12.39 12.54 64.42
C6 UMQ Z . 11.26 11.54 64.46
O2 UMQ Z . 15.13 15.42 63.13
O4 UMQ Z . 11.52 14.10 66.06
C1 UMQ Z . 14.12 13.24 62.87
C3 UMQ Z . 13.21 14.92 64.54
O1 UMQ Z . 15.23 12.71 63.58
O3 UMQ Z . 12.81 16.27 64.68
O5 UMQ Z . 12.94 12.46 63.09
O6 UMQ Z . 10.44 11.63 65.62
C1' UMQ Z . 17.98 10.12 62.24
C2' UMQ Z . 16.67 9.98 61.48
C3' UMQ Z . 15.73 11.10 61.85
C4' UMQ Z . 15.62 11.34 63.37
C5' UMQ Z . 16.91 11.09 64.17
C6' UMQ Z . 16.65 10.72 65.61
O1' UMQ Z . 18.83 9.11 61.79
O3' UMQ Z . 14.44 10.79 61.34
O5' UMQ Z . 17.70 10.02 63.63
O6' UMQ Z . 15.46 11.31 66.13
O2' UMQ Z . 16.94 10.03 60.09
CA UMQ Z . 20.14 9.16 62.37
CB UMQ Z . 21.12 8.62 61.36
CC UMQ Z . 22.32 7.98 62.04
CD UMQ Z . 23.67 8.35 61.45
CF UMQ Z . 24.84 7.81 62.26
CG UMQ Z . 26.17 8.48 61.95
CH UMQ Z . 27.38 7.79 62.53
CI UMQ Z . 28.72 8.39 62.11
CJ UMQ Z . 29.93 7.69 62.69
C2 UMQ AA . 16.29 -17.00 53.27
C4 UMQ AA . 15.74 -18.69 55.07
C5 UMQ AA . 16.44 -19.74 54.20
C6 UMQ AA . 15.82 -21.12 54.33
O2 UMQ AA . 16.92 -15.76 53.01
O4 UMQ AA . 15.90 -18.98 56.45
C1 UMQ AA . 16.94 -18.13 52.46
C3 UMQ AA . 16.32 -17.30 54.78
O1 UMQ AA . 18.35 -18.07 52.58
O3 UMQ AA . 15.60 -16.29 55.48
O5 UMQ AA . 16.38 -19.39 52.81
O6 UMQ AA . 14.60 -21.22 53.60
C1' UMQ AA . 21.78 -17.18 50.55
C2' UMQ AA . 20.60 -16.30 50.18
C3' UMQ AA . 19.48 -16.50 51.18
C4' UMQ AA . 19.12 -17.97 51.37
C5' UMQ AA . 20.37 -18.87 51.52
C6' UMQ AA . 20.09 -20.35 51.36
O1' UMQ AA . 22.80 -16.97 49.63
O3' UMQ AA . 18.33 -15.78 50.72
O5' UMQ AA . 21.36 -18.54 50.54
O6' UMQ AA . 19.04 -20.81 52.20
O2' UMQ AA . 20.99 -14.93 50.14
CA UMQ AA . 24.00 -16.43 50.19
CB UMQ AA . 25.05 -16.27 49.13
CC UMQ AA . 25.70 -17.58 48.71
CD UMQ AA . 27.08 -17.45 48.08
CF UMQ AA . 28.24 -17.40 49.09
CG UMQ AA . 29.60 -17.19 48.47
CH UMQ AA . 30.68 -16.82 49.46
CI UMQ AA . 31.97 -16.31 48.84
CJ UMQ AA . 33.03 -15.91 49.84
CA CA BA . 2.79 -16.48 19.63
C2 UMQ CA . 18.96 -19.08 22.45
C4 UMQ CA . 19.24 -20.19 20.17
C5 UMQ CA . 19.77 -18.85 19.66
C6 UMQ CA . 19.50 -18.57 18.20
O2 UMQ CA . 19.33 -19.15 23.81
O4 UMQ CA . 19.92 -21.25 19.51
C1 UMQ CA . 19.49 -17.80 21.82
C3 UMQ CA . 19.45 -20.32 21.68
O1 UMQ CA . 20.87 -17.63 22.11
O3 UMQ CA . 18.76 -21.47 22.17
O5 UMQ CA . 19.21 -17.76 20.42
O6 UMQ CA . 18.14 -18.21 17.99
C1' UMQ CA . 23.70 -14.59 21.88
C2' UMQ CA . 22.26 -14.11 22.01
C3' UMQ CA . 21.32 -15.26 22.38
C4' UMQ CA . 21.56 -16.50 21.52
C5' UMQ CA . 23.05 -16.82 21.37
C6' UMQ CA . 23.38 -17.92 20.37
O1' UMQ CA . 24.46 -13.52 21.45
O3' UMQ CA . 19.98 -14.83 22.27
O5' UMQ CA . 23.77 -15.65 20.94
O6' UMQ CA . 22.92 -17.61 19.06
O2' UMQ CA . 22.23 -13.14 23.05
CA UMQ CA . 25.67 -13.35 22.20
CB UMQ CA . 26.62 -12.50 21.42
CC UMQ CA . 27.94 -12.28 22.16
CD UMQ CA . 29.10 -11.85 21.26
CF UMQ CA . 30.45 -11.86 21.97
CG UMQ CA . 31.63 -11.45 21.09
CH UMQ CA . 32.93 -11.27 21.85
CI UMQ CA . 34.10 -10.80 20.99
CJ UMQ CA . 35.32 -10.37 21.78
C2 UMQ DA . 18.88 11.62 10.83
C4 UMQ DA . 18.24 13.74 9.58
C5 UMQ DA . 18.55 14.52 10.86
C6 UMQ DA . 17.69 15.76 11.05
O2 UMQ DA . 19.76 10.51 10.84
O4 UMQ DA . 18.53 14.52 8.43
C1 UMQ DA . 19.14 12.50 12.05
C3 UMQ DA . 19.03 12.42 9.53
O1 UMQ DA . 20.54 12.74 12.18
O3 UMQ DA . 18.58 11.64 8.44
O5 UMQ DA . 18.36 13.69 12.02
O6 UMQ DA . 16.31 15.50 10.81
C1' UMQ DA . 22.99 14.38 15.06
C2' UMQ DA . 21.53 14.26 15.49
C3' UMQ DA . 20.74 13.40 14.49
C4' UMQ DA . 21.01 13.80 13.04
C5' UMQ DA . 22.49 14.04 12.75
C6' UMQ DA . 22.77 14.68 11.41
O1' UMQ DA . 23.61 15.23 15.98
O3' UMQ DA . 19.35 13.55 14.79
O5' UMQ DA . 23.07 14.90 13.75
O6' UMQ DA . 22.17 14.00 10.33
O2' UMQ DA . 21.47 13.67 16.77
CA UMQ DA . 25.04 15.26 15.84
CB UMQ DA . 25.65 15.37 17.22
CC UMQ DA . 26.83 16.33 17.24
CD UMQ DA . 28.15 15.72 17.65
CF UMQ DA . 29.33 16.67 17.57
CG UMQ DA . 30.68 15.99 17.70
CH UMQ DA . 31.82 16.89 18.13
CI UMQ DA . 33.14 16.15 18.32
CJ UMQ DA . 34.23 16.97 18.98
#